data_6LNC
#
_entry.id   6LNC
#
_cell.length_a   1.00
_cell.length_b   1.00
_cell.length_c   1.00
_cell.angle_alpha   90.00
_cell.angle_beta   90.00
_cell.angle_gamma   90.00
#
_symmetry.space_group_name_H-M   'P 1'
#
loop_
_entity.id
_entity.type
_entity.pdbx_description
1 polymer 'CRISPR RNA (60-MER)'
2 polymer 'CRISPR-associated protein Cas7'
3 polymer 'CRISPR-associated protein Cas8'
4 polymer 'CRISPR-associated protein Cas6'
5 polymer 'transposition protein TniQ'
#
loop_
_entity_poly.entity_id
_entity_poly.type
_entity_poly.pdbx_seq_one_letter_code
_entity_poly.pdbx_strand_id
1 'polyribonucleotide' CUGAUAACUUCACGGCGGGCUUGAUGUCCGCGUCUACCUGGUGAACUGCCGAGUAGGUAG M
2 'polypeptide(L)'
;GSMKLPTNLAYERSIDPSDVCFFVVWPDDRKTPLTYNSRTLLGQMEAASLAYDVSGQPIKSATAEALAQGNPHQVDFCHV
PYGASHIECSFSVSFSSELRQPYKCNSSKVKQTLVQLVELYETKIGWTELATRYLMNICNGKWLWKNTRKAYCWNIVLTP
WPWNGEKVGFEDIRTNYTSRQDFKNNKNWSAIVEMIKTAFSSTDGLAIFEVRATLHLPTNAMVRPSQVFTEKESGSKSKS
KTQNSRVFQSTTIDGERSPILGAFKTGAAIATIDDWYPEATEPLRVGRFGVHREDVTCYRHPSTGKDFFSILQQAEHYIE
VLSANKTPAQETINDMHFLMANLIKGGMFQHKGD
;
G,F,E,D,C,B
3 'polypeptide(L)'
;MQTLKELIASNPDDLTTELKRAFRPLTPHIAIDGNELDALTILVNLTDKTDDQKDLLDRAKCKQKLRDEKWWASCINCVN
YRQSHNPKFPDIRSEGVIRTQALGELPSFLLSSSKIPPYHWSYSHDSKYVNKSAFLTNEFCWDGEISCLGELLKDADHPL
WNTLKKLGCSQKTCKAMAKQLADITLTTINVTLAPNYLTQISLPDSDTSYISLSPVASLSMQSHFHQRLQDENRHSAITR
FSRTTNMGVTAMTCGGAFRMLKSGAKFSSPPHHRLNSKRSWLTSEHVQSLKQYQRLNKSLIPENSRIALRRKYKIELQNM
VRSWFAMQDHTLDSNILIQHLNHDLSYLGATKRFAYDPAMTKLFTELLKRELSNSINNGEQHTNGSFLVLPNIRVCGATA
LSSPVTVGIPSLTAFFGFVHAFERNINRTTSSFRVESFAICVHQLHVEKRGLTAEFVEKGDGTISAPATRDDWQCDVVFS
LILNTNFAQHIDQDTLVTSLPKRLARGSAKIAIDDFKHINSFSTLETAIESLPIEAGRWLSLYAQSNNNLSDLLAAMTED
HQLMASCVGYHLLEEPKDKPNSLRGYKHAIAECIIGLINSITFSSETDPNTIFWSLKNYQNYLVVQPRSINDETTDKSSL
;
H
4 'polypeptide(L)'
;VKWYYKTITFLPELCNNESLAAKCLRVLHGFNYQYETRNIGVSFPLWCDATVGKKISFVSKNKIELDLLLKQHYFVQMEQ
LQYFHISNTVLVPEDCTYVSFRRCQSIDKLTAAGLARKIRRLEKRALSRGEQFDPSSFAQKEHTAIAHYHSLGESSKQTN
RNFRLNIRMLSEQPREGNSIFSSYGLSNSENSFQPVPLI
;
A
5 'polypeptide(L)'
;MFLQRPKPYSDESLESFFIRVANKNGYGDVHRFLEATKRFLQDIDHNGYQTFPTDITRINPYSAKNSSSARTASFLKLAQ
LTFNEPPELLGLAINRTNMKYSPSTSAVVRGAEVFPRSLLRTHSIPCCPLCLRENGYASYLWHFQGYEYCHSHNVPLITT
CSCGKEFDYRVSGLKGICCKCKEPITLTSRENGHEAACTVSNWLAGHESKPLPNLPKSYRWGLVHWWMGIKDSEFDHFSF
VQFFSNWPRSFHSIIEDEVEFNLEHAVVSTSELRLKDLLGRLFFGSIRLPERNLQHNIILGELLCYLENRLWQDKGLIAN
LKMNALEATVMLNCSLDQIASMVEQRILKPNRKSKPNSPLDVTDYLFHFGDIFCLWLAEFQSDEFNRSFYVSRW
;
J,I
#
loop_
_chem_comp.id
_chem_comp.type
_chem_comp.name
_chem_comp.formula
A RNA linking ADENOSINE-5'-MONOPHOSPHATE 'C10 H14 N5 O7 P'
C RNA linking CYTIDINE-5'-MONOPHOSPHATE 'C9 H14 N3 O8 P'
G RNA linking GUANOSINE-5'-MONOPHOSPHATE 'C10 H14 N5 O8 P'
U RNA linking URIDINE-5'-MONOPHOSPHATE 'C9 H13 N2 O9 P'
#
# COMPACT_ATOMS: atom_id res chain seq x y z
N MET B 3 -19.62 49.01 64.88
CA MET B 3 -18.99 48.21 63.83
C MET B 3 -18.39 49.11 62.75
N LYS B 4 -17.20 48.77 62.28
CA LYS B 4 -16.64 49.41 61.09
C LYS B 4 -15.77 48.42 60.34
N LEU B 5 -16.03 48.32 59.04
CA LEU B 5 -15.27 47.46 58.15
C LEU B 5 -13.83 47.98 58.04
N PRO B 6 -12.85 47.08 57.87
CA PRO B 6 -11.46 47.53 57.82
C PRO B 6 -11.09 48.23 56.51
N THR B 7 -9.81 48.59 56.38
CA THR B 7 -9.40 49.34 55.19
C THR B 7 -9.33 48.44 53.97
N ASN B 8 -8.95 47.17 54.14
CA ASN B 8 -9.11 46.22 53.05
C ASN B 8 -9.66 44.90 53.56
N LEU B 9 -10.53 44.28 52.76
CA LEU B 9 -11.27 43.07 53.14
C LEU B 9 -11.79 42.42 51.88
N ALA B 10 -11.48 41.15 51.67
CA ALA B 10 -11.86 40.49 50.42
C ALA B 10 -11.92 38.98 50.62
N TYR B 11 -12.90 38.33 49.97
CA TYR B 11 -12.99 36.88 49.94
C TYR B 11 -12.85 36.35 48.52
N GLU B 12 -12.03 35.32 48.36
CA GLU B 12 -11.99 34.49 47.16
C GLU B 12 -13.33 33.76 46.99
N ARG B 13 -13.64 33.40 45.75
CA ARG B 13 -14.92 32.79 45.44
C ARG B 13 -14.90 31.29 45.73
N SER B 14 -16.10 30.69 45.73
CA SER B 14 -16.26 29.30 46.14
C SER B 14 -16.94 28.42 45.09
N ILE B 15 -17.41 28.98 43.97
CA ILE B 15 -17.87 28.20 42.82
C ILE B 15 -17.16 28.77 41.61
N ASP B 16 -16.72 27.90 40.69
CA ASP B 16 -16.09 28.40 39.47
C ASP B 16 -16.32 27.52 38.25
N PRO B 17 -17.22 27.89 37.35
CA PRO B 17 -17.51 27.05 36.17
C PRO B 17 -16.68 27.36 34.94
N SER B 18 -17.00 26.70 33.83
CA SER B 18 -16.30 26.85 32.55
C SER B 18 -17.26 27.20 31.42
N ASP B 19 -16.78 27.10 30.18
CA ASP B 19 -17.55 27.37 28.98
C ASP B 19 -18.46 26.19 28.67
N VAL B 20 -19.50 26.45 27.86
CA VAL B 20 -20.42 25.38 27.45
C VAL B 20 -20.25 25.13 25.95
N CYS B 21 -19.35 24.22 25.59
CA CYS B 21 -18.99 24.05 24.20
C CYS B 21 -20.01 23.18 23.48
N PHE B 22 -20.38 23.58 22.27
CA PHE B 22 -21.44 22.95 21.51
C PHE B 22 -20.89 21.96 20.49
N PHE B 23 -21.53 20.80 20.42
CA PHE B 23 -21.25 19.78 19.43
C PHE B 23 -22.56 19.40 18.75
N VAL B 24 -22.49 19.01 17.50
CA VAL B 24 -23.63 18.49 16.77
C VAL B 24 -23.35 17.01 16.52
N VAL B 25 -24.41 16.19 16.59
CA VAL B 25 -24.28 14.75 16.38
C VAL B 25 -25.15 14.33 15.20
N TRP B 26 -24.65 13.38 14.46
CA TRP B 26 -25.20 12.91 13.21
C TRP B 26 -25.82 11.54 13.44
N PRO B 27 -26.72 11.08 12.57
CA PRO B 27 -27.37 9.80 12.83
C PRO B 27 -26.50 8.56 12.62
N ASP B 28 -25.24 8.70 12.20
CA ASP B 28 -24.29 7.61 12.35
C ASP B 28 -23.44 7.75 13.62
N ASP B 29 -23.88 8.61 14.54
CA ASP B 29 -23.24 8.89 15.84
C ASP B 29 -21.79 9.33 15.69
N ARG B 30 -21.61 10.49 15.08
CA ARG B 30 -20.33 11.17 15.09
C ARG B 30 -20.53 12.63 15.49
N LYS B 31 -19.53 13.18 16.17
CA LYS B 31 -19.62 14.49 16.82
C LYS B 31 -18.75 15.46 16.04
N THR B 32 -19.29 16.63 15.72
CA THR B 32 -18.50 17.66 15.08
C THR B 32 -18.83 19.00 15.70
N PRO B 33 -17.87 19.93 15.76
CA PRO B 33 -18.17 21.24 16.33
C PRO B 33 -19.12 22.05 15.47
N LEU B 34 -19.76 23.01 16.11
CA LEU B 34 -20.78 23.83 15.48
C LEU B 34 -20.18 25.15 15.05
N THR B 35 -20.48 25.59 13.84
CA THR B 35 -19.92 26.83 13.33
C THR B 35 -21.02 27.84 13.03
N TYR B 36 -20.58 29.04 12.67
CA TYR B 36 -21.47 30.15 12.37
C TYR B 36 -20.84 30.98 11.26
N ASN B 37 -21.63 31.87 10.68
CA ASN B 37 -21.11 32.75 9.64
C ASN B 37 -21.67 34.14 9.77
N SER B 38 -20.93 35.11 9.26
CA SER B 38 -21.47 36.44 9.15
C SER B 38 -22.44 36.52 7.97
N ARG B 39 -23.23 37.58 7.97
CA ARG B 39 -24.33 37.70 7.03
C ARG B 39 -24.79 39.14 6.96
N THR B 40 -24.82 39.73 5.78
CA THR B 40 -25.33 41.09 5.66
C THR B 40 -26.76 41.06 5.12
N LEU B 41 -27.56 42.02 5.58
CA LEU B 41 -28.99 41.87 5.46
C LEU B 41 -29.65 43.24 5.36
N LEU B 42 -30.74 43.29 4.62
CA LEU B 42 -31.40 44.55 4.27
C LEU B 42 -32.59 44.76 5.20
N GLY B 43 -32.44 45.69 6.15
CA GLY B 43 -33.51 46.06 7.04
C GLY B 43 -34.20 47.33 6.57
N GLN B 44 -35.17 47.75 7.37
CA GLN B 44 -35.95 48.95 7.09
C GLN B 44 -35.50 50.10 7.97
N MET B 45 -35.83 51.31 7.52
CA MET B 45 -35.77 52.48 8.39
C MET B 45 -36.86 52.29 9.45
N GLU B 46 -36.48 51.94 10.66
CA GLU B 46 -37.44 51.66 11.72
C GLU B 46 -37.19 52.43 12.99
N ALA B 47 -36.14 53.24 13.07
CA ALA B 47 -35.84 53.95 14.29
C ALA B 47 -36.82 55.10 14.49
N ALA B 48 -36.76 55.71 15.67
CA ALA B 48 -37.58 56.87 15.94
C ALA B 48 -36.81 58.18 15.83
N SER B 49 -35.50 58.15 15.95
CA SER B 49 -34.71 59.34 15.71
C SER B 49 -34.64 59.70 14.24
N LEU B 50 -34.90 58.74 13.36
CA LEU B 50 -34.94 59.01 11.92
C LEU B 50 -36.18 59.79 11.52
N ALA B 51 -37.25 59.74 12.31
CA ALA B 51 -38.48 60.42 11.97
C ALA B 51 -38.91 61.49 12.96
N TYR B 52 -38.26 61.61 14.11
CA TYR B 52 -38.63 62.59 15.12
C TYR B 52 -37.35 63.18 15.72
N ASP B 53 -37.48 64.35 16.37
CA ASP B 53 -36.32 64.98 16.99
C ASP B 53 -36.46 65.14 18.50
N VAL B 54 -37.52 65.77 18.97
CA VAL B 54 -37.87 65.77 20.39
C VAL B 54 -39.31 65.30 20.53
N SER B 55 -40.24 66.05 19.94
CA SER B 55 -41.64 65.64 19.86
C SER B 55 -42.14 65.82 18.43
N GLY B 56 -41.59 66.80 17.73
CA GLY B 56 -41.94 67.05 16.34
C GLY B 56 -40.97 66.38 15.39
N GLN B 57 -41.34 66.42 14.12
CA GLN B 57 -40.71 65.77 12.97
C GLN B 57 -39.67 66.70 12.34
N PRO B 58 -38.52 66.17 11.90
CA PRO B 58 -37.58 66.99 11.13
C PRO B 58 -38.07 67.23 9.71
N ALA B 62 -36.78 62.92 5.90
CA ALA B 62 -37.94 62.40 6.60
C ALA B 62 -39.16 62.34 5.70
N THR B 63 -38.95 62.63 4.42
CA THR B 63 -40.00 62.56 3.44
C THR B 63 -40.43 61.11 3.22
N ALA B 64 -41.61 60.94 2.63
CA ALA B 64 -42.26 59.63 2.54
C ALA B 64 -41.57 58.68 1.59
N GLU B 65 -40.63 59.14 0.77
CA GLU B 65 -39.76 58.26 0.00
C GLU B 65 -38.37 58.16 0.59
N ALA B 66 -38.09 58.86 1.68
CA ALA B 66 -36.83 58.71 2.38
C ALA B 66 -36.94 57.75 3.55
N LEU B 67 -38.15 57.48 4.01
CA LEU B 67 -38.43 56.40 4.93
C LEU B 67 -38.55 55.05 4.24
N ALA B 68 -38.70 55.04 2.92
CA ALA B 68 -38.92 53.80 2.19
C ALA B 68 -37.68 53.32 1.48
N GLN B 69 -36.50 53.67 1.97
CA GLN B 69 -35.24 53.20 1.40
C GLN B 69 -34.51 52.41 2.47
N GLY B 70 -34.30 51.11 2.22
CA GLY B 70 -33.77 50.23 3.23
C GLY B 70 -32.30 50.43 3.52
N ASN B 71 -31.82 49.77 4.58
CA ASN B 71 -30.44 49.94 5.00
C ASN B 71 -29.76 48.62 5.36
N PRO B 72 -28.47 48.48 5.05
CA PRO B 72 -27.78 47.23 5.34
C PRO B 72 -27.22 47.16 6.76
N HIS B 73 -27.32 45.98 7.35
CA HIS B 73 -26.61 45.63 8.58
C HIS B 73 -25.82 44.37 8.34
N GLN B 74 -25.08 43.94 9.36
CA GLN B 74 -24.31 42.71 9.28
C GLN B 74 -24.35 42.02 10.63
N VAL B 75 -24.82 40.77 10.65
CA VAL B 75 -24.96 40.01 11.88
C VAL B 75 -24.10 38.75 11.77
N ASP B 76 -23.93 38.08 12.90
CA ASP B 76 -23.50 36.69 12.91
C ASP B 76 -24.71 35.80 13.00
N PHE B 77 -24.59 34.59 12.48
CA PHE B 77 -25.76 33.74 12.35
C PHE B 77 -25.33 32.30 12.54
N CYS B 78 -26.04 31.60 13.42
CA CYS B 78 -25.71 30.26 13.85
C CYS B 78 -26.96 29.44 13.83
N HIS B 79 -26.90 28.23 13.28
CA HIS B 79 -28.07 27.39 13.27
C HIS B 79 -27.64 25.93 13.27
N VAL B 80 -28.63 25.05 13.46
CA VAL B 80 -28.41 23.61 13.50
C VAL B 80 -28.40 23.11 12.07
N PRO B 81 -27.35 22.42 11.63
CA PRO B 81 -27.29 22.01 10.22
C PRO B 81 -28.31 20.94 9.88
N TYR B 82 -28.67 20.88 8.60
CA TYR B 82 -29.71 19.99 8.13
C TYR B 82 -29.25 18.54 8.26
N GLY B 83 -30.15 17.68 8.75
CA GLY B 83 -29.88 16.25 8.79
C GLY B 83 -29.10 15.81 10.01
N ALA B 84 -29.32 16.45 11.14
CA ALA B 84 -28.64 16.14 12.38
C ALA B 84 -29.62 15.58 13.40
N SER B 85 -29.10 14.86 14.39
CA SER B 85 -29.99 14.34 15.42
C SER B 85 -30.29 15.39 16.47
N HIS B 86 -29.27 15.86 17.19
CA HIS B 86 -29.47 16.78 18.29
C HIS B 86 -28.16 17.48 18.62
N ILE B 87 -28.20 18.31 19.65
CA ILE B 87 -27.06 19.13 20.06
C ILE B 87 -26.55 18.62 21.41
N GLU B 88 -25.24 18.46 21.54
CA GLU B 88 -24.60 18.13 22.80
C GLU B 88 -23.92 19.36 23.39
N CYS B 89 -24.03 19.53 24.71
CA CYS B 89 -23.45 20.70 25.40
C CYS B 89 -22.72 20.21 26.63
N SER B 90 -21.42 20.48 26.72
CA SER B 90 -20.58 19.96 27.78
C SER B 90 -20.03 21.07 28.66
N PHE B 91 -19.88 20.79 29.94
CA PHE B 91 -19.76 21.83 30.95
C PHE B 91 -19.17 21.23 32.21
N SER B 92 -18.50 22.06 33.01
CA SER B 92 -17.86 21.60 34.24
C SER B 92 -18.04 22.63 35.35
N VAL B 93 -18.08 22.15 36.61
CA VAL B 93 -18.22 23.05 37.74
C VAL B 93 -17.57 22.39 38.96
N SER B 94 -17.07 23.20 39.89
CA SER B 94 -16.33 22.69 41.04
C SER B 94 -16.66 23.50 42.28
N PHE B 95 -17.35 22.88 43.23
CA PHE B 95 -17.66 23.48 44.53
C PHE B 95 -16.50 23.25 45.49
N SER B 96 -16.12 24.29 46.23
CA SER B 96 -14.95 24.22 47.10
C SER B 96 -15.25 24.92 48.42
N SER B 97 -14.21 25.17 49.20
CA SER B 97 -14.34 25.72 50.56
C SER B 97 -13.36 26.86 50.75
N GLU B 98 -13.78 28.06 50.36
CA GLU B 98 -13.01 29.28 50.54
C GLU B 98 -13.90 30.41 51.04
N LEU B 99 -15.08 30.05 51.55
CA LEU B 99 -16.06 30.97 52.11
C LEU B 99 -15.85 31.19 53.59
N ARG B 100 -14.85 30.56 54.19
CA ARG B 100 -14.61 30.62 55.62
C ARG B 100 -13.29 31.27 56.00
N GLN B 101 -12.36 31.37 55.07
CA GLN B 101 -11.10 32.03 55.33
C GLN B 101 -11.09 33.37 54.60
N PRO B 102 -10.80 34.47 55.29
CA PRO B 102 -10.55 35.72 54.58
C PRO B 102 -9.26 35.67 53.78
N TYR B 103 -9.32 36.27 52.60
CA TYR B 103 -8.19 36.35 51.69
C TYR B 103 -7.27 37.51 52.04
N LYS B 104 -7.83 38.56 52.66
CA LYS B 104 -7.09 39.78 52.94
C LYS B 104 -7.85 40.53 54.03
N CYS B 105 -7.15 40.89 55.10
CA CYS B 105 -7.76 41.64 56.19
C CYS B 105 -6.69 42.45 56.92
N ASN B 106 -7.08 43.60 57.44
CA ASN B 106 -6.15 44.58 58.02
C ASN B 106 -6.30 44.63 59.53
N SER B 107 -6.91 43.60 60.11
CA SER B 107 -7.32 43.66 61.51
C SER B 107 -7.33 42.24 62.06
N SER B 108 -7.89 42.09 63.25
CA SER B 108 -8.05 40.78 63.88
C SER B 108 -9.43 40.56 64.46
N LYS B 109 -10.20 41.62 64.74
CA LYS B 109 -11.49 41.46 65.38
C LYS B 109 -12.56 40.97 64.41
N VAL B 110 -12.63 41.60 63.22
CA VAL B 110 -13.61 41.18 62.23
C VAL B 110 -13.24 39.81 61.65
N LYS B 111 -11.95 39.46 61.69
CA LYS B 111 -11.46 38.16 61.28
C LYS B 111 -12.10 37.04 62.10
N GLN B 112 -11.86 37.08 63.42
CA GLN B 112 -12.40 36.10 64.34
C GLN B 112 -13.92 36.18 64.41
N THR B 113 -14.47 37.38 64.24
CA THR B 113 -15.92 37.57 64.26
C THR B 113 -16.59 36.85 63.09
N LEU B 114 -16.06 37.02 61.89
CA LEU B 114 -16.76 36.47 60.75
C LEU B 114 -16.49 34.96 60.59
N VAL B 115 -15.34 34.47 61.07
CA VAL B 115 -15.17 33.01 61.06
C VAL B 115 -16.05 32.34 62.11
N GLN B 116 -16.26 32.98 63.27
CA GLN B 116 -17.19 32.35 64.20
C GLN B 116 -18.64 32.52 63.75
N LEU B 117 -18.92 33.54 62.93
CA LEU B 117 -20.24 33.65 62.32
C LEU B 117 -20.50 32.49 61.38
N VAL B 118 -19.50 32.09 60.59
CA VAL B 118 -19.77 30.98 59.68
C VAL B 118 -19.85 29.65 60.44
N GLU B 119 -19.11 29.49 61.56
CA GLU B 119 -19.24 28.22 62.29
C GLU B 119 -20.57 28.13 63.04
N LEU B 120 -21.01 29.22 63.69
CA LEU B 120 -22.33 29.25 64.32
C LEU B 120 -23.45 29.05 63.31
N TYR B 121 -23.29 29.61 62.10
CA TYR B 121 -24.26 29.40 61.04
C TYR B 121 -24.36 27.92 60.69
N GLU B 122 -23.26 27.32 60.23
CA GLU B 122 -23.33 25.94 59.75
C GLU B 122 -23.59 24.92 60.86
N THR B 123 -23.42 25.30 62.13
CA THR B 123 -23.88 24.44 63.21
C THR B 123 -25.39 24.55 63.40
N LYS B 124 -25.92 25.77 63.49
CA LYS B 124 -27.35 25.88 63.82
C LYS B 124 -28.23 25.69 62.60
N ILE B 125 -27.85 26.23 61.44
CA ILE B 125 -28.59 26.04 60.19
C ILE B 125 -27.68 25.33 59.20
N GLY B 126 -28.11 24.18 58.72
CA GLY B 126 -27.28 23.40 57.82
C GLY B 126 -27.12 24.05 56.45
N TRP B 127 -26.27 23.44 55.63
CA TRP B 127 -26.07 23.90 54.26
C TRP B 127 -27.05 23.28 53.29
N THR B 128 -28.22 22.83 53.73
CA THR B 128 -29.11 22.14 52.81
C THR B 128 -29.86 23.10 51.90
N GLU B 129 -30.18 24.31 52.38
CA GLU B 129 -30.93 25.27 51.56
C GLU B 129 -30.09 25.81 50.42
N LEU B 130 -28.87 26.28 50.74
CA LEU B 130 -28.01 26.85 49.71
C LEU B 130 -27.54 25.78 48.73
N ALA B 131 -27.36 24.55 49.17
CA ALA B 131 -26.92 23.52 48.23
C ALA B 131 -28.05 23.01 47.36
N THR B 132 -29.26 22.87 47.92
CA THR B 132 -30.37 22.50 47.04
C THR B 132 -30.82 23.65 46.15
N ARG B 133 -30.41 24.90 46.44
CA ARG B 133 -30.66 25.97 45.49
C ARG B 133 -29.61 26.03 44.41
N TYR B 134 -28.34 25.85 44.77
CA TYR B 134 -27.27 25.82 43.77
C TYR B 134 -27.38 24.62 42.85
N LEU B 135 -27.88 23.50 43.34
CA LEU B 135 -27.79 22.29 42.54
C LEU B 135 -28.90 22.16 41.51
N MET B 136 -30.09 22.66 41.80
CA MET B 136 -31.18 22.55 40.84
C MET B 136 -31.16 23.68 39.81
N ASN B 137 -30.07 24.45 39.74
CA ASN B 137 -29.76 25.24 38.57
C ASN B 137 -28.77 24.54 37.66
N ILE B 138 -28.26 23.38 38.07
CA ILE B 138 -27.41 22.56 37.23
C ILE B 138 -28.21 21.40 36.65
N CYS B 139 -29.32 21.03 37.28
CA CYS B 139 -30.08 19.85 36.92
C CYS B 139 -31.34 20.15 36.13
N ASN B 140 -31.64 21.42 35.84
CA ASN B 140 -32.70 21.75 34.89
C ASN B 140 -32.23 22.59 33.71
N GLY B 141 -30.99 23.04 33.72
CA GLY B 141 -30.48 23.79 32.60
C GLY B 141 -30.94 25.23 32.58
N LYS B 142 -30.58 25.99 33.60
CA LYS B 142 -30.69 27.43 33.55
C LYS B 142 -29.40 28.05 33.05
N TRP B 143 -28.40 27.22 32.78
CA TRP B 143 -27.16 27.57 32.09
C TRP B 143 -27.31 27.51 30.57
N LEU B 144 -28.54 27.41 30.07
CA LEU B 144 -28.89 27.48 28.66
C LEU B 144 -29.98 28.55 28.54
N TRP B 145 -29.61 29.81 28.38
CA TRP B 145 -30.59 30.87 28.22
C TRP B 145 -31.20 30.80 26.83
N LYS B 146 -32.53 30.62 26.77
CA LYS B 146 -33.34 30.67 25.55
C LYS B 146 -33.08 29.53 24.56
N ASN B 147 -32.09 28.69 24.81
CA ASN B 147 -31.93 27.48 24.01
C ASN B 147 -32.92 26.42 24.44
N THR B 148 -33.26 26.41 25.73
CA THR B 148 -34.27 25.48 26.21
C THR B 148 -35.65 25.84 25.68
N ARG B 149 -35.90 27.13 25.44
CA ARG B 149 -37.16 27.52 24.84
C ARG B 149 -37.17 27.11 23.37
N LYS B 150 -38.37 26.78 22.88
CA LYS B 150 -38.63 26.39 21.47
C LYS B 150 -37.89 25.12 21.08
N ALA B 151 -37.67 24.22 22.05
CA ALA B 151 -37.10 22.92 21.77
C ALA B 151 -38.11 21.86 22.17
N TYR B 152 -37.94 20.66 21.60
CA TYR B 152 -38.84 19.56 21.90
C TYR B 152 -38.59 19.00 23.29
N CYS B 153 -37.35 18.61 23.57
CA CYS B 153 -36.97 18.11 24.89
C CYS B 153 -35.46 18.22 25.08
N TRP B 154 -35.06 18.28 26.34
CA TRP B 154 -33.64 18.27 26.67
C TRP B 154 -33.41 17.37 27.87
N ASN B 155 -32.17 16.86 27.97
CA ASN B 155 -31.79 15.88 28.97
C ASN B 155 -30.42 16.25 29.53
N ILE B 156 -30.21 15.93 30.81
CA ILE B 156 -29.00 16.27 31.54
C ILE B 156 -28.42 14.98 32.12
N VAL B 157 -27.11 14.77 31.95
CA VAL B 157 -26.41 13.77 32.75
C VAL B 157 -25.21 14.43 33.39
N LEU B 158 -24.80 13.90 34.54
CA LEU B 158 -23.60 14.38 35.18
C LEU B 158 -22.83 13.25 35.84
N THR B 159 -21.51 13.42 35.87
CA THR B 159 -20.63 12.56 36.64
C THR B 159 -20.08 13.37 37.81
N PRO B 160 -20.41 13.02 39.04
CA PRO B 160 -19.81 13.68 40.20
C PRO B 160 -18.42 13.14 40.46
N TRP B 161 -17.72 13.80 41.37
CA TRP B 161 -16.43 13.33 41.86
C TRP B 161 -16.21 13.91 43.25
N PRO B 162 -15.79 13.10 44.24
CA PRO B 162 -15.54 11.64 44.19
C PRO B 162 -16.78 10.77 44.30
N TRP B 163 -16.82 9.69 43.54
CA TRP B 163 -18.05 8.93 43.36
C TRP B 163 -17.71 7.48 43.06
N ASN B 164 -18.55 6.57 43.56
CA ASN B 164 -18.53 5.17 43.16
C ASN B 164 -19.91 4.75 42.69
N GLY B 165 -20.01 4.36 41.43
CA GLY B 165 -21.29 3.92 40.91
C GLY B 165 -21.62 4.37 39.50
N GLU B 166 -22.74 5.09 39.34
CA GLU B 166 -23.33 5.38 38.06
C GLU B 166 -23.12 6.85 37.69
N LYS B 167 -23.62 7.21 36.51
CA LYS B 167 -23.80 8.59 36.12
C LYS B 167 -25.24 9.00 36.45
N VAL B 168 -25.39 10.18 37.02
CA VAL B 168 -26.70 10.63 37.47
C VAL B 168 -27.43 11.27 36.30
N GLY B 169 -28.70 10.93 36.13
CA GLY B 169 -29.39 11.32 34.91
C GLY B 169 -30.81 11.81 35.05
N PHE B 170 -31.06 13.02 34.54
CA PHE B 170 -32.37 13.63 34.50
C PHE B 170 -32.82 13.69 33.05
N GLU B 171 -34.02 13.18 32.77
CA GLU B 171 -34.56 13.16 31.42
C GLU B 171 -35.89 13.89 31.35
N ASP B 172 -36.09 14.61 30.23
CA ASP B 172 -37.37 15.19 29.81
C ASP B 172 -37.84 16.25 30.81
N ILE B 173 -37.04 17.28 30.98
CA ILE B 173 -37.18 18.18 32.12
C ILE B 173 -38.37 19.13 31.99
N ARG B 174 -38.85 19.41 30.78
CA ARG B 174 -40.07 20.20 30.68
C ARG B 174 -41.28 19.44 31.19
N THR B 175 -41.27 18.12 31.02
CA THR B 175 -42.44 17.31 31.37
C THR B 175 -42.53 17.08 32.86
N ASN B 176 -41.57 16.37 33.44
CA ASN B 176 -41.79 15.78 34.76
C ASN B 176 -40.90 16.30 35.88
N TYR B 177 -39.81 17.00 35.59
CA TYR B 177 -39.05 17.63 36.67
C TYR B 177 -39.42 19.10 36.78
N THR B 178 -40.68 19.31 37.15
CA THR B 178 -41.22 20.66 37.30
C THR B 178 -40.68 21.33 38.57
N SER B 179 -40.69 20.60 39.69
CA SER B 179 -40.58 21.25 40.99
C SER B 179 -39.59 20.61 41.95
N ARG B 180 -39.66 21.02 43.21
CA ARG B 180 -38.68 20.67 44.23
C ARG B 180 -38.76 19.19 44.60
N GLN B 181 -39.98 18.71 44.86
CA GLN B 181 -40.19 17.30 45.17
C GLN B 181 -39.82 16.40 44.01
N ASP B 182 -39.91 16.91 42.78
CA ASP B 182 -39.55 16.13 41.60
C ASP B 182 -38.07 15.81 41.58
N PHE B 183 -37.23 16.76 42.00
CA PHE B 183 -35.81 16.48 42.18
C PHE B 183 -35.57 15.63 43.40
N LYS B 184 -36.36 15.84 44.45
CA LYS B 184 -36.06 15.28 45.76
C LYS B 184 -36.29 13.76 45.80
N ASN B 185 -37.09 13.20 44.89
CA ASN B 185 -37.43 11.78 44.97
C ASN B 185 -36.94 10.98 43.76
N ASN B 186 -35.78 11.30 43.22
CA ASN B 186 -35.18 10.35 42.30
C ASN B 186 -34.26 9.43 43.10
N LYS B 187 -33.37 8.72 42.40
CA LYS B 187 -32.51 7.75 43.06
C LYS B 187 -31.51 8.40 43.98
N ASN B 188 -30.68 9.30 43.45
CA ASN B 188 -29.51 9.78 44.18
C ASN B 188 -29.38 11.30 44.11
N TRP B 189 -30.47 12.01 44.44
CA TRP B 189 -30.35 13.42 44.81
C TRP B 189 -29.60 13.59 46.12
N SER B 190 -29.71 12.61 47.01
CA SER B 190 -29.24 12.77 48.37
C SER B 190 -27.72 12.78 48.45
N ALA B 191 -27.06 11.90 47.71
CA ALA B 191 -25.60 11.84 47.76
C ALA B 191 -24.97 13.06 47.11
N ILE B 192 -25.55 13.57 46.02
CA ILE B 192 -24.95 14.73 45.36
C ILE B 192 -25.27 16.00 46.11
N VAL B 193 -26.35 16.06 46.91
CA VAL B 193 -26.50 17.21 47.80
C VAL B 193 -25.50 17.13 48.96
N GLU B 194 -25.36 15.94 49.55
CA GLU B 194 -24.51 15.80 50.73
C GLU B 194 -23.04 15.96 50.41
N MET B 195 -22.61 15.70 49.17
CA MET B 195 -21.20 15.92 48.87
C MET B 195 -20.89 17.41 48.67
N ILE B 196 -21.86 18.20 48.20
CA ILE B 196 -21.71 19.66 48.21
C ILE B 196 -21.66 20.17 49.64
N LYS B 197 -22.45 19.55 50.52
CA LYS B 197 -22.44 19.93 51.92
C LYS B 197 -21.10 19.63 52.59
N THR B 198 -20.51 18.47 52.27
CA THR B 198 -19.18 18.16 52.79
C THR B 198 -18.10 19.03 52.16
N ALA B 199 -18.34 19.53 50.94
CA ALA B 199 -17.39 20.45 50.34
C ALA B 199 -17.40 21.79 51.07
N PHE B 200 -18.59 22.32 51.37
CA PHE B 200 -18.67 23.61 52.05
C PHE B 200 -18.23 23.49 53.50
N SER B 201 -18.56 22.39 54.17
CA SER B 201 -18.38 22.28 55.62
C SER B 201 -16.92 22.06 55.99
N SER B 202 -16.28 21.09 55.36
CA SER B 202 -14.90 20.74 55.66
C SER B 202 -13.95 21.85 55.23
N THR B 203 -12.80 21.90 55.88
CA THR B 203 -11.70 22.71 55.37
C THR B 203 -11.09 21.96 54.18
N ASP B 204 -10.56 22.74 53.23
CA ASP B 204 -9.82 22.35 52.00
C ASP B 204 -10.35 21.08 51.33
N GLY B 205 -11.67 21.03 51.18
CA GLY B 205 -12.34 19.97 50.45
C GLY B 205 -12.70 20.40 49.03
N LEU B 206 -13.39 19.51 48.34
CA LEU B 206 -13.65 19.70 46.92
C LEU B 206 -14.79 18.80 46.50
N ALA B 207 -15.55 19.24 45.50
CA ALA B 207 -16.58 18.40 44.88
C ALA B 207 -16.77 18.85 43.45
N ILE B 208 -16.48 17.99 42.48
CA ILE B 208 -16.47 18.37 41.07
C ILE B 208 -17.64 17.70 40.38
N PHE B 209 -18.27 18.39 39.43
CA PHE B 209 -19.28 17.78 38.58
C PHE B 209 -18.96 18.09 37.13
N GLU B 210 -19.08 17.08 36.27
CA GLU B 210 -19.07 17.31 34.83
C GLU B 210 -20.44 17.00 34.26
N VAL B 211 -21.03 17.99 33.59
CA VAL B 211 -22.40 17.94 33.13
C VAL B 211 -22.39 17.95 31.61
N ARG B 212 -23.29 17.17 31.00
CA ARG B 212 -23.51 17.34 29.57
C ARG B 212 -24.97 17.08 29.25
N ALA B 213 -25.49 17.86 28.32
CA ALA B 213 -26.90 17.90 27.98
C ALA B 213 -27.10 17.57 26.52
N THR B 214 -28.24 16.96 26.22
CA THR B 214 -28.72 16.81 24.86
C THR B 214 -29.94 17.68 24.68
N LEU B 215 -29.98 18.43 23.59
CA LEU B 215 -31.03 19.39 23.32
C LEU B 215 -31.59 19.05 21.95
N HIS B 216 -32.92 18.97 21.84
CA HIS B 216 -33.56 18.38 20.66
C HIS B 216 -34.43 19.44 19.99
N LEU B 217 -33.83 20.18 19.07
CA LEU B 217 -34.30 21.38 18.40
C LEU B 217 -35.09 21.04 17.14
N PRO B 218 -35.90 21.99 16.61
CA PRO B 218 -36.55 21.74 15.31
C PRO B 218 -35.59 21.82 14.13
N THR B 219 -36.13 21.70 12.93
CA THR B 219 -35.32 21.68 11.71
C THR B 219 -34.74 23.06 11.42
N ASN B 220 -33.41 23.12 11.26
CA ASN B 220 -32.66 24.36 11.04
C ASN B 220 -32.95 25.39 12.13
N ALA B 221 -33.09 24.94 13.37
CA ALA B 221 -33.32 25.85 14.47
C ALA B 221 -32.07 26.70 14.71
N MET B 222 -32.27 27.82 15.37
CA MET B 222 -31.22 28.79 15.62
C MET B 222 -30.60 28.55 16.99
N VAL B 223 -29.29 28.78 17.10
CA VAL B 223 -28.55 28.61 18.33
C VAL B 223 -28.09 29.98 18.81
N ARG B 224 -28.23 30.24 20.12
CA ARG B 224 -28.06 31.57 20.69
C ARG B 224 -26.94 31.60 21.73
N PRO B 225 -25.71 31.86 21.31
CA PRO B 225 -24.59 31.98 22.27
C PRO B 225 -24.39 33.40 22.78
N SER B 226 -23.34 33.63 23.57
CA SER B 226 -23.13 34.93 24.19
C SER B 226 -22.38 35.88 23.26
N GLN B 227 -22.45 37.17 23.55
CA GLN B 227 -21.98 38.21 22.66
C GLN B 227 -20.93 39.07 23.34
N VAL B 228 -20.13 39.77 22.54
CA VAL B 228 -18.96 40.47 23.07
C VAL B 228 -19.35 41.84 23.59
N PHE B 229 -18.44 42.45 24.34
CA PHE B 229 -18.64 43.75 24.98
C PHE B 229 -17.61 44.72 24.41
N THR B 230 -18.08 45.66 23.59
CA THR B 230 -17.18 46.63 22.97
C THR B 230 -17.94 47.92 22.73
N GLU B 231 -17.47 49.01 23.33
CA GLU B 231 -18.05 50.33 23.11
C GLU B 231 -17.28 51.07 22.01
N THR B 242 -17.76 49.09 12.17
CA THR B 242 -18.47 49.79 11.11
C THR B 242 -19.97 49.51 11.17
N GLN B 243 -20.34 48.27 10.84
CA GLN B 243 -21.75 47.88 10.84
C GLN B 243 -21.96 46.48 11.41
N ASN B 244 -20.96 45.87 12.04
CA ASN B 244 -21.07 44.52 12.57
C ASN B 244 -21.71 44.57 13.95
N SER B 245 -23.04 44.49 13.97
CA SER B 245 -23.71 44.17 15.21
C SER B 245 -23.70 42.65 15.39
N ARG B 246 -23.97 42.21 16.62
CA ARG B 246 -24.10 40.80 17.02
C ARG B 246 -22.82 40.03 16.69
N VAL B 247 -21.77 40.34 17.43
CA VAL B 247 -20.55 39.54 17.37
C VAL B 247 -20.67 38.44 18.41
N PHE B 248 -20.15 37.24 18.12
CA PHE B 248 -20.20 36.12 19.04
C PHE B 248 -18.84 35.91 19.70
N GLN B 249 -18.85 35.38 20.92
CA GLN B 249 -17.62 34.96 21.59
C GLN B 249 -17.27 33.56 21.13
N SER B 250 -16.08 33.36 20.61
CA SER B 250 -15.70 32.09 20.01
C SER B 250 -14.49 31.48 20.69
N THR B 251 -14.29 30.20 20.39
CA THR B 251 -13.06 29.51 20.74
C THR B 251 -12.55 28.76 19.52
N THR B 252 -11.30 28.31 19.61
CA THR B 252 -10.69 27.44 18.61
C THR B 252 -10.70 26.03 19.16
N ILE B 253 -11.57 25.20 18.62
CA ILE B 253 -11.73 23.81 19.04
C ILE B 253 -11.47 22.91 17.85
N ASP B 254 -10.43 22.06 17.98
CA ASP B 254 -9.88 21.05 17.06
C ASP B 254 -9.93 21.43 15.58
N GLY B 255 -9.62 22.69 15.26
CA GLY B 255 -9.55 23.14 13.89
C GLY B 255 -10.70 24.01 13.42
N GLU B 256 -11.63 24.36 14.30
CA GLU B 256 -12.74 25.23 13.95
C GLU B 256 -12.87 26.34 14.98
N ARG B 257 -13.71 27.31 14.64
CA ARG B 257 -13.98 28.49 15.46
C ARG B 257 -15.46 28.49 15.79
N SER B 258 -15.78 28.20 17.05
CA SER B 258 -17.09 27.77 17.49
C SER B 258 -17.62 28.66 18.63
N PRO B 259 -18.94 28.71 18.83
CA PRO B 259 -19.51 29.53 19.90
C PRO B 259 -19.58 28.78 21.23
N ILE B 260 -19.48 29.53 22.33
CA ILE B 260 -19.14 28.91 23.61
C ILE B 260 -20.17 29.11 24.71
N LEU B 261 -21.02 30.13 24.67
CA LEU B 261 -21.93 30.52 25.76
C LEU B 261 -21.17 30.74 27.08
N GLY B 262 -20.30 31.75 27.06
CA GLY B 262 -19.83 32.41 28.26
C GLY B 262 -18.90 31.70 29.23
N ALA B 263 -18.26 32.46 30.11
CA ALA B 263 -17.54 31.93 31.26
C ALA B 263 -17.89 32.59 32.58
N PHE B 264 -18.19 33.89 32.59
CA PHE B 264 -18.81 34.56 33.72
C PHE B 264 -20.31 34.59 33.61
N LYS B 265 -20.84 34.15 32.49
CA LYS B 265 -22.27 34.08 32.30
C LYS B 265 -22.85 32.85 32.98
N THR B 266 -22.20 31.69 32.82
CA THR B 266 -22.67 30.46 33.43
C THR B 266 -22.58 30.51 34.96
N GLY B 267 -21.61 31.24 35.48
CA GLY B 267 -21.59 31.51 36.90
C GLY B 267 -22.77 32.33 37.37
N ALA B 268 -23.27 33.21 36.51
CA ALA B 268 -24.49 33.93 36.84
C ALA B 268 -25.73 33.09 36.65
N ALA B 269 -25.64 32.02 35.87
CA ALA B 269 -26.73 31.05 35.85
C ALA B 269 -26.81 30.26 37.14
N ILE B 270 -25.65 29.83 37.65
CA ILE B 270 -25.64 29.00 38.85
C ILE B 270 -26.06 29.80 40.08
N ALA B 271 -25.61 31.04 40.19
CA ALA B 271 -25.87 31.87 41.36
C ALA B 271 -27.12 32.72 41.24
N THR B 272 -28.16 32.24 40.56
CA THR B 272 -29.40 33.00 40.37
C THR B 272 -30.42 32.53 41.42
N ILE B 273 -30.14 32.84 42.68
CA ILE B 273 -30.89 32.24 43.78
C ILE B 273 -31.56 33.25 44.69
N ASP B 274 -31.21 34.55 44.61
CA ASP B 274 -31.72 35.57 45.52
C ASP B 274 -33.22 35.72 45.39
N ASP B 275 -33.95 35.35 46.43
CA ASP B 275 -35.40 35.36 46.43
C ASP B 275 -35.93 36.11 47.65
N TRP B 276 -35.06 36.66 48.49
CA TRP B 276 -35.47 37.27 49.75
C TRP B 276 -35.17 38.77 49.67
N TYR B 277 -36.06 39.52 49.02
CA TYR B 277 -35.94 40.96 48.91
C TYR B 277 -37.34 41.51 49.10
N PRO B 278 -37.51 42.82 49.45
CA PRO B 278 -38.82 43.29 49.95
C PRO B 278 -40.07 43.15 49.08
N GLU B 279 -39.97 42.67 47.85
CA GLU B 279 -41.20 42.28 47.19
C GLU B 279 -41.16 40.85 46.67
N ALA B 280 -40.02 40.40 46.15
CA ALA B 280 -39.66 38.99 45.96
C ALA B 280 -40.59 38.27 45.00
N THR B 281 -40.65 38.75 43.76
CA THR B 281 -41.46 38.05 42.76
C THR B 281 -40.70 36.87 42.15
N GLU B 282 -39.60 37.14 41.46
CA GLU B 282 -38.83 36.10 40.80
C GLU B 282 -37.40 36.11 41.32
N PRO B 283 -36.68 34.99 41.23
CA PRO B 283 -35.29 34.94 41.73
C PRO B 283 -34.35 35.88 40.98
N LEU B 284 -33.39 36.44 41.71
CA LEU B 284 -32.42 37.38 41.20
C LEU B 284 -31.02 36.78 41.24
N ARG B 285 -30.10 37.39 40.49
CA ARG B 285 -28.69 37.09 40.65
C ARG B 285 -28.18 37.74 41.92
N VAL B 286 -27.35 37.03 42.67
CA VAL B 286 -26.92 37.53 43.97
C VAL B 286 -25.90 38.65 43.78
N GLY B 287 -26.00 39.67 44.62
CA GLY B 287 -25.07 40.78 44.53
C GLY B 287 -25.23 41.67 45.74
N ARG B 288 -24.41 42.73 45.77
CA ARG B 288 -24.42 43.61 46.91
C ARG B 288 -25.68 44.46 46.96
N PHE B 289 -26.27 44.79 45.82
CA PHE B 289 -27.35 45.78 45.78
C PHE B 289 -28.65 45.28 45.19
N GLY B 290 -28.75 44.04 44.75
CA GLY B 290 -29.98 43.54 44.17
C GLY B 290 -30.28 44.17 42.82
N VAL B 291 -29.35 44.02 41.88
CA VAL B 291 -29.44 44.65 40.58
C VAL B 291 -30.18 43.73 39.63
N HIS B 292 -31.20 44.25 38.97
CA HIS B 292 -31.85 43.57 37.86
C HIS B 292 -31.45 44.29 36.57
N ARG B 293 -31.66 43.66 35.42
CA ARG B 293 -31.28 44.35 34.20
C ARG B 293 -32.36 44.35 33.13
N GLU B 294 -33.22 43.34 33.10
CA GLU B 294 -34.48 43.44 32.36
C GLU B 294 -35.53 43.96 33.33
N ASP B 295 -36.22 45.03 32.93
CA ASP B 295 -36.99 45.91 33.83
C ASP B 295 -36.06 46.47 34.91
N VAL B 296 -35.10 47.27 34.44
CA VAL B 296 -33.96 47.71 35.24
C VAL B 296 -34.40 48.64 36.37
N THR B 297 -33.97 48.29 37.59
CA THR B 297 -33.99 49.04 38.85
C THR B 297 -33.26 48.18 39.88
N CYS B 298 -32.84 48.83 40.96
CA CYS B 298 -32.06 48.20 42.02
C CYS B 298 -32.89 48.23 43.29
N TYR B 299 -33.77 47.25 43.47
CA TYR B 299 -34.33 47.03 44.78
C TYR B 299 -33.34 46.28 45.66
N ARG B 300 -33.62 46.28 46.97
CA ARG B 300 -32.64 46.42 48.06
C ARG B 300 -31.64 47.56 47.75
N HIS B 301 -32.22 48.75 47.65
CA HIS B 301 -31.43 49.98 47.52
C HIS B 301 -30.66 50.25 48.82
N PRO B 302 -29.46 50.82 48.73
CA PRO B 302 -28.66 51.06 49.95
C PRO B 302 -29.17 52.14 50.88
N SER B 303 -30.28 52.79 50.58
CA SER B 303 -30.94 53.62 51.58
C SER B 303 -32.03 52.87 52.33
N THR B 304 -32.45 51.71 51.82
CA THR B 304 -33.45 50.88 52.49
C THR B 304 -32.86 50.04 53.61
N GLY B 305 -31.55 50.04 53.78
CA GLY B 305 -30.92 49.29 54.85
C GLY B 305 -30.86 47.81 54.64
N LYS B 306 -31.09 47.32 53.43
CA LYS B 306 -31.11 45.88 53.16
C LYS B 306 -30.11 45.48 52.09
N ASP B 307 -29.10 46.31 51.83
CA ASP B 307 -27.98 45.92 50.98
C ASP B 307 -27.04 45.01 51.76
N PHE B 308 -25.87 44.72 51.19
CA PHE B 308 -24.97 43.84 51.92
C PHE B 308 -24.18 44.60 52.98
N PHE B 309 -23.84 45.86 52.72
CA PHE B 309 -23.06 46.63 53.68
C PHE B 309 -23.87 47.08 54.90
N SER B 310 -25.15 46.75 54.99
CA SER B 310 -25.89 46.91 56.23
C SER B 310 -26.00 45.62 57.02
N ILE B 311 -26.20 44.50 56.33
CA ILE B 311 -26.25 43.19 56.99
C ILE B 311 -24.89 42.85 57.57
N LEU B 312 -23.82 43.22 56.86
CA LEU B 312 -22.47 42.99 57.36
C LEU B 312 -22.18 43.85 58.59
N GLN B 313 -22.80 45.03 58.70
CA GLN B 313 -22.65 45.81 59.91
C GLN B 313 -23.47 45.23 61.05
N GLN B 314 -24.62 44.64 60.75
CA GLN B 314 -25.48 44.05 61.77
C GLN B 314 -25.01 42.65 62.17
N ALA B 315 -23.95 42.14 61.54
CA ALA B 315 -23.39 40.83 61.86
C ALA B 315 -22.91 40.69 63.30
N GLU B 316 -22.59 41.79 64.00
CA GLU B 316 -22.24 41.69 65.41
C GLU B 316 -23.44 41.28 66.25
N HIS B 317 -24.61 41.87 65.98
CA HIS B 317 -25.86 41.40 66.55
C HIS B 317 -26.17 39.97 66.14
N TYR B 318 -25.90 39.65 64.87
CA TYR B 318 -26.20 38.32 64.35
C TYR B 318 -25.32 37.23 64.96
N ILE B 319 -24.17 37.60 65.53
CA ILE B 319 -23.38 36.65 66.32
C ILE B 319 -24.17 36.17 67.52
N GLU B 320 -24.69 37.10 68.31
CA GLU B 320 -25.31 36.74 69.57
C GLU B 320 -26.71 36.17 69.38
N VAL B 321 -27.41 36.52 68.29
CA VAL B 321 -28.74 35.93 68.08
C VAL B 321 -28.66 34.45 67.69
N LEU B 322 -27.50 33.96 67.21
CA LEU B 322 -27.29 32.54 67.03
C LEU B 322 -26.56 31.91 68.21
N SER B 323 -26.68 32.50 69.39
CA SER B 323 -26.35 31.83 70.64
C SER B 323 -27.59 31.43 71.41
N ALA B 324 -28.70 32.12 71.18
CA ALA B 324 -29.97 31.80 71.82
C ALA B 324 -30.62 30.61 71.10
N ASN B 325 -31.89 30.36 71.38
CA ASN B 325 -32.51 29.12 70.94
C ASN B 325 -33.38 29.27 69.70
N LYS B 326 -34.33 30.20 69.70
CA LYS B 326 -35.30 30.29 68.61
C LYS B 326 -35.09 31.56 67.80
N THR B 327 -34.57 31.39 66.58
CA THR B 327 -34.48 32.41 65.54
C THR B 327 -35.88 32.72 65.00
N PRO B 328 -36.14 33.98 64.60
CA PRO B 328 -37.48 34.34 64.11
C PRO B 328 -37.89 33.67 62.81
N ALA B 329 -36.95 33.09 62.07
CA ALA B 329 -37.11 32.31 60.84
C ALA B 329 -37.64 33.09 59.65
N GLN B 330 -37.90 34.40 59.79
CA GLN B 330 -38.29 35.21 58.65
C GLN B 330 -37.28 36.32 58.40
N GLU B 331 -37.02 37.19 59.38
CA GLU B 331 -36.21 38.38 59.13
C GLU B 331 -34.76 38.20 59.54
N THR B 332 -34.42 37.11 60.20
CA THR B 332 -33.03 36.86 60.57
C THR B 332 -32.40 35.77 59.72
N ILE B 333 -33.12 34.69 59.43
CA ILE B 333 -32.50 33.66 58.60
C ILE B 333 -32.49 34.04 57.13
N ASN B 334 -33.32 34.98 56.69
CA ASN B 334 -33.19 35.45 55.32
C ASN B 334 -31.95 36.33 55.16
N ASP B 335 -31.64 37.14 56.19
CA ASP B 335 -30.37 37.86 56.21
C ASP B 335 -29.19 36.92 56.32
N MET B 336 -29.36 35.80 57.05
CA MET B 336 -28.33 34.79 57.14
C MET B 336 -28.04 34.14 55.79
N HIS B 337 -29.10 33.73 55.07
CA HIS B 337 -28.90 33.15 53.76
C HIS B 337 -28.33 34.16 52.76
N PHE B 338 -28.73 35.42 52.87
CA PHE B 338 -28.21 36.43 51.95
C PHE B 338 -26.74 36.73 52.20
N LEU B 339 -26.35 36.86 53.47
CA LEU B 339 -24.95 37.10 53.80
C LEU B 339 -24.09 35.89 53.41
N MET B 340 -24.63 34.67 53.57
CA MET B 340 -23.86 33.50 53.20
C MET B 340 -23.69 33.39 51.70
N ALA B 341 -24.74 33.74 50.94
CA ALA B 341 -24.66 33.67 49.49
C ALA B 341 -23.67 34.68 48.95
N ASN B 342 -23.60 35.87 49.56
CA ASN B 342 -22.60 36.83 49.11
C ASN B 342 -21.20 36.46 49.55
N LEU B 343 -21.04 35.76 50.68
CA LEU B 343 -19.71 35.24 51.02
C LEU B 343 -19.26 34.13 50.07
N ILE B 344 -20.20 33.32 49.56
CA ILE B 344 -19.85 32.36 48.52
C ILE B 344 -19.48 33.08 47.22
N LYS B 345 -20.12 34.22 46.95
CA LYS B 345 -19.95 34.89 45.66
C LYS B 345 -18.55 35.50 45.52
N GLY B 346 -18.10 36.27 46.48
CA GLY B 346 -16.79 36.89 46.39
C GLY B 346 -16.73 38.18 47.16
N GLY B 347 -15.56 38.81 47.11
CA GLY B 347 -15.23 39.88 48.03
C GLY B 347 -14.91 41.25 47.45
N MET B 348 -13.81 41.84 47.93
CA MET B 348 -13.49 43.27 47.86
C MET B 348 -14.59 44.11 48.49
N PHE B 349 -14.75 43.94 49.80
CA PHE B 349 -15.73 44.68 50.59
C PHE B 349 -15.17 45.96 51.16
N GLN B 350 -14.19 46.55 50.49
CA GLN B 350 -13.51 47.75 50.96
C GLN B 350 -14.45 48.93 50.83
N HIS B 351 -14.99 49.38 51.96
CA HIS B 351 -15.99 50.45 51.94
C HIS B 351 -15.34 51.79 51.64
N LYS B 352 -15.67 52.35 50.49
CA LYS B 352 -15.25 53.69 50.07
C LYS B 352 -16.12 54.17 48.91
N LYS C 4 -44.65 57.33 28.03
CA LYS C 4 -44.60 57.58 26.60
C LYS C 4 -43.15 57.63 26.12
N LEU C 5 -42.70 56.53 25.47
CA LEU C 5 -41.33 56.28 25.04
C LEU C 5 -40.33 56.42 26.18
N PRO C 6 -40.25 55.47 27.10
CA PRO C 6 -39.46 55.69 28.31
C PRO C 6 -37.97 55.42 28.18
N THR C 7 -37.34 55.83 27.08
CA THR C 7 -35.88 55.89 26.86
C THR C 7 -35.15 54.56 26.92
N ASN C 8 -35.84 53.47 27.25
CA ASN C 8 -35.33 52.11 27.10
C ASN C 8 -36.55 51.20 27.12
N LEU C 9 -36.92 50.70 25.95
CA LEU C 9 -38.08 49.83 25.82
C LEU C 9 -37.78 48.90 24.66
N ALA C 10 -38.10 47.62 24.83
CA ALA C 10 -37.79 46.63 23.81
C ALA C 10 -38.69 45.43 23.97
N TYR C 11 -38.97 44.78 22.86
CA TYR C 11 -39.68 43.51 22.81
C TYR C 11 -38.82 42.53 22.01
N GLU C 12 -39.26 41.28 21.96
CA GLU C 12 -38.57 40.32 21.14
C GLU C 12 -39.62 39.47 20.41
N ARG C 13 -39.17 38.79 19.36
CA ARG C 13 -40.08 38.25 18.37
C ARG C 13 -40.84 37.04 18.91
N SER C 14 -42.05 36.84 18.41
CA SER C 14 -42.92 35.76 18.86
C SER C 14 -43.17 34.74 17.78
N ILE C 15 -42.50 34.85 16.63
CA ILE C 15 -42.66 33.96 15.49
C ILE C 15 -41.26 33.78 14.90
N ASP C 16 -40.74 32.56 14.97
CA ASP C 16 -39.35 32.32 14.58
C ASP C 16 -39.28 31.30 13.45
N PRO C 17 -39.10 31.74 12.21
CA PRO C 17 -38.91 30.78 11.12
C PRO C 17 -37.45 30.49 10.80
N SER C 18 -37.22 29.57 9.87
CA SER C 18 -35.90 29.05 9.57
C SER C 18 -35.68 29.02 8.06
N ASP C 19 -34.47 28.61 7.66
CA ASP C 19 -34.10 28.47 6.25
C ASP C 19 -34.99 27.48 5.54
N VAL C 20 -35.23 27.73 4.28
CA VAL C 20 -35.91 26.77 3.42
C VAL C 20 -34.82 25.93 2.76
N CYS C 21 -35.12 24.68 2.42
CA CYS C 21 -34.14 23.85 1.72
C CYS C 21 -34.82 23.08 0.59
N PHE C 22 -34.08 22.94 -0.51
CA PHE C 22 -34.56 22.42 -1.78
C PHE C 22 -33.94 21.07 -2.09
N PHE C 23 -34.76 20.12 -2.54
CA PHE C 23 -34.31 18.79 -2.90
C PHE C 23 -35.00 18.35 -4.19
N VAL C 24 -34.26 17.72 -5.10
CA VAL C 24 -34.89 17.08 -6.25
C VAL C 24 -35.24 15.65 -5.87
N VAL C 25 -36.39 15.19 -6.34
CA VAL C 25 -36.77 13.79 -6.21
C VAL C 25 -36.79 13.19 -7.62
N TRP C 26 -36.37 11.95 -7.69
CA TRP C 26 -36.27 11.21 -8.94
C TRP C 26 -37.43 10.24 -9.02
N PRO C 27 -37.68 9.61 -10.18
CA PRO C 27 -38.71 8.57 -10.21
C PRO C 27 -38.39 7.31 -9.43
N ASP C 28 -37.16 7.17 -8.93
CA ASP C 28 -36.81 6.15 -7.96
C ASP C 28 -37.33 6.48 -6.57
N ASP C 29 -37.71 7.73 -6.35
CA ASP C 29 -37.88 8.38 -5.04
C ASP C 29 -36.62 8.20 -4.19
N ARG C 30 -35.56 8.83 -4.67
CA ARG C 30 -34.41 9.17 -3.86
C ARG C 30 -34.21 10.67 -3.99
N LYS C 31 -33.60 11.29 -2.99
CA LYS C 31 -33.59 12.74 -2.89
C LYS C 31 -32.17 13.28 -2.92
N THR C 32 -31.94 14.25 -3.80
CA THR C 32 -30.63 14.83 -4.02
C THR C 32 -30.70 16.33 -3.78
N PRO C 33 -29.66 16.96 -3.22
CA PRO C 33 -29.71 18.41 -3.06
C PRO C 33 -29.56 19.17 -4.37
N LEU C 34 -30.42 20.17 -4.55
CA LEU C 34 -30.39 21.02 -5.72
C LEU C 34 -29.13 21.89 -5.69
N THR C 35 -28.47 22.02 -6.85
CA THR C 35 -27.23 22.77 -6.95
C THR C 35 -27.37 23.83 -8.02
N TYR C 36 -26.32 24.63 -8.17
CA TYR C 36 -26.32 25.72 -9.13
C TYR C 36 -24.89 25.98 -9.56
N ASN C 37 -24.72 26.78 -10.61
CA ASN C 37 -23.37 27.17 -10.97
C ASN C 37 -23.38 28.48 -11.75
N SER C 38 -22.28 29.21 -11.64
CA SER C 38 -22.10 30.47 -12.34
C SER C 38 -21.92 30.25 -13.83
N ARG C 39 -22.19 31.29 -14.60
CA ARG C 39 -21.95 31.28 -16.04
C ARG C 39 -21.84 32.71 -16.54
N THR C 40 -20.97 32.91 -17.50
CA THR C 40 -20.75 34.21 -18.13
C THR C 40 -21.50 34.29 -19.45
N LEU C 41 -22.06 35.46 -19.74
CA LEU C 41 -23.00 35.62 -20.82
C LEU C 41 -22.78 37.00 -21.43
N LEU C 42 -23.42 37.23 -22.57
CA LEU C 42 -23.10 38.39 -23.40
C LEU C 42 -24.36 39.19 -23.66
N GLY C 43 -24.38 40.44 -23.18
CA GLY C 43 -25.55 41.27 -23.34
C GLY C 43 -25.29 42.48 -24.21
N GLN C 44 -26.35 43.14 -24.67
CA GLN C 44 -26.23 44.35 -25.45
C GLN C 44 -26.00 45.54 -24.51
N MET C 45 -25.70 46.70 -25.10
CA MET C 45 -25.51 47.93 -24.32
C MET C 45 -26.84 48.67 -24.26
N GLU C 46 -27.71 48.20 -23.38
CA GLU C 46 -29.10 48.63 -23.33
C GLU C 46 -29.39 49.57 -22.17
N ALA C 47 -28.40 50.35 -21.77
CA ALA C 47 -28.64 51.38 -20.77
C ALA C 47 -29.24 52.62 -21.43
N ALA C 48 -29.54 53.63 -20.63
CA ALA C 48 -29.87 54.95 -21.15
C ALA C 48 -28.81 55.97 -20.79
N SER C 49 -27.72 55.55 -20.18
CA SER C 49 -26.72 56.46 -19.65
C SER C 49 -25.42 56.47 -20.42
N LEU C 50 -25.09 55.38 -21.11
CA LEU C 50 -23.99 55.36 -22.05
C LEU C 50 -24.35 55.98 -23.39
N ALA C 51 -25.63 56.26 -23.62
CA ALA C 51 -26.10 56.85 -24.86
C ALA C 51 -26.56 58.29 -24.70
N TYR C 52 -27.53 58.53 -23.82
CA TYR C 52 -27.95 59.88 -23.50
C TYR C 52 -27.16 60.41 -22.31
N ASP C 53 -26.96 61.72 -22.27
CA ASP C 53 -26.34 62.33 -21.11
C ASP C 53 -27.37 62.51 -20.00
N VAL C 54 -26.95 63.09 -18.88
CA VAL C 54 -27.93 63.56 -17.92
C VAL C 54 -28.68 64.74 -18.51
N SER C 55 -30.02 64.62 -18.55
CA SER C 55 -30.96 65.69 -18.89
C SER C 55 -30.72 66.26 -20.29
N GLY C 56 -30.96 65.41 -21.30
CA GLY C 56 -31.08 65.94 -22.65
C GLY C 56 -30.43 65.20 -23.80
N GLN C 57 -29.55 65.92 -24.53
CA GLN C 57 -29.09 65.58 -25.88
C GLN C 57 -28.13 64.39 -25.85
N PRO C 58 -28.29 63.43 -26.77
CA PRO C 58 -27.41 62.25 -26.78
C PRO C 58 -25.97 62.59 -27.11
N ILE C 59 -25.06 61.78 -26.56
CA ILE C 59 -23.64 62.05 -26.60
C ILE C 59 -23.10 61.85 -28.02
N LYS C 60 -21.99 62.53 -28.32
CA LYS C 60 -21.26 62.30 -29.56
C LYS C 60 -20.31 61.12 -29.47
N SER C 61 -20.01 60.65 -28.25
CA SER C 61 -19.11 59.51 -28.07
C SER C 61 -19.82 58.18 -28.21
N ALA C 62 -21.14 58.16 -28.10
CA ALA C 62 -21.94 56.98 -28.37
C ALA C 62 -22.33 57.02 -29.84
N THR C 63 -21.51 56.43 -30.68
CA THR C 63 -21.71 56.44 -32.12
C THR C 63 -22.55 55.23 -32.51
N ALA C 64 -22.64 54.92 -33.80
CA ALA C 64 -23.44 53.79 -34.23
C ALA C 64 -22.71 52.45 -34.15
N GLU C 65 -21.40 52.45 -33.96
CA GLU C 65 -20.69 51.19 -33.75
C GLU C 65 -20.03 51.11 -32.38
N ALA C 66 -20.41 52.00 -31.46
CA ALA C 66 -20.16 51.79 -30.05
C ALA C 66 -21.37 51.22 -29.34
N LEU C 67 -22.57 51.44 -29.88
CA LEU C 67 -23.78 50.84 -29.36
C LEU C 67 -24.01 49.44 -29.89
N ALA C 68 -23.14 48.93 -30.77
CA ALA C 68 -23.24 47.56 -31.26
C ALA C 68 -22.13 46.69 -30.72
N GLN C 69 -21.37 47.17 -29.74
CA GLN C 69 -20.45 46.33 -28.99
C GLN C 69 -21.25 45.62 -27.90
N GLY C 70 -20.69 44.53 -27.39
CA GLY C 70 -21.46 43.72 -26.46
C GLY C 70 -20.70 43.38 -25.21
N ASN C 71 -21.33 43.55 -24.05
CA ASN C 71 -20.53 43.43 -22.83
C ASN C 71 -20.81 42.13 -22.09
N PRO C 72 -19.79 41.57 -21.44
CA PRO C 72 -19.97 40.32 -20.68
C PRO C 72 -20.33 40.53 -19.23
N HIS C 73 -21.03 39.53 -18.69
CA HIS C 73 -21.52 39.55 -17.32
C HIS C 73 -21.49 38.14 -16.76
N GLN C 74 -21.54 38.01 -15.44
CA GLN C 74 -21.66 36.70 -14.81
C GLN C 74 -22.94 36.64 -13.98
N VAL C 75 -23.64 35.51 -14.08
CA VAL C 75 -24.80 35.26 -13.24
C VAL C 75 -24.69 33.86 -12.66
N ASP C 76 -25.21 33.67 -11.45
CA ASP C 76 -25.38 32.34 -10.89
C ASP C 76 -26.69 31.75 -11.40
N PHE C 77 -26.62 30.61 -12.07
CA PHE C 77 -27.79 30.05 -12.74
C PHE C 77 -28.17 28.73 -12.07
N CYS C 78 -29.47 28.49 -11.98
CA CYS C 78 -30.02 27.33 -11.28
C CYS C 78 -31.26 26.85 -12.01
N HIS C 79 -31.36 25.55 -12.24
CA HIS C 79 -32.54 25.00 -12.90
C HIS C 79 -32.79 23.59 -12.40
N VAL C 80 -33.98 23.09 -12.71
CA VAL C 80 -34.36 21.71 -12.38
C VAL C 80 -33.70 20.79 -13.40
N PRO C 81 -33.02 19.73 -12.97
CA PRO C 81 -32.32 18.87 -13.93
C PRO C 81 -33.29 18.09 -14.81
N TYR C 82 -32.75 17.55 -15.88
CA TYR C 82 -33.56 16.75 -16.79
C TYR C 82 -33.76 15.37 -16.19
N GLY C 83 -35.00 14.93 -16.11
CA GLY C 83 -35.32 13.63 -15.58
C GLY C 83 -35.75 13.62 -14.14
N ALA C 84 -35.78 14.77 -13.47
CA ALA C 84 -36.31 14.85 -12.12
C ALA C 84 -37.82 14.73 -12.16
N SER C 85 -38.39 14.47 -10.99
CA SER C 85 -39.84 14.38 -10.89
C SER C 85 -40.41 15.70 -10.36
N HIS C 86 -39.99 16.13 -9.18
CA HIS C 86 -40.42 17.40 -8.62
C HIS C 86 -39.41 17.89 -7.59
N ILE C 87 -39.66 19.12 -7.10
CA ILE C 87 -38.85 19.76 -6.06
C ILE C 87 -39.60 19.61 -4.74
N GLU C 88 -38.87 19.39 -3.64
CA GLU C 88 -39.47 19.47 -2.31
C GLU C 88 -38.72 20.51 -1.48
N CYS C 89 -39.48 21.34 -0.77
CA CYS C 89 -38.98 22.45 0.03
C CYS C 89 -39.41 22.25 1.47
N SER C 90 -38.48 22.39 2.40
CA SER C 90 -38.75 22.16 3.82
C SER C 90 -38.29 23.31 4.69
N PHE C 91 -39.06 23.60 5.75
CA PHE C 91 -38.68 24.55 6.81
C PHE C 91 -39.55 24.30 8.04
N SER C 92 -39.46 25.18 9.04
CA SER C 92 -40.25 25.05 10.28
C SER C 92 -40.51 26.41 10.91
N VAL C 93 -41.71 26.60 11.47
CA VAL C 93 -42.05 27.83 12.19
C VAL C 93 -42.30 27.46 13.65
N SER C 94 -42.28 28.46 14.52
CA SER C 94 -42.38 28.23 15.96
C SER C 94 -43.08 29.42 16.60
N PHE C 95 -44.38 29.30 16.84
CA PHE C 95 -45.17 30.35 17.49
C PHE C 95 -44.96 30.29 19.00
N SER C 96 -44.44 31.36 19.57
CA SER C 96 -44.16 31.47 21.00
C SER C 96 -45.04 32.54 21.65
N SER C 97 -44.82 32.76 22.93
CA SER C 97 -45.66 33.62 23.75
C SER C 97 -44.91 34.81 24.33
N GLU C 98 -44.05 35.44 23.54
CA GLU C 98 -43.14 36.43 24.08
C GLU C 98 -43.67 37.85 23.94
N LEU C 99 -44.91 38.02 23.47
CA LEU C 99 -45.50 39.33 23.34
C LEU C 99 -46.16 39.82 24.62
N ARG C 100 -46.28 38.95 25.64
CA ARG C 100 -47.13 39.26 26.79
C ARG C 100 -46.52 40.33 27.67
N GLN C 101 -45.20 40.41 27.74
CA GLN C 101 -44.50 41.37 28.58
C GLN C 101 -43.27 41.91 27.88
N PRO C 102 -42.97 43.19 28.05
CA PRO C 102 -41.76 43.76 27.44
C PRO C 102 -40.48 43.19 28.02
N TYR C 103 -39.46 43.12 27.18
CA TYR C 103 -38.19 42.51 27.50
C TYR C 103 -37.27 43.45 28.24
N LYS C 104 -37.36 44.74 27.98
CA LYS C 104 -36.64 45.77 28.72
C LYS C 104 -37.62 46.92 28.87
N CYS C 105 -37.75 47.46 30.07
CA CYS C 105 -38.64 48.60 30.26
C CYS C 105 -38.09 49.39 31.43
N ASN C 106 -37.61 50.60 31.12
CA ASN C 106 -36.94 51.43 32.12
C ASN C 106 -37.92 51.89 33.19
N SER C 107 -39.03 52.48 32.79
CA SER C 107 -40.02 52.98 33.73
C SER C 107 -41.14 51.96 33.89
N SER C 108 -41.43 51.59 35.13
CA SER C 108 -42.45 50.60 35.43
C SER C 108 -43.87 51.15 35.37
N LYS C 109 -44.06 52.35 34.84
CA LYS C 109 -45.38 52.96 34.72
C LYS C 109 -46.05 52.60 33.40
N VAL C 110 -45.31 52.64 32.29
CA VAL C 110 -45.87 52.20 31.02
C VAL C 110 -45.84 50.70 30.86
N LYS C 111 -45.12 49.98 31.72
CA LYS C 111 -45.05 48.54 31.62
C LYS C 111 -46.36 47.89 32.00
N GLN C 112 -46.97 48.34 33.10
CA GLN C 112 -48.26 47.80 33.49
C GLN C 112 -49.36 48.25 32.52
N THR C 113 -49.17 49.41 31.88
CA THR C 113 -50.09 49.86 30.84
C THR C 113 -50.06 48.92 29.64
N LEU C 114 -48.86 48.53 29.21
CA LEU C 114 -48.74 47.63 28.07
C LEU C 114 -49.25 46.21 28.40
N VAL C 115 -48.97 45.74 29.62
CA VAL C 115 -49.47 44.42 30.05
C VAL C 115 -51.00 44.41 30.11
N GLN C 116 -51.59 45.48 30.67
CA GLN C 116 -53.05 45.57 30.71
C GLN C 116 -53.65 45.71 29.33
N LEU C 117 -52.95 46.38 28.41
CA LEU C 117 -53.44 46.53 27.04
C LEU C 117 -53.45 45.19 26.31
N VAL C 118 -52.38 44.39 26.47
CA VAL C 118 -52.33 43.09 25.85
C VAL C 118 -53.40 42.16 26.43
N GLU C 119 -53.64 42.24 27.75
CA GLU C 119 -54.67 41.39 28.34
C GLU C 119 -56.08 41.81 27.94
N LEU C 120 -56.35 43.12 27.84
CA LEU C 120 -57.66 43.59 27.40
C LEU C 120 -57.93 43.22 25.94
N TYR C 121 -56.91 43.35 25.08
CA TYR C 121 -57.06 42.93 23.70
C TYR C 121 -57.31 41.44 23.60
N GLU C 122 -56.61 40.66 24.43
CA GLU C 122 -56.82 39.22 24.47
C GLU C 122 -58.24 38.86 24.89
N THR C 123 -58.82 39.60 25.83
CA THR C 123 -60.09 39.18 26.38
C THR C 123 -61.32 39.80 25.72
N LYS C 124 -61.19 40.88 24.95
CA LYS C 124 -62.37 41.47 24.32
C LYS C 124 -62.49 41.14 22.84
N ILE C 125 -61.37 41.11 22.13
CA ILE C 125 -61.28 40.60 20.78
C ILE C 125 -60.55 39.26 20.88
N GLY C 126 -60.79 38.37 19.94
CA GLY C 126 -60.14 37.08 19.99
C GLY C 126 -58.68 37.15 19.58
N TRP C 127 -58.05 35.97 19.55
CA TRP C 127 -56.84 35.78 18.79
C TRP C 127 -57.12 35.16 17.43
N THR C 128 -58.37 35.16 16.99
CA THR C 128 -58.74 34.42 15.79
C THR C 128 -58.28 35.13 14.52
N GLU C 129 -58.36 36.46 14.48
CA GLU C 129 -58.09 37.18 13.24
C GLU C 129 -56.61 37.17 12.91
N LEU C 130 -55.75 37.46 13.89
CA LEU C 130 -54.32 37.43 13.64
C LEU C 130 -53.81 36.02 13.40
N ALA C 131 -54.32 35.03 14.12
CA ALA C 131 -53.84 33.67 13.90
C ALA C 131 -54.33 33.11 12.57
N THR C 132 -55.52 33.48 12.13
CA THR C 132 -55.98 33.09 10.80
C THR C 132 -55.16 33.76 9.71
N ARG C 133 -54.87 35.06 9.87
CA ARG C 133 -54.07 35.76 8.88
C ARG C 133 -52.63 35.28 8.83
N TYR C 134 -52.07 34.79 9.94
CA TYR C 134 -50.74 34.20 9.86
C TYR C 134 -50.77 32.79 9.30
N LEU C 135 -51.78 32.00 9.64
CA LEU C 135 -51.77 30.62 9.20
C LEU C 135 -52.19 30.46 7.75
N MET C 136 -52.93 31.41 7.18
CA MET C 136 -53.24 31.32 5.77
C MET C 136 -52.06 31.65 4.87
N ASN C 137 -50.98 32.22 5.39
CA ASN C 137 -49.78 32.46 4.60
C ASN C 137 -48.81 31.29 4.62
N ILE C 138 -48.88 30.44 5.63
CA ILE C 138 -47.98 29.28 5.67
C ILE C 138 -48.48 28.19 4.75
N CYS C 139 -49.75 27.84 4.86
CA CYS C 139 -50.33 26.80 4.02
C CYS C 139 -51.05 27.36 2.79
N ASN C 140 -50.40 28.27 2.06
CA ASN C 140 -50.70 28.41 0.64
C ASN C 140 -49.46 28.75 -0.17
N GLY C 141 -48.26 28.66 0.37
CA GLY C 141 -47.07 28.99 -0.40
C GLY C 141 -46.85 30.45 -0.66
N LYS C 142 -47.11 31.32 0.31
CA LYS C 142 -46.64 32.69 0.19
C LYS C 142 -45.13 32.74 0.39
N TRP C 143 -44.59 31.78 1.12
CA TRP C 143 -43.18 31.67 1.44
C TRP C 143 -42.36 31.12 0.28
N LEU C 144 -43.01 30.63 -0.77
CA LEU C 144 -42.36 30.29 -2.03
C LEU C 144 -42.65 31.45 -2.95
N TRP C 145 -41.77 32.46 -2.88
CA TRP C 145 -42.05 33.83 -3.30
C TRP C 145 -42.53 33.95 -4.74
N LYS C 146 -41.69 33.65 -5.69
CA LYS C 146 -42.08 33.68 -7.09
C LYS C 146 -41.73 32.39 -7.81
N ASN C 147 -41.78 31.29 -7.08
CA ASN C 147 -41.60 29.96 -7.62
C ASN C 147 -42.91 29.31 -8.01
N THR C 148 -43.99 29.58 -7.28
CA THR C 148 -45.27 28.96 -7.59
C THR C 148 -45.91 29.57 -8.81
N ARG C 149 -45.57 30.81 -9.13
CA ARG C 149 -45.90 31.39 -10.42
C ARG C 149 -45.16 30.62 -11.50
N LYS C 150 -45.85 30.30 -12.60
CA LYS C 150 -45.36 29.47 -13.70
C LYS C 150 -44.97 28.06 -13.23
N ALA C 151 -45.97 27.36 -12.70
CA ALA C 151 -45.81 25.97 -12.27
C ALA C 151 -47.12 25.24 -12.49
N TYR C 152 -47.08 23.93 -12.35
CA TYR C 152 -48.26 23.11 -12.59
C TYR C 152 -49.15 23.04 -11.35
N CYS C 153 -48.62 22.50 -10.25
CA CYS C 153 -49.30 22.55 -8.96
C CYS C 153 -48.27 22.48 -7.85
N TRP C 154 -48.71 22.72 -6.62
CA TRP C 154 -47.85 22.59 -5.45
C TRP C 154 -48.68 22.23 -4.25
N ASN C 155 -48.16 21.32 -3.43
CA ASN C 155 -48.94 20.75 -2.33
C ASN C 155 -48.17 20.89 -1.03
N ILE C 156 -48.89 21.18 0.06
CA ILE C 156 -48.28 21.52 1.34
C ILE C 156 -48.71 20.51 2.40
N VAL C 157 -47.76 20.07 3.23
CA VAL C 157 -47.96 19.06 4.26
C VAL C 157 -47.38 19.58 5.57
N LEU C 158 -48.20 19.54 6.63
CA LEU C 158 -47.90 20.09 7.95
C LEU C 158 -47.72 18.99 8.99
N THR C 159 -46.77 19.19 9.89
CA THR C 159 -46.55 18.30 11.04
C THR C 159 -46.48 19.18 12.29
N PRO C 160 -47.59 19.34 13.00
CA PRO C 160 -47.60 20.18 14.19
C PRO C 160 -47.19 19.47 15.46
N TRP C 161 -46.76 20.28 16.44
CA TRP C 161 -46.35 19.83 17.74
C TRP C 161 -46.89 20.88 18.72
N PRO C 162 -47.59 20.47 19.79
CA PRO C 162 -48.03 19.12 20.18
C PRO C 162 -49.30 18.69 19.49
N TRP C 163 -49.41 17.39 19.17
CA TRP C 163 -50.45 16.95 18.26
C TRP C 163 -50.69 15.46 18.48
N ASN C 164 -51.96 15.10 18.59
CA ASN C 164 -52.41 13.71 18.67
C ASN C 164 -53.12 13.41 17.35
N GLY C 165 -52.39 12.85 16.41
CA GLY C 165 -53.04 12.40 15.22
C GLY C 165 -52.11 12.45 14.01
N GLU C 166 -52.66 12.94 12.91
CA GLU C 166 -52.16 12.77 11.56
C GLU C 166 -51.50 14.04 11.04
N LYS C 167 -50.72 13.88 9.98
CA LYS C 167 -50.20 15.04 9.26
C LYS C 167 -51.32 15.70 8.48
N VAL C 168 -51.23 17.01 8.32
CA VAL C 168 -52.31 17.79 7.70
C VAL C 168 -51.92 18.09 6.25
N GLY C 169 -52.85 17.86 5.33
CA GLY C 169 -52.53 17.96 3.92
C GLY C 169 -53.38 18.92 3.13
N PHE C 170 -52.75 19.90 2.50
CA PHE C 170 -53.38 20.79 1.54
C PHE C 170 -52.89 20.41 0.16
N GLU C 171 -53.80 20.11 -0.75
CA GLU C 171 -53.43 19.57 -2.04
C GLU C 171 -54.07 20.39 -3.15
N ASP C 172 -53.29 20.63 -4.21
CA ASP C 172 -53.71 21.33 -5.43
C ASP C 172 -54.21 22.73 -5.10
N ILE C 173 -53.28 23.55 -4.63
CA ILE C 173 -53.61 24.79 -3.96
C ILE C 173 -54.12 25.85 -4.93
N ARG C 174 -53.72 25.79 -6.19
CA ARG C 174 -54.27 26.73 -7.17
C ARG C 174 -55.74 26.47 -7.46
N THR C 175 -56.16 25.21 -7.48
CA THR C 175 -57.53 24.89 -7.83
C THR C 175 -58.46 24.98 -6.64
N ASN C 176 -58.09 24.38 -5.51
CA ASN C 176 -59.01 24.18 -4.40
C ASN C 176 -59.01 25.35 -3.41
N TYR C 177 -57.84 25.81 -3.01
CA TYR C 177 -57.72 26.74 -1.87
C TYR C 177 -57.55 28.17 -2.37
N THR C 178 -58.62 28.68 -2.97
CA THR C 178 -58.60 30.00 -3.58
C THR C 178 -59.02 31.12 -2.65
N SER C 179 -59.94 30.86 -1.73
CA SER C 179 -60.57 31.88 -0.90
C SER C 179 -60.25 31.64 0.56
N ARG C 180 -60.89 32.39 1.44
CA ARG C 180 -60.75 32.21 2.87
C ARG C 180 -61.71 31.16 3.41
N GLN C 181 -62.82 30.90 2.72
CA GLN C 181 -63.71 29.84 3.15
C GLN C 181 -63.16 28.47 2.80
N ASP C 182 -62.31 28.37 1.77
CA ASP C 182 -61.78 27.09 1.35
C ASP C 182 -60.82 26.49 2.37
N PHE C 183 -60.29 27.28 3.29
CA PHE C 183 -59.54 26.71 4.39
C PHE C 183 -60.47 26.22 5.48
N LYS C 184 -61.51 27.01 5.80
CA LYS C 184 -62.34 26.77 6.97
C LYS C 184 -63.22 25.53 6.85
N ASN C 185 -63.32 24.93 5.66
CA ASN C 185 -63.99 23.65 5.50
C ASN C 185 -63.00 22.51 5.27
N ASN C 186 -61.73 22.70 5.62
CA ASN C 186 -60.82 21.57 5.82
C ASN C 186 -61.16 20.94 7.16
N LYS C 187 -60.90 19.64 7.28
CA LYS C 187 -61.43 18.90 8.42
C LYS C 187 -60.69 19.17 9.71
N ASN C 188 -59.52 19.80 9.66
CA ASN C 188 -58.84 20.23 10.87
C ASN C 188 -58.21 21.59 10.70
N TRP C 189 -58.94 22.53 10.10
CA TRP C 189 -58.53 23.92 10.15
C TRP C 189 -58.69 24.46 11.56
N SER C 190 -59.89 24.31 12.13
CA SER C 190 -60.19 24.86 13.44
C SER C 190 -59.57 24.09 14.59
N ALA C 191 -58.74 23.09 14.33
CA ALA C 191 -57.99 22.40 15.36
C ALA C 191 -56.52 22.80 15.40
N ILE C 192 -56.03 23.48 14.36
CA ILE C 192 -54.67 24.01 14.36
C ILE C 192 -54.64 25.51 14.49
N VAL C 193 -55.78 26.19 14.39
CA VAL C 193 -55.82 27.59 14.80
C VAL C 193 -55.80 27.69 16.32
N GLU C 194 -56.47 26.77 17.00
CA GLU C 194 -56.58 26.80 18.46
C GLU C 194 -55.23 26.63 19.15
N MET C 195 -54.30 25.92 18.53
CA MET C 195 -53.01 25.78 19.17
C MET C 195 -52.11 26.99 18.95
N ILE C 196 -52.30 27.72 17.85
CA ILE C 196 -51.65 29.03 17.71
C ILE C 196 -52.24 30.01 18.72
N LYS C 197 -53.54 29.90 18.94
CA LYS C 197 -54.25 30.74 19.89
C LYS C 197 -53.74 30.52 21.32
N THR C 198 -53.69 29.27 21.77
CA THR C 198 -53.15 28.97 23.09
C THR C 198 -51.64 29.10 23.15
N ALA C 199 -50.95 29.20 22.02
CA ALA C 199 -49.55 29.61 22.07
C ALA C 199 -49.44 31.07 22.43
N PHE C 200 -50.28 31.93 21.85
CA PHE C 200 -50.23 33.33 22.25
C PHE C 200 -50.89 33.60 23.58
N SER C 201 -51.73 32.71 24.08
CA SER C 201 -52.54 33.01 25.25
C SER C 201 -51.87 32.67 26.57
N SER C 202 -51.00 31.68 26.61
CA SER C 202 -50.49 31.19 27.87
C SER C 202 -49.17 31.87 28.22
N THR C 203 -48.76 31.71 29.48
CA THR C 203 -47.60 32.42 30.01
C THR C 203 -46.30 31.87 29.42
N ASP C 204 -46.21 30.56 29.27
CA ASP C 204 -45.06 29.95 28.59
C ASP C 204 -45.54 28.87 27.62
N GLY C 205 -46.56 29.19 26.83
CA GLY C 205 -47.04 28.29 25.81
C GLY C 205 -46.12 28.25 24.60
N LEU C 206 -46.39 27.31 23.71
CA LEU C 206 -45.51 27.04 22.57
C LEU C 206 -46.26 26.23 21.53
N ALA C 207 -45.97 26.49 20.26
CA ALA C 207 -46.44 25.67 19.15
C ALA C 207 -45.35 25.60 18.11
N ILE C 208 -45.13 24.44 17.51
CA ILE C 208 -44.08 24.28 16.50
C ILE C 208 -44.66 23.55 15.29
N PHE C 209 -44.55 24.15 14.11
CA PHE C 209 -44.97 23.52 12.87
C PHE C 209 -43.76 23.15 12.03
N GLU C 210 -43.78 21.96 11.43
CA GLU C 210 -42.78 21.58 10.42
C GLU C 210 -43.46 21.37 9.09
N VAL C 211 -42.99 22.08 8.07
CA VAL C 211 -43.71 22.28 6.82
C VAL C 211 -42.86 21.76 5.66
N ARG C 212 -43.47 20.96 4.79
CA ARG C 212 -42.86 20.67 3.50
C ARG C 212 -43.87 20.85 2.37
N ALA C 213 -43.35 21.08 1.17
CA ALA C 213 -44.17 21.35 0.00
C ALA C 213 -43.51 20.82 -1.24
N THR C 214 -44.29 20.18 -2.11
CA THR C 214 -43.80 19.69 -3.40
C THR C 214 -44.25 20.59 -4.53
N LEU C 215 -43.34 20.84 -5.46
CA LEU C 215 -43.52 21.72 -6.62
C LEU C 215 -43.28 20.93 -7.90
N HIS C 216 -44.29 20.85 -8.75
CA HIS C 216 -44.16 20.20 -10.05
C HIS C 216 -43.90 21.26 -11.10
N LEU C 217 -42.64 21.66 -11.24
CA LEU C 217 -42.23 22.60 -12.27
C LEU C 217 -42.15 21.91 -13.62
N PRO C 218 -42.24 22.65 -14.74
CA PRO C 218 -42.03 22.02 -16.05
C PRO C 218 -40.58 21.72 -16.40
N THR C 219 -40.33 21.31 -17.64
CA THR C 219 -39.03 20.78 -18.07
C THR C 219 -37.94 21.83 -18.01
N ASN C 220 -36.86 21.52 -17.27
CA ASN C 220 -35.67 22.37 -17.12
C ASN C 220 -36.00 23.75 -16.57
N ALA C 221 -37.06 23.86 -15.77
CA ALA C 221 -37.59 25.13 -15.33
C ALA C 221 -36.62 25.82 -14.40
N MET C 222 -36.85 27.11 -14.18
CA MET C 222 -35.93 27.94 -13.42
C MET C 222 -36.36 27.98 -11.96
N VAL C 223 -35.37 27.93 -11.06
CA VAL C 223 -35.62 28.00 -9.62
C VAL C 223 -34.94 29.25 -9.10
N ARG C 224 -35.66 30.03 -8.28
CA ARG C 224 -35.26 31.38 -7.91
C ARG C 224 -35.03 31.49 -6.41
N PRO C 225 -33.79 31.40 -5.92
CA PRO C 225 -33.54 31.54 -4.49
C PRO C 225 -33.18 32.97 -4.09
N SER C 226 -33.00 33.23 -2.81
CA SER C 226 -32.68 34.57 -2.33
C SER C 226 -31.26 34.94 -2.71
N GLN C 227 -30.93 36.22 -2.56
CA GLN C 227 -29.68 36.77 -3.07
C GLN C 227 -28.94 37.48 -1.95
N VAL C 228 -27.69 37.86 -2.21
CA VAL C 228 -26.85 38.46 -1.18
C VAL C 228 -26.86 39.96 -1.34
N PHE C 229 -26.43 40.64 -0.28
CA PHE C 229 -26.21 42.09 -0.32
C PHE C 229 -24.74 42.29 -0.61
N THR C 230 -24.40 42.40 -1.88
CA THR C 230 -23.04 42.73 -2.31
C THR C 230 -22.95 44.24 -2.49
N GLU C 231 -21.94 44.84 -1.86
CA GLU C 231 -21.73 46.28 -1.94
C GLU C 231 -21.05 46.66 -3.25
N GLN C 243 -16.51 41.68 -11.30
CA GLN C 243 -17.79 41.75 -10.61
C GLN C 243 -18.75 40.65 -11.07
N ASN C 244 -19.73 40.38 -10.21
CA ASN C 244 -20.73 39.34 -10.42
C ASN C 244 -22.07 39.93 -10.02
N SER C 245 -23.04 39.85 -10.91
CA SER C 245 -24.42 40.16 -10.56
C SER C 245 -25.18 38.85 -10.32
N ARG C 246 -26.19 38.91 -9.45
CA ARG C 246 -27.01 37.77 -9.05
C ARG C 246 -26.15 36.66 -8.45
N VAL C 247 -25.65 36.93 -7.24
CA VAL C 247 -25.01 35.93 -6.40
C VAL C 247 -26.05 35.40 -5.42
N PHE C 248 -26.06 34.09 -5.20
CA PHE C 248 -27.07 33.42 -4.38
C PHE C 248 -26.60 33.21 -2.96
N GLN C 249 -27.55 33.14 -2.03
CA GLN C 249 -27.27 32.70 -0.67
C GLN C 249 -27.26 31.19 -0.60
N SER C 250 -26.21 30.63 -0.02
CA SER C 250 -25.94 29.20 -0.12
C SER C 250 -25.82 28.57 1.26
N THR C 251 -25.54 27.27 1.27
CA THR C 251 -25.43 26.45 2.47
C THR C 251 -24.55 25.25 2.14
N THR C 252 -24.56 24.24 3.01
CA THR C 252 -23.88 22.97 2.72
C THR C 252 -24.73 21.84 3.25
N ILE C 253 -25.36 21.10 2.34
CA ILE C 253 -26.19 19.96 2.67
C ILE C 253 -25.56 18.74 2.03
N ASP C 254 -25.20 17.75 2.85
CA ASP C 254 -24.52 16.51 2.45
C ASP C 254 -23.22 16.83 1.72
N GLY C 255 -22.46 17.79 2.27
CA GLY C 255 -21.18 18.19 1.72
C GLY C 255 -21.23 18.99 0.43
N GLU C 256 -22.42 19.29 -0.07
CA GLU C 256 -22.62 19.90 -1.37
C GLU C 256 -22.67 21.42 -1.18
N ARG C 257 -23.12 22.15 -2.19
CA ARG C 257 -23.53 23.54 -2.03
C ARG C 257 -24.93 23.66 -2.60
N SER C 258 -25.83 24.22 -1.82
CA SER C 258 -27.24 24.29 -2.16
C SER C 258 -27.75 25.70 -1.92
N PRO C 259 -28.72 26.17 -2.70
CA PRO C 259 -29.34 27.46 -2.42
C PRO C 259 -30.49 27.34 -1.42
N ILE C 260 -30.75 28.42 -0.67
CA ILE C 260 -31.60 28.34 0.51
C ILE C 260 -32.98 28.95 0.33
N LEU C 261 -33.10 30.18 -0.21
CA LEU C 261 -34.26 31.06 -0.05
C LEU C 261 -34.49 31.45 1.42
N GLY C 262 -33.51 32.14 1.99
CA GLY C 262 -33.74 33.07 3.08
C GLY C 262 -33.96 32.46 4.45
N ALA C 263 -33.76 33.30 5.47
CA ALA C 263 -34.22 33.02 6.83
C ALA C 263 -35.11 34.15 7.32
N PHE C 264 -34.69 35.37 7.04
CA PHE C 264 -35.46 36.57 7.29
C PHE C 264 -36.43 36.85 6.17
N LYS C 265 -36.12 36.36 4.97
CA LYS C 265 -37.02 36.52 3.84
C LYS C 265 -38.26 35.64 4.02
N THR C 266 -38.09 34.47 4.63
CA THR C 266 -39.21 33.62 4.99
C THR C 266 -40.06 34.26 6.07
N GLY C 267 -39.42 34.95 7.02
CA GLY C 267 -40.18 35.63 8.04
C GLY C 267 -40.96 36.80 7.51
N ALA C 268 -40.38 37.52 6.55
CA ALA C 268 -41.11 38.56 5.85
C ALA C 268 -42.23 38.01 4.98
N ALA C 269 -42.17 36.74 4.58
CA ALA C 269 -43.20 36.15 3.75
C ALA C 269 -44.45 35.79 4.52
N ILE C 270 -44.37 35.49 5.81
CA ILE C 270 -45.56 35.11 6.56
C ILE C 270 -46.07 36.24 7.44
N ALA C 271 -45.44 37.40 7.40
CA ALA C 271 -45.85 38.56 8.16
C ALA C 271 -46.30 39.71 7.25
N THR C 272 -46.94 39.38 6.13
CA THR C 272 -47.60 40.35 5.26
C THR C 272 -49.09 40.16 5.47
N ILE C 273 -49.63 40.83 6.49
CA ILE C 273 -51.06 40.75 6.79
C ILE C 273 -51.74 42.11 6.83
N ASP C 274 -50.99 43.19 6.65
CA ASP C 274 -51.44 44.57 6.89
C ASP C 274 -52.29 45.04 5.72
N ASP C 275 -53.61 45.03 5.86
CA ASP C 275 -54.45 45.72 4.88
C ASP C 275 -55.43 46.64 5.57
N TRP C 276 -55.02 47.20 6.70
CA TRP C 276 -55.86 48.09 7.48
C TRP C 276 -55.53 49.56 7.24
N TYR C 277 -54.66 49.83 6.28
CA TYR C 277 -54.13 51.16 6.02
C TYR C 277 -55.20 52.01 5.33
N PRO C 278 -54.97 53.36 5.14
CA PRO C 278 -56.01 54.20 4.51
C PRO C 278 -56.60 53.80 3.15
N GLU C 279 -55.82 53.60 2.09
CA GLU C 279 -56.48 53.28 0.82
C GLU C 279 -56.91 51.80 0.76
N ALA C 280 -56.17 50.90 1.41
CA ALA C 280 -56.57 49.54 1.76
C ALA C 280 -56.94 48.70 0.53
N THR C 281 -55.93 48.44 -0.29
CA THR C 281 -56.13 47.60 -1.48
C THR C 281 -55.53 46.21 -1.35
N GLU C 282 -54.28 46.09 -0.92
CA GLU C 282 -53.58 44.81 -0.93
C GLU C 282 -52.58 44.77 0.21
N PRO C 283 -52.32 43.59 0.78
CA PRO C 283 -51.57 43.52 2.05
C PRO C 283 -50.10 43.87 1.91
N LEU C 284 -49.47 44.17 3.04
CA LEU C 284 -48.06 44.51 3.03
C LEU C 284 -47.41 44.16 4.37
N ARG C 285 -46.08 44.24 4.37
CA ARG C 285 -45.22 43.90 5.50
C ARG C 285 -45.46 44.79 6.70
N VAL C 286 -45.77 44.19 7.86
CA VAL C 286 -46.02 44.96 9.07
C VAL C 286 -44.75 45.65 9.53
N GLY C 287 -44.84 46.96 9.70
CA GLY C 287 -43.70 47.73 10.14
C GLY C 287 -44.11 48.98 10.89
N ARG C 288 -43.15 49.87 11.12
CA ARG C 288 -43.46 51.08 11.85
C ARG C 288 -44.14 52.10 10.95
N PHE C 289 -43.48 52.48 9.84
CA PHE C 289 -43.94 53.59 9.01
C PHE C 289 -44.56 53.13 7.71
N GLY C 290 -45.04 51.88 7.63
CA GLY C 290 -45.79 51.38 6.49
C GLY C 290 -45.13 51.37 5.13
N VAL C 291 -44.00 50.67 4.99
CA VAL C 291 -43.21 50.73 3.77
C VAL C 291 -43.76 49.78 2.73
N HIS C 292 -44.01 50.31 1.54
CA HIS C 292 -44.32 49.50 0.38
C HIS C 292 -43.07 49.38 -0.48
N ARG C 293 -42.92 48.25 -1.16
CA ARG C 293 -41.67 47.95 -1.83
C ARG C 293 -41.74 48.09 -3.34
N GLU C 294 -42.86 47.70 -3.95
CA GLU C 294 -43.10 47.98 -5.36
C GLU C 294 -43.13 49.49 -5.59
N ASP C 295 -44.16 50.14 -5.08
CA ASP C 295 -44.17 51.59 -5.01
C ASP C 295 -43.21 52.01 -3.92
N VAL C 296 -42.29 52.92 -4.24
CA VAL C 296 -41.17 53.10 -3.31
C VAL C 296 -41.50 54.31 -2.42
N THR C 297 -42.78 54.57 -2.25
CA THR C 297 -43.27 55.45 -1.20
C THR C 297 -43.68 54.59 -0.01
N CYS C 298 -44.22 55.23 1.00
CA CYS C 298 -44.74 54.54 2.18
C CYS C 298 -46.19 54.97 2.44
N TYR C 299 -46.96 54.06 3.01
CA TYR C 299 -48.23 54.43 3.62
C TYR C 299 -47.89 54.78 5.06
N ARG C 300 -48.89 54.95 5.94
CA ARG C 300 -48.70 55.01 7.41
C ARG C 300 -47.69 56.07 7.87
N HIS C 301 -47.55 57.15 7.10
CA HIS C 301 -46.49 58.12 7.33
C HIS C 301 -46.82 58.95 8.57
N PRO C 302 -45.77 59.50 9.28
CA PRO C 302 -46.04 60.31 10.48
C PRO C 302 -46.69 61.66 10.26
N SER C 303 -47.09 61.98 9.04
CA SER C 303 -47.93 63.13 8.77
C SER C 303 -49.38 62.74 8.53
N THR C 304 -49.72 61.47 8.74
CA THR C 304 -51.08 60.98 8.64
C THR C 304 -51.63 60.45 9.95
N GLY C 305 -50.82 60.41 10.99
CA GLY C 305 -51.27 59.93 12.29
C GLY C 305 -51.54 58.45 12.34
N LYS C 306 -50.92 57.66 11.47
CA LYS C 306 -51.14 56.23 11.42
C LYS C 306 -49.87 55.42 11.55
N ASP C 307 -48.74 56.05 11.85
CA ASP C 307 -47.56 55.27 12.19
C ASP C 307 -47.74 54.62 13.55
N PHE C 308 -46.80 53.74 13.90
CA PHE C 308 -46.94 52.96 15.12
C PHE C 308 -46.77 53.79 16.36
N PHE C 309 -45.99 54.87 16.30
CA PHE C 309 -45.71 55.63 17.51
C PHE C 309 -46.86 56.55 17.89
N SER C 310 -47.59 57.05 16.89
CA SER C 310 -48.80 57.82 17.18
C SER C 310 -49.92 56.95 17.74
N ILE C 311 -49.85 55.64 17.61
CA ILE C 311 -50.84 54.75 18.17
C ILE C 311 -50.36 54.26 19.53
N LEU C 312 -49.04 54.06 19.68
CA LEU C 312 -48.46 53.68 20.96
C LEU C 312 -48.58 54.81 21.99
N GLN C 313 -48.71 56.06 21.54
CA GLN C 313 -48.97 57.17 22.44
C GLN C 313 -50.46 57.48 22.60
N GLN C 314 -51.32 56.45 22.49
CA GLN C 314 -52.74 56.59 22.74
C GLN C 314 -53.27 55.41 23.55
N ALA C 315 -52.39 54.73 24.28
CA ALA C 315 -52.71 53.43 24.88
C ALA C 315 -53.78 53.55 25.96
N GLU C 316 -53.83 54.67 26.67
CA GLU C 316 -54.84 54.82 27.72
C GLU C 316 -56.22 55.06 27.13
N HIS C 317 -56.30 55.78 26.01
CA HIS C 317 -57.56 55.90 25.29
C HIS C 317 -58.04 54.54 24.78
N TYR C 318 -57.11 53.70 24.32
CA TYR C 318 -57.52 52.36 23.90
C TYR C 318 -57.94 51.49 25.07
N ILE C 319 -57.27 51.65 26.23
CA ILE C 319 -57.63 50.91 27.43
C ILE C 319 -59.03 51.30 27.90
N GLU C 320 -59.36 52.59 27.85
CA GLU C 320 -60.69 52.97 28.30
C GLU C 320 -61.77 52.67 27.27
N VAL C 321 -61.42 52.50 25.99
CA VAL C 321 -62.46 52.16 25.02
C VAL C 321 -62.67 50.65 24.93
N LEU C 322 -61.68 49.85 25.34
CA LEU C 322 -61.87 48.40 25.43
C LEU C 322 -62.44 47.97 26.77
N SER C 323 -62.94 48.90 27.58
CA SER C 323 -63.42 48.55 28.92
C SER C 323 -64.89 48.91 29.10
N ALA C 324 -65.72 48.59 28.12
CA ALA C 324 -67.13 48.90 28.20
C ALA C 324 -67.96 47.88 27.43
N THR C 327 -67.23 47.35 20.91
CA THR C 327 -66.43 48.34 20.21
C THR C 327 -66.68 48.24 18.71
N PRO C 328 -67.01 49.35 18.06
CA PRO C 328 -67.24 49.33 16.61
C PRO C 328 -65.95 49.33 15.83
N ALA C 329 -66.01 48.76 14.63
CA ALA C 329 -64.83 48.33 13.88
C ALA C 329 -64.39 49.31 12.81
N GLN C 330 -64.51 50.62 13.03
CA GLN C 330 -64.20 51.55 11.96
C GLN C 330 -62.70 51.68 11.76
N GLU C 331 -61.96 52.11 12.77
CA GLU C 331 -60.50 52.10 12.69
C GLU C 331 -59.87 51.74 14.02
N THR C 332 -60.62 51.78 15.13
CA THR C 332 -60.07 51.50 16.46
C THR C 332 -59.63 50.05 16.58
N ILE C 333 -60.50 49.13 16.15
CA ILE C 333 -60.12 47.72 16.09
C ILE C 333 -58.97 47.51 15.12
N ASN C 334 -58.96 48.25 14.01
CA ASN C 334 -57.88 48.10 13.04
C ASN C 334 -56.57 48.68 13.56
N ASP C 335 -56.63 49.78 14.32
CA ASP C 335 -55.42 50.34 14.90
C ASP C 335 -54.87 49.46 16.00
N MET C 336 -55.73 48.73 16.72
CA MET C 336 -55.16 47.84 17.71
C MET C 336 -54.74 46.48 17.15
N HIS C 337 -55.34 46.02 16.04
CA HIS C 337 -54.72 44.93 15.29
C HIS C 337 -53.33 45.32 14.83
N PHE C 338 -53.17 46.55 14.37
CA PHE C 338 -51.86 47.01 13.92
C PHE C 338 -50.87 47.08 15.08
N LEU C 339 -51.30 47.57 16.24
CA LEU C 339 -50.42 47.61 17.41
C LEU C 339 -50.03 46.22 17.88
N MET C 340 -50.95 45.27 17.85
CA MET C 340 -50.61 43.94 18.35
C MET C 340 -49.77 43.15 17.34
N ALA C 341 -50.03 43.32 16.05
CA ALA C 341 -49.18 42.71 15.03
C ALA C 341 -47.85 43.41 14.89
N ASN C 342 -47.66 44.55 15.52
CA ASN C 342 -46.36 45.18 15.58
C ASN C 342 -45.66 44.92 16.91
N LEU C 343 -46.36 44.37 17.90
CA LEU C 343 -45.67 43.83 19.08
C LEU C 343 -45.29 42.36 18.94
N ILE C 344 -45.98 41.60 18.08
CA ILE C 344 -45.58 40.23 17.76
C ILE C 344 -44.24 40.16 17.03
N LYS C 345 -43.83 41.22 16.34
CA LYS C 345 -42.52 41.22 15.72
C LYS C 345 -41.53 42.19 16.35
N GLY C 346 -41.91 42.90 17.41
CA GLY C 346 -41.33 44.19 17.72
C GLY C 346 -39.90 44.17 18.17
N GLY C 347 -39.33 45.38 18.26
CA GLY C 347 -37.96 45.59 18.67
C GLY C 347 -37.84 46.86 19.48
N MET C 348 -36.80 47.67 19.28
CA MET C 348 -36.57 48.81 20.16
C MET C 348 -37.55 49.94 19.87
N PHE C 349 -38.06 50.55 20.93
CA PHE C 349 -38.94 51.70 20.82
C PHE C 349 -38.42 52.84 21.69
N GLN C 350 -37.13 53.14 21.59
CA GLN C 350 -36.40 53.89 22.62
C GLN C 350 -36.41 55.40 22.41
N HIS C 351 -35.99 55.85 21.23
CA HIS C 351 -35.51 57.21 20.96
C HIS C 351 -34.37 57.58 21.91
N LYS C 352 -33.26 56.86 21.72
CA LYS C 352 -32.00 57.02 22.46
C LYS C 352 -32.16 56.87 23.96
N LYS D 4 -40.80 63.44 -17.24
CA LYS D 4 -40.80 62.04 -17.62
C LYS D 4 -39.56 61.33 -17.08
N LEU D 5 -39.52 60.00 -17.28
CA LEU D 5 -38.41 59.10 -17.00
C LEU D 5 -38.02 59.11 -15.52
N PRO D 6 -38.78 58.43 -14.63
CA PRO D 6 -38.38 58.35 -13.22
C PRO D 6 -37.06 57.63 -13.01
N THR D 7 -36.54 57.63 -11.79
CA THR D 7 -35.26 57.00 -11.54
C THR D 7 -35.36 55.67 -10.80
N ASN D 8 -36.56 55.10 -10.71
CA ASN D 8 -36.74 53.67 -10.43
C ASN D 8 -37.89 53.21 -11.31
N LEU D 9 -37.59 52.55 -12.42
CA LEU D 9 -38.61 51.95 -13.28
C LEU D 9 -38.05 50.67 -13.86
N ALA D 10 -38.76 49.56 -13.72
CA ALA D 10 -38.27 48.27 -14.17
C ALA D 10 -39.45 47.36 -14.45
N TYR D 11 -39.33 46.51 -15.47
CA TYR D 11 -40.32 45.46 -15.63
C TYR D 11 -39.65 44.10 -15.51
N GLU D 12 -40.46 43.08 -15.33
CA GLU D 12 -40.05 41.69 -15.40
C GLU D 12 -40.18 41.18 -16.83
N ARG D 13 -39.42 40.13 -17.15
CA ARG D 13 -39.56 39.52 -18.46
C ARG D 13 -40.84 38.70 -18.49
N SER D 14 -41.44 38.60 -19.67
CA SER D 14 -42.76 38.01 -19.77
C SER D 14 -42.77 36.70 -20.56
N ILE D 15 -41.61 36.21 -21.00
CA ILE D 15 -41.47 34.91 -21.66
C ILE D 15 -40.22 34.24 -21.12
N ASP D 16 -40.37 33.07 -20.50
CA ASP D 16 -39.24 32.29 -19.97
C ASP D 16 -38.93 31.09 -20.85
N PRO D 17 -37.82 31.05 -21.54
CA PRO D 17 -37.39 29.79 -22.15
C PRO D 17 -36.60 28.94 -21.18
N SER D 18 -36.09 27.81 -21.65
CA SER D 18 -35.26 26.92 -20.87
C SER D 18 -34.18 26.37 -21.79
N ASP D 19 -33.29 25.56 -21.25
CA ASP D 19 -32.27 24.95 -22.08
C ASP D 19 -32.88 23.94 -23.02
N VAL D 20 -32.19 23.66 -24.11
CA VAL D 20 -32.58 22.60 -25.02
C VAL D 20 -31.72 21.39 -24.69
N CYS D 21 -32.24 20.20 -24.90
CA CYS D 21 -31.48 18.98 -24.66
C CYS D 21 -31.43 18.15 -25.92
N PHE D 22 -30.27 17.54 -26.16
CA PHE D 22 -29.97 16.73 -27.34
C PHE D 22 -29.90 15.26 -26.96
N PHE D 23 -30.77 14.44 -27.54
CA PHE D 23 -30.75 13.00 -27.38
C PHE D 23 -30.56 12.34 -28.74
N VAL D 24 -29.97 11.16 -28.74
CA VAL D 24 -29.71 10.38 -29.94
C VAL D 24 -30.66 9.20 -29.93
N VAL D 25 -31.43 9.03 -31.00
CA VAL D 25 -32.43 7.99 -31.07
C VAL D 25 -31.95 6.98 -32.09
N TRP D 26 -31.84 5.71 -31.65
CA TRP D 26 -31.35 4.50 -32.28
C TRP D 26 -32.49 3.75 -32.96
N PRO D 27 -32.20 2.84 -33.89
CA PRO D 27 -33.28 2.17 -34.63
C PRO D 27 -34.13 1.17 -33.85
N ASP D 28 -33.89 0.91 -32.56
CA ASP D 28 -34.86 0.13 -31.79
C ASP D 28 -35.41 0.91 -30.60
N ASP D 29 -35.49 2.23 -30.74
CA ASP D 29 -36.10 3.16 -29.79
C ASP D 29 -35.44 3.08 -28.40
N ARG D 30 -34.18 3.50 -28.35
CA ARG D 30 -33.57 3.88 -27.09
C ARG D 30 -32.87 5.21 -27.29
N LYS D 31 -32.92 6.05 -26.27
CA LYS D 31 -32.48 7.43 -26.35
C LYS D 31 -31.27 7.62 -25.46
N THR D 32 -30.14 7.93 -26.04
CA THR D 32 -28.97 8.14 -25.20
C THR D 32 -28.49 9.58 -25.36
N PRO D 33 -27.90 10.18 -24.32
CA PRO D 33 -27.54 11.61 -24.42
C PRO D 33 -26.40 11.85 -25.39
N LEU D 34 -26.62 12.78 -26.31
CA LEU D 34 -25.59 13.18 -27.27
C LEU D 34 -24.40 13.76 -26.54
N THR D 35 -23.20 13.27 -26.86
CA THR D 35 -22.00 13.67 -26.15
C THR D 35 -20.95 14.13 -27.15
N TYR D 36 -19.89 14.74 -26.66
CA TYR D 36 -18.86 15.31 -27.50
C TYR D 36 -17.46 14.95 -26.99
N ASN D 37 -16.47 15.29 -27.81
CA ASN D 37 -15.06 15.04 -27.49
C ASN D 37 -14.24 16.27 -27.88
N SER D 38 -12.94 16.21 -27.64
CA SER D 38 -12.04 17.29 -27.99
C SER D 38 -10.93 16.77 -28.90
N ARG D 39 -10.50 17.60 -29.85
CA ARG D 39 -9.59 17.18 -30.92
C ARG D 39 -8.56 18.26 -31.15
N THR D 40 -7.29 17.86 -31.18
CA THR D 40 -6.18 18.76 -31.43
C THR D 40 -5.85 18.77 -32.91
N LEU D 41 -5.93 19.94 -33.52
CA LEU D 41 -5.88 20.10 -34.96
C LEU D 41 -4.58 20.73 -35.40
N LEU D 42 -4.29 20.57 -36.68
CA LEU D 42 -3.15 21.18 -37.33
C LEU D 42 -3.70 22.08 -38.42
N GLY D 43 -3.44 23.38 -38.34
CA GLY D 43 -3.79 24.31 -39.38
C GLY D 43 -2.53 24.95 -39.95
N GLN D 44 -2.74 25.82 -40.92
CA GLN D 44 -1.64 26.55 -41.53
C GLN D 44 -1.76 28.04 -41.21
N MET D 45 -0.72 28.79 -41.57
CA MET D 45 -0.58 30.19 -41.17
C MET D 45 -1.47 31.10 -42.04
N GLU D 46 -2.77 31.04 -41.78
CA GLU D 46 -3.75 31.71 -42.64
C GLU D 46 -4.31 32.99 -42.05
N ALA D 47 -3.49 33.81 -41.39
CA ALA D 47 -3.97 35.09 -40.92
C ALA D 47 -3.24 36.21 -41.66
N ALA D 48 -3.91 37.37 -41.74
CA ALA D 48 -3.30 38.53 -42.36
C ALA D 48 -2.25 39.19 -41.48
N SER D 49 -2.30 38.98 -40.17
CA SER D 49 -1.37 39.62 -39.24
C SER D 49 -0.03 38.92 -39.16
N LEU D 50 0.23 37.92 -40.00
CA LEU D 50 1.50 37.23 -40.01
C LEU D 50 2.36 37.57 -41.20
N ALA D 51 1.80 38.20 -42.23
CA ALA D 51 2.60 38.59 -43.37
C ALA D 51 2.33 40.01 -43.84
N TYR D 52 1.61 40.81 -43.06
CA TYR D 52 1.41 42.22 -43.39
C TYR D 52 1.36 43.01 -42.10
N ASP D 53 1.94 44.21 -42.11
CA ASP D 53 1.92 45.10 -40.96
C ASP D 53 0.60 45.87 -40.93
N VAL D 54 0.52 46.87 -40.06
CA VAL D 54 -0.69 47.66 -39.91
C VAL D 54 -0.93 48.50 -41.15
N SER D 55 0.13 49.06 -41.73
CA SER D 55 -0.02 49.86 -42.95
C SER D 55 -0.32 49.02 -44.18
N GLY D 56 0.02 47.73 -44.16
CA GLY D 56 -0.15 46.89 -45.33
C GLY D 56 1.15 46.66 -46.07
N GLN D 57 2.22 46.39 -45.32
CA GLN D 57 3.54 46.18 -45.87
C GLN D 57 4.09 44.88 -45.32
N PRO D 58 4.78 44.07 -46.13
CA PRO D 58 5.22 42.75 -45.67
C PRO D 58 6.33 42.82 -44.62
N ILE D 59 6.36 41.79 -43.79
CA ILE D 59 7.31 41.67 -42.70
C ILE D 59 8.57 41.03 -43.25
N LYS D 60 9.74 41.47 -42.77
CA LYS D 60 10.99 40.77 -43.07
C LYS D 60 11.27 39.65 -42.08
N SER D 61 10.26 38.84 -41.79
CA SER D 61 10.39 37.63 -40.97
C SER D 61 9.64 36.45 -41.52
N ALA D 62 8.56 36.65 -42.26
CA ALA D 62 7.72 35.57 -42.76
C ALA D 62 8.23 35.22 -44.15
N THR D 63 9.23 34.35 -44.18
CA THR D 63 9.86 33.94 -45.42
C THR D 63 9.05 32.80 -46.04
N ALA D 64 9.62 32.13 -47.04
CA ALA D 64 8.93 31.00 -47.64
C ALA D 64 8.83 29.83 -46.67
N GLU D 65 9.85 29.64 -45.84
CA GLU D 65 9.88 28.45 -45.00
C GLU D 65 9.07 28.62 -43.72
N ALA D 66 8.94 29.83 -43.21
CA ALA D 66 8.20 30.05 -41.97
C ALA D 66 6.69 30.13 -42.16
N LEU D 67 6.23 30.54 -43.34
CA LEU D 67 4.79 30.51 -43.59
C LEU D 67 4.29 29.13 -43.98
N ALA D 68 5.17 28.20 -44.30
CA ALA D 68 4.79 26.84 -44.63
C ALA D 68 4.92 25.91 -43.45
N GLN D 69 4.76 26.44 -42.25
CA GLN D 69 4.69 25.65 -41.05
C GLN D 69 3.23 25.40 -40.70
N GLY D 70 3.02 24.56 -39.71
CA GLY D 70 1.69 24.42 -39.17
C GLY D 70 1.62 25.07 -37.81
N ASN D 71 0.41 25.44 -37.40
CA ASN D 71 0.18 25.79 -36.01
C ASN D 71 -0.94 24.92 -35.46
N PRO D 72 -0.78 24.36 -34.26
CA PRO D 72 -1.83 23.50 -33.72
C PRO D 72 -2.87 24.27 -32.93
N HIS D 73 -4.12 23.91 -33.17
CA HIS D 73 -5.26 24.44 -32.45
C HIS D 73 -5.91 23.27 -31.72
N GLN D 74 -7.03 23.53 -31.05
CA GLN D 74 -7.69 22.50 -30.25
C GLN D 74 -9.14 22.89 -30.07
N VAL D 75 -10.05 22.08 -30.60
CA VAL D 75 -11.46 22.43 -30.60
C VAL D 75 -12.29 21.33 -29.95
N ASP D 76 -13.50 21.69 -29.54
CA ASP D 76 -14.50 20.68 -29.19
C ASP D 76 -15.24 20.26 -30.44
N PHE D 77 -15.65 19.00 -30.47
CA PHE D 77 -16.24 18.43 -31.66
C PHE D 77 -17.34 17.47 -31.26
N CYS D 78 -18.54 17.73 -31.76
CA CYS D 78 -19.71 16.89 -31.55
C CYS D 78 -20.28 16.50 -32.90
N HIS D 79 -20.72 15.26 -33.04
CA HIS D 79 -21.34 14.79 -34.27
C HIS D 79 -22.30 13.67 -33.97
N VAL D 80 -23.13 13.35 -34.94
CA VAL D 80 -24.08 12.24 -34.80
C VAL D 80 -23.33 10.93 -34.98
N PRO D 81 -23.40 9.99 -34.04
CA PRO D 81 -22.63 8.76 -34.18
C PRO D 81 -23.22 7.80 -35.20
N TYR D 82 -22.36 6.90 -35.68
CA TYR D 82 -22.73 6.00 -36.77
C TYR D 82 -23.78 4.99 -36.30
N GLY D 83 -24.77 4.75 -37.15
CA GLY D 83 -25.84 3.85 -36.82
C GLY D 83 -27.02 4.50 -36.13
N ALA D 84 -26.95 5.79 -35.82
CA ALA D 84 -28.05 6.50 -35.20
C ALA D 84 -29.20 6.65 -36.18
N SER D 85 -30.40 6.81 -35.65
CA SER D 85 -31.54 7.01 -36.53
C SER D 85 -31.91 8.47 -36.68
N HIS D 86 -31.95 9.25 -35.59
CA HIS D 86 -32.07 10.71 -35.68
C HIS D 86 -31.65 11.37 -34.36
N ILE D 87 -31.85 12.69 -34.28
CA ILE D 87 -31.61 13.50 -33.07
C ILE D 87 -32.95 14.02 -32.58
N GLU D 88 -33.15 14.09 -31.25
CA GLU D 88 -34.30 14.79 -30.68
C GLU D 88 -33.85 15.91 -29.77
N CYS D 89 -34.44 17.09 -29.99
CA CYS D 89 -34.16 18.30 -29.21
C CYS D 89 -35.40 18.63 -28.39
N SER D 90 -35.20 19.09 -27.17
CA SER D 90 -36.36 19.25 -26.29
C SER D 90 -36.22 20.43 -25.36
N PHE D 91 -37.26 21.27 -25.26
CA PHE D 91 -37.24 22.37 -24.32
C PHE D 91 -38.66 22.74 -23.93
N SER D 92 -38.79 23.77 -23.10
CA SER D 92 -40.08 24.27 -22.65
C SER D 92 -40.08 25.79 -22.69
N VAL D 93 -41.28 26.37 -22.76
CA VAL D 93 -41.45 27.82 -22.80
C VAL D 93 -42.75 28.15 -22.08
N SER D 94 -42.84 29.38 -21.57
CA SER D 94 -43.97 29.77 -20.73
C SER D 94 -44.27 31.25 -20.91
N PHE D 95 -45.54 31.57 -21.15
CA PHE D 95 -46.03 32.92 -21.38
C PHE D 95 -46.84 33.37 -20.17
N SER D 96 -46.60 34.58 -19.71
CA SER D 96 -47.26 35.10 -18.52
C SER D 96 -47.72 36.52 -18.82
N SER D 97 -48.15 37.24 -17.79
CA SER D 97 -48.69 38.58 -17.94
C SER D 97 -48.07 39.55 -16.95
N GLU D 98 -46.75 39.56 -16.84
CA GLU D 98 -46.13 40.56 -16.00
C GLU D 98 -45.67 41.77 -16.78
N LEU D 99 -46.28 42.05 -17.92
CA LEU D 99 -46.03 43.29 -18.64
C LEU D 99 -47.02 44.38 -18.29
N ARG D 100 -48.09 44.04 -17.57
CA ARG D 100 -49.20 44.96 -17.40
C ARG D 100 -48.87 46.06 -16.40
N GLN D 101 -48.04 45.77 -15.40
CA GLN D 101 -47.66 46.71 -14.37
C GLN D 101 -46.14 46.68 -14.20
N PRO D 102 -45.53 47.83 -13.93
CA PRO D 102 -44.08 47.84 -13.68
C PRO D 102 -43.73 47.15 -12.38
N TYR D 103 -42.51 46.61 -12.34
CA TYR D 103 -42.07 45.87 -11.17
C TYR D 103 -41.75 46.81 -10.01
N LYS D 104 -41.00 47.88 -10.27
CA LYS D 104 -40.78 48.95 -9.32
C LYS D 104 -41.04 50.27 -10.02
N CYS D 105 -41.67 51.22 -9.35
CA CYS D 105 -41.97 52.51 -9.95
C CYS D 105 -41.83 53.58 -8.89
N ASN D 106 -40.81 54.44 -9.04
CA ASN D 106 -40.50 55.52 -8.10
C ASN D 106 -41.63 56.53 -8.01
N SER D 107 -41.88 57.25 -9.09
CA SER D 107 -42.96 58.21 -9.11
C SER D 107 -44.28 57.51 -9.35
N SER D 108 -45.33 58.02 -8.74
CA SER D 108 -46.65 57.46 -8.96
C SER D 108 -47.33 58.06 -10.18
N LYS D 109 -46.70 59.03 -10.83
CA LYS D 109 -47.34 59.73 -11.95
C LYS D 109 -47.32 58.89 -13.22
N VAL D 110 -46.18 58.27 -13.52
CA VAL D 110 -46.02 57.56 -14.80
C VAL D 110 -46.65 56.17 -14.78
N LYS D 111 -46.98 55.65 -13.60
CA LYS D 111 -47.49 54.30 -13.48
C LYS D 111 -48.86 54.16 -14.14
N GLN D 112 -49.74 55.15 -13.96
CA GLN D 112 -51.06 55.06 -14.57
C GLN D 112 -50.99 55.32 -16.06
N THR D 113 -50.01 56.10 -16.51
CA THR D 113 -49.76 56.24 -17.94
C THR D 113 -49.42 54.90 -18.57
N LEU D 114 -48.51 54.14 -17.96
CA LEU D 114 -48.13 52.86 -18.55
C LEU D 114 -49.24 51.81 -18.45
N VAL D 115 -49.95 51.77 -17.32
CA VAL D 115 -51.08 50.84 -17.18
C VAL D 115 -52.19 51.15 -18.19
N GLN D 116 -52.52 52.43 -18.34
CA GLN D 116 -53.58 52.80 -19.26
C GLN D 116 -53.12 52.66 -20.71
N LEU D 117 -51.82 52.76 -20.97
CA LEU D 117 -51.33 52.56 -22.32
C LEU D 117 -51.39 51.10 -22.75
N VAL D 118 -51.05 50.18 -21.85
CA VAL D 118 -51.21 48.76 -22.16
C VAL D 118 -52.68 48.39 -22.35
N GLU D 119 -53.57 49.00 -21.56
CA GLU D 119 -54.99 48.70 -21.74
C GLU D 119 -55.55 49.29 -23.04
N LEU D 120 -55.16 50.51 -23.39
CA LEU D 120 -55.60 51.13 -24.63
C LEU D 120 -55.06 50.39 -25.85
N TYR D 121 -53.84 49.87 -25.75
CA TYR D 121 -53.29 49.04 -26.82
C TYR D 121 -54.11 47.77 -27.00
N GLU D 122 -54.41 47.07 -25.91
CA GLU D 122 -55.11 45.81 -26.11
C GLU D 122 -56.59 45.98 -26.43
N THR D 123 -57.16 47.17 -26.27
CA THR D 123 -58.55 47.34 -26.70
C THR D 123 -58.70 48.06 -28.03
N LYS D 124 -57.69 48.81 -28.48
CA LYS D 124 -57.75 49.47 -29.78
C LYS D 124 -57.10 48.62 -30.87
N ILE D 125 -55.97 47.99 -30.54
CA ILE D 125 -55.30 47.00 -31.35
C ILE D 125 -55.55 45.72 -30.57
N GLY D 126 -55.07 44.57 -31.03
CA GLY D 126 -55.23 43.34 -30.29
C GLY D 126 -53.89 42.74 -29.88
N TRP D 127 -53.98 41.64 -29.15
CA TRP D 127 -52.80 40.80 -29.00
C TRP D 127 -52.77 39.69 -30.03
N THR D 128 -52.96 39.99 -31.31
CA THR D 128 -52.97 38.93 -32.32
C THR D 128 -51.73 38.92 -33.18
N GLU D 129 -51.30 40.09 -33.66
CA GLU D 129 -50.11 40.16 -34.48
C GLU D 129 -48.86 39.76 -33.71
N LEU D 130 -48.72 40.24 -32.47
CA LEU D 130 -47.57 39.83 -31.67
C LEU D 130 -47.64 38.38 -31.24
N ALA D 131 -48.84 37.85 -30.95
CA ALA D 131 -48.96 36.45 -30.56
C ALA D 131 -48.55 35.52 -31.70
N THR D 132 -49.08 35.75 -32.91
CA THR D 132 -48.68 34.89 -34.02
C THR D 132 -47.23 35.13 -34.40
N ARG D 133 -46.72 36.34 -34.21
CA ARG D 133 -45.36 36.61 -34.59
C ARG D 133 -44.34 36.03 -33.61
N TYR D 134 -44.72 35.81 -32.34
CA TYR D 134 -43.88 35.05 -31.41
C TYR D 134 -44.06 33.54 -31.54
N LEU D 135 -45.22 33.07 -32.02
CA LEU D 135 -45.46 31.63 -32.07
C LEU D 135 -44.98 30.98 -33.35
N MET D 136 -44.94 31.73 -34.45
CA MET D 136 -44.33 31.22 -35.69
C MET D 136 -42.84 30.98 -35.50
N ASN D 137 -42.16 31.75 -34.66
CA ASN D 137 -40.76 31.51 -34.38
C ASN D 137 -40.53 30.35 -33.44
N ILE D 138 -41.56 29.78 -32.86
CA ILE D 138 -41.42 28.53 -32.12
C ILE D 138 -41.71 27.35 -33.01
N CYS D 139 -42.80 27.43 -33.77
CA CYS D 139 -43.29 26.27 -34.50
C CYS D 139 -42.54 25.98 -35.80
N ASN D 140 -41.40 26.61 -36.09
CA ASN D 140 -40.66 26.20 -37.28
C ASN D 140 -39.15 26.21 -37.07
N GLY D 141 -38.70 26.04 -35.85
CA GLY D 141 -37.29 25.81 -35.61
C GLY D 141 -36.37 26.99 -35.85
N LYS D 142 -36.75 28.17 -35.41
CA LYS D 142 -35.80 29.28 -35.40
C LYS D 142 -34.76 29.05 -34.32
N TRP D 143 -35.17 28.44 -33.21
CA TRP D 143 -34.33 28.13 -32.05
C TRP D 143 -33.35 26.99 -32.31
N LEU D 144 -33.49 26.26 -33.41
CA LEU D 144 -32.45 25.40 -33.95
C LEU D 144 -31.69 26.26 -34.95
N TRP D 145 -30.54 26.80 -34.53
CA TRP D 145 -30.00 27.94 -35.25
C TRP D 145 -29.35 27.54 -36.57
N LYS D 146 -28.23 26.83 -36.50
CA LYS D 146 -27.52 26.36 -37.68
C LYS D 146 -27.58 24.85 -37.80
N ASN D 147 -28.48 24.22 -37.07
CA ASN D 147 -28.65 22.79 -37.09
C ASN D 147 -29.70 22.34 -38.07
N THR D 148 -30.35 23.27 -38.79
CA THR D 148 -31.38 22.93 -39.75
C THR D 148 -31.06 23.30 -41.17
N ARG D 149 -30.02 24.07 -41.44
CA ARG D 149 -29.40 23.94 -42.74
C ARG D 149 -28.67 22.62 -42.79
N LYS D 150 -28.60 22.02 -43.98
CA LYS D 150 -27.87 20.78 -44.25
C LYS D 150 -28.49 19.60 -43.50
N ALA D 151 -29.81 19.48 -43.58
CA ALA D 151 -30.54 18.38 -42.98
C ALA D 151 -31.60 17.93 -43.96
N TYR D 152 -32.10 16.73 -43.76
CA TYR D 152 -33.13 16.22 -44.67
C TYR D 152 -34.49 16.79 -44.31
N CYS D 153 -34.96 16.50 -43.10
CA CYS D 153 -36.20 17.08 -42.62
C CYS D 153 -36.12 17.26 -41.12
N TRP D 154 -37.10 18.00 -40.59
CA TRP D 154 -37.26 18.14 -39.16
C TRP D 154 -38.74 18.32 -38.87
N ASN D 155 -39.20 17.70 -37.79
CA ASN D 155 -40.59 17.77 -37.39
C ASN D 155 -40.66 18.41 -36.02
N ILE D 156 -41.77 19.07 -35.71
CA ILE D 156 -41.92 19.79 -34.45
C ILE D 156 -43.26 19.44 -33.79
N VAL D 157 -43.20 19.01 -32.53
CA VAL D 157 -44.37 18.64 -31.76
C VAL D 157 -44.43 19.56 -30.55
N LEU D 158 -45.62 20.02 -30.19
CA LEU D 158 -45.77 20.73 -28.93
C LEU D 158 -47.02 20.27 -28.20
N THR D 159 -46.92 20.24 -26.87
CA THR D 159 -48.06 19.97 -26.01
C THR D 159 -48.31 21.16 -25.09
N PRO D 160 -49.43 21.85 -25.24
CA PRO D 160 -49.73 23.01 -24.42
C PRO D 160 -50.43 22.67 -23.11
N TRP D 161 -50.41 23.64 -22.20
CA TRP D 161 -51.08 23.51 -20.93
C TRP D 161 -51.65 24.89 -20.64
N PRO D 162 -52.92 25.01 -20.25
CA PRO D 162 -53.95 23.97 -20.09
C PRO D 162 -54.67 23.60 -21.39
N TRP D 163 -54.94 22.32 -21.60
CA TRP D 163 -55.35 21.84 -22.90
C TRP D 163 -56.24 20.62 -22.74
N ASN D 164 -57.21 20.50 -23.64
CA ASN D 164 -58.15 19.39 -23.64
C ASN D 164 -57.80 18.43 -24.78
N GLY D 165 -56.88 17.53 -24.49
CA GLY D 165 -56.62 16.42 -25.38
C GLY D 165 -55.23 16.26 -25.96
N GLU D 166 -55.14 16.46 -27.27
CA GLU D 166 -54.10 15.90 -28.11
C GLU D 166 -52.84 16.76 -28.08
N LYS D 167 -51.89 16.42 -28.95
CA LYS D 167 -50.69 17.20 -29.16
C LYS D 167 -50.73 17.79 -30.57
N VAL D 168 -50.00 18.88 -30.77
CA VAL D 168 -50.04 19.63 -32.02
C VAL D 168 -48.76 19.34 -32.79
N GLY D 169 -48.90 18.94 -34.04
CA GLY D 169 -47.77 18.49 -34.83
C GLY D 169 -47.60 19.28 -36.12
N PHE D 170 -46.35 19.57 -36.46
CA PHE D 170 -45.96 20.27 -37.68
C PHE D 170 -44.91 19.39 -38.35
N GLU D 171 -45.30 18.70 -39.43
CA GLU D 171 -44.41 17.78 -40.11
C GLU D 171 -43.86 18.37 -41.40
N ASP D 172 -42.57 18.09 -41.65
CA ASP D 172 -41.86 18.40 -42.89
C ASP D 172 -41.90 19.89 -43.18
N ILE D 173 -41.18 20.63 -42.32
CA ILE D 173 -41.32 22.07 -42.25
C ILE D 173 -40.69 22.76 -43.46
N ARG D 174 -39.66 22.16 -44.07
CA ARG D 174 -38.99 22.81 -45.20
C ARG D 174 -39.89 22.88 -46.44
N THR D 175 -40.83 21.96 -46.58
CA THR D 175 -41.67 21.89 -47.78
C THR D 175 -43.14 22.13 -47.52
N ASN D 176 -43.54 22.47 -46.30
CA ASN D 176 -44.94 22.70 -45.99
C ASN D 176 -45.24 24.02 -45.31
N TYR D 177 -44.35 24.51 -44.45
CA TYR D 177 -44.62 25.66 -43.61
C TYR D 177 -43.59 26.72 -43.98
N THR D 178 -43.91 27.52 -44.98
CA THR D 178 -43.03 28.56 -45.46
C THR D 178 -43.49 29.96 -45.07
N SER D 179 -44.77 30.26 -45.22
CA SER D 179 -45.33 31.59 -44.94
C SER D 179 -46.44 31.47 -43.91
N ARG D 180 -47.09 32.61 -43.64
CA ARG D 180 -48.07 32.68 -42.57
C ARG D 180 -49.35 31.92 -42.91
N GLN D 181 -49.70 31.83 -44.18
CA GLN D 181 -50.98 31.21 -44.54
C GLN D 181 -50.93 29.69 -44.49
N ASP D 182 -49.74 29.09 -44.60
CA ASP D 182 -49.62 27.65 -44.43
C ASP D 182 -49.75 27.27 -42.97
N PHE D 183 -49.18 28.10 -42.07
CA PHE D 183 -49.41 27.94 -40.64
C PHE D 183 -50.88 28.09 -40.29
N LYS D 184 -51.54 29.10 -40.85
CA LYS D 184 -52.95 29.33 -40.57
C LYS D 184 -53.88 28.28 -41.14
N ASN D 185 -53.45 27.55 -42.18
CA ASN D 185 -54.25 26.45 -42.72
C ASN D 185 -54.22 25.21 -41.85
N ASN D 186 -53.37 25.17 -40.84
CA ASN D 186 -53.40 24.08 -39.88
C ASN D 186 -54.67 24.16 -39.05
N LYS D 187 -55.22 22.99 -38.72
CA LYS D 187 -56.52 22.93 -38.06
C LYS D 187 -56.47 23.35 -36.61
N ASN D 188 -55.28 23.57 -36.05
CA ASN D 188 -55.13 23.70 -34.61
C ASN D 188 -54.33 24.95 -34.26
N TRP D 189 -54.36 25.95 -35.13
CA TRP D 189 -53.59 27.17 -34.96
C TRP D 189 -54.37 28.22 -34.20
N SER D 190 -55.63 28.43 -34.54
CA SER D 190 -56.43 29.42 -33.84
C SER D 190 -56.87 28.98 -32.45
N ALA D 191 -56.52 27.77 -32.01
CA ALA D 191 -56.77 27.36 -30.65
C ALA D 191 -55.57 27.59 -29.75
N ILE D 192 -54.36 27.66 -30.31
CA ILE D 192 -53.17 27.89 -29.52
C ILE D 192 -52.64 29.31 -29.69
N VAL D 193 -53.42 30.18 -30.32
CA VAL D 193 -53.12 31.61 -30.37
C VAL D 193 -54.04 32.30 -29.37
N GLU D 194 -55.26 31.80 -29.23
CA GLU D 194 -56.21 32.29 -28.24
C GLU D 194 -55.77 32.04 -26.81
N MET D 195 -54.77 31.19 -26.56
CA MET D 195 -54.24 31.00 -25.22
C MET D 195 -52.90 31.68 -25.02
N ILE D 196 -52.44 32.48 -25.97
CA ILE D 196 -51.39 33.45 -25.71
C ILE D 196 -51.98 34.85 -25.57
N LYS D 197 -53.19 35.07 -26.06
CA LYS D 197 -53.91 36.30 -25.80
C LYS D 197 -54.57 36.28 -24.43
N THR D 198 -55.09 35.12 -24.04
CA THR D 198 -55.63 34.94 -22.70
C THR D 198 -54.54 35.05 -21.64
N ALA D 199 -53.31 34.68 -21.97
CA ALA D 199 -52.20 34.89 -21.05
C ALA D 199 -51.91 36.37 -20.88
N PHE D 200 -51.59 37.04 -21.98
CA PHE D 200 -51.20 38.46 -21.96
C PHE D 200 -52.31 39.39 -21.48
N SER D 201 -53.58 39.02 -21.62
CA SER D 201 -54.66 39.94 -21.32
C SER D 201 -55.20 39.80 -19.90
N SER D 202 -55.48 38.57 -19.46
CA SER D 202 -56.14 38.38 -18.18
C SER D 202 -55.13 38.48 -17.03
N THR D 203 -55.66 38.77 -15.85
CA THR D 203 -54.82 38.91 -14.67
C THR D 203 -54.47 37.51 -14.18
N ASP D 204 -53.25 37.38 -13.64
CA ASP D 204 -52.43 36.16 -13.46
C ASP D 204 -52.76 35.04 -14.47
N GLY D 205 -52.63 35.38 -15.75
CA GLY D 205 -52.77 34.39 -16.79
C GLY D 205 -51.47 33.65 -17.00
N LEU D 206 -51.57 32.51 -17.68
CA LEU D 206 -50.44 31.59 -17.80
C LEU D 206 -50.66 30.64 -18.95
N ALA D 207 -49.59 30.34 -19.70
CA ALA D 207 -49.66 29.33 -20.74
C ALA D 207 -48.32 28.64 -20.87
N ILE D 208 -48.28 27.31 -20.79
CA ILE D 208 -47.01 26.59 -20.75
C ILE D 208 -46.96 25.61 -21.92
N PHE D 209 -45.94 25.73 -22.77
CA PHE D 209 -45.76 24.87 -23.92
C PHE D 209 -44.54 23.99 -23.71
N GLU D 210 -44.69 22.69 -23.94
CA GLU D 210 -43.57 21.75 -23.97
C GLU D 210 -43.29 21.36 -25.40
N VAL D 211 -42.10 21.71 -25.92
CA VAL D 211 -41.80 21.63 -27.35
C VAL D 211 -40.69 20.60 -27.57
N ARG D 212 -40.86 19.76 -28.60
CA ARG D 212 -39.92 18.72 -28.98
C ARG D 212 -39.72 18.77 -30.49
N ALA D 213 -38.52 18.44 -30.97
CA ALA D 213 -38.27 18.38 -32.40
C ALA D 213 -37.42 17.18 -32.75
N THR D 214 -37.64 16.63 -33.95
CA THR D 214 -36.86 15.50 -34.46
C THR D 214 -36.12 15.95 -35.71
N LEU D 215 -34.79 15.78 -35.73
CA LEU D 215 -33.93 16.19 -36.83
C LEU D 215 -33.30 14.99 -37.51
N HIS D 216 -33.41 14.93 -38.85
CA HIS D 216 -32.82 13.87 -39.67
C HIS D 216 -31.63 14.42 -40.42
N LEU D 217 -30.47 14.41 -39.79
CA LEU D 217 -29.23 14.85 -40.36
C LEU D 217 -28.65 13.74 -41.23
N PRO D 218 -27.70 14.05 -42.14
CA PRO D 218 -27.05 12.98 -42.89
C PRO D 218 -26.05 12.17 -42.08
N THR D 219 -25.28 11.32 -42.75
CA THR D 219 -24.36 10.39 -42.08
C THR D 219 -23.17 11.11 -41.48
N ASN D 220 -22.96 10.91 -40.18
CA ASN D 220 -21.89 11.54 -39.38
C ASN D 220 -21.91 13.05 -39.41
N ALA D 221 -23.08 13.65 -39.64
CA ALA D 221 -23.20 15.10 -39.68
C ALA D 221 -22.92 15.66 -38.31
N MET D 222 -22.34 16.85 -38.27
CA MET D 222 -21.94 17.38 -36.98
C MET D 222 -23.04 18.27 -36.44
N VAL D 223 -23.07 18.41 -35.12
CA VAL D 223 -24.06 19.20 -34.42
C VAL D 223 -23.37 20.43 -33.86
N ARG D 224 -24.04 21.59 -33.90
CA ARG D 224 -23.44 22.89 -33.56
C ARG D 224 -24.17 23.48 -32.37
N PRO D 225 -23.71 23.20 -31.14
CA PRO D 225 -24.32 23.83 -29.97
C PRO D 225 -23.61 25.10 -29.56
N SER D 226 -24.07 25.77 -28.52
CA SER D 226 -23.57 27.09 -28.15
C SER D 226 -22.24 26.99 -27.44
N GLN D 227 -21.54 28.12 -27.35
CA GLN D 227 -20.15 28.16 -26.91
C GLN D 227 -20.00 29.10 -25.72
N VAL D 228 -19.02 28.83 -24.87
CA VAL D 228 -18.87 29.63 -23.68
C VAL D 228 -18.16 30.92 -24.04
N PHE D 229 -18.39 31.95 -23.23
CA PHE D 229 -17.62 33.18 -23.33
C PHE D 229 -16.32 32.98 -22.56
N THR D 230 -15.20 33.09 -23.24
CA THR D 230 -13.90 33.12 -22.59
C THR D 230 -13.14 34.36 -23.03
N GLU D 231 -12.71 35.17 -22.06
CA GLU D 231 -11.92 36.36 -22.34
C GLU D 231 -10.48 36.21 -21.86
N GLN D 243 -4.30 26.13 -24.97
CA GLN D 243 -5.22 26.85 -25.84
C GLN D 243 -6.47 25.99 -26.13
N ASN D 244 -7.63 26.64 -26.17
CA ASN D 244 -8.87 25.95 -26.51
C ASN D 244 -9.82 27.04 -27.02
N SER D 245 -10.02 27.09 -28.32
CA SER D 245 -11.16 27.76 -28.90
C SER D 245 -12.25 26.73 -29.17
N ARG D 246 -13.48 27.20 -29.33
CA ARG D 246 -14.68 26.36 -29.37
C ARG D 246 -14.76 25.46 -28.14
N VAL D 247 -14.99 26.08 -27.02
CA VAL D 247 -15.41 25.35 -25.82
C VAL D 247 -16.93 25.32 -25.83
N PHE D 248 -17.53 24.18 -25.51
CA PHE D 248 -18.99 24.15 -25.55
C PHE D 248 -19.57 24.46 -24.18
N GLN D 249 -20.86 24.75 -24.16
CA GLN D 249 -21.63 24.78 -22.93
C GLN D 249 -22.20 23.40 -22.69
N SER D 250 -22.11 22.93 -21.45
CA SER D 250 -22.41 21.55 -21.15
C SER D 250 -23.39 21.45 -19.99
N THR D 251 -23.72 20.22 -19.64
CA THR D 251 -24.68 19.89 -18.60
C THR D 251 -24.26 18.52 -18.03
N THR D 252 -25.19 17.86 -17.35
CA THR D 252 -25.03 16.45 -16.97
C THR D 252 -26.37 15.76 -17.04
N ILE D 253 -26.54 14.88 -18.02
CA ILE D 253 -27.74 14.09 -18.18
C ILE D 253 -27.36 12.63 -18.02
N ASP D 254 -27.95 11.99 -17.00
CA ASP D 254 -27.75 10.57 -16.68
C ASP D 254 -26.28 10.22 -16.42
N GLY D 255 -25.50 11.18 -15.93
CA GLY D 255 -24.09 10.98 -15.72
C GLY D 255 -23.19 11.46 -16.84
N GLU D 256 -23.70 11.54 -18.07
CA GLU D 256 -22.89 11.97 -19.20
C GLU D 256 -22.96 13.48 -19.33
N ARG D 257 -21.81 14.11 -19.60
CA ARG D 257 -21.85 15.50 -19.99
C ARG D 257 -22.37 15.62 -21.42
N SER D 258 -23.25 16.58 -21.64
CA SER D 258 -23.93 16.77 -22.91
C SER D 258 -23.88 18.26 -23.21
N PRO D 259 -24.01 18.67 -24.47
CA PRO D 259 -24.15 20.09 -24.78
C PRO D 259 -25.63 20.48 -24.81
N ILE D 260 -25.88 21.80 -24.74
CA ILE D 260 -27.19 22.31 -24.40
C ILE D 260 -27.82 23.15 -25.51
N LEU D 261 -27.06 24.09 -26.09
CA LEU D 261 -27.61 25.24 -26.82
C LEU D 261 -28.55 26.06 -25.94
N GLY D 262 -27.99 26.64 -24.88
CA GLY D 262 -28.42 27.90 -24.30
C GLY D 262 -29.76 28.04 -23.59
N ALA D 263 -29.86 28.98 -22.65
CA ALA D 263 -31.15 29.44 -22.14
C ALA D 263 -31.47 30.85 -22.56
N PHE D 264 -30.48 31.72 -22.55
CA PHE D 264 -30.60 33.10 -22.99
C PHE D 264 -30.48 33.24 -24.48
N LYS D 265 -30.15 32.16 -25.19
CA LYS D 265 -29.96 32.16 -26.62
C LYS D 265 -31.17 31.62 -27.36
N THR D 266 -31.79 30.55 -26.88
CA THR D 266 -33.08 30.09 -27.39
C THR D 266 -34.23 31.02 -27.08
N GLY D 267 -34.03 32.07 -26.30
CA GLY D 267 -35.08 33.02 -26.02
C GLY D 267 -34.84 34.30 -26.76
N ALA D 268 -33.59 34.52 -27.18
CA ALA D 268 -33.33 35.50 -28.22
C ALA D 268 -33.81 35.00 -29.55
N ALA D 269 -33.79 33.69 -29.75
CA ALA D 269 -34.25 33.11 -31.00
C ALA D 269 -35.74 33.26 -31.20
N ILE D 270 -36.54 33.19 -30.13
CA ILE D 270 -37.99 33.33 -30.33
C ILE D 270 -38.43 34.78 -30.29
N ALA D 271 -37.52 35.71 -30.03
CA ALA D 271 -37.83 37.12 -30.02
C ALA D 271 -37.03 37.86 -31.10
N THR D 272 -36.96 37.29 -32.29
CA THR D 272 -36.56 38.02 -33.49
C THR D 272 -37.83 38.23 -34.29
N ILE D 273 -38.52 39.33 -34.02
CA ILE D 273 -39.80 39.65 -34.64
C ILE D 273 -39.81 41.00 -35.30
N ASP D 274 -38.68 41.71 -35.31
CA ASP D 274 -38.68 43.17 -35.43
C ASP D 274 -38.40 43.62 -36.86
N ASP D 275 -39.43 43.57 -37.69
CA ASP D 275 -39.37 44.08 -39.05
C ASP D 275 -40.18 45.37 -39.21
N TRP D 276 -40.07 46.25 -38.22
CA TRP D 276 -40.80 47.50 -38.22
C TRP D 276 -39.91 48.73 -38.32
N TYR D 277 -38.60 48.57 -38.40
CA TYR D 277 -37.66 49.68 -38.33
C TYR D 277 -37.57 50.38 -39.68
N PRO D 278 -37.07 51.62 -39.74
CA PRO D 278 -36.94 52.29 -41.04
C PRO D 278 -35.94 51.60 -41.96
N GLU D 279 -36.25 51.63 -43.27
CA GLU D 279 -35.71 50.76 -44.33
C GLU D 279 -35.59 49.30 -43.85
N ALA D 280 -36.77 48.70 -43.66
CA ALA D 280 -36.88 47.38 -43.07
C ALA D 280 -36.51 46.28 -44.05
N THR D 281 -35.61 45.41 -43.63
CA THR D 281 -35.08 44.34 -44.48
C THR D 281 -35.46 42.96 -43.96
N GLU D 282 -35.24 42.70 -42.67
CA GLU D 282 -35.31 41.37 -42.08
C GLU D 282 -35.40 41.54 -40.57
N PRO D 283 -35.99 40.57 -39.86
CA PRO D 283 -36.22 40.73 -38.42
C PRO D 283 -34.96 40.85 -37.57
N LEU D 284 -35.15 41.40 -36.37
CA LEU D 284 -34.08 41.73 -35.43
C LEU D 284 -34.48 41.24 -34.05
N ARG D 285 -33.48 40.99 -33.22
CA ARG D 285 -33.71 40.83 -31.78
C ARG D 285 -34.25 42.15 -31.24
N VAL D 286 -35.41 42.09 -30.60
CA VAL D 286 -36.04 43.28 -30.03
C VAL D 286 -35.15 43.82 -28.92
N GLY D 287 -34.67 45.05 -29.11
CA GLY D 287 -33.87 45.67 -28.11
C GLY D 287 -34.15 47.15 -28.12
N ARG D 288 -33.27 47.94 -27.51
CA ARG D 288 -33.55 49.35 -27.34
C ARG D 288 -32.95 50.20 -28.44
N PHE D 289 -31.86 49.76 -29.04
CA PHE D 289 -31.20 50.55 -30.07
C PHE D 289 -31.18 49.87 -31.43
N GLY D 290 -31.93 48.77 -31.60
CA GLY D 290 -32.06 48.08 -32.87
C GLY D 290 -30.75 47.56 -33.45
N VAL D 291 -30.03 46.78 -32.66
CA VAL D 291 -28.68 46.38 -33.00
C VAL D 291 -28.74 45.16 -33.92
N HIS D 292 -28.00 45.24 -35.03
CA HIS D 292 -27.81 44.11 -35.93
C HIS D 292 -26.47 43.47 -35.60
N ARG D 293 -26.37 42.17 -35.83
CA ARG D 293 -25.15 41.45 -35.47
C ARG D 293 -24.38 40.93 -36.68
N GLU D 294 -25.05 40.72 -37.83
CA GLU D 294 -24.31 40.46 -39.07
C GLU D 294 -23.48 41.66 -39.47
N ASP D 295 -24.12 42.76 -39.84
CA ASP D 295 -23.44 44.04 -39.82
C ASP D 295 -23.27 44.46 -38.37
N VAL D 296 -22.29 45.28 -38.09
CA VAL D 296 -22.06 45.73 -36.72
C VAL D 296 -22.53 47.18 -36.70
N THR D 297 -23.82 47.38 -36.41
CA THR D 297 -24.47 48.67 -36.60
C THR D 297 -25.77 48.64 -35.84
N CYS D 298 -26.46 49.79 -35.80
CA CYS D 298 -27.74 49.92 -35.14
C CYS D 298 -28.71 50.66 -36.04
N TYR D 299 -29.87 50.06 -36.28
CA TYR D 299 -30.85 50.66 -37.18
C TYR D 299 -31.90 51.46 -36.42
N ARG D 300 -31.68 51.71 -35.14
CA ARG D 300 -32.50 52.57 -34.31
C ARG D 300 -31.60 53.40 -33.41
N HIS D 301 -30.56 53.98 -33.99
CA HIS D 301 -29.73 54.94 -33.27
C HIS D 301 -30.58 56.15 -32.93
N PRO D 302 -30.41 56.75 -31.74
CA PRO D 302 -31.34 57.80 -31.27
C PRO D 302 -31.40 59.06 -32.11
N SER D 303 -30.46 59.28 -33.03
CA SER D 303 -30.58 60.41 -33.95
C SER D 303 -31.62 60.17 -35.03
N THR D 304 -32.16 58.96 -35.14
CA THR D 304 -33.31 58.72 -36.00
C THR D 304 -34.63 58.95 -35.29
N GLY D 305 -34.61 59.03 -33.95
CA GLY D 305 -35.81 59.27 -33.18
C GLY D 305 -36.75 58.10 -33.11
N LYS D 306 -36.29 56.90 -33.43
CA LYS D 306 -37.15 55.72 -33.44
C LYS D 306 -36.83 54.73 -32.34
N ASP D 307 -35.85 55.00 -31.48
CA ASP D 307 -35.48 54.01 -30.48
C ASP D 307 -36.44 54.05 -29.30
N PHE D 308 -36.07 53.37 -28.21
CA PHE D 308 -37.03 53.18 -27.14
C PHE D 308 -37.14 54.39 -26.23
N PHE D 309 -36.03 54.99 -25.85
CA PHE D 309 -36.05 56.11 -24.92
C PHE D 309 -36.49 57.41 -25.55
N SER D 310 -36.87 57.40 -26.83
CA SER D 310 -37.44 58.56 -27.49
C SER D 310 -38.85 58.29 -27.99
N ILE D 311 -39.35 57.07 -27.83
CA ILE D 311 -40.77 56.77 -27.97
C ILE D 311 -41.46 56.76 -26.62
N LEU D 312 -40.78 56.27 -25.59
CA LEU D 312 -41.35 56.23 -24.24
C LEU D 312 -41.58 57.63 -23.68
N GLN D 313 -40.76 58.61 -24.08
CA GLN D 313 -40.97 60.01 -23.70
C GLN D 313 -42.29 60.56 -24.22
N GLN D 314 -42.83 60.01 -25.30
CA GLN D 314 -43.97 60.58 -25.99
C GLN D 314 -45.14 59.62 -26.01
N ALA D 315 -45.40 58.95 -24.89
CA ALA D 315 -46.49 57.98 -24.79
C ALA D 315 -47.83 58.62 -24.49
N GLU D 316 -47.83 59.78 -23.86
CA GLU D 316 -49.04 60.55 -23.65
C GLU D 316 -49.60 61.15 -24.93
N HIS D 317 -48.86 61.15 -26.03
CA HIS D 317 -49.47 61.44 -27.32
C HIS D 317 -50.15 60.21 -27.89
N TYR D 318 -49.53 59.04 -27.74
CA TYR D 318 -50.14 57.80 -28.22
C TYR D 318 -51.41 57.46 -27.44
N ILE D 319 -51.54 57.96 -26.21
CA ILE D 319 -52.75 57.67 -25.45
C ILE D 319 -53.95 58.49 -25.93
N GLU D 320 -53.73 59.62 -26.63
CA GLU D 320 -54.85 60.34 -27.26
C GLU D 320 -54.94 60.13 -28.77
N VAL D 321 -53.95 59.51 -29.41
CA VAL D 321 -54.20 59.05 -30.76
C VAL D 321 -55.12 57.82 -30.75
N LEU D 322 -55.03 57.00 -29.71
CA LEU D 322 -55.75 55.73 -29.62
C LEU D 322 -57.18 55.86 -29.12
N SER D 323 -57.68 57.08 -28.90
CA SER D 323 -59.11 57.29 -28.66
C SER D 323 -59.58 58.43 -29.56
N ALA D 324 -59.98 58.09 -30.78
CA ALA D 324 -60.60 59.05 -31.67
C ALA D 324 -61.72 58.42 -32.49
N ASN D 325 -62.06 57.15 -32.24
CA ASN D 325 -63.05 56.31 -32.91
C ASN D 325 -62.69 55.97 -34.35
N LYS D 326 -61.56 56.47 -34.86
CA LYS D 326 -61.09 56.19 -36.20
C LYS D 326 -59.89 55.27 -36.14
N THR D 327 -59.57 54.66 -37.28
CA THR D 327 -58.42 53.78 -37.36
C THR D 327 -57.18 54.62 -37.66
N PRO D 328 -56.14 54.55 -36.84
CA PRO D 328 -54.98 55.43 -37.02
C PRO D 328 -54.10 54.96 -38.16
N ALA D 329 -53.02 55.71 -38.40
CA ALA D 329 -52.13 55.45 -39.52
C ALA D 329 -51.31 54.19 -39.25
N GLN D 330 -50.57 53.73 -40.27
CA GLN D 330 -49.76 52.53 -40.15
C GLN D 330 -48.34 52.85 -39.66
N GLU D 331 -48.05 54.11 -39.36
CA GLU D 331 -46.80 54.46 -38.72
C GLU D 331 -46.90 54.50 -37.21
N THR D 332 -48.04 54.94 -36.67
CA THR D 332 -48.25 54.92 -35.23
C THR D 332 -48.31 53.49 -34.70
N ILE D 333 -48.88 52.58 -35.51
CA ILE D 333 -49.04 51.20 -35.10
C ILE D 333 -47.67 50.52 -34.94
N ASN D 334 -46.73 50.82 -35.84
CA ASN D 334 -45.41 50.19 -35.72
C ASN D 334 -44.63 50.74 -34.54
N ASP D 335 -44.87 52.01 -34.18
CA ASP D 335 -44.29 52.59 -32.96
C ASP D 335 -44.78 51.86 -31.72
N MET D 336 -46.07 51.59 -31.62
CA MET D 336 -46.46 50.90 -30.41
C MET D 336 -46.31 49.39 -30.50
N HIS D 337 -46.10 48.80 -31.67
CA HIS D 337 -45.64 47.42 -31.70
C HIS D 337 -44.22 47.30 -31.17
N PHE D 338 -43.35 48.26 -31.48
CA PHE D 338 -42.01 48.28 -30.88
C PHE D 338 -42.07 48.54 -29.38
N LEU D 339 -42.98 49.41 -28.94
CA LEU D 339 -43.13 49.71 -27.51
C LEU D 339 -43.63 48.50 -26.72
N MET D 340 -44.68 47.83 -27.22
CA MET D 340 -45.19 46.66 -26.53
C MET D 340 -44.21 45.52 -26.59
N ALA D 341 -43.46 45.35 -27.67
CA ALA D 341 -42.49 44.27 -27.69
C ALA D 341 -41.25 44.56 -26.88
N ASN D 342 -41.06 45.81 -26.43
CA ASN D 342 -40.11 46.06 -25.37
C ASN D 342 -40.68 45.98 -23.97
N LEU D 343 -42.00 45.96 -23.79
CA LEU D 343 -42.49 45.66 -22.45
C LEU D 343 -42.54 44.17 -22.16
N ILE D 344 -42.40 43.31 -23.17
CA ILE D 344 -42.47 41.87 -23.03
C ILE D 344 -41.06 41.31 -22.91
N LYS D 345 -40.07 42.16 -22.74
CA LYS D 345 -38.74 41.62 -22.45
C LYS D 345 -38.09 42.20 -21.21
N GLY D 346 -38.62 43.26 -20.63
CA GLY D 346 -38.09 43.76 -19.40
C GLY D 346 -36.86 44.60 -19.59
N GLY D 347 -36.23 44.89 -18.47
CA GLY D 347 -35.10 45.77 -18.35
C GLY D 347 -35.39 46.82 -17.34
N MET D 348 -34.49 47.78 -17.21
CA MET D 348 -34.69 48.88 -16.29
C MET D 348 -34.54 50.21 -17.02
N PHE D 349 -35.60 51.00 -16.98
CA PHE D 349 -35.76 52.18 -17.81
C PHE D 349 -35.46 53.44 -17.01
N GLN D 350 -34.29 53.52 -16.39
CA GLN D 350 -34.17 54.44 -15.28
C GLN D 350 -33.51 55.76 -15.63
N HIS D 351 -32.21 55.72 -15.94
CA HIS D 351 -31.36 56.91 -16.11
C HIS D 351 -31.54 58.04 -15.09
N MET E 3 -8.42 49.12 -52.39
CA MET E 3 -9.45 48.81 -51.40
C MET E 3 -8.75 48.53 -50.07
N LYS E 4 -9.42 48.81 -48.96
CA LYS E 4 -8.86 48.62 -47.62
C LYS E 4 -9.70 47.60 -46.88
N LEU E 5 -9.04 46.65 -46.22
CA LEU E 5 -9.75 45.59 -45.52
C LEU E 5 -10.42 46.16 -44.27
N PRO E 6 -11.64 45.73 -43.95
CA PRO E 6 -12.34 46.27 -42.79
C PRO E 6 -11.81 45.68 -41.47
N THR E 7 -12.44 46.09 -40.37
CA THR E 7 -12.06 45.58 -39.07
C THR E 7 -12.63 44.19 -38.80
N ASN E 8 -13.81 43.91 -39.32
CA ASN E 8 -14.44 42.60 -39.24
C ASN E 8 -14.80 42.18 -40.65
N LEU E 9 -14.45 40.95 -41.03
CA LEU E 9 -14.87 40.35 -42.29
C LEU E 9 -14.67 38.85 -42.19
N ALA E 10 -15.72 38.07 -42.48
CA ALA E 10 -15.65 36.63 -42.33
C ALA E 10 -16.76 35.98 -43.14
N TYR E 11 -16.46 34.85 -43.78
CA TYR E 11 -17.50 34.02 -44.38
C TYR E 11 -17.55 32.67 -43.69
N GLU E 12 -18.60 31.92 -44.01
CA GLU E 12 -18.73 30.52 -43.64
C GLU E 12 -18.45 29.62 -44.83
N ARG E 13 -18.22 28.36 -44.54
CA ARG E 13 -17.78 27.42 -45.55
C ARG E 13 -18.97 26.85 -46.30
N SER E 14 -18.82 26.70 -47.61
CA SER E 14 -19.90 26.18 -48.45
C SER E 14 -19.87 24.67 -48.57
N ILE E 15 -18.74 24.02 -48.33
CA ILE E 15 -18.60 22.58 -48.48
C ILE E 15 -18.24 22.02 -47.12
N ASP E 16 -19.03 21.10 -46.60
CA ASP E 16 -18.56 20.43 -45.39
C ASP E 16 -18.66 18.91 -45.47
N PRO E 17 -17.55 18.21 -45.24
CA PRO E 17 -17.54 16.75 -45.22
C PRO E 17 -17.65 16.19 -43.81
N SER E 18 -17.75 14.87 -43.68
CA SER E 18 -17.73 14.25 -42.37
C SER E 18 -16.69 13.15 -42.29
N ASP E 19 -16.70 12.40 -41.18
CA ASP E 19 -15.75 11.31 -40.95
C ASP E 19 -15.97 10.16 -41.91
N VAL E 20 -14.89 9.46 -42.22
CA VAL E 20 -14.97 8.21 -42.97
C VAL E 20 -14.99 7.07 -41.96
N CYS E 21 -15.54 5.92 -42.34
CA CYS E 21 -15.58 4.78 -41.44
C CYS E 21 -15.26 3.51 -42.19
N PHE E 22 -14.46 2.65 -41.56
CA PHE E 22 -13.92 1.45 -42.19
C PHE E 22 -14.67 0.23 -41.70
N PHE E 23 -15.11 -0.61 -42.63
CA PHE E 23 -15.79 -1.85 -42.28
C PHE E 23 -15.21 -2.99 -43.10
N VAL E 24 -14.88 -4.07 -42.42
CA VAL E 24 -14.44 -5.29 -43.05
C VAL E 24 -15.67 -6.05 -43.46
N VAL E 25 -15.73 -6.50 -44.72
CA VAL E 25 -16.84 -7.35 -45.15
C VAL E 25 -16.30 -8.76 -45.36
N TRP E 26 -17.04 -9.71 -44.90
CA TRP E 26 -16.72 -11.11 -44.88
C TRP E 26 -17.40 -11.79 -46.05
N PRO E 27 -16.96 -12.99 -46.46
CA PRO E 27 -17.58 -13.63 -47.62
C PRO E 27 -19.03 -14.07 -47.43
N ASP E 28 -19.59 -13.93 -46.24
CA ASP E 28 -21.00 -14.19 -45.98
C ASP E 28 -21.85 -12.95 -46.12
N ASP E 29 -21.29 -11.87 -46.66
CA ASP E 29 -21.88 -10.52 -46.70
C ASP E 29 -22.27 -10.02 -45.31
N ARG E 30 -21.33 -10.11 -44.36
CA ARG E 30 -21.55 -9.56 -43.03
C ARG E 30 -20.42 -8.60 -42.70
N LYS E 31 -20.78 -7.48 -42.06
CA LYS E 31 -19.90 -6.35 -41.87
C LYS E 31 -19.50 -6.22 -40.41
N THR E 32 -18.22 -6.01 -40.15
CA THR E 32 -17.73 -5.69 -38.82
C THR E 32 -16.91 -4.42 -38.94
N PRO E 33 -16.68 -3.70 -37.84
CA PRO E 33 -15.76 -2.56 -37.89
C PRO E 33 -14.33 -3.01 -38.11
N LEU E 34 -13.49 -2.07 -38.48
CA LEU E 34 -12.06 -2.30 -38.55
C LEU E 34 -11.46 -1.88 -37.22
N THR E 35 -10.62 -2.73 -36.66
CA THR E 35 -10.04 -2.50 -35.35
C THR E 35 -8.53 -2.44 -35.47
N TYR E 36 -7.88 -2.03 -34.39
CA TYR E 36 -6.43 -1.97 -34.40
C TYR E 36 -5.89 -2.28 -33.01
N ASN E 37 -4.59 -2.49 -32.94
CA ASN E 37 -3.93 -2.80 -31.68
C ASN E 37 -2.66 -1.99 -31.58
N SER E 38 -1.98 -2.10 -30.46
CA SER E 38 -0.68 -1.45 -30.31
C SER E 38 0.37 -2.52 -30.08
N ARG E 39 1.56 -2.33 -30.64
CA ARG E 39 2.60 -3.31 -30.45
C ARG E 39 3.97 -2.64 -30.36
N THR E 40 4.87 -3.33 -29.68
CA THR E 40 6.19 -2.87 -29.32
C THR E 40 7.21 -3.58 -30.20
N LEU E 41 8.23 -2.86 -30.65
CA LEU E 41 9.10 -3.34 -31.69
C LEU E 41 10.52 -2.85 -31.40
N LEU E 42 11.47 -3.35 -32.18
CA LEU E 42 12.88 -3.24 -31.81
C LEU E 42 13.69 -2.76 -33.01
N GLY E 43 13.98 -1.47 -33.07
CA GLY E 43 14.70 -0.91 -34.18
C GLY E 43 16.19 -0.76 -33.91
N GLN E 44 16.93 -0.52 -34.98
CA GLN E 44 18.35 -0.28 -34.84
C GLN E 44 18.61 1.15 -34.39
N MET E 45 19.84 1.40 -33.94
CA MET E 45 20.30 2.74 -33.63
C MET E 45 20.68 3.41 -34.94
N GLU E 46 19.75 4.17 -35.52
CA GLU E 46 19.94 4.67 -36.87
C GLU E 46 19.45 6.10 -37.02
N ALA E 47 19.47 6.87 -35.94
CA ALA E 47 19.33 8.31 -36.07
C ALA E 47 20.64 8.88 -36.57
N ALA E 48 20.60 10.11 -37.06
CA ALA E 48 21.82 10.73 -37.55
C ALA E 48 22.60 11.43 -36.46
N SER E 49 21.96 11.71 -35.32
CA SER E 49 22.59 12.38 -34.19
C SER E 49 23.11 11.40 -33.15
N LEU E 50 23.34 10.15 -33.54
CA LEU E 50 23.94 9.16 -32.65
C LEU E 50 25.40 8.89 -32.96
N ALA E 51 25.92 9.39 -34.07
CA ALA E 51 27.34 9.23 -34.35
C ALA E 51 27.98 10.47 -34.98
N TYR E 52 27.31 11.61 -34.95
CA TYR E 52 27.85 12.85 -35.48
C TYR E 52 27.23 13.97 -34.65
N ASP E 53 27.97 15.08 -34.54
CA ASP E 53 27.51 16.24 -33.79
C ASP E 53 27.69 17.50 -34.63
N VAL E 54 28.82 17.59 -35.32
CA VAL E 54 29.12 18.74 -36.17
C VAL E 54 28.71 18.48 -37.62
N SER E 55 28.22 17.26 -37.87
CA SER E 55 28.79 16.21 -38.74
C SER E 55 30.03 15.47 -38.21
N GLY E 56 31.02 16.19 -37.69
CA GLY E 56 32.22 15.56 -37.16
C GLY E 56 31.88 14.54 -36.09
N GLN E 57 32.52 13.38 -36.15
CA GLN E 57 32.23 12.32 -35.20
C GLN E 57 32.29 12.85 -33.76
N PRO E 58 31.46 12.28 -32.83
CA PRO E 58 31.22 12.97 -31.54
C PRO E 58 32.33 12.70 -30.56
N ILE E 59 32.12 13.07 -29.29
CA ILE E 59 32.96 12.52 -28.24
C ILE E 59 32.71 11.02 -28.21
N LYS E 60 33.76 10.27 -27.90
CA LYS E 60 33.87 8.90 -28.38
C LYS E 60 33.17 7.91 -27.43
N SER E 61 31.89 8.17 -27.21
CA SER E 61 31.00 7.22 -26.56
C SER E 61 30.15 6.47 -27.57
N ALA E 62 30.32 6.77 -28.85
CA ALA E 62 29.63 6.05 -29.92
C ALA E 62 30.56 4.99 -30.50
N THR E 63 30.91 4.02 -29.67
CA THR E 63 31.75 2.92 -30.11
C THR E 63 30.91 1.87 -30.82
N ALA E 64 31.60 0.93 -31.46
CA ALA E 64 30.95 -0.04 -32.34
C ALA E 64 30.06 -1.01 -31.60
N GLU E 65 30.23 -1.16 -30.29
CA GLU E 65 29.31 -1.94 -29.46
C GLU E 65 28.30 -1.06 -28.76
N ALA E 66 28.32 0.24 -28.98
CA ALA E 66 27.28 1.13 -28.48
C ALA E 66 26.22 1.43 -29.52
N LEU E 67 26.58 1.45 -30.80
CA LEU E 67 25.63 1.57 -31.89
C LEU E 67 25.02 0.23 -32.28
N ALA E 68 25.45 -0.86 -31.66
CA ALA E 68 25.04 -2.19 -32.07
C ALA E 68 24.05 -2.84 -31.13
N GLN E 69 23.60 -2.14 -30.09
CA GLN E 69 22.40 -2.55 -29.38
C GLN E 69 21.21 -1.94 -30.10
N GLY E 70 20.00 -2.29 -29.66
CA GLY E 70 18.79 -1.84 -30.29
C GLY E 70 18.00 -0.93 -29.36
N ASN E 71 17.03 -0.23 -29.94
CA ASN E 71 16.15 0.55 -29.09
C ASN E 71 14.71 0.18 -29.35
N PRO E 72 13.89 0.12 -28.31
CA PRO E 72 12.48 -0.25 -28.49
C PRO E 72 11.58 0.95 -28.74
N HIS E 73 10.63 0.74 -29.63
CA HIS E 73 9.61 1.74 -29.93
C HIS E 73 8.26 1.08 -29.77
N GLN E 74 7.20 1.89 -29.84
CA GLN E 74 5.85 1.37 -29.74
C GLN E 74 5.00 2.10 -30.75
N VAL E 75 4.18 1.37 -31.51
CA VAL E 75 3.33 1.97 -32.52
C VAL E 75 1.92 1.38 -32.43
N ASP E 76 0.96 2.10 -32.99
CA ASP E 76 -0.31 1.48 -33.32
C ASP E 76 -0.17 0.73 -34.63
N PHE E 77 -1.07 -0.23 -34.84
CA PHE E 77 -0.92 -1.12 -35.98
C PHE E 77 -2.29 -1.62 -36.37
N CYS E 78 -2.63 -1.40 -37.64
CA CYS E 78 -3.94 -1.69 -38.20
C CYS E 78 -3.74 -2.40 -39.53
N HIS E 79 -4.45 -3.51 -39.73
CA HIS E 79 -4.32 -4.29 -40.97
C HIS E 79 -5.59 -5.09 -41.18
N VAL E 80 -5.71 -5.63 -42.39
CA VAL E 80 -6.91 -6.38 -42.79
C VAL E 80 -6.89 -7.75 -42.11
N PRO E 81 -8.00 -8.26 -41.58
CA PRO E 81 -7.99 -9.61 -41.03
C PRO E 81 -7.95 -10.67 -42.11
N TYR E 82 -7.61 -11.88 -41.70
CA TYR E 82 -7.39 -12.96 -42.65
C TYR E 82 -8.74 -13.57 -43.04
N GLY E 83 -8.93 -13.79 -44.33
CA GLY E 83 -10.18 -14.30 -44.82
C GLY E 83 -11.23 -13.24 -45.08
N ALA E 84 -10.90 -11.97 -44.94
CA ALA E 84 -11.80 -10.89 -45.29
C ALA E 84 -12.02 -10.87 -46.78
N SER E 85 -13.10 -10.23 -47.20
CA SER E 85 -13.31 -10.05 -48.63
C SER E 85 -12.73 -8.73 -49.11
N HIS E 86 -13.24 -7.61 -48.57
CA HIS E 86 -12.70 -6.30 -48.90
C HIS E 86 -13.01 -5.32 -47.79
N ILE E 87 -12.55 -4.08 -47.98
CA ILE E 87 -12.77 -2.96 -47.06
C ILE E 87 -13.83 -2.05 -47.64
N GLU E 88 -14.73 -1.54 -46.81
CA GLU E 88 -15.80 -0.67 -47.25
C GLU E 88 -15.80 0.61 -46.46
N CYS E 89 -15.79 1.75 -47.15
CA CYS E 89 -15.69 3.08 -46.56
C CYS E 89 -16.95 3.87 -46.95
N SER E 90 -17.32 4.82 -46.11
CA SER E 90 -18.56 5.57 -46.34
C SER E 90 -18.54 6.88 -45.59
N PHE E 91 -18.81 7.97 -46.29
CA PHE E 91 -18.87 9.28 -45.64
C PHE E 91 -19.94 10.09 -46.35
N SER E 92 -20.11 11.37 -45.98
CA SER E 92 -21.06 12.25 -46.62
C SER E 92 -20.46 13.63 -46.82
N VAL E 93 -21.05 14.39 -47.73
CA VAL E 93 -20.57 15.72 -48.05
C VAL E 93 -21.77 16.59 -48.41
N SER E 94 -21.73 17.87 -48.03
CA SER E 94 -22.84 18.79 -48.26
C SER E 94 -22.35 20.08 -48.88
N PHE E 95 -23.02 20.50 -49.96
CA PHE E 95 -22.75 21.73 -50.71
C PHE E 95 -23.91 22.69 -50.51
N SER E 96 -23.60 23.96 -50.32
CA SER E 96 -24.64 24.93 -49.98
C SER E 96 -24.24 26.29 -50.55
N SER E 97 -24.85 27.36 -50.04
CA SER E 97 -24.83 28.64 -50.73
C SER E 97 -24.22 29.77 -49.92
N GLU E 98 -23.41 29.48 -48.91
CA GLU E 98 -23.00 30.52 -47.98
C GLU E 98 -21.85 31.38 -48.47
N LEU E 99 -21.50 31.40 -49.75
CA LEU E 99 -20.43 32.26 -50.23
C LEU E 99 -20.92 33.57 -50.81
N ARG E 100 -22.22 33.79 -50.85
CA ARG E 100 -22.73 34.91 -51.61
C ARG E 100 -22.72 36.20 -50.81
N GLN E 101 -22.75 36.14 -49.48
CA GLN E 101 -22.71 37.29 -48.61
C GLN E 101 -21.74 37.02 -47.46
N PRO E 102 -20.96 38.01 -47.03
CA PRO E 102 -20.17 37.84 -45.81
C PRO E 102 -21.01 37.59 -44.58
N TYR E 103 -20.51 36.72 -43.72
CA TYR E 103 -21.19 36.41 -42.46
C TYR E 103 -21.11 37.55 -41.47
N LYS E 104 -20.03 38.32 -41.47
CA LYS E 104 -19.87 39.37 -40.46
C LYS E 104 -18.97 40.46 -41.05
N CYS E 105 -19.59 41.49 -41.62
CA CYS E 105 -18.86 42.60 -42.22
C CYS E 105 -19.40 43.91 -41.69
N ASN E 106 -18.55 44.72 -41.05
CA ASN E 106 -19.06 45.94 -40.46
C ASN E 106 -19.23 47.06 -41.47
N SER E 107 -18.35 47.14 -42.46
CA SER E 107 -18.50 48.10 -43.54
C SER E 107 -19.69 47.74 -44.42
N SER E 108 -20.11 48.69 -45.25
CA SER E 108 -21.16 48.44 -46.20
C SER E 108 -20.76 48.83 -47.62
N LYS E 109 -19.53 49.26 -47.82
CA LYS E 109 -19.00 49.40 -49.17
C LYS E 109 -18.37 48.10 -49.62
N VAL E 110 -17.51 47.53 -48.77
CA VAL E 110 -16.84 46.25 -49.03
C VAL E 110 -17.86 45.14 -49.17
N LYS E 111 -18.93 45.18 -48.38
CA LYS E 111 -19.98 44.17 -48.45
C LYS E 111 -20.66 44.15 -49.80
N GLN E 112 -21.05 45.32 -50.30
CA GLN E 112 -21.74 45.39 -51.58
C GLN E 112 -20.80 45.09 -52.74
N THR E 113 -19.52 45.47 -52.65
CA THR E 113 -18.63 45.12 -53.75
C THR E 113 -18.32 43.64 -53.79
N LEU E 114 -18.27 42.96 -52.64
CA LEU E 114 -18.06 41.51 -52.66
C LEU E 114 -19.29 40.78 -53.19
N VAL E 115 -20.49 41.26 -52.86
CA VAL E 115 -21.73 40.71 -53.43
C VAL E 115 -21.74 40.88 -54.96
N GLN E 116 -21.37 42.06 -55.45
CA GLN E 116 -21.39 42.29 -56.89
C GLN E 116 -20.28 41.52 -57.60
N LEU E 117 -19.16 41.27 -56.92
CA LEU E 117 -18.08 40.47 -57.50
C LEU E 117 -18.52 39.02 -57.72
N VAL E 118 -19.16 38.43 -56.70
CA VAL E 118 -19.65 37.05 -56.85
C VAL E 118 -20.76 36.95 -57.89
N GLU E 119 -21.61 37.98 -58.00
CA GLU E 119 -22.68 37.93 -58.98
C GLU E 119 -22.16 38.06 -60.42
N LEU E 120 -21.20 38.95 -60.65
CA LEU E 120 -20.61 39.07 -61.97
C LEU E 120 -19.79 37.84 -62.35
N TYR E 121 -19.12 37.21 -61.39
CA TYR E 121 -18.44 35.94 -61.67
C TYR E 121 -19.44 34.89 -62.11
N GLU E 122 -20.57 34.78 -61.41
CA GLU E 122 -21.60 33.81 -61.75
C GLU E 122 -22.16 34.01 -63.15
N THR E 123 -22.36 35.25 -63.56
CA THR E 123 -22.99 35.46 -64.86
C THR E 123 -22.00 35.60 -66.02
N LYS E 124 -20.71 35.86 -65.77
CA LYS E 124 -19.74 36.05 -66.84
C LYS E 124 -18.93 34.78 -67.14
N ILE E 125 -18.39 34.12 -66.12
CA ILE E 125 -17.70 32.84 -66.25
C ILE E 125 -18.25 31.90 -65.19
N GLY E 126 -19.18 31.03 -65.58
CA GLY E 126 -20.07 30.36 -64.64
C GLY E 126 -19.51 29.35 -63.65
N TRP E 127 -20.39 28.56 -63.06
CA TRP E 127 -19.98 27.66 -61.98
C TRP E 127 -19.67 26.26 -62.49
N THR E 128 -19.03 26.13 -63.64
CA THR E 128 -18.79 24.82 -64.24
C THR E 128 -17.37 24.32 -64.04
N GLU E 129 -16.37 25.20 -63.98
CA GLU E 129 -15.00 24.73 -63.83
C GLU E 129 -14.70 24.32 -62.39
N LEU E 130 -15.06 25.16 -61.42
CA LEU E 130 -14.83 24.81 -60.02
C LEU E 130 -15.65 23.60 -59.60
N ALA E 131 -16.86 23.47 -60.13
CA ALA E 131 -17.72 22.35 -59.75
C ALA E 131 -17.14 21.02 -60.19
N THR E 132 -16.60 20.94 -61.41
CA THR E 132 -15.96 19.70 -61.84
C THR E 132 -14.69 19.44 -61.08
N ARG E 133 -13.92 20.49 -60.78
CA ARG E 133 -12.71 20.28 -60.00
C ARG E 133 -12.98 19.81 -58.58
N TYR E 134 -14.15 20.06 -58.00
CA TYR E 134 -14.43 19.42 -56.72
C TYR E 134 -15.03 18.03 -56.88
N LEU E 135 -15.93 17.86 -57.85
CA LEU E 135 -16.66 16.63 -58.00
C LEU E 135 -15.80 15.50 -58.53
N MET E 136 -14.70 15.80 -59.22
CA MET E 136 -13.79 14.75 -59.64
C MET E 136 -13.00 14.21 -58.45
N ASN E 137 -12.61 15.07 -57.51
CA ASN E 137 -11.95 14.59 -56.31
C ASN E 137 -12.88 13.80 -55.40
N ILE E 138 -14.19 14.08 -55.44
CA ILE E 138 -15.10 13.19 -54.73
C ILE E 138 -15.15 11.81 -55.39
N CYS E 139 -15.14 11.77 -56.72
CA CYS E 139 -15.46 10.57 -57.48
C CYS E 139 -14.26 9.72 -57.87
N ASN E 140 -13.06 10.00 -57.40
CA ASN E 140 -11.98 9.08 -57.73
C ASN E 140 -11.08 8.75 -56.55
N GLY E 141 -11.60 8.84 -55.33
CA GLY E 141 -10.86 8.43 -54.16
C GLY E 141 -9.60 9.20 -53.85
N LYS E 142 -9.62 10.51 -53.99
CA LYS E 142 -8.50 11.31 -53.48
C LYS E 142 -8.52 11.35 -51.97
N TRP E 143 -9.70 11.17 -51.37
CA TRP E 143 -9.90 11.26 -49.93
C TRP E 143 -9.46 10.02 -49.17
N LEU E 144 -9.08 8.94 -49.87
CA LEU E 144 -8.55 7.74 -49.23
C LEU E 144 -7.06 7.86 -48.94
N TRP E 145 -6.38 8.68 -49.72
CA TRP E 145 -5.06 9.29 -49.57
C TRP E 145 -3.83 8.41 -49.73
N LYS E 146 -3.88 7.16 -49.29
CA LYS E 146 -2.77 6.22 -49.46
C LYS E 146 -3.24 4.82 -49.69
N ASN E 147 -4.50 4.53 -49.40
CA ASN E 147 -5.04 3.19 -49.40
C ASN E 147 -5.42 2.75 -50.79
N THR E 148 -5.32 3.65 -51.78
CA THR E 148 -5.53 3.36 -53.18
C THR E 148 -4.26 2.87 -53.84
N ARG E 149 -3.13 3.46 -53.51
CA ARG E 149 -1.85 2.92 -53.90
C ARG E 149 -1.69 1.55 -53.25
N LYS E 150 -1.02 0.64 -53.96
CA LYS E 150 -0.74 -0.74 -53.52
C LYS E 150 -2.00 -1.55 -53.28
N ALA E 151 -3.09 -1.19 -53.94
CA ALA E 151 -4.32 -1.95 -53.91
C ALA E 151 -4.53 -2.60 -55.27
N TYR E 152 -5.50 -3.51 -55.35
CA TYR E 152 -5.87 -4.07 -56.64
C TYR E 152 -6.78 -3.13 -57.40
N CYS E 153 -7.96 -2.88 -56.86
CA CYS E 153 -8.89 -1.92 -57.46
C CYS E 153 -9.80 -1.37 -56.38
N TRP E 154 -10.55 -0.35 -56.74
CA TRP E 154 -11.54 0.22 -55.86
C TRP E 154 -12.72 0.71 -56.67
N ASN E 155 -13.90 0.68 -56.07
CA ASN E 155 -15.11 1.18 -56.68
C ASN E 155 -15.67 2.29 -55.82
N ILE E 156 -16.50 3.15 -56.42
CA ILE E 156 -17.16 4.24 -55.71
C ILE E 156 -18.62 4.33 -56.16
N VAL E 157 -19.53 4.44 -55.19
CA VAL E 157 -20.97 4.54 -55.45
C VAL E 157 -21.50 5.70 -54.63
N LEU E 158 -22.16 6.65 -55.28
CA LEU E 158 -22.68 7.80 -54.58
C LEU E 158 -24.18 7.92 -54.81
N THR E 159 -24.88 8.32 -53.75
CA THR E 159 -26.32 8.58 -53.81
C THR E 159 -26.52 10.05 -53.50
N PRO E 160 -27.07 10.84 -54.41
CA PRO E 160 -27.36 12.23 -54.10
C PRO E 160 -28.78 12.51 -53.62
N TRP E 161 -28.94 13.69 -53.00
CA TRP E 161 -30.20 14.23 -52.53
C TRP E 161 -30.14 15.69 -52.92
N PRO E 162 -31.19 16.25 -53.55
CA PRO E 162 -32.47 15.73 -54.04
C PRO E 162 -32.35 15.09 -55.42
N TRP E 163 -33.06 13.99 -55.64
CA TRP E 163 -32.79 13.13 -56.77
C TRP E 163 -33.92 12.16 -57.01
N ASN E 164 -34.40 12.05 -58.25
CA ASN E 164 -35.41 11.06 -58.64
C ASN E 164 -34.75 10.07 -59.60
N GLY E 165 -34.29 8.95 -59.05
CA GLY E 165 -33.60 7.96 -59.85
C GLY E 165 -32.82 7.01 -58.96
N GLU E 166 -31.90 6.28 -59.58
CA GLU E 166 -31.08 5.30 -58.90
C GLU E 166 -29.63 5.75 -58.92
N LYS E 167 -28.81 5.09 -58.09
CA LYS E 167 -27.49 5.56 -57.68
C LYS E 167 -26.53 5.73 -58.84
N VAL E 168 -25.45 6.48 -58.60
CA VAL E 168 -24.44 6.74 -59.60
C VAL E 168 -23.21 5.93 -59.23
N GLY E 169 -22.64 5.25 -60.23
CA GLY E 169 -21.57 4.30 -59.97
C GLY E 169 -20.36 4.43 -60.85
N PHE E 170 -19.18 4.51 -60.24
CA PHE E 170 -17.91 4.50 -60.94
C PHE E 170 -17.17 3.24 -60.52
N GLU E 171 -16.70 2.45 -61.49
CA GLU E 171 -16.09 1.16 -61.21
C GLU E 171 -14.76 1.02 -61.92
N ASP E 172 -13.80 0.40 -61.23
CA ASP E 172 -12.42 0.22 -61.66
C ASP E 172 -11.78 1.56 -62.03
N ILE E 173 -11.62 2.39 -61.01
CA ILE E 173 -11.21 3.77 -61.18
C ILE E 173 -9.75 3.90 -61.63
N ARG E 174 -8.93 2.88 -61.45
CA ARG E 174 -7.56 2.96 -61.92
C ARG E 174 -7.45 2.84 -63.44
N THR E 175 -8.23 1.97 -64.05
CA THR E 175 -8.12 1.77 -65.49
C THR E 175 -9.13 2.61 -66.29
N ASN E 176 -10.38 2.70 -65.84
CA ASN E 176 -11.38 3.41 -66.62
C ASN E 176 -11.25 4.93 -66.49
N TYR E 177 -11.38 5.47 -65.28
CA TYR E 177 -11.57 6.91 -65.08
C TYR E 177 -10.25 7.56 -64.74
N THR E 178 -9.56 8.13 -65.74
CA THR E 178 -8.29 8.82 -65.55
C THR E 178 -8.25 10.26 -66.02
N SER E 179 -8.85 10.59 -67.17
CA SER E 179 -8.86 11.96 -67.66
C SER E 179 -10.11 12.68 -67.17
N ARG E 180 -10.37 13.87 -67.72
CA ARG E 180 -11.68 14.49 -67.53
C ARG E 180 -12.71 13.90 -68.48
N GLN E 181 -12.27 13.45 -69.65
CA GLN E 181 -13.18 13.12 -70.74
C GLN E 181 -13.86 11.77 -70.53
N ASP E 182 -13.21 10.85 -69.84
CA ASP E 182 -13.85 9.58 -69.54
C ASP E 182 -14.68 9.62 -68.28
N PHE E 183 -14.67 10.74 -67.55
CA PHE E 183 -15.74 11.00 -66.60
C PHE E 183 -17.02 11.39 -67.31
N LYS E 184 -16.91 12.20 -68.37
CA LYS E 184 -18.06 12.78 -69.04
C LYS E 184 -18.87 11.76 -69.83
N ASN E 185 -18.28 10.62 -70.17
CA ASN E 185 -19.02 9.61 -70.91
C ASN E 185 -19.97 8.81 -70.04
N ASN E 186 -19.87 8.96 -68.72
CA ASN E 186 -20.88 8.39 -67.85
C ASN E 186 -22.19 9.13 -68.05
N LYS E 187 -23.30 8.43 -67.87
CA LYS E 187 -24.58 9.05 -68.20
C LYS E 187 -25.02 10.01 -67.10
N ASN E 188 -24.78 9.68 -65.84
CA ASN E 188 -25.17 10.54 -64.72
C ASN E 188 -24.03 11.47 -64.32
N TRP E 189 -23.45 12.17 -65.27
CA TRP E 189 -22.41 13.14 -64.96
C TRP E 189 -22.82 14.57 -65.21
N SER E 190 -23.55 14.83 -66.28
CA SER E 190 -24.02 16.18 -66.54
C SER E 190 -25.19 16.57 -65.66
N ALA E 191 -25.77 15.62 -64.94
CA ALA E 191 -26.87 15.91 -64.03
C ALA E 191 -26.40 16.17 -62.62
N ILE E 192 -25.41 15.41 -62.13
CA ILE E 192 -24.88 15.66 -60.79
C ILE E 192 -23.95 16.85 -60.73
N VAL E 193 -23.47 17.34 -61.88
CA VAL E 193 -22.61 18.52 -61.88
C VAL E 193 -23.41 19.80 -62.05
N GLU E 194 -24.68 19.71 -62.39
CA GLU E 194 -25.55 20.88 -62.41
C GLU E 194 -26.41 21.01 -61.17
N MET E 195 -26.42 20.01 -60.29
CA MET E 195 -27.03 20.23 -59.00
C MET E 195 -26.03 20.75 -57.98
N ILE E 196 -24.75 20.79 -58.32
CA ILE E 196 -23.80 21.60 -57.57
C ILE E 196 -23.88 23.05 -57.99
N LYS E 197 -24.31 23.32 -59.23
CA LYS E 197 -24.42 24.69 -59.72
C LYS E 197 -25.63 25.40 -59.15
N THR E 198 -26.78 24.74 -59.08
CA THR E 198 -27.97 25.31 -58.47
C THR E 198 -27.92 25.25 -56.95
N ALA E 199 -26.79 24.88 -56.36
CA ALA E 199 -26.52 25.08 -54.96
C ALA E 199 -25.71 26.34 -54.72
N PHE E 200 -24.84 26.68 -55.65
CA PHE E 200 -24.05 27.89 -55.52
C PHE E 200 -24.78 29.12 -56.05
N SER E 201 -25.66 28.95 -57.02
CA SER E 201 -26.33 30.10 -57.63
C SER E 201 -27.51 30.57 -56.79
N SER E 202 -28.45 29.69 -56.51
CA SER E 202 -29.69 30.08 -55.88
C SER E 202 -29.50 30.34 -54.39
N THR E 203 -30.32 31.23 -53.85
CA THR E 203 -30.42 31.41 -52.42
C THR E 203 -31.05 30.15 -51.81
N ASP E 204 -30.62 29.83 -50.58
CA ASP E 204 -30.82 28.57 -49.83
C ASP E 204 -30.82 27.32 -50.71
N GLY E 205 -29.76 27.20 -51.51
CA GLY E 205 -29.52 25.97 -52.23
C GLY E 205 -28.88 24.93 -51.33
N LEU E 206 -29.07 23.66 -51.70
CA LEU E 206 -28.54 22.56 -50.91
C LEU E 206 -28.40 21.33 -51.80
N ALA E 207 -27.23 20.70 -51.75
CA ALA E 207 -27.00 19.42 -52.40
C ALA E 207 -26.23 18.53 -51.44
N ILE E 208 -26.65 17.27 -51.32
CA ILE E 208 -26.11 16.37 -50.32
C ILE E 208 -25.73 15.08 -51.01
N PHE E 209 -24.44 14.80 -51.09
CA PHE E 209 -23.98 13.54 -51.66
C PHE E 209 -23.54 12.66 -50.51
N GLU E 210 -23.88 11.38 -50.56
CA GLU E 210 -23.24 10.47 -49.61
C GLU E 210 -22.58 9.34 -50.39
N VAL E 211 -21.32 9.04 -50.04
CA VAL E 211 -20.38 8.33 -50.89
C VAL E 211 -19.93 7.06 -50.18
N ARG E 212 -19.73 5.99 -50.96
CA ARG E 212 -19.33 4.69 -50.44
C ARG E 212 -18.31 4.05 -51.37
N ALA E 213 -17.11 3.77 -50.86
CA ALA E 213 -16.04 3.15 -51.63
C ALA E 213 -15.81 1.72 -51.16
N THR E 214 -15.33 0.86 -52.06
CA THR E 214 -14.87 -0.48 -51.70
C THR E 214 -13.46 -0.67 -52.22
N LEU E 215 -12.53 -1.03 -51.34
CA LEU E 215 -11.14 -1.29 -51.67
C LEU E 215 -10.86 -2.78 -51.63
N HIS E 216 -10.22 -3.29 -52.69
CA HIS E 216 -9.82 -4.69 -52.79
C HIS E 216 -8.31 -4.76 -52.62
N LEU E 217 -7.86 -5.27 -51.49
CA LEU E 217 -6.48 -5.22 -51.06
C LEU E 217 -5.83 -6.59 -51.17
N PRO E 218 -4.50 -6.68 -51.08
CA PRO E 218 -3.85 -7.97 -50.93
C PRO E 218 -4.02 -8.50 -49.51
N THR E 219 -3.47 -9.68 -49.26
CA THR E 219 -3.75 -10.41 -48.04
C THR E 219 -2.89 -9.88 -46.88
N ASN E 220 -3.55 -9.58 -45.77
CA ASN E 220 -2.96 -9.01 -44.54
C ASN E 220 -2.29 -7.66 -44.77
N ALA E 221 -2.72 -6.92 -45.78
CA ALA E 221 -2.13 -5.62 -46.05
C ALA E 221 -2.55 -4.62 -44.99
N MET E 222 -1.91 -3.47 -45.03
CA MET E 222 -1.98 -2.50 -43.96
C MET E 222 -2.90 -1.35 -44.35
N VAL E 223 -3.91 -1.09 -43.53
CA VAL E 223 -4.73 0.10 -43.65
C VAL E 223 -3.97 1.26 -43.02
N ARG E 224 -4.07 2.46 -43.60
CA ARG E 224 -3.40 3.65 -43.08
C ARG E 224 -4.42 4.74 -42.77
N PRO E 225 -4.95 4.79 -41.54
CA PRO E 225 -5.80 5.92 -41.14
C PRO E 225 -4.99 7.13 -40.72
N SER E 226 -5.64 8.18 -40.21
CA SER E 226 -4.95 9.40 -39.84
C SER E 226 -4.59 9.37 -38.36
N GLN E 227 -3.67 10.25 -37.98
CA GLN E 227 -2.98 10.20 -36.70
C GLN E 227 -3.33 11.41 -35.87
N VAL E 228 -2.96 11.40 -34.59
CA VAL E 228 -3.33 12.47 -33.68
C VAL E 228 -2.13 13.38 -33.50
N PHE E 229 -2.40 14.65 -33.20
CA PHE E 229 -1.34 15.61 -32.89
C PHE E 229 -1.00 15.44 -31.42
N THR E 230 0.21 15.00 -31.14
CA THR E 230 0.63 14.68 -29.79
C THR E 230 1.39 15.85 -29.20
N GLU E 231 1.15 16.13 -27.94
CA GLU E 231 1.79 17.24 -27.26
C GLU E 231 3.27 16.96 -27.01
N GLN E 243 6.36 5.85 -24.09
CA GLN E 243 6.25 6.72 -25.24
C GLN E 243 5.54 5.99 -26.36
N ASN E 244 4.92 6.74 -27.28
CA ASN E 244 4.11 6.15 -28.32
C ASN E 244 4.09 7.14 -29.50
N SER E 245 4.86 6.83 -30.53
CA SER E 245 4.66 7.45 -31.82
C SER E 245 3.63 6.65 -32.61
N ARG E 246 3.02 7.30 -33.61
CA ARG E 246 1.98 6.70 -34.46
C ARG E 246 0.79 6.25 -33.61
N VAL E 247 0.06 7.25 -33.12
CA VAL E 247 -1.21 7.08 -32.44
C VAL E 247 -2.30 7.39 -33.44
N PHE E 248 -3.38 6.62 -33.45
CA PHE E 248 -4.41 6.79 -34.47
C PHE E 248 -5.58 7.60 -33.94
N GLN E 249 -6.32 8.23 -34.86
CA GLN E 249 -7.58 8.84 -34.52
C GLN E 249 -8.66 7.78 -34.57
N SER E 250 -9.61 7.85 -33.66
CA SER E 250 -10.52 6.73 -33.48
C SER E 250 -11.92 7.21 -33.16
N THR E 251 -12.83 6.26 -33.09
CA THR E 251 -14.21 6.48 -32.69
C THR E 251 -14.73 5.19 -32.10
N THR E 252 -15.94 5.25 -31.56
CA THR E 252 -16.65 4.06 -31.07
C THR E 252 -17.71 3.67 -32.08
N ILE E 253 -17.59 2.48 -32.64
CA ILE E 253 -18.67 1.88 -33.41
C ILE E 253 -18.98 0.56 -32.75
N ASP E 254 -20.23 0.40 -32.31
CA ASP E 254 -20.75 -0.82 -31.66
C ASP E 254 -19.93 -1.21 -30.43
N GLY E 255 -19.53 -0.22 -29.65
CA GLY E 255 -18.67 -0.48 -28.52
C GLY E 255 -17.27 -0.95 -28.87
N GLU E 256 -16.73 -0.52 -30.01
CA GLU E 256 -15.41 -0.93 -30.44
C GLU E 256 -14.63 0.27 -30.94
N ARG E 257 -13.33 0.31 -30.65
CA ARG E 257 -12.45 1.33 -31.20
C ARG E 257 -12.25 1.09 -32.68
N SER E 258 -12.46 2.13 -33.49
CA SER E 258 -12.34 1.96 -34.89
C SER E 258 -11.71 3.23 -35.45
N PRO E 259 -10.71 3.15 -36.30
CA PRO E 259 -10.12 4.36 -36.88
C PRO E 259 -11.06 5.03 -37.89
N ILE E 260 -10.76 6.29 -38.19
CA ILE E 260 -11.72 7.08 -38.96
C ILE E 260 -11.19 7.73 -40.24
N LEU E 261 -9.89 8.04 -40.29
CA LEU E 261 -9.29 8.87 -41.35
C LEU E 261 -10.02 10.22 -41.47
N GLY E 262 -9.93 10.97 -40.38
CA GLY E 262 -10.16 12.40 -40.35
C GLY E 262 -11.54 12.95 -40.63
N ALA E 263 -11.73 14.24 -40.34
CA ALA E 263 -12.81 15.04 -40.90
C ALA E 263 -12.35 16.38 -41.42
N PHE E 264 -11.22 16.90 -40.94
CA PHE E 264 -10.50 18.00 -41.55
C PHE E 264 -9.44 17.50 -42.51
N LYS E 265 -9.42 16.20 -42.79
CA LYS E 265 -8.49 15.62 -43.73
C LYS E 265 -9.18 15.20 -45.02
N THR E 266 -10.46 14.88 -44.98
CA THR E 266 -11.25 14.73 -46.19
C THR E 266 -11.84 16.04 -46.65
N GLY E 267 -11.55 17.13 -45.97
CA GLY E 267 -11.92 18.43 -46.43
C GLY E 267 -10.77 19.01 -47.21
N ALA E 268 -9.57 18.74 -46.73
CA ALA E 268 -8.33 19.05 -47.42
C ALA E 268 -8.13 18.22 -48.66
N ALA E 269 -8.84 17.11 -48.80
CA ALA E 269 -8.64 16.16 -49.88
C ALA E 269 -9.57 16.37 -51.05
N ILE E 270 -10.61 17.19 -50.90
CA ILE E 270 -11.42 17.58 -52.03
C ILE E 270 -11.22 19.04 -52.38
N ALA E 271 -10.31 19.74 -51.70
CA ALA E 271 -9.96 21.10 -52.07
C ALA E 271 -8.52 21.20 -52.55
N THR E 272 -7.95 20.11 -53.06
CA THR E 272 -6.66 20.21 -53.78
C THR E 272 -6.95 20.46 -55.25
N ILE E 273 -7.28 21.71 -55.57
CA ILE E 273 -7.63 22.07 -56.94
C ILE E 273 -6.74 23.17 -57.52
N ASP E 274 -5.93 23.83 -56.71
CA ASP E 274 -5.18 25.02 -57.11
C ASP E 274 -3.98 24.60 -57.95
N ASP E 275 -4.08 24.76 -59.27
CA ASP E 275 -2.91 24.69 -60.14
C ASP E 275 -2.84 25.92 -61.02
N TRP E 276 -3.05 27.09 -60.44
CA TRP E 276 -3.00 28.35 -61.17
C TRP E 276 -1.79 29.18 -60.80
N TYR E 277 -0.95 28.69 -59.89
CA TYR E 277 0.28 29.34 -59.46
C TYR E 277 1.29 29.34 -60.61
N PRO E 278 2.31 30.24 -60.59
CA PRO E 278 3.03 30.57 -61.85
C PRO E 278 3.77 29.43 -62.57
N GLU E 279 4.26 28.43 -61.85
CA GLU E 279 4.96 27.35 -62.55
C GLU E 279 4.29 26.00 -62.26
N ALA E 280 2.96 25.98 -62.42
CA ALA E 280 2.10 24.93 -61.88
C ALA E 280 2.36 23.57 -62.52
N THR E 281 2.80 22.61 -61.70
CA THR E 281 3.04 21.25 -62.15
C THR E 281 2.11 20.22 -61.52
N GLU E 282 1.56 20.48 -60.35
CA GLU E 282 0.58 19.60 -59.72
C GLU E 282 -0.33 20.44 -58.86
N PRO E 283 -1.55 19.98 -58.60
CA PRO E 283 -2.47 20.78 -57.79
C PRO E 283 -2.01 20.92 -56.35
N LEU E 284 -2.10 22.14 -55.84
CA LEU E 284 -1.94 22.43 -54.42
C LEU E 284 -3.33 22.48 -53.81
N ARG E 285 -3.39 22.80 -52.53
CA ARG E 285 -4.63 22.89 -51.79
C ARG E 285 -4.93 24.35 -51.51
N VAL E 286 -6.19 24.75 -51.67
CA VAL E 286 -6.52 26.17 -51.74
C VAL E 286 -6.39 26.83 -50.38
N GLY E 287 -5.26 27.49 -50.16
CA GLY E 287 -4.99 28.20 -48.93
C GLY E 287 -4.90 29.69 -49.21
N ARG E 288 -4.22 30.43 -48.35
CA ARG E 288 -4.02 31.86 -48.56
C ARG E 288 -2.72 32.13 -49.29
N PHE E 289 -1.62 31.55 -48.81
CA PHE E 289 -0.29 31.83 -49.31
C PHE E 289 0.31 30.64 -50.04
N GLY E 290 -0.53 29.74 -50.54
CA GLY E 290 -0.13 28.65 -51.41
C GLY E 290 0.89 27.66 -50.86
N VAL E 291 0.60 27.05 -49.71
CA VAL E 291 1.56 26.20 -49.03
C VAL E 291 1.62 24.85 -49.73
N HIS E 292 2.83 24.41 -50.07
CA HIS E 292 3.07 23.05 -50.48
C HIS E 292 3.54 22.27 -49.25
N ARG E 293 3.28 20.96 -49.24
CA ARG E 293 3.63 20.17 -48.07
C ARG E 293 4.93 19.40 -48.23
N GLU E 294 5.14 18.72 -49.35
CA GLU E 294 6.36 17.93 -49.52
C GLU E 294 7.57 18.79 -49.83
N ASP E 295 7.39 20.08 -50.03
CA ASP E 295 8.43 21.08 -49.95
C ASP E 295 8.04 21.97 -48.79
N VAL E 296 9.00 22.50 -48.06
CA VAL E 296 8.60 23.19 -46.83
C VAL E 296 8.78 24.67 -47.14
N THR E 297 8.51 25.03 -48.38
CA THR E 297 8.35 26.41 -48.81
C THR E 297 6.98 26.59 -49.44
N CYS E 298 6.52 27.83 -49.49
CA CYS E 298 5.25 28.18 -50.08
C CYS E 298 5.49 28.86 -51.42
N TYR E 299 4.87 28.33 -52.47
CA TYR E 299 4.68 29.10 -53.69
C TYR E 299 3.56 30.07 -53.43
N ARG E 300 3.40 31.05 -54.34
CA ARG E 300 2.36 32.09 -54.21
C ARG E 300 2.55 32.88 -52.91
N HIS E 301 3.80 33.24 -52.65
CA HIS E 301 4.22 34.05 -51.53
C HIS E 301 3.67 35.47 -51.68
N PRO E 302 3.55 36.23 -50.58
CA PRO E 302 3.18 37.65 -50.69
C PRO E 302 4.08 38.51 -51.59
N SER E 303 5.36 38.16 -51.74
CA SER E 303 6.25 38.93 -52.60
C SER E 303 5.90 38.78 -54.07
N THR E 304 5.29 37.66 -54.46
CA THR E 304 4.91 37.41 -55.84
C THR E 304 3.77 38.30 -56.31
N GLY E 305 3.06 38.96 -55.41
CA GLY E 305 1.87 39.71 -55.78
C GLY E 305 0.76 38.79 -56.25
N LYS E 306 0.64 37.63 -55.63
CA LYS E 306 -0.25 36.62 -56.16
C LYS E 306 -1.07 35.93 -55.07
N ASP E 307 -0.90 36.30 -53.80
CA ASP E 307 -1.63 35.66 -52.73
C ASP E 307 -3.06 36.21 -52.67
N PHE E 308 -3.77 35.91 -51.60
CA PHE E 308 -5.18 36.25 -51.57
C PHE E 308 -5.44 37.73 -51.32
N PHE E 309 -4.67 38.35 -50.44
CA PHE E 309 -5.02 39.70 -50.02
C PHE E 309 -4.68 40.72 -51.10
N SER E 310 -3.57 40.52 -51.81
CA SER E 310 -3.21 41.37 -52.94
C SER E 310 -4.20 41.24 -54.08
N ILE E 311 -4.83 40.08 -54.23
CA ILE E 311 -5.85 39.91 -55.25
C ILE E 311 -7.17 40.53 -54.81
N LEU E 312 -7.52 40.35 -53.54
CA LEU E 312 -8.78 40.86 -53.00
C LEU E 312 -8.83 42.39 -52.99
N GLN E 313 -7.70 43.05 -52.74
CA GLN E 313 -7.75 44.50 -52.61
C GLN E 313 -7.70 45.23 -53.95
N GLN E 314 -8.04 44.57 -55.06
CA GLN E 314 -8.31 45.23 -56.33
C GLN E 314 -9.57 44.64 -56.97
N ALA E 315 -10.60 44.47 -56.13
CA ALA E 315 -11.89 44.00 -56.62
C ALA E 315 -12.57 45.05 -57.49
N GLU E 316 -12.26 46.33 -57.29
CA GLU E 316 -12.73 47.37 -58.20
C GLU E 316 -12.21 47.14 -59.61
N HIS E 317 -10.93 46.79 -59.70
CA HIS E 317 -10.31 46.49 -60.99
C HIS E 317 -10.96 45.27 -61.63
N TYR E 318 -11.30 44.27 -60.83
CA TYR E 318 -11.94 43.09 -61.41
C TYR E 318 -13.38 43.37 -61.85
N ILE E 319 -14.11 44.22 -61.12
CA ILE E 319 -15.47 44.56 -61.53
C ILE E 319 -15.45 45.44 -62.79
N GLU E 320 -14.40 46.22 -62.98
CA GLU E 320 -14.27 46.94 -64.25
C GLU E 320 -13.91 46.01 -65.40
N VAL E 321 -13.11 44.97 -65.15
CA VAL E 321 -12.75 44.04 -66.21
C VAL E 321 -13.93 43.15 -66.60
N LEU E 322 -14.76 42.74 -65.64
CA LEU E 322 -15.89 41.87 -65.96
C LEU E 322 -17.08 42.60 -66.56
N SER E 323 -16.96 43.90 -66.85
CA SER E 323 -18.03 44.63 -67.54
C SER E 323 -17.48 45.30 -68.79
N ALA E 324 -16.72 44.55 -69.59
CA ALA E 324 -16.02 45.14 -70.73
C ALA E 324 -16.06 44.26 -71.98
N ASN E 325 -16.98 43.29 -72.06
CA ASN E 325 -17.30 42.47 -73.23
C ASN E 325 -16.13 41.59 -73.71
N LYS E 326 -15.06 41.46 -72.92
CA LYS E 326 -13.90 40.65 -73.28
C LYS E 326 -13.07 40.40 -72.02
N THR E 327 -12.74 39.13 -71.76
CA THR E 327 -11.92 38.76 -70.60
C THR E 327 -10.65 38.07 -71.07
N PRO E 328 -9.46 38.55 -70.69
CA PRO E 328 -8.22 37.87 -71.08
C PRO E 328 -7.92 36.69 -70.17
N ALA E 329 -7.75 35.52 -70.77
CA ALA E 329 -7.71 34.25 -70.04
C ALA E 329 -6.39 33.98 -69.35
N GLN E 330 -5.43 34.92 -69.38
CA GLN E 330 -4.11 34.62 -68.85
C GLN E 330 -4.11 34.69 -67.33
N GLU E 331 -4.42 35.85 -66.78
CA GLU E 331 -4.31 36.05 -65.36
C GLU E 331 -5.65 36.33 -64.71
N THR E 332 -6.47 37.18 -65.32
CA THR E 332 -7.67 37.66 -64.65
C THR E 332 -8.83 36.70 -64.77
N ILE E 333 -8.65 35.53 -65.38
CA ILE E 333 -9.58 34.43 -65.11
C ILE E 333 -9.00 33.49 -64.06
N ASN E 334 -7.71 33.19 -64.15
CA ASN E 334 -7.06 32.36 -63.14
C ASN E 334 -6.79 33.10 -61.83
N ASP E 335 -7.17 34.37 -61.72
CA ASP E 335 -7.25 35.04 -60.44
C ASP E 335 -8.66 35.12 -59.89
N MET E 336 -9.67 35.00 -60.75
CA MET E 336 -11.04 34.96 -60.26
C MET E 336 -11.38 33.60 -59.67
N HIS E 337 -10.87 32.53 -60.26
CA HIS E 337 -11.07 31.20 -59.70
C HIS E 337 -10.43 31.06 -58.33
N PHE E 338 -9.27 31.67 -58.14
CA PHE E 338 -8.58 31.62 -56.85
C PHE E 338 -9.33 32.39 -55.78
N LEU E 339 -9.86 33.55 -56.14
CA LEU E 339 -10.65 34.35 -55.20
C LEU E 339 -11.97 33.67 -54.85
N MET E 340 -12.63 33.04 -55.83
CA MET E 340 -13.87 32.34 -55.53
C MET E 340 -13.63 31.09 -54.71
N ALA E 341 -12.55 30.36 -55.00
CA ALA E 341 -12.18 29.20 -54.20
C ALA E 341 -11.82 29.57 -52.77
N ASN E 342 -11.23 30.75 -52.56
CA ASN E 342 -11.00 31.25 -51.21
C ASN E 342 -12.24 31.80 -50.55
N LEU E 343 -13.31 32.07 -51.28
CA LEU E 343 -14.56 32.36 -50.60
C LEU E 343 -15.38 31.12 -50.32
N ILE E 344 -15.22 30.07 -51.12
CA ILE E 344 -15.84 28.77 -50.85
C ILE E 344 -15.13 28.09 -49.68
N LYS E 345 -13.86 28.40 -49.45
CA LYS E 345 -13.17 27.89 -48.26
C LYS E 345 -13.70 28.52 -46.98
N GLY E 346 -14.00 29.82 -46.99
CA GLY E 346 -14.35 30.52 -45.78
C GLY E 346 -13.13 30.91 -44.99
N GLY E 347 -13.31 31.86 -44.08
CA GLY E 347 -12.18 32.28 -43.28
C GLY E 347 -12.42 33.58 -42.58
N MET E 348 -11.34 34.21 -42.17
CA MET E 348 -11.35 35.33 -41.25
C MET E 348 -10.38 36.39 -41.76
N PHE E 349 -10.49 36.73 -43.03
CA PHE E 349 -9.58 37.69 -43.67
C PHE E 349 -9.93 39.11 -43.27
N GLN E 350 -9.35 39.56 -42.15
CA GLN E 350 -9.74 40.82 -41.53
C GLN E 350 -8.61 41.66 -40.96
N HIS E 351 -7.39 41.16 -40.83
CA HIS E 351 -6.30 41.69 -39.98
C HIS E 351 -6.79 41.87 -38.55
N LYS F 4 25.75 20.28 -45.54
CA LYS F 4 25.37 19.50 -46.70
C LYS F 4 23.93 19.00 -46.57
N LEU F 5 23.67 18.15 -45.59
CA LEU F 5 22.37 17.52 -45.46
C LEU F 5 21.37 18.49 -44.84
N PRO F 6 20.19 18.66 -45.41
CA PRO F 6 19.28 19.71 -44.96
C PRO F 6 18.58 19.42 -43.63
N THR F 7 17.63 20.29 -43.29
CA THR F 7 16.89 20.20 -42.04
C THR F 7 15.74 19.19 -42.12
N ASN F 8 15.24 18.90 -43.32
CA ASN F 8 14.31 17.81 -43.51
C ASN F 8 14.65 17.04 -44.76
N LEU F 9 14.69 15.72 -44.65
CA LEU F 9 14.86 14.81 -45.78
C LEU F 9 14.35 13.46 -45.33
N ALA F 10 13.27 12.99 -45.93
CA ALA F 10 12.68 11.72 -45.56
C ALA F 10 12.27 11.00 -46.83
N TYR F 11 12.16 9.68 -46.73
CA TYR F 11 11.72 8.80 -47.79
C TYR F 11 10.65 7.88 -47.26
N GLU F 12 10.05 7.11 -48.16
CA GLU F 12 9.15 6.04 -47.78
C GLU F 12 9.73 4.72 -48.26
N ARG F 13 9.23 3.64 -47.70
CA ARG F 13 9.74 2.34 -48.07
C ARG F 13 9.10 1.88 -49.37
N SER F 14 9.93 1.39 -50.27
CA SER F 14 9.50 0.93 -51.57
C SER F 14 9.13 -0.54 -51.60
N ILE F 15 9.45 -1.28 -50.53
CA ILE F 15 9.05 -2.68 -50.38
C ILE F 15 8.27 -2.78 -49.08
N ASP F 16 7.12 -3.44 -49.12
CA ASP F 16 6.18 -3.40 -48.01
C ASP F 16 5.54 -4.76 -47.79
N PRO F 17 6.12 -5.61 -46.90
CA PRO F 17 5.54 -6.93 -46.65
C PRO F 17 4.51 -6.93 -45.52
N SER F 18 4.02 -8.11 -45.15
CA SER F 18 2.97 -8.23 -44.15
C SER F 18 3.30 -9.41 -43.25
N ASP F 19 2.37 -9.75 -42.36
CA ASP F 19 2.50 -10.90 -41.47
C ASP F 19 2.56 -12.20 -42.26
N VAL F 20 2.95 -13.27 -41.60
CA VAL F 20 2.86 -14.62 -42.15
C VAL F 20 1.75 -15.33 -41.37
N CYS F 21 1.07 -16.27 -42.01
CA CYS F 21 0.11 -17.10 -41.29
C CYS F 21 0.47 -18.56 -41.44
N PHE F 22 0.31 -19.31 -40.34
CA PHE F 22 0.59 -20.74 -40.27
C PHE F 22 -0.71 -21.51 -40.19
N PHE F 23 -0.81 -22.60 -40.94
CA PHE F 23 -2.00 -23.43 -40.96
C PHE F 23 -1.60 -24.88 -41.01
N VAL F 24 -2.11 -25.68 -40.08
CA VAL F 24 -1.95 -27.11 -40.15
C VAL F 24 -2.87 -27.65 -41.23
N VAL F 25 -2.34 -28.51 -42.10
CA VAL F 25 -3.18 -29.18 -43.09
C VAL F 25 -3.06 -30.69 -42.88
N TRP F 26 -4.21 -31.35 -42.93
CA TRP F 26 -4.48 -32.71 -42.49
C TRP F 26 -4.51 -33.65 -43.67
N PRO F 27 -4.50 -34.98 -43.46
CA PRO F 27 -4.62 -35.89 -44.60
C PRO F 27 -6.00 -35.95 -45.23
N ASP F 28 -7.03 -35.45 -44.56
CA ASP F 28 -8.33 -35.22 -45.19
C ASP F 28 -8.29 -34.03 -46.13
N ASP F 29 -7.23 -33.23 -46.05
CA ASP F 29 -7.06 -31.93 -46.68
C ASP F 29 -8.20 -30.99 -46.29
N ARG F 30 -8.30 -30.76 -44.98
CA ARG F 30 -8.83 -29.55 -44.40
C ARG F 30 -7.66 -28.76 -43.82
N LYS F 31 -7.91 -27.56 -43.33
CA LYS F 31 -6.82 -26.77 -42.78
C LYS F 31 -7.29 -25.84 -41.68
N THR F 32 -6.56 -25.85 -40.58
CA THR F 32 -6.91 -25.17 -39.34
C THR F 32 -5.76 -24.27 -38.92
N PRO F 33 -6.01 -23.27 -38.09
CA PRO F 33 -4.90 -22.48 -37.54
C PRO F 33 -4.08 -23.27 -36.53
N LEU F 34 -2.81 -22.91 -36.45
CA LEU F 34 -1.86 -23.54 -35.55
C LEU F 34 -1.85 -22.80 -34.23
N THR F 35 -2.37 -23.42 -33.18
CA THR F 35 -2.52 -22.80 -31.86
C THR F 35 -1.34 -23.12 -30.97
N TYR F 36 -1.32 -22.51 -29.78
CA TYR F 36 -0.26 -22.73 -28.82
C TYR F 36 -0.82 -22.53 -27.42
N ASN F 37 0.04 -22.72 -26.42
CA ASN F 37 -0.30 -22.48 -25.03
C ASN F 37 0.99 -22.22 -24.25
N SER F 38 0.84 -22.06 -22.94
CA SER F 38 1.96 -21.79 -22.05
C SER F 38 2.08 -22.91 -21.03
N ARG F 39 3.32 -23.24 -20.67
CA ARG F 39 3.58 -24.24 -19.66
C ARG F 39 4.72 -23.80 -18.76
N THR F 40 4.65 -24.23 -17.50
CA THR F 40 5.71 -23.97 -16.53
C THR F 40 6.51 -25.25 -16.31
N LEU F 41 7.78 -25.05 -16.01
CA LEU F 41 8.75 -26.13 -16.14
C LEU F 41 9.90 -25.88 -15.17
N LEU F 42 10.41 -26.96 -14.59
CA LEU F 42 11.43 -26.88 -13.56
C LEU F 42 12.79 -27.00 -14.22
N GLY F 43 13.74 -26.17 -13.79
CA GLY F 43 15.08 -26.23 -14.32
C GLY F 43 16.11 -26.07 -13.23
N GLN F 44 17.31 -26.55 -13.54
CA GLN F 44 18.41 -26.52 -12.59
C GLN F 44 18.92 -25.09 -12.45
N MET F 45 19.60 -24.81 -11.34
CA MET F 45 20.21 -23.50 -11.15
C MET F 45 21.51 -23.51 -11.94
N GLU F 46 21.37 -23.23 -13.24
CA GLU F 46 22.43 -23.33 -14.23
C GLU F 46 23.03 -21.97 -14.56
N ALA F 47 22.77 -20.97 -13.75
CA ALA F 47 23.29 -19.63 -14.01
C ALA F 47 24.69 -19.48 -13.46
N ALA F 48 25.43 -18.53 -14.03
CA ALA F 48 26.81 -18.29 -13.63
C ALA F 48 26.94 -17.23 -12.55
N SER F 49 25.88 -16.48 -12.28
CA SER F 49 25.88 -15.49 -11.22
C SER F 49 25.38 -16.06 -9.90
N LEU F 50 25.23 -17.36 -9.81
CA LEU F 50 24.82 -18.05 -8.60
C LEU F 50 25.97 -18.77 -7.94
N ALA F 51 27.18 -18.65 -8.48
CA ALA F 51 28.33 -19.30 -7.89
C ALA F 51 29.62 -18.49 -7.99
N TYR F 52 29.58 -17.27 -8.52
CA TYR F 52 30.80 -16.50 -8.73
C TYR F 52 30.47 -15.02 -8.63
N ASP F 53 31.46 -14.20 -8.25
CA ASP F 53 31.36 -12.76 -8.42
C ASP F 53 32.44 -12.20 -9.33
N VAL F 54 33.71 -12.22 -8.92
CA VAL F 54 34.85 -11.87 -9.75
C VAL F 54 36.00 -12.85 -9.51
N SER F 55 36.01 -13.95 -10.28
CA SER F 55 36.90 -15.11 -10.06
C SER F 55 36.89 -15.56 -8.61
N GLY F 56 35.69 -15.65 -8.03
CA GLY F 56 35.57 -15.96 -6.62
C GLY F 56 34.15 -16.29 -6.22
N GLN F 57 34.00 -17.38 -5.50
CA GLN F 57 32.73 -17.98 -5.13
C GLN F 57 32.11 -17.20 -3.97
N PRO F 58 30.78 -17.20 -3.84
CA PRO F 58 30.15 -16.41 -2.77
C PRO F 58 30.34 -17.09 -1.43
N ILE F 59 30.21 -16.30 -0.37
CA ILE F 59 30.68 -16.73 0.93
C ILE F 59 29.62 -17.63 1.54
N LYS F 60 29.67 -18.92 1.16
CA LYS F 60 28.88 -20.02 1.71
C LYS F 60 27.38 -19.84 1.54
N SER F 61 26.93 -18.90 0.71
CA SER F 61 25.51 -18.83 0.41
C SER F 61 25.14 -19.90 -0.61
N ALA F 62 26.02 -20.14 -1.57
CA ALA F 62 25.85 -21.19 -2.57
C ALA F 62 26.65 -22.40 -2.12
N THR F 63 26.01 -23.23 -1.31
CA THR F 63 26.55 -24.51 -0.89
C THR F 63 26.13 -25.59 -1.88
N ALA F 64 26.29 -26.86 -1.48
CA ALA F 64 25.85 -27.98 -2.29
C ALA F 64 24.37 -28.30 -2.12
N GLU F 65 23.67 -27.58 -1.25
CA GLU F 65 22.22 -27.70 -1.16
C GLU F 65 21.52 -26.46 -1.68
N ALA F 66 22.26 -25.37 -1.89
CA ALA F 66 21.72 -24.15 -2.48
C ALA F 66 22.14 -23.98 -3.93
N LEU F 67 22.61 -25.05 -4.56
CA LEU F 67 22.82 -25.10 -6.00
C LEU F 67 22.10 -26.29 -6.61
N ALA F 68 21.17 -26.91 -5.88
CA ALA F 68 20.47 -28.04 -6.45
C ALA F 68 19.00 -28.12 -6.06
N GLN F 69 18.38 -27.01 -5.68
CA GLN F 69 16.93 -26.98 -5.62
C GLN F 69 16.40 -26.52 -6.97
N GLY F 70 15.10 -26.30 -7.06
CA GLY F 70 14.48 -26.02 -8.34
C GLY F 70 14.70 -24.61 -8.83
N ASN F 71 14.18 -24.36 -10.04
CA ASN F 71 14.11 -23.02 -10.60
C ASN F 71 12.94 -23.05 -11.57
N PRO F 72 11.75 -22.60 -11.15
CA PRO F 72 10.57 -22.72 -12.02
C PRO F 72 10.38 -21.58 -13.01
N HIS F 73 10.41 -21.89 -14.30
CA HIS F 73 10.22 -20.91 -15.35
C HIS F 73 8.90 -21.15 -16.04
N GLN F 74 8.47 -20.20 -16.85
CA GLN F 74 7.23 -20.34 -17.60
C GLN F 74 7.46 -19.87 -19.02
N VAL F 75 7.10 -20.68 -20.02
CA VAL F 75 7.33 -20.35 -21.41
C VAL F 75 6.07 -20.63 -22.22
N ASP F 76 6.05 -20.12 -23.45
CA ASP F 76 5.10 -20.55 -24.47
C ASP F 76 5.69 -21.72 -25.25
N PHE F 77 4.83 -22.60 -25.75
CA PHE F 77 5.32 -23.79 -26.44
C PHE F 77 4.35 -24.17 -27.54
N CYS F 78 4.82 -24.16 -28.78
CA CYS F 78 4.02 -24.45 -29.97
C CYS F 78 4.63 -25.61 -30.73
N HIS F 79 3.79 -26.50 -31.24
CA HIS F 79 4.30 -27.68 -31.92
C HIS F 79 3.26 -28.20 -32.91
N VAL F 80 3.73 -28.90 -33.94
CA VAL F 80 2.83 -29.50 -34.93
C VAL F 80 2.02 -30.61 -34.28
N PRO F 81 0.70 -30.64 -34.44
CA PRO F 81 -0.11 -31.71 -33.83
C PRO F 81 0.15 -33.06 -34.49
N TYR F 82 -0.43 -34.09 -33.87
CA TYR F 82 -0.13 -35.45 -34.26
C TYR F 82 -1.10 -35.91 -35.33
N GLY F 83 -0.58 -36.54 -36.38
CA GLY F 83 -1.37 -36.95 -37.51
C GLY F 83 -1.49 -35.89 -38.58
N ALA F 84 -0.91 -34.73 -38.37
CA ALA F 84 -0.92 -33.64 -39.34
C ALA F 84 -0.13 -34.04 -40.57
N SER F 85 -0.67 -33.69 -41.74
CA SER F 85 0.07 -33.95 -42.97
C SER F 85 1.27 -33.01 -43.06
N HIS F 86 1.02 -31.70 -43.11
CA HIS F 86 2.14 -30.76 -43.10
C HIS F 86 1.67 -29.37 -42.63
N ILE F 87 2.57 -28.38 -42.77
CA ILE F 87 2.29 -27.01 -42.34
C ILE F 87 2.37 -26.13 -43.58
N GLU F 88 1.51 -25.11 -43.67
CA GLU F 88 1.69 -24.13 -44.73
C GLU F 88 1.67 -22.71 -44.17
N CYS F 89 2.32 -21.80 -44.90
CA CYS F 89 2.57 -20.43 -44.45
C CYS F 89 2.26 -19.50 -45.61
N SER F 90 1.80 -18.29 -45.29
CA SER F 90 1.50 -17.38 -46.40
C SER F 90 1.76 -15.93 -46.03
N PHE F 91 2.20 -15.16 -47.02
CA PHE F 91 2.33 -13.71 -46.86
C PHE F 91 2.16 -13.05 -48.23
N SER F 92 2.37 -11.73 -48.30
CA SER F 92 2.27 -10.99 -49.57
C SER F 92 3.14 -9.74 -49.54
N VAL F 93 3.88 -9.49 -50.63
CA VAL F 93 4.82 -8.38 -50.71
C VAL F 93 4.46 -7.54 -51.94
N SER F 94 4.86 -6.25 -51.92
CA SER F 94 4.46 -5.29 -52.95
C SER F 94 5.58 -4.29 -53.19
N PHE F 95 6.03 -4.17 -54.43
CA PHE F 95 7.13 -3.32 -54.85
C PHE F 95 6.60 -2.12 -55.63
N SER F 96 7.16 -0.94 -55.37
CA SER F 96 6.65 0.29 -55.98
C SER F 96 7.76 1.32 -56.10
N SER F 97 7.52 2.32 -56.94
CA SER F 97 8.56 3.28 -57.32
C SER F 97 8.53 4.52 -56.43
N GLU F 98 8.66 4.28 -55.13
CA GLU F 98 8.59 5.37 -54.18
C GLU F 98 9.97 5.88 -53.79
N LEU F 99 10.99 5.54 -54.56
CA LEU F 99 12.35 5.94 -54.30
C LEU F 99 12.83 7.04 -55.24
N ARG F 100 11.95 7.54 -56.11
CA ARG F 100 12.38 8.45 -57.15
C ARG F 100 12.71 9.82 -56.58
N GLN F 101 11.82 10.39 -55.78
CA GLN F 101 12.02 11.70 -55.19
C GLN F 101 11.71 11.61 -53.72
N PRO F 102 12.28 12.50 -52.90
CA PRO F 102 12.02 12.46 -51.46
C PRO F 102 10.58 12.77 -51.10
N TYR F 103 10.14 12.17 -50.00
CA TYR F 103 8.80 12.39 -49.47
C TYR F 103 8.65 13.76 -48.82
N LYS F 104 9.75 14.36 -48.39
CA LYS F 104 9.72 15.65 -47.72
C LYS F 104 11.12 16.23 -47.80
N CYS F 105 11.29 17.40 -48.40
CA CYS F 105 12.65 17.95 -48.53
C CYS F 105 12.59 19.46 -48.61
N ASN F 106 13.16 20.15 -47.61
CA ASN F 106 12.94 21.59 -47.54
C ASN F 106 13.90 22.38 -48.43
N SER F 107 15.11 21.89 -48.64
CA SER F 107 16.07 22.57 -49.51
C SER F 107 16.01 21.97 -50.89
N SER F 108 15.98 22.83 -51.90
CA SER F 108 15.79 22.37 -53.27
C SER F 108 17.10 22.27 -54.04
N LYS F 109 18.24 22.37 -53.36
CA LYS F 109 19.47 21.98 -54.01
C LYS F 109 19.64 20.48 -53.98
N VAL F 110 19.34 19.83 -52.85
CA VAL F 110 19.60 18.41 -52.74
C VAL F 110 18.48 17.56 -53.33
N LYS F 111 17.30 18.12 -53.57
CA LYS F 111 16.20 17.31 -54.11
C LYS F 111 16.47 16.91 -55.54
N GLN F 112 16.86 17.88 -56.36
CA GLN F 112 17.14 17.56 -57.75
C GLN F 112 18.43 16.78 -57.92
N THR F 113 19.38 16.89 -56.97
CA THR F 113 20.55 16.04 -57.10
C THR F 113 20.25 14.60 -56.68
N LEU F 114 19.26 14.37 -55.79
CA LEU F 114 18.89 13.01 -55.48
C LEU F 114 18.08 12.37 -56.61
N VAL F 115 17.22 13.16 -57.26
CA VAL F 115 16.50 12.68 -58.45
C VAL F 115 17.46 12.33 -59.58
N GLN F 116 18.44 13.21 -59.82
CA GLN F 116 19.40 12.99 -60.88
C GLN F 116 20.32 11.81 -60.59
N LEU F 117 20.67 11.61 -59.32
CA LEU F 117 21.48 10.44 -58.94
C LEU F 117 20.75 9.13 -59.17
N VAL F 118 19.47 9.07 -58.78
CA VAL F 118 18.71 7.83 -58.97
C VAL F 118 18.57 7.48 -60.44
N GLU F 119 18.33 8.48 -61.30
CA GLU F 119 18.20 8.10 -62.71
C GLU F 119 19.55 7.92 -63.43
N LEU F 120 20.63 8.57 -62.99
CA LEU F 120 21.94 8.23 -63.55
C LEU F 120 22.36 6.81 -63.18
N TYR F 121 22.10 6.39 -61.93
CA TYR F 121 22.27 4.99 -61.54
C TYR F 121 21.48 4.07 -62.45
N GLU F 122 20.19 4.33 -62.62
CA GLU F 122 19.38 3.31 -63.28
C GLU F 122 19.49 3.33 -64.79
N THR F 123 20.15 4.32 -65.39
CA THR F 123 20.44 4.19 -66.82
C THR F 123 21.89 3.83 -67.10
N LYS F 124 22.79 3.95 -66.13
CA LYS F 124 24.15 3.46 -66.34
C LYS F 124 24.33 2.02 -65.87
N ILE F 125 23.77 1.67 -64.71
CA ILE F 125 23.85 0.32 -64.13
C ILE F 125 22.48 -0.05 -63.57
N GLY F 126 21.71 -0.84 -64.31
CA GLY F 126 20.29 -0.93 -64.12
C GLY F 126 19.86 -1.67 -62.86
N TRP F 127 18.55 -1.96 -62.80
CA TRP F 127 17.96 -2.57 -61.62
C TRP F 127 18.01 -4.08 -61.63
N THR F 128 19.00 -4.69 -62.29
CA THR F 128 18.97 -6.15 -62.38
C THR F 128 19.52 -6.79 -61.13
N GLU F 129 20.58 -6.21 -60.55
CA GLU F 129 21.25 -6.82 -59.41
C GLU F 129 20.36 -6.79 -58.17
N LEU F 130 19.78 -5.64 -57.85
CA LEU F 130 18.94 -5.56 -56.66
C LEU F 130 17.65 -6.34 -56.82
N ALA F 131 17.09 -6.40 -58.02
CA ALA F 131 15.88 -7.18 -58.23
C ALA F 131 16.14 -8.68 -58.06
N THR F 132 17.25 -9.20 -58.59
CA THR F 132 17.56 -10.61 -58.37
C THR F 132 17.87 -10.88 -56.92
N ARG F 133 18.57 -9.97 -56.27
CA ARG F 133 19.03 -10.20 -54.92
C ARG F 133 17.92 -10.02 -53.89
N TYR F 134 16.85 -9.28 -54.20
CA TYR F 134 15.65 -9.32 -53.36
C TYR F 134 14.69 -10.42 -53.74
N LEU F 135 14.72 -10.91 -54.98
CA LEU F 135 13.77 -11.94 -55.33
C LEU F 135 14.23 -13.32 -54.90
N MET F 136 15.53 -13.54 -54.71
CA MET F 136 15.97 -14.85 -54.25
C MET F 136 15.55 -15.10 -52.80
N ASN F 137 15.59 -14.07 -51.95
CA ASN F 137 15.14 -14.22 -50.56
C ASN F 137 13.65 -14.46 -50.43
N ILE F 138 12.87 -14.07 -51.42
CA ILE F 138 11.46 -14.45 -51.42
C ILE F 138 11.32 -15.85 -51.99
N CYS F 139 12.23 -16.26 -52.87
CA CYS F 139 12.08 -17.51 -53.59
C CYS F 139 12.92 -18.65 -53.03
N ASN F 140 13.72 -18.45 -51.98
CA ASN F 140 14.38 -19.60 -51.36
C ASN F 140 14.01 -19.75 -49.88
N GLY F 141 12.94 -19.12 -49.44
CA GLY F 141 12.48 -19.21 -48.08
C GLY F 141 13.39 -18.71 -46.98
N LYS F 142 13.84 -17.46 -47.07
CA LYS F 142 14.62 -16.88 -45.99
C LYS F 142 13.72 -16.35 -44.88
N TRP F 143 12.46 -16.12 -45.19
CA TRP F 143 11.47 -15.49 -44.32
C TRP F 143 10.85 -16.45 -43.32
N LEU F 144 11.37 -17.65 -43.18
CA LEU F 144 10.93 -18.61 -42.18
C LEU F 144 11.88 -18.69 -41.01
N TRP F 145 13.14 -18.37 -41.27
CA TRP F 145 14.24 -18.00 -40.40
C TRP F 145 14.87 -19.10 -39.57
N LYS F 146 14.09 -20.04 -39.10
CA LYS F 146 14.62 -21.18 -38.37
C LYS F 146 13.77 -22.42 -38.55
N ASN F 147 12.71 -22.36 -39.33
CA ASN F 147 11.90 -23.53 -39.59
C ASN F 147 12.42 -24.30 -40.78
N THR F 148 13.19 -23.65 -41.64
CA THR F 148 13.80 -24.33 -42.78
C THR F 148 14.85 -25.33 -42.31
N ARG F 149 15.59 -25.01 -41.26
CA ARG F 149 16.46 -25.99 -40.64
C ARG F 149 15.59 -27.04 -39.96
N LYS F 150 16.11 -28.27 -39.90
CA LYS F 150 15.48 -29.43 -39.23
C LYS F 150 14.17 -29.85 -39.90
N ALA F 151 13.99 -29.55 -41.17
CA ALA F 151 12.81 -29.94 -41.93
C ALA F 151 13.19 -31.01 -42.94
N TYR F 152 12.20 -31.77 -43.40
CA TYR F 152 12.44 -32.73 -44.47
C TYR F 152 12.60 -32.02 -45.82
N CYS F 153 11.60 -31.26 -46.24
CA CYS F 153 11.67 -30.45 -47.44
C CYS F 153 10.63 -29.35 -47.36
N TRP F 154 10.81 -28.33 -48.19
CA TRP F 154 9.82 -27.27 -48.29
C TRP F 154 9.71 -26.77 -49.71
N ASN F 155 8.49 -26.39 -50.08
CA ASN F 155 8.14 -25.96 -51.43
C ASN F 155 7.57 -24.55 -51.35
N ILE F 156 7.74 -23.76 -52.41
CA ILE F 156 7.28 -22.38 -52.41
C ILE F 156 6.63 -22.06 -53.75
N VAL F 157 5.38 -21.65 -53.73
CA VAL F 157 4.74 -21.16 -54.95
C VAL F 157 4.34 -19.71 -54.74
N LEU F 158 4.23 -18.98 -55.84
CA LEU F 158 3.85 -17.58 -55.78
C LEU F 158 2.98 -17.20 -56.95
N THR F 159 1.99 -16.35 -56.67
CA THR F 159 1.12 -15.79 -57.70
C THR F 159 1.34 -14.28 -57.85
N PRO F 160 1.81 -13.82 -59.00
CA PRO F 160 2.08 -12.40 -59.18
C PRO F 160 0.92 -11.65 -59.85
N TRP F 161 1.02 -10.32 -59.79
CA TRP F 161 0.03 -9.41 -60.30
C TRP F 161 0.81 -8.16 -60.72
N PRO F 162 0.64 -7.66 -61.95
CA PRO F 162 -0.19 -8.20 -63.03
C PRO F 162 0.53 -9.27 -63.82
N TRP F 163 -0.20 -10.27 -64.30
CA TRP F 163 0.41 -11.49 -64.81
C TRP F 163 -0.55 -12.20 -65.73
N ASN F 164 -0.13 -12.42 -66.97
CA ASN F 164 -0.76 -13.35 -67.88
C ASN F 164 0.01 -14.66 -67.84
N GLY F 165 -0.65 -15.73 -67.46
CA GLY F 165 -0.02 -17.02 -67.31
C GLY F 165 -0.52 -17.69 -66.05
N GLU F 166 0.17 -18.77 -65.67
CA GLU F 166 -0.16 -19.50 -64.45
C GLU F 166 0.95 -19.30 -63.43
N LYS F 167 0.77 -19.92 -62.26
CA LYS F 167 1.56 -19.61 -61.07
C LYS F 167 3.00 -20.08 -61.24
N VAL F 168 3.87 -19.57 -60.38
CA VAL F 168 5.28 -19.93 -60.44
C VAL F 168 5.58 -20.80 -59.23
N GLY F 169 6.45 -21.79 -59.40
CA GLY F 169 6.71 -22.75 -58.35
C GLY F 169 8.18 -23.09 -58.24
N PHE F 170 8.61 -23.35 -57.01
CA PHE F 170 9.98 -23.70 -56.67
C PHE F 170 9.91 -24.90 -55.76
N GLU F 171 10.48 -26.02 -56.21
CA GLU F 171 10.28 -27.32 -55.55
C GLU F 171 11.59 -27.84 -55.00
N ASP F 172 11.55 -28.29 -53.74
CA ASP F 172 12.66 -28.91 -53.02
C ASP F 172 13.90 -28.02 -53.01
N ILE F 173 13.76 -26.90 -52.29
CA ILE F 173 14.74 -25.84 -52.30
C ILE F 173 16.03 -26.24 -51.58
N ARG F 174 16.00 -27.31 -50.79
CA ARG F 174 17.22 -27.80 -50.15
C ARG F 174 18.19 -28.38 -51.17
N THR F 175 17.71 -29.23 -52.06
CA THR F 175 18.56 -29.95 -52.99
C THR F 175 18.67 -29.27 -54.36
N ASN F 176 17.66 -28.54 -54.79
CA ASN F 176 17.60 -28.03 -56.16
C ASN F 176 18.14 -26.60 -56.27
N TYR F 177 17.56 -25.67 -55.53
CA TYR F 177 17.79 -24.24 -55.73
C TYR F 177 18.76 -23.71 -54.68
N THR F 178 20.05 -23.88 -54.93
CA THR F 178 21.08 -23.51 -53.96
C THR F 178 21.78 -22.21 -54.31
N SER F 179 22.20 -22.04 -55.56
CA SER F 179 22.97 -20.87 -56.00
C SER F 179 22.14 -20.02 -56.95
N ARG F 180 22.78 -19.00 -57.53
CA ARG F 180 22.07 -18.05 -58.39
C ARG F 180 21.66 -18.68 -59.71
N GLN F 181 22.50 -19.56 -60.26
CA GLN F 181 22.25 -20.09 -61.59
C GLN F 181 21.11 -21.10 -61.58
N ASP F 182 20.89 -21.76 -60.44
CA ASP F 182 19.77 -22.68 -60.32
C ASP F 182 18.43 -21.96 -60.33
N PHE F 183 18.41 -20.69 -59.97
CA PHE F 183 17.20 -19.88 -60.12
C PHE F 183 17.03 -19.43 -61.55
N LYS F 184 18.11 -19.04 -62.23
CA LYS F 184 18.00 -18.49 -63.57
C LYS F 184 17.56 -19.54 -64.60
N ASN F 185 17.77 -20.81 -64.33
CA ASN F 185 17.32 -21.88 -65.18
C ASN F 185 15.83 -22.17 -65.03
N ASN F 186 15.11 -21.41 -64.21
CA ASN F 186 13.68 -21.53 -64.17
C ASN F 186 13.10 -20.91 -65.44
N LYS F 187 11.92 -21.38 -65.83
CA LYS F 187 11.29 -20.86 -67.03
C LYS F 187 10.72 -19.45 -66.79
N ASN F 188 10.19 -19.21 -65.60
CA ASN F 188 9.52 -17.96 -65.29
C ASN F 188 10.38 -16.99 -64.52
N TRP F 189 11.69 -17.18 -64.49
CA TRP F 189 12.52 -16.29 -63.69
C TRP F 189 12.72 -14.95 -64.35
N SER F 190 13.07 -14.95 -65.64
CA SER F 190 13.37 -13.71 -66.36
C SER F 190 12.12 -12.92 -66.74
N ALA F 191 10.94 -13.38 -66.36
CA ALA F 191 9.71 -12.65 -66.57
C ALA F 191 9.09 -12.15 -65.28
N ILE F 192 9.62 -12.53 -64.12
CA ILE F 192 9.18 -11.96 -62.85
C ILE F 192 10.25 -11.12 -62.18
N VAL F 193 11.52 -11.24 -62.58
CA VAL F 193 12.49 -10.20 -62.32
C VAL F 193 12.30 -9.04 -63.27
N GLU F 194 11.54 -9.26 -64.35
CA GLU F 194 11.20 -8.20 -65.27
C GLU F 194 10.18 -7.25 -64.67
N MET F 195 9.13 -7.79 -64.06
CA MET F 195 8.09 -6.97 -63.48
C MET F 195 8.48 -6.29 -62.17
N ILE F 196 9.63 -6.62 -61.61
CA ILE F 196 10.17 -5.82 -60.51
C ILE F 196 10.99 -4.65 -61.03
N LYS F 197 11.68 -4.82 -62.16
CA LYS F 197 12.44 -3.72 -62.74
C LYS F 197 11.54 -2.62 -63.29
N THR F 198 10.33 -2.94 -63.74
CA THR F 198 9.43 -1.90 -64.24
C THR F 198 8.55 -1.33 -63.15
N ALA F 199 8.68 -1.81 -61.92
CA ALA F 199 8.06 -1.19 -60.77
C ALA F 199 9.00 -0.23 -60.06
N PHE F 200 10.26 -0.16 -60.47
CA PHE F 200 11.22 0.77 -59.90
C PHE F 200 11.58 1.90 -60.84
N SER F 201 11.21 1.82 -62.12
CA SER F 201 11.64 2.80 -63.10
C SER F 201 10.47 3.37 -63.87
N SER F 202 9.32 3.49 -63.20
CA SER F 202 8.15 4.17 -63.76
C SER F 202 7.31 4.63 -62.59
N THR F 203 7.09 5.94 -62.47
CA THR F 203 6.20 6.41 -61.43
C THR F 203 4.76 5.98 -61.71
N ASP F 204 4.01 5.74 -60.63
CA ASP F 204 2.82 4.88 -60.61
C ASP F 204 3.15 3.54 -61.26
N GLY F 205 4.14 2.87 -60.68
CA GLY F 205 4.50 1.52 -61.06
C GLY F 205 4.37 0.62 -59.85
N LEU F 206 3.82 -0.58 -60.07
CA LEU F 206 3.41 -1.42 -58.96
C LEU F 206 3.53 -2.87 -59.37
N ALA F 207 4.16 -3.69 -58.52
CA ALA F 207 4.16 -5.14 -58.70
C ALA F 207 3.81 -5.78 -57.37
N ILE F 208 3.03 -6.86 -57.41
CA ILE F 208 2.49 -7.49 -56.21
C ILE F 208 2.67 -9.00 -56.31
N PHE F 209 3.20 -9.62 -55.25
CA PHE F 209 3.34 -11.07 -55.18
C PHE F 209 2.62 -11.59 -53.97
N GLU F 210 1.88 -12.69 -54.11
CA GLU F 210 1.31 -13.40 -52.98
C GLU F 210 1.98 -14.77 -52.87
N VAL F 211 2.63 -15.02 -51.74
CA VAL F 211 3.59 -16.10 -51.60
C VAL F 211 3.05 -17.13 -50.61
N ARG F 212 3.23 -18.41 -50.93
CA ARG F 212 2.69 -19.50 -50.11
C ARG F 212 3.68 -20.64 -50.08
N ALA F 213 4.09 -21.03 -48.88
CA ALA F 213 5.06 -22.10 -48.68
C ALA F 213 4.37 -23.36 -48.18
N THR F 214 5.17 -24.41 -48.07
CA THR F 214 4.74 -25.70 -47.57
C THR F 214 5.94 -26.37 -46.91
N LEU F 215 5.84 -26.66 -45.61
CA LEU F 215 6.92 -27.22 -44.82
C LEU F 215 6.56 -28.62 -44.35
N HIS F 216 7.55 -29.52 -44.43
CA HIS F 216 7.43 -30.91 -44.00
C HIS F 216 8.40 -31.14 -42.86
N LEU F 217 7.92 -31.05 -41.65
CA LEU F 217 8.69 -31.23 -40.43
C LEU F 217 8.45 -32.63 -39.87
N PRO F 218 9.34 -33.16 -38.99
CA PRO F 218 9.09 -34.47 -38.39
C PRO F 218 7.92 -34.53 -37.42
N THR F 219 7.73 -35.68 -36.78
CA THR F 219 6.60 -35.89 -35.89
C THR F 219 6.75 -35.05 -34.63
N ASN F 220 5.68 -34.32 -34.27
CA ASN F 220 5.57 -33.48 -33.08
C ASN F 220 6.59 -32.37 -33.01
N ALA F 221 7.13 -31.92 -34.14
CA ALA F 221 8.26 -31.01 -34.12
C ALA F 221 7.82 -29.63 -33.68
N MET F 222 8.76 -28.88 -33.12
CA MET F 222 8.46 -27.55 -32.63
C MET F 222 8.44 -26.56 -33.79
N VAL F 223 7.65 -25.51 -33.61
CA VAL F 223 7.55 -24.40 -34.55
C VAL F 223 7.97 -23.14 -33.81
N ARG F 224 8.73 -22.27 -34.47
CA ARG F 224 9.28 -21.09 -33.82
C ARG F 224 8.82 -19.81 -34.47
N PRO F 225 7.87 -19.10 -33.88
CA PRO F 225 7.49 -17.77 -34.37
C PRO F 225 8.31 -16.65 -33.77
N SER F 226 7.97 -15.40 -34.07
CA SER F 226 8.67 -14.28 -33.47
C SER F 226 8.02 -13.97 -32.14
N GLN F 227 8.76 -13.24 -31.31
CA GLN F 227 8.42 -13.09 -29.91
C GLN F 227 8.18 -11.63 -29.57
N VAL F 228 7.61 -11.42 -28.40
CA VAL F 228 7.07 -10.12 -27.97
C VAL F 228 8.13 -9.40 -27.16
N PHE F 229 8.37 -8.13 -27.47
CA PHE F 229 9.27 -7.31 -26.66
C PHE F 229 8.52 -6.94 -25.38
N THR F 230 8.65 -7.77 -24.35
CA THR F 230 8.06 -7.49 -23.05
C THR F 230 9.13 -6.90 -22.15
N GLU F 231 8.94 -5.65 -21.76
CA GLU F 231 9.57 -5.08 -20.59
C GLU F 231 8.70 -3.93 -20.11
N GLN F 243 5.89 -13.05 -14.61
CA GLN F 243 7.00 -13.98 -14.69
C GLN F 243 6.81 -14.95 -15.86
N ASN F 244 7.37 -14.59 -17.02
CA ASN F 244 7.24 -15.35 -18.24
C ASN F 244 8.38 -14.93 -19.16
N SER F 245 9.01 -15.91 -19.80
CA SER F 245 10.28 -15.71 -20.47
C SER F 245 10.20 -15.76 -21.99
N ARG F 246 9.15 -16.35 -22.55
CA ARG F 246 9.03 -16.48 -23.99
C ARG F 246 7.58 -16.23 -24.34
N VAL F 247 7.29 -15.07 -24.94
CA VAL F 247 5.93 -14.64 -25.22
C VAL F 247 5.79 -14.49 -26.73
N PHE F 248 4.83 -15.20 -27.32
CA PHE F 248 4.63 -15.21 -28.76
C PHE F 248 3.73 -14.09 -29.22
N GLN F 249 4.08 -13.49 -30.36
CA GLN F 249 3.14 -12.61 -31.04
C GLN F 249 2.01 -13.43 -31.63
N SER F 250 0.85 -12.82 -31.81
CA SER F 250 -0.35 -13.59 -32.05
C SER F 250 -1.34 -12.80 -32.90
N THR F 251 -2.44 -13.46 -33.24
CA THR F 251 -3.49 -12.86 -34.03
C THR F 251 -4.81 -13.45 -33.58
N THR F 252 -5.85 -13.23 -34.37
CA THR F 252 -7.11 -13.95 -34.25
C THR F 252 -7.52 -14.36 -35.65
N ILE F 253 -7.41 -15.64 -35.94
CA ILE F 253 -7.84 -16.22 -37.21
C ILE F 253 -8.99 -17.15 -36.87
N ASP F 254 -10.19 -16.80 -37.36
CA ASP F 254 -11.41 -17.60 -37.21
C ASP F 254 -11.75 -17.85 -35.74
N GLY F 255 -11.50 -16.85 -34.91
CA GLY F 255 -11.68 -16.96 -33.48
C GLY F 255 -10.45 -17.45 -32.73
N GLU F 256 -9.61 -18.23 -33.39
CA GLU F 256 -8.47 -18.85 -32.73
C GLU F 256 -7.34 -17.84 -32.55
N ARG F 257 -6.50 -18.09 -31.55
CA ARG F 257 -5.37 -17.23 -31.24
C ARG F 257 -4.10 -17.99 -31.65
N SER F 258 -3.46 -17.56 -32.72
CA SER F 258 -2.36 -18.26 -33.36
C SER F 258 -1.18 -17.31 -33.58
N PRO F 259 0.04 -17.84 -33.71
CA PRO F 259 1.21 -16.97 -33.91
C PRO F 259 1.38 -16.52 -35.36
N ILE F 260 2.26 -15.51 -35.55
CA ILE F 260 2.30 -14.80 -36.83
C ILE F 260 3.67 -14.67 -37.49
N LEU F 261 4.75 -14.69 -36.72
CA LEU F 261 6.13 -14.43 -37.16
C LEU F 261 6.37 -12.99 -37.67
N GLY F 262 5.39 -12.10 -37.61
CA GLY F 262 5.66 -10.67 -37.60
C GLY F 262 5.96 -10.08 -38.96
N ALA F 263 5.73 -8.77 -39.07
CA ALA F 263 5.81 -8.07 -40.34
C ALA F 263 6.95 -7.08 -40.44
N PHE F 264 7.51 -6.64 -39.32
CA PHE F 264 8.76 -5.92 -39.33
C PHE F 264 9.95 -6.85 -39.24
N LYS F 265 9.69 -8.15 -39.12
CA LYS F 265 10.72 -9.16 -39.12
C LYS F 265 10.88 -9.82 -40.47
N THR F 266 9.79 -10.08 -41.20
CA THR F 266 9.88 -10.64 -42.55
C THR F 266 10.06 -9.59 -43.60
N GLY F 267 10.46 -8.39 -43.23
CA GLY F 267 10.87 -7.39 -44.17
C GLY F 267 12.32 -7.13 -43.90
N ALA F 268 12.74 -7.53 -42.70
CA ALA F 268 14.15 -7.64 -42.39
C ALA F 268 14.75 -8.91 -42.95
N ALA F 269 13.93 -9.93 -43.22
CA ALA F 269 14.42 -11.16 -43.83
C ALA F 269 14.85 -10.90 -45.26
N ILE F 270 13.93 -10.36 -46.07
CA ILE F 270 14.20 -10.16 -47.49
C ILE F 270 15.14 -9.00 -47.79
N ALA F 271 15.50 -8.18 -46.81
CA ALA F 271 16.43 -7.10 -47.03
C ALA F 271 17.81 -7.36 -46.45
N THR F 272 18.18 -8.62 -46.29
CA THR F 272 19.56 -8.99 -45.97
C THR F 272 20.27 -9.30 -47.27
N ILE F 273 20.88 -8.27 -47.87
CA ILE F 273 21.58 -8.41 -49.14
C ILE F 273 22.97 -7.81 -49.06
N ASP F 274 23.26 -7.11 -47.97
CA ASP F 274 24.44 -6.27 -47.83
C ASP F 274 25.71 -7.09 -47.65
N ASP F 275 26.36 -7.50 -48.73
CA ASP F 275 27.70 -8.07 -48.58
C ASP F 275 28.76 -7.28 -49.32
N TRP F 276 28.68 -5.95 -49.25
CA TRP F 276 29.63 -5.09 -49.93
C TRP F 276 30.62 -4.44 -48.99
N TYR F 277 30.51 -4.70 -47.70
CA TYR F 277 31.27 -4.03 -46.64
C TYR F 277 32.72 -4.53 -46.67
N PRO F 278 33.68 -3.83 -46.04
CA PRO F 278 35.11 -4.04 -46.38
C PRO F 278 35.69 -5.44 -46.21
N GLU F 279 35.29 -6.23 -45.22
CA GLU F 279 35.75 -7.61 -45.09
C GLU F 279 34.52 -8.50 -45.02
N ALA F 280 34.00 -8.89 -46.18
CA ALA F 280 32.63 -9.38 -46.31
C ALA F 280 32.61 -10.89 -46.46
N THR F 281 31.85 -11.56 -45.59
CA THR F 281 31.66 -13.00 -45.65
C THR F 281 30.20 -13.42 -45.77
N GLU F 282 29.27 -12.73 -45.13
CA GLU F 282 27.88 -13.16 -45.14
C GLU F 282 26.98 -11.93 -45.26
N PRO F 283 25.77 -12.09 -45.81
CA PRO F 283 24.93 -10.92 -46.07
C PRO F 283 24.30 -10.36 -44.80
N LEU F 284 24.67 -9.13 -44.44
CA LEU F 284 24.08 -8.38 -43.36
C LEU F 284 22.74 -7.79 -43.80
N ARG F 285 22.03 -7.18 -42.86
CA ARG F 285 20.78 -6.49 -43.12
C ARG F 285 21.09 -5.04 -43.45
N VAL F 286 20.25 -4.44 -44.31
CA VAL F 286 20.56 -3.12 -44.86
C VAL F 286 20.22 -2.05 -43.84
N GLY F 287 21.23 -1.39 -43.32
CA GLY F 287 21.02 -0.29 -42.38
C GLY F 287 22.07 0.76 -42.58
N ARG F 288 22.17 1.73 -41.69
CA ARG F 288 23.07 2.84 -41.98
C ARG F 288 24.50 2.53 -41.56
N PHE F 289 24.68 1.90 -40.39
CA PHE F 289 26.01 1.70 -39.82
C PHE F 289 26.49 0.28 -39.90
N GLY F 290 25.69 -0.66 -40.40
CA GLY F 290 26.20 -1.96 -40.79
C GLY F 290 26.30 -3.01 -39.70
N VAL F 291 25.28 -3.10 -38.86
CA VAL F 291 25.37 -3.82 -37.60
C VAL F 291 25.01 -5.30 -37.79
N HIS F 292 25.92 -6.17 -37.37
CA HIS F 292 25.74 -7.61 -37.31
C HIS F 292 25.13 -7.98 -35.96
N ARG F 293 24.44 -9.11 -35.91
CA ARG F 293 23.68 -9.46 -34.72
C ARG F 293 24.30 -10.57 -33.89
N GLU F 294 24.99 -11.53 -34.50
CA GLU F 294 25.72 -12.56 -33.75
C GLU F 294 26.84 -11.93 -32.93
N ASP F 295 27.84 -11.37 -33.57
CA ASP F 295 28.79 -10.55 -32.85
C ASP F 295 28.25 -9.13 -32.76
N VAL F 296 28.57 -8.45 -31.68
CA VAL F 296 27.74 -7.35 -31.24
C VAL F 296 28.43 -6.06 -31.68
N THR F 297 29.08 -6.11 -32.83
CA THR F 297 29.78 -4.96 -33.36
C THR F 297 29.07 -4.46 -34.62
N CYS F 298 29.63 -3.43 -35.24
CA CYS F 298 29.13 -2.88 -36.49
C CYS F 298 30.28 -2.66 -37.46
N TYR F 299 30.06 -3.03 -38.72
CA TYR F 299 31.12 -3.11 -39.71
C TYR F 299 31.28 -1.85 -40.54
N ARG F 300 30.29 -0.96 -40.53
CA ARG F 300 30.38 0.31 -41.23
C ARG F 300 30.35 1.44 -40.22
N HIS F 301 31.17 1.32 -39.18
CA HIS F 301 31.38 2.37 -38.22
C HIS F 301 31.88 3.63 -38.92
N PRO F 302 31.45 4.83 -38.51
CA PRO F 302 31.81 6.05 -39.26
C PRO F 302 33.30 6.38 -39.35
N SER F 303 34.16 5.70 -38.61
CA SER F 303 35.60 5.94 -38.75
C SER F 303 36.23 5.01 -39.78
N THR F 304 35.44 4.42 -40.67
CA THR F 304 36.00 3.80 -41.87
C THR F 304 35.56 4.50 -43.15
N GLY F 305 34.63 5.44 -43.07
CA GLY F 305 34.19 6.18 -44.22
C GLY F 305 33.27 5.42 -45.14
N LYS F 306 32.58 4.40 -44.63
CA LYS F 306 31.76 3.54 -45.48
C LYS F 306 30.34 3.42 -44.96
N ASP F 307 29.93 4.29 -44.06
CA ASP F 307 28.55 4.34 -43.59
C ASP F 307 27.69 5.10 -44.59
N PHE F 308 26.39 5.23 -44.29
CA PHE F 308 25.50 5.88 -45.24
C PHE F 308 25.68 7.38 -45.24
N PHE F 309 25.92 7.99 -44.09
CA PHE F 309 26.01 9.43 -43.99
C PHE F 309 27.34 9.99 -44.44
N SER F 310 28.22 9.18 -45.04
CA SER F 310 29.48 9.63 -45.61
C SER F 310 29.62 9.37 -47.08
N ILE F 311 28.93 8.37 -47.63
CA ILE F 311 28.88 8.24 -49.09
C ILE F 311 27.72 9.02 -49.68
N LEU F 312 26.74 9.42 -48.88
CA LEU F 312 25.71 10.35 -49.32
C LEU F 312 26.28 11.75 -49.54
N GLN F 313 27.25 12.16 -48.74
CA GLN F 313 27.90 13.45 -48.90
C GLN F 313 28.89 13.50 -50.05
N GLN F 314 29.03 12.43 -50.84
CA GLN F 314 29.89 12.42 -52.01
C GLN F 314 29.07 12.28 -53.28
N ALA F 315 27.75 12.53 -53.19
CA ALA F 315 26.80 12.24 -54.27
C ALA F 315 27.05 13.00 -55.56
N GLU F 316 27.55 14.23 -55.47
CA GLU F 316 27.95 14.97 -56.66
C GLU F 316 29.16 14.34 -57.34
N HIS F 317 30.07 13.75 -56.56
CA HIS F 317 31.18 13.02 -57.13
C HIS F 317 30.71 11.74 -57.80
N TYR F 318 29.69 11.09 -57.26
CA TYR F 318 29.13 9.92 -57.95
C TYR F 318 28.42 10.32 -59.23
N ILE F 319 27.82 11.51 -59.26
CA ILE F 319 27.21 12.02 -60.49
C ILE F 319 28.27 12.30 -61.55
N GLU F 320 29.43 12.81 -61.13
CA GLU F 320 30.52 13.03 -62.08
C GLU F 320 31.11 11.71 -62.59
N VAL F 321 31.16 10.68 -61.74
CA VAL F 321 31.69 9.40 -62.19
C VAL F 321 30.68 8.65 -63.09
N LEU F 322 29.38 8.77 -62.80
CA LEU F 322 28.38 8.05 -63.57
C LEU F 322 28.05 8.66 -64.92
N SER F 323 28.71 9.76 -65.28
CA SER F 323 28.44 10.41 -66.57
C SER F 323 29.38 9.90 -67.66
N ALA F 324 30.60 9.55 -67.27
CA ALA F 324 31.58 9.04 -68.22
C ALA F 324 31.48 7.53 -68.39
N ASN F 325 32.42 6.94 -69.11
CA ASN F 325 32.41 5.49 -69.36
C ASN F 325 33.19 4.67 -68.33
N LYS F 326 32.74 3.43 -68.12
CA LYS F 326 33.49 2.38 -67.41
C LYS F 326 33.76 2.68 -65.93
N THR F 327 32.77 2.38 -65.09
CA THR F 327 32.87 2.61 -63.65
C THR F 327 33.72 1.55 -62.97
N PRO F 328 34.70 1.98 -62.15
CA PRO F 328 35.54 0.99 -61.46
C PRO F 328 34.74 0.16 -60.48
N ALA F 329 34.45 -1.09 -60.86
CA ALA F 329 33.27 -1.75 -60.31
C ALA F 329 33.57 -2.57 -59.05
N GLN F 330 34.27 -1.99 -58.09
CA GLN F 330 34.05 -2.41 -56.72
C GLN F 330 33.97 -1.20 -55.80
N GLU F 331 34.81 -0.20 -56.06
CA GLU F 331 34.91 0.93 -55.15
C GLU F 331 34.06 2.10 -55.57
N THR F 332 33.27 1.94 -56.63
CA THR F 332 32.28 2.94 -56.98
C THR F 332 30.94 2.27 -57.15
N ILE F 333 30.92 1.05 -57.69
CA ILE F 333 29.64 0.43 -58.00
C ILE F 333 28.98 -0.09 -56.71
N ASN F 334 29.77 -0.50 -55.71
CA ASN F 334 29.24 -1.11 -54.50
C ASN F 334 29.01 -0.10 -53.40
N ASP F 335 29.37 1.15 -53.61
CA ASP F 335 28.83 2.23 -52.80
C ASP F 335 27.45 2.62 -53.28
N MET F 336 27.23 2.57 -54.59
CA MET F 336 25.94 2.97 -55.12
C MET F 336 24.89 1.90 -54.93
N HIS F 337 25.27 0.62 -54.98
CA HIS F 337 24.34 -0.45 -54.57
C HIS F 337 23.88 -0.24 -53.14
N PHE F 338 24.80 0.16 -52.26
CA PHE F 338 24.48 0.33 -50.85
C PHE F 338 23.60 1.55 -50.61
N LEU F 339 23.87 2.68 -51.29
CA LEU F 339 23.01 3.82 -51.03
C LEU F 339 21.67 3.72 -51.76
N MET F 340 21.58 2.98 -52.86
CA MET F 340 20.24 2.76 -53.42
C MET F 340 19.45 1.77 -52.58
N ALA F 341 20.12 0.83 -51.91
CA ALA F 341 19.39 -0.02 -50.98
C ALA F 341 18.92 0.75 -49.77
N ASN F 342 19.69 1.76 -49.34
CA ASN F 342 19.20 2.63 -48.26
C ASN F 342 18.07 3.54 -48.70
N LEU F 343 18.04 3.96 -49.96
CA LEU F 343 16.89 4.75 -50.40
C LEU F 343 15.65 3.89 -50.59
N ILE F 344 15.81 2.63 -51.00
CA ILE F 344 14.68 1.70 -51.02
C ILE F 344 14.19 1.38 -49.61
N LYS F 345 15.07 1.47 -48.62
CA LYS F 345 14.65 1.19 -47.25
C LYS F 345 13.73 2.28 -46.70
N GLY F 346 14.13 3.54 -46.84
CA GLY F 346 13.38 4.66 -46.29
C GLY F 346 14.02 5.16 -45.01
N GLY F 347 13.48 6.27 -44.52
CA GLY F 347 13.92 6.80 -43.25
C GLY F 347 14.18 8.29 -43.30
N MET F 348 14.55 8.82 -42.14
CA MET F 348 14.64 10.26 -41.89
C MET F 348 16.12 10.64 -41.82
N PHE F 349 16.64 11.22 -42.89
CA PHE F 349 18.06 11.53 -42.97
C PHE F 349 18.33 12.99 -42.61
N GLN F 350 17.89 13.41 -41.42
CA GLN F 350 17.66 14.82 -41.16
C GLN F 350 18.43 15.41 -39.99
N HIS F 351 19.20 14.61 -39.26
CA HIS F 351 19.87 14.99 -38.00
C HIS F 351 18.93 15.58 -36.95
N LYS G 4 37.93 -13.49 -20.57
CA LYS G 4 37.25 -14.61 -19.95
C LYS G 4 35.86 -14.23 -19.49
N LEU G 5 34.83 -14.93 -20.05
CA LEU G 5 33.41 -14.75 -19.79
C LEU G 5 32.93 -13.34 -20.09
N PRO G 6 32.75 -12.98 -21.36
CA PRO G 6 32.33 -11.62 -21.71
C PRO G 6 30.91 -11.26 -21.30
N THR G 7 30.45 -10.08 -21.72
CA THR G 7 29.06 -9.70 -21.45
C THR G 7 28.08 -10.62 -22.16
N ASN G 8 28.37 -10.99 -23.40
CA ASN G 8 27.51 -11.82 -24.22
C ASN G 8 28.23 -13.10 -24.61
N LEU G 9 27.61 -14.24 -24.35
CA LEU G 9 28.04 -15.54 -24.87
C LEU G 9 26.88 -16.49 -24.71
N ALA G 10 26.49 -17.16 -25.79
CA ALA G 10 25.37 -18.08 -25.72
C ALA G 10 25.49 -19.08 -26.86
N TYR G 11 25.21 -20.34 -26.55
CA TYR G 11 25.16 -21.41 -27.53
C TYR G 11 23.73 -21.89 -27.71
N GLU G 12 23.49 -22.57 -28.81
CA GLU G 12 22.19 -23.16 -29.07
C GLU G 12 22.37 -24.67 -29.13
N ARG G 13 21.31 -25.40 -28.80
CA ARG G 13 21.43 -26.83 -28.56
C ARG G 13 21.48 -27.61 -29.87
N SER G 14 22.15 -28.77 -29.82
CA SER G 14 22.26 -29.65 -30.97
C SER G 14 21.17 -30.70 -31.04
N ILE G 15 20.94 -31.47 -29.98
CA ILE G 15 19.86 -32.44 -29.94
C ILE G 15 18.59 -31.72 -29.51
N ASP G 16 17.50 -31.95 -30.23
CA ASP G 16 16.22 -31.49 -29.71
C ASP G 16 15.07 -32.45 -29.96
N PRO G 17 14.58 -33.10 -28.91
CA PRO G 17 13.52 -34.10 -29.07
C PRO G 17 12.14 -33.49 -28.91
N SER G 18 11.10 -34.31 -29.03
CA SER G 18 9.72 -33.85 -28.97
C SER G 18 8.93 -34.71 -27.98
N ASP G 19 7.62 -34.45 -27.91
CA ASP G 19 6.74 -35.17 -27.00
C ASP G 19 6.65 -36.64 -27.37
N VAL G 20 6.46 -37.45 -26.40
CA VAL G 20 6.20 -38.87 -26.63
C VAL G 20 4.69 -39.04 -26.68
N CYS G 21 4.20 -39.95 -27.49
CA CYS G 21 2.77 -40.20 -27.55
C CYS G 21 2.51 -41.69 -27.33
N PHE G 22 1.50 -41.98 -26.52
CA PHE G 22 1.16 -43.33 -26.08
C PHE G 22 -0.10 -43.78 -26.80
N PHE G 23 -0.08 -44.98 -27.36
CA PHE G 23 -1.25 -45.53 -28.03
C PHE G 23 -1.44 -46.97 -27.57
N VAL G 24 -2.65 -47.48 -27.76
CA VAL G 24 -3.05 -48.79 -27.31
C VAL G 24 -3.48 -49.60 -28.53
N VAL G 25 -2.91 -50.80 -28.67
CA VAL G 25 -3.22 -51.69 -29.78
C VAL G 25 -4.15 -52.79 -29.30
N TRP G 26 -5.13 -53.14 -30.12
CA TRP G 26 -6.13 -54.15 -29.84
C TRP G 26 -5.87 -55.40 -30.66
N PRO G 27 -6.45 -56.55 -30.29
CA PRO G 27 -6.33 -57.75 -31.17
C PRO G 27 -7.08 -57.63 -32.49
N ASP G 28 -8.00 -56.68 -32.66
CA ASP G 28 -8.64 -56.39 -33.93
C ASP G 28 -7.78 -55.52 -34.85
N ASP G 29 -6.50 -55.37 -34.52
CA ASP G 29 -5.45 -54.80 -35.37
C ASP G 29 -5.68 -53.32 -35.67
N ARG G 30 -5.83 -52.50 -34.63
CA ARG G 30 -5.92 -51.05 -34.77
C ARG G 30 -5.19 -50.41 -33.59
N LYS G 31 -5.28 -49.08 -33.49
CA LYS G 31 -4.66 -48.40 -32.36
C LYS G 31 -5.43 -47.12 -32.05
N THR G 32 -5.61 -46.88 -30.75
CA THR G 32 -6.40 -45.76 -30.22
C THR G 32 -5.60 -45.03 -29.15
N PRO G 33 -5.85 -43.74 -28.95
CA PRO G 33 -5.09 -43.01 -27.93
C PRO G 33 -5.42 -43.48 -26.51
N LEU G 34 -4.52 -43.15 -25.60
CA LEU G 34 -4.63 -43.54 -24.20
C LEU G 34 -5.20 -42.37 -23.41
N THR G 35 -6.22 -42.65 -22.61
CA THR G 35 -6.89 -41.61 -21.83
C THR G 35 -6.81 -41.93 -20.35
N TYR G 36 -6.85 -40.88 -19.54
CA TYR G 36 -6.81 -41.04 -18.10
C TYR G 36 -8.04 -40.46 -17.45
N ASN G 37 -8.10 -40.42 -16.12
CA ASN G 37 -9.22 -39.79 -15.45
C ASN G 37 -8.77 -39.11 -14.17
N SER G 38 -9.37 -37.97 -13.89
CA SER G 38 -9.21 -37.35 -12.59
C SER G 38 -10.27 -37.89 -11.63
N ARG G 39 -10.08 -37.63 -10.35
CA ARG G 39 -11.19 -37.75 -9.42
C ARG G 39 -11.14 -36.53 -8.50
N THR G 40 -12.28 -35.83 -8.41
CA THR G 40 -12.35 -34.56 -7.71
C THR G 40 -12.70 -34.84 -6.25
N LEU G 41 -11.79 -34.50 -5.34
CA LEU G 41 -11.95 -34.81 -3.94
C LEU G 41 -12.75 -33.70 -3.27
N LEU G 42 -13.99 -34.01 -2.88
CA LEU G 42 -14.88 -33.05 -2.25
C LEU G 42 -14.86 -33.22 -0.74
N GLY G 43 -15.24 -32.17 -0.05
CA GLY G 43 -15.43 -32.21 1.38
C GLY G 43 -16.84 -32.62 1.73
N GLN G 44 -17.30 -32.15 2.89
CA GLN G 44 -18.63 -32.48 3.39
C GLN G 44 -19.51 -31.24 3.31
N MET G 45 -20.75 -31.39 3.79
CA MET G 45 -21.67 -30.28 3.93
C MET G 45 -21.94 -30.00 5.41
N PRO G 72 -9.84 -28.29 -2.75
CA PRO G 72 -9.82 -28.99 -4.03
C PRO G 72 -8.42 -29.41 -4.45
N HIS G 73 -8.25 -30.69 -4.81
CA HIS G 73 -7.05 -31.13 -5.51
C HIS G 73 -7.40 -32.36 -6.33
N GLN G 74 -7.05 -32.32 -7.62
CA GLN G 74 -7.22 -33.45 -8.51
C GLN G 74 -6.32 -34.58 -8.06
N VAL G 75 -6.68 -35.81 -8.43
CA VAL G 75 -5.75 -36.93 -8.42
C VAL G 75 -5.97 -37.71 -9.71
N ASP G 76 -4.95 -37.79 -10.55
CA ASP G 76 -5.06 -38.43 -11.84
C ASP G 76 -4.51 -39.85 -11.79
N PHE G 77 -5.21 -40.79 -12.43
CA PHE G 77 -4.76 -42.16 -12.57
C PHE G 77 -4.80 -42.55 -14.04
N CYS G 78 -3.86 -43.40 -14.46
CA CYS G 78 -3.76 -43.76 -15.87
C CYS G 78 -3.29 -45.20 -15.99
N HIS G 79 -4.23 -46.12 -16.24
CA HIS G 79 -3.92 -47.54 -16.28
C HIS G 79 -4.21 -48.10 -17.66
N VAL G 80 -3.54 -49.19 -17.98
CA VAL G 80 -3.70 -49.86 -19.29
C VAL G 80 -5.08 -50.52 -19.35
N PRO G 81 -5.85 -50.30 -20.40
CA PRO G 81 -7.21 -50.85 -20.44
C PRO G 81 -7.24 -52.36 -20.61
N TYR G 82 -8.35 -52.94 -20.15
CA TYR G 82 -8.53 -54.38 -20.16
C TYR G 82 -8.65 -54.92 -21.57
N GLY G 83 -8.01 -56.07 -21.81
CA GLY G 83 -8.15 -56.74 -23.09
C GLY G 83 -7.36 -56.14 -24.22
N ALA G 84 -6.36 -55.32 -23.92
CA ALA G 84 -5.52 -54.72 -24.94
C ALA G 84 -4.43 -55.71 -25.34
N SER G 85 -3.52 -55.27 -26.19
CA SER G 85 -2.35 -56.09 -26.51
C SER G 85 -1.06 -55.43 -26.05
N HIS G 86 -0.76 -54.22 -26.52
CA HIS G 86 0.47 -53.56 -26.14
C HIS G 86 0.35 -52.05 -26.32
N ILE G 87 1.29 -51.35 -25.70
CA ILE G 87 1.45 -49.91 -25.79
C ILE G 87 2.48 -49.61 -26.87
N GLU G 88 2.21 -48.61 -27.69
CA GLU G 88 3.19 -48.10 -28.64
C GLU G 88 3.49 -46.64 -28.32
N CYS G 89 4.77 -46.32 -28.14
CA CYS G 89 5.20 -44.97 -27.86
C CYS G 89 5.90 -44.42 -29.08
N SER G 90 5.81 -43.13 -29.30
CA SER G 90 6.44 -42.56 -30.49
C SER G 90 6.96 -41.17 -30.23
N PHE G 91 8.18 -40.88 -30.73
CA PHE G 91 8.69 -39.51 -30.71
C PHE G 91 9.73 -39.39 -31.83
N SER G 92 10.35 -38.22 -31.93
CA SER G 92 11.30 -38.00 -33.01
C SER G 92 12.39 -37.04 -32.57
N VAL G 93 13.63 -37.42 -32.81
CA VAL G 93 14.79 -36.67 -32.35
C VAL G 93 15.62 -36.33 -33.58
N SER G 94 16.33 -35.20 -33.54
CA SER G 94 17.08 -34.75 -34.70
C SER G 94 18.37 -34.09 -34.28
N PHE G 95 19.50 -34.56 -34.80
CA PHE G 95 20.80 -34.10 -34.38
C PHE G 95 21.35 -33.11 -35.39
N SER G 96 21.93 -32.02 -34.91
CA SER G 96 22.33 -30.93 -35.78
C SER G 96 23.73 -30.50 -35.41
N SER G 97 24.19 -29.41 -36.02
CA SER G 97 25.58 -29.00 -35.95
C SER G 97 25.73 -27.61 -35.36
N GLU G 98 24.91 -27.28 -34.38
CA GLU G 98 24.86 -25.93 -33.87
C GLU G 98 25.90 -25.63 -32.81
N LEU G 99 26.78 -26.58 -32.50
CA LEU G 99 27.78 -26.43 -31.45
C LEU G 99 29.09 -25.84 -31.94
N ARG G 100 29.25 -25.66 -33.24
CA ARG G 100 30.54 -25.31 -33.81
C ARG G 100 30.84 -23.82 -33.76
N GLN G 101 29.89 -22.99 -33.33
CA GLN G 101 30.05 -21.55 -33.33
C GLN G 101 29.02 -20.96 -32.40
N PRO G 102 29.38 -20.00 -31.54
CA PRO G 102 28.38 -19.47 -30.60
C PRO G 102 27.32 -18.66 -31.29
N TYR G 103 26.09 -18.80 -30.79
CA TYR G 103 24.97 -18.01 -31.24
C TYR G 103 25.16 -16.52 -30.96
N LYS G 104 25.90 -16.19 -29.91
CA LYS G 104 26.23 -14.82 -29.54
C LYS G 104 27.65 -14.77 -29.03
N CYS G 105 28.34 -13.66 -29.26
CA CYS G 105 29.66 -13.43 -28.68
C CYS G 105 30.01 -11.96 -28.75
N ASN G 106 30.43 -11.40 -27.63
CA ASN G 106 30.72 -9.96 -27.56
C ASN G 106 32.07 -9.61 -28.18
N SER G 107 33.00 -10.56 -28.21
CA SER G 107 34.39 -10.27 -28.52
C SER G 107 34.94 -11.26 -29.53
N SER G 108 35.71 -10.76 -30.50
CA SER G 108 36.40 -11.62 -31.45
C SER G 108 37.71 -12.16 -30.92
N LYS G 109 37.73 -12.65 -29.68
CA LYS G 109 38.91 -13.17 -29.02
C LYS G 109 38.58 -14.53 -28.41
N VAL G 110 37.33 -14.68 -28.01
CA VAL G 110 36.85 -15.93 -27.41
C VAL G 110 36.32 -16.88 -28.48
N LYS G 111 35.77 -16.32 -29.57
CA LYS G 111 35.17 -17.16 -30.61
C LYS G 111 36.23 -17.92 -31.38
N GLN G 112 37.40 -17.30 -31.57
CA GLN G 112 38.52 -17.95 -32.25
C GLN G 112 38.99 -19.17 -31.46
N THR G 113 39.16 -18.97 -30.14
CA THR G 113 39.51 -20.03 -29.22
C THR G 113 38.49 -21.17 -29.26
N LEU G 114 37.19 -20.84 -29.28
CA LEU G 114 36.19 -21.90 -29.24
C LEU G 114 36.07 -22.66 -30.55
N VAL G 115 36.19 -21.99 -31.71
CA VAL G 115 36.08 -22.73 -32.96
C VAL G 115 37.31 -23.61 -33.17
N GLN G 116 38.51 -23.16 -32.76
CA GLN G 116 39.60 -24.10 -32.90
C GLN G 116 39.64 -25.12 -31.79
N LEU G 117 38.94 -24.88 -30.68
CA LEU G 117 38.79 -25.90 -29.66
C LEU G 117 37.99 -27.09 -30.19
N VAL G 118 36.86 -26.81 -30.84
CA VAL G 118 36.05 -27.89 -31.41
C VAL G 118 36.77 -28.53 -32.60
N GLU G 119 37.56 -27.75 -33.36
CA GLU G 119 38.29 -28.35 -34.48
C GLU G 119 39.43 -29.26 -34.02
N LEU G 120 40.18 -28.86 -33.00
CA LEU G 120 41.21 -29.76 -32.47
C LEU G 120 40.61 -30.96 -31.75
N TYR G 121 39.43 -30.81 -31.15
CA TYR G 121 38.77 -31.96 -30.53
C TYR G 121 38.36 -32.98 -31.58
N GLU G 122 37.82 -32.54 -32.71
CA GLU G 122 37.44 -33.54 -33.70
C GLU G 122 38.59 -34.01 -34.56
N THR G 123 39.71 -33.29 -34.59
CA THR G 123 40.91 -33.83 -35.23
C THR G 123 41.54 -34.91 -34.37
N LYS G 124 41.76 -34.62 -33.09
CA LYS G 124 42.54 -35.54 -32.27
C LYS G 124 41.68 -36.70 -31.77
N ILE G 125 40.66 -36.41 -30.98
CA ILE G 125 39.92 -37.44 -30.26
C ILE G 125 38.46 -37.41 -30.72
N GLY G 126 38.14 -38.28 -31.69
CA GLY G 126 36.95 -38.18 -32.52
C GLY G 126 35.57 -38.23 -31.88
N TRP G 127 34.52 -38.08 -32.70
CA TRP G 127 33.16 -37.92 -32.21
C TRP G 127 32.50 -39.21 -31.83
N THR G 128 33.20 -40.32 -31.69
CA THR G 128 32.51 -41.59 -31.59
C THR G 128 32.08 -41.94 -30.17
N GLU G 129 32.76 -41.40 -29.16
CA GLU G 129 32.40 -41.71 -27.78
C GLU G 129 31.08 -41.07 -27.39
N LEU G 130 30.94 -39.77 -27.67
CA LEU G 130 29.70 -39.07 -27.39
C LEU G 130 28.55 -39.60 -28.24
N ALA G 131 28.82 -39.93 -29.50
CA ALA G 131 27.77 -40.41 -30.39
C ALA G 131 27.24 -41.77 -29.96
N THR G 132 28.14 -42.70 -29.59
CA THR G 132 27.71 -43.99 -29.07
C THR G 132 27.00 -43.83 -27.74
N ARG G 133 27.45 -42.91 -26.91
CA ARG G 133 26.90 -42.75 -25.59
C ARG G 133 25.54 -42.05 -25.60
N TYR G 134 25.19 -41.32 -26.67
CA TYR G 134 23.81 -40.83 -26.84
C TYR G 134 22.93 -41.88 -27.49
N LEU G 135 23.44 -42.56 -28.52
CA LEU G 135 22.63 -43.53 -29.24
C LEU G 135 22.32 -44.76 -28.40
N MET G 136 23.13 -45.06 -27.39
CA MET G 136 22.75 -46.09 -26.43
C MET G 136 21.51 -45.69 -25.64
N ASN G 137 21.44 -44.44 -25.18
CA ASN G 137 20.29 -43.99 -24.43
C ASN G 137 19.04 -43.86 -25.28
N ILE G 138 19.18 -43.69 -26.59
CA ILE G 138 17.98 -43.77 -27.43
C ILE G 138 17.54 -45.21 -27.62
N CYS G 139 18.49 -46.12 -27.83
CA CYS G 139 18.19 -47.48 -28.30
C CYS G 139 17.72 -48.44 -27.23
N ASN G 140 17.83 -48.13 -25.95
CA ASN G 140 17.44 -49.09 -24.93
C ASN G 140 16.19 -48.68 -24.16
N GLY G 141 15.70 -47.46 -24.33
CA GLY G 141 14.49 -47.06 -23.66
C GLY G 141 14.76 -46.36 -22.36
N LYS G 142 15.78 -45.52 -22.32
CA LYS G 142 16.02 -44.69 -21.14
C LYS G 142 14.93 -43.66 -20.98
N TRP G 143 14.35 -43.20 -22.10
CA TRP G 143 13.25 -42.25 -22.16
C TRP G 143 11.90 -42.86 -21.81
N LEU G 144 11.87 -44.15 -21.46
CA LEU G 144 10.70 -44.76 -20.82
C LEU G 144 10.94 -44.75 -19.32
N TRP G 145 10.78 -43.56 -18.74
CA TRP G 145 11.06 -43.32 -17.34
C TRP G 145 10.15 -44.09 -16.42
N LYS G 146 10.68 -45.16 -15.79
CA LYS G 146 9.95 -46.02 -14.85
C LYS G 146 8.73 -46.69 -15.47
N ASN G 147 8.73 -46.87 -16.78
CA ASN G 147 7.65 -47.56 -17.48
C ASN G 147 8.06 -48.95 -17.94
N THR G 148 9.30 -49.33 -17.70
CA THR G 148 9.79 -50.65 -18.04
C THR G 148 10.05 -51.51 -16.82
N ARG G 149 9.93 -50.94 -15.61
CA ARG G 149 9.69 -51.75 -14.43
C ARG G 149 8.34 -52.44 -14.56
N LYS G 150 8.30 -53.71 -14.17
CA LYS G 150 7.15 -54.60 -14.39
C LYS G 150 6.75 -54.63 -15.86
N ALA G 151 7.67 -55.11 -16.70
CA ALA G 151 7.40 -55.19 -18.12
C ALA G 151 8.08 -56.42 -18.70
N TYR G 152 7.41 -57.04 -19.68
CA TYR G 152 7.84 -58.34 -20.18
C TYR G 152 8.91 -58.21 -21.26
N CYS G 153 8.59 -57.52 -22.35
CA CYS G 153 9.58 -57.23 -23.37
C CYS G 153 9.22 -55.91 -24.05
N TRP G 154 10.24 -55.14 -24.41
CA TRP G 154 10.03 -53.95 -25.21
C TRP G 154 10.97 -53.96 -26.40
N ASN G 155 10.48 -53.42 -27.52
CA ASN G 155 11.18 -53.51 -28.80
C ASN G 155 11.20 -52.13 -29.45
N ILE G 156 12.39 -51.64 -29.80
CA ILE G 156 12.56 -50.29 -30.28
C ILE G 156 12.87 -50.35 -31.77
N VAL G 157 12.20 -49.51 -32.56
CA VAL G 157 12.43 -49.44 -34.00
C VAL G 157 12.78 -48.01 -34.37
N LEU G 158 13.90 -47.84 -35.07
CA LEU G 158 14.33 -46.55 -35.58
C LEU G 158 14.10 -46.45 -37.08
N THR G 159 13.69 -45.27 -37.53
CA THR G 159 13.62 -44.91 -38.94
C THR G 159 14.51 -43.69 -39.14
N PRO G 160 15.71 -43.85 -39.68
CA PRO G 160 16.63 -42.72 -39.83
C PRO G 160 16.50 -42.01 -41.16
N TRP G 161 17.07 -40.81 -41.21
CA TRP G 161 17.00 -39.95 -42.37
C TRP G 161 18.25 -39.09 -42.38
N PRO G 162 19.01 -39.02 -43.49
CA PRO G 162 18.82 -39.69 -44.79
C PRO G 162 19.31 -41.14 -44.81
N TRP G 163 18.58 -42.03 -45.47
CA TRP G 163 18.82 -43.47 -45.31
C TRP G 163 18.26 -44.22 -46.51
N ASN G 164 18.87 -45.35 -46.81
CA ASN G 164 18.37 -46.30 -47.82
C ASN G 164 18.36 -47.72 -47.26
N GLY G 165 17.18 -48.26 -47.08
CA GLY G 165 17.04 -49.59 -46.52
C GLY G 165 15.77 -49.68 -45.69
N GLU G 166 15.54 -50.86 -45.13
CA GLU G 166 14.45 -51.06 -44.19
C GLU G 166 14.94 -50.83 -42.76
N LYS G 167 13.97 -50.67 -41.85
CA LYS G 167 14.15 -49.99 -40.58
C LYS G 167 15.14 -50.72 -39.66
N VAL G 168 15.62 -50.00 -38.66
CA VAL G 168 16.69 -50.47 -37.79
C VAL G 168 16.05 -50.94 -36.48
N GLY G 169 16.06 -52.25 -36.25
CA GLY G 169 15.32 -52.86 -35.15
C GLY G 169 16.25 -53.29 -34.03
N PHE G 170 15.83 -53.03 -32.79
CA PHE G 170 16.49 -53.50 -31.59
C PHE G 170 15.46 -54.26 -30.77
N GLU G 171 15.67 -55.56 -30.60
CA GLU G 171 14.63 -56.49 -30.18
C GLU G 171 14.93 -57.04 -28.79
N ASP G 172 13.96 -56.90 -27.88
CA ASP G 172 13.95 -57.52 -26.54
C ASP G 172 15.18 -57.10 -25.73
N ILE G 173 15.17 -55.82 -25.35
CA ILE G 173 16.34 -55.20 -24.75
C ILE G 173 16.66 -55.70 -23.36
N ARG G 174 15.76 -56.43 -22.70
CA ARG G 174 16.13 -56.99 -21.41
C ARG G 174 17.06 -58.18 -21.56
N THR G 175 16.79 -59.09 -22.50
CA THR G 175 17.58 -60.31 -22.64
C THR G 175 18.29 -60.40 -23.98
N ASN G 176 18.49 -59.30 -24.69
CA ASN G 176 19.31 -59.34 -25.89
C ASN G 176 20.26 -58.18 -26.06
N TYR G 177 20.20 -57.13 -25.25
CA TYR G 177 21.04 -55.95 -25.43
C TYR G 177 21.38 -55.40 -24.06
N THR G 178 22.64 -55.49 -23.65
CA THR G 178 22.97 -55.16 -22.28
C THR G 178 24.15 -54.18 -22.18
N SER G 179 25.10 -54.26 -23.11
CA SER G 179 26.32 -53.48 -23.00
C SER G 179 26.76 -52.94 -24.35
N ARG G 180 27.78 -52.07 -24.29
CA ARG G 180 28.30 -51.38 -25.47
C ARG G 180 28.90 -52.34 -26.49
N GLN G 181 29.50 -53.43 -26.03
CA GLN G 181 29.99 -54.45 -26.96
C GLN G 181 28.82 -55.21 -27.60
N ASP G 182 27.69 -55.28 -26.92
CA ASP G 182 26.59 -56.05 -27.46
C ASP G 182 25.82 -55.28 -28.54
N PHE G 183 25.78 -53.95 -28.45
CA PHE G 183 25.17 -53.17 -29.51
C PHE G 183 26.00 -53.22 -30.79
N LYS G 184 27.33 -53.21 -30.65
CA LYS G 184 28.22 -53.17 -31.82
C LYS G 184 28.17 -54.43 -32.66
N ASN G 185 27.62 -55.53 -32.13
CA ASN G 185 27.42 -56.75 -32.89
C ASN G 185 26.10 -56.75 -33.63
N ASN G 186 25.59 -55.59 -33.99
CA ASN G 186 24.39 -55.46 -34.80
C ASN G 186 24.78 -55.08 -36.22
N LYS G 187 23.87 -55.34 -37.15
CA LYS G 187 24.13 -55.05 -38.55
C LYS G 187 24.15 -53.54 -38.80
N ASN G 188 23.10 -52.85 -38.36
CA ASN G 188 22.93 -51.42 -38.60
C ASN G 188 23.31 -50.66 -37.34
N TRP G 189 24.61 -50.56 -37.10
CA TRP G 189 25.10 -49.72 -36.01
C TRP G 189 26.19 -48.77 -36.45
N SER G 190 27.08 -49.22 -37.33
CA SER G 190 28.14 -48.35 -37.83
C SER G 190 27.57 -47.25 -38.70
N ALA G 191 26.52 -47.54 -39.46
CA ALA G 191 25.90 -46.51 -40.30
C ALA G 191 25.20 -45.47 -39.44
N ILE G 192 24.55 -45.88 -38.36
CA ILE G 192 23.82 -44.94 -37.51
C ILE G 192 24.80 -44.04 -36.75
N VAL G 193 25.87 -44.62 -36.22
CA VAL G 193 26.85 -43.79 -35.52
C VAL G 193 27.64 -42.94 -36.51
N GLU G 194 27.78 -43.36 -37.77
CA GLU G 194 28.49 -42.54 -38.74
C GLU G 194 27.64 -41.37 -39.22
N MET G 195 26.33 -41.55 -39.33
CA MET G 195 25.51 -40.39 -39.71
C MET G 195 25.33 -39.41 -38.56
N ILE G 196 25.39 -39.88 -37.31
CA ILE G 196 25.50 -38.93 -36.20
C ILE G 196 26.84 -38.20 -36.20
N LYS G 197 27.93 -38.89 -36.58
CA LYS G 197 29.23 -38.22 -36.64
C LYS G 197 29.29 -37.18 -37.76
N THR G 198 28.68 -37.48 -38.91
CA THR G 198 28.62 -36.47 -39.97
C THR G 198 27.74 -35.29 -39.59
N ALA G 199 26.68 -35.53 -38.81
CA ALA G 199 25.86 -34.41 -38.36
C ALA G 199 26.62 -33.50 -37.41
N PHE G 200 27.34 -34.08 -36.44
CA PHE G 200 28.12 -33.24 -35.52
C PHE G 200 29.34 -32.61 -36.18
N SER G 201 29.80 -33.15 -37.32
CA SER G 201 31.03 -32.66 -37.92
C SER G 201 30.80 -31.67 -39.05
N SER G 202 30.00 -32.05 -40.04
CA SER G 202 29.80 -31.23 -41.23
C SER G 202 29.02 -29.97 -40.90
N THR G 203 29.54 -28.83 -41.34
CA THR G 203 28.78 -27.59 -41.22
C THR G 203 27.61 -27.60 -42.18
N ASP G 204 26.46 -27.10 -41.69
CA ASP G 204 25.14 -27.24 -42.32
C ASP G 204 24.81 -28.71 -42.56
N GLY G 205 24.93 -29.51 -41.51
CA GLY G 205 24.61 -30.93 -41.55
C GLY G 205 23.51 -31.30 -40.57
N LEU G 206 22.85 -32.43 -40.76
CA LEU G 206 21.61 -32.74 -40.06
C LEU G 206 21.29 -34.22 -40.20
N ALA G 207 20.86 -34.85 -39.11
CA ALA G 207 20.32 -36.21 -39.13
C ALA G 207 19.02 -36.22 -38.36
N ILE G 208 18.09 -37.09 -38.75
CA ILE G 208 16.77 -37.12 -38.14
C ILE G 208 16.36 -38.58 -37.92
N PHE G 209 16.07 -38.95 -36.67
CA PHE G 209 15.58 -40.27 -36.34
C PHE G 209 14.13 -40.19 -35.89
N GLU G 210 13.30 -41.11 -36.36
CA GLU G 210 11.98 -41.34 -35.83
C GLU G 210 12.04 -42.60 -34.97
N VAL G 211 11.51 -42.54 -33.75
CA VAL G 211 11.63 -43.65 -32.80
C VAL G 211 10.23 -44.09 -32.43
N ARG G 212 9.97 -45.40 -32.50
CA ARG G 212 8.77 -45.91 -31.86
C ARG G 212 9.08 -47.22 -31.15
N ALA G 213 8.52 -47.38 -29.96
CA ALA G 213 8.87 -48.50 -29.09
C ALA G 213 7.62 -49.20 -28.59
N THR G 214 7.64 -50.53 -28.65
CA THR G 214 6.51 -51.37 -28.27
C THR G 214 6.74 -51.94 -26.88
N LEU G 215 5.79 -51.73 -25.97
CA LEU G 215 5.84 -52.24 -24.61
C LEU G 215 4.72 -53.25 -24.38
N HIS G 216 5.09 -54.47 -23.97
CA HIS G 216 4.12 -55.51 -23.60
C HIS G 216 3.99 -55.53 -22.08
N LEU G 217 3.21 -54.59 -21.56
CA LEU G 217 2.98 -54.51 -20.12
C LEU G 217 1.96 -55.56 -19.67
N PRO G 218 1.98 -55.96 -18.38
CA PRO G 218 1.00 -56.93 -17.90
C PRO G 218 -0.41 -56.38 -17.79
N THR G 219 -1.36 -57.22 -17.38
CA THR G 219 -2.77 -56.86 -17.42
C THR G 219 -3.10 -55.87 -16.30
N ASN G 220 -3.68 -54.72 -16.70
CA ASN G 220 -3.98 -53.59 -15.83
C ASN G 220 -2.73 -53.05 -15.13
N ALA G 221 -1.65 -52.94 -15.88
CA ALA G 221 -0.47 -52.25 -15.39
C ALA G 221 -0.69 -50.75 -15.44
N MET G 222 -0.04 -50.03 -14.53
CA MET G 222 -0.20 -48.59 -14.53
C MET G 222 0.84 -47.92 -15.43
N VAL G 223 0.57 -46.68 -15.79
CA VAL G 223 1.40 -45.88 -16.68
C VAL G 223 1.82 -44.62 -15.91
N ARG G 224 3.11 -44.27 -16.01
CA ARG G 224 3.68 -43.09 -15.37
C ARG G 224 4.10 -42.03 -16.40
N PRO G 225 3.21 -41.08 -16.74
CA PRO G 225 3.63 -39.94 -17.55
C PRO G 225 4.25 -38.83 -16.74
N SER G 226 4.44 -37.67 -17.36
CA SER G 226 5.00 -36.52 -16.67
C SER G 226 3.92 -35.84 -15.81
N GLN G 227 4.34 -34.89 -14.98
CA GLN G 227 3.45 -34.20 -14.06
C GLN G 227 3.70 -32.70 -14.13
N VAL G 228 2.62 -31.92 -14.04
CA VAL G 228 2.75 -30.47 -14.14
C VAL G 228 3.35 -29.91 -12.87
N PHE G 229 4.02 -28.77 -13.00
CA PHE G 229 4.59 -28.08 -11.85
C PHE G 229 3.47 -27.35 -11.11
N THR G 230 3.09 -27.88 -9.95
CA THR G 230 2.22 -27.17 -9.01
C THR G 230 2.81 -27.31 -7.62
N GLU G 231 2.72 -26.25 -6.83
CA GLU G 231 3.31 -26.27 -5.49
C GLU G 231 2.27 -26.31 -4.38
N SER G 245 -2.68 -32.49 -6.00
CA SER G 245 -1.37 -33.08 -6.29
C SER G 245 -1.53 -34.14 -7.34
N ARG G 246 -0.45 -34.40 -8.09
CA ARG G 246 -0.39 -35.41 -9.15
C ARG G 246 -1.42 -35.13 -10.25
N VAL G 247 -1.14 -34.06 -11.00
CA VAL G 247 -1.86 -33.73 -12.22
C VAL G 247 -0.92 -33.93 -13.40
N PHE G 248 -1.41 -34.57 -14.46
CA PHE G 248 -0.58 -35.01 -15.57
C PHE G 248 -0.47 -33.95 -16.65
N GLN G 249 0.63 -34.01 -17.41
CA GLN G 249 0.78 -33.20 -18.61
C GLN G 249 0.10 -33.91 -19.77
N SER G 250 -0.67 -33.14 -20.56
CA SER G 250 -1.56 -33.72 -21.54
C SER G 250 -1.60 -32.87 -22.80
N THR G 251 -1.96 -33.52 -23.90
CA THR G 251 -2.26 -32.86 -25.16
C THR G 251 -3.46 -33.54 -25.80
N THR G 252 -4.15 -32.79 -26.66
CA THR G 252 -5.32 -33.29 -27.37
C THR G 252 -4.90 -33.96 -28.68
N ILE G 253 -5.19 -35.24 -28.81
CA ILE G 253 -5.03 -35.98 -30.05
C ILE G 253 -6.43 -36.37 -30.51
N ASP G 254 -6.83 -35.79 -31.66
CA ASP G 254 -8.12 -35.85 -32.37
C ASP G 254 -9.34 -35.98 -31.46
N GLY G 255 -9.47 -35.07 -30.50
CA GLY G 255 -10.61 -34.99 -29.62
C GLY G 255 -10.40 -35.64 -28.27
N GLU G 256 -9.55 -36.65 -28.20
CA GLU G 256 -9.27 -37.33 -26.94
C GLU G 256 -8.06 -36.68 -26.29
N ARG G 257 -8.15 -36.42 -24.99
CA ARG G 257 -6.95 -35.98 -24.30
C ARG G 257 -6.06 -37.18 -24.01
N SER G 258 -4.76 -36.94 -23.98
CA SER G 258 -3.79 -38.00 -23.77
C SER G 258 -2.66 -37.45 -22.91
N PRO G 259 -2.04 -38.31 -22.09
CA PRO G 259 -0.78 -37.93 -21.44
C PRO G 259 0.40 -38.09 -22.40
N ILE G 260 1.50 -37.40 -22.11
CA ILE G 260 2.58 -37.23 -23.08
C ILE G 260 3.92 -37.79 -22.58
N LEU G 261 4.27 -37.55 -21.31
CA LEU G 261 5.64 -37.67 -20.79
C LEU G 261 6.60 -36.73 -21.54
N GLY G 262 6.27 -35.43 -21.49
CA GLY G 262 7.24 -34.36 -21.64
C GLY G 262 7.87 -34.12 -22.99
N ALA G 263 8.43 -32.91 -23.15
CA ALA G 263 9.35 -32.57 -24.22
C ALA G 263 10.74 -32.26 -23.71
N PHE G 264 10.81 -31.60 -22.56
CA PHE G 264 12.06 -31.29 -21.88
C PHE G 264 12.50 -32.44 -20.99
N LYS G 265 11.56 -33.26 -20.55
CA LYS G 265 11.88 -34.42 -19.73
C LYS G 265 12.58 -35.48 -20.55
N THR G 266 12.04 -35.78 -21.72
CA THR G 266 12.58 -36.79 -22.62
C THR G 266 13.91 -36.42 -23.25
N GLY G 267 14.38 -35.20 -23.10
CA GLY G 267 15.68 -34.82 -23.61
C GLY G 267 16.69 -34.79 -22.50
N ALA G 268 16.19 -34.84 -21.27
CA ALA G 268 17.00 -35.05 -20.08
C ALA G 268 17.26 -36.51 -19.81
N ALA G 269 16.82 -37.40 -20.69
CA ALA G 269 17.10 -38.82 -20.63
C ALA G 269 18.03 -39.27 -21.72
N ILE G 270 18.24 -38.48 -22.76
CA ILE G 270 19.23 -38.76 -23.77
C ILE G 270 20.56 -38.13 -23.38
N ALA G 271 20.54 -37.20 -22.41
CA ALA G 271 21.72 -36.54 -21.89
C ALA G 271 22.04 -37.00 -20.48
N THR G 272 21.85 -38.27 -20.16
CA THR G 272 22.38 -38.85 -18.93
C THR G 272 23.67 -39.60 -19.23
N ILE G 273 24.74 -38.84 -19.47
CA ILE G 273 25.97 -39.42 -19.96
C ILE G 273 27.15 -39.01 -19.08
N ASP G 274 26.90 -38.27 -18.00
CA ASP G 274 27.98 -37.69 -17.21
C ASP G 274 28.49 -38.74 -16.25
N ASP G 275 29.59 -39.38 -16.62
CA ASP G 275 30.21 -40.39 -15.77
C ASP G 275 31.70 -40.10 -15.66
N TRP G 276 32.06 -38.83 -15.57
CA TRP G 276 33.45 -38.41 -15.54
C TRP G 276 33.82 -37.58 -14.32
N TYR G 277 32.89 -37.37 -13.38
CA TYR G 277 33.17 -36.58 -12.19
C TYR G 277 34.12 -37.35 -11.26
N PRO G 278 34.81 -36.65 -10.33
CA PRO G 278 35.82 -37.34 -9.52
C PRO G 278 35.25 -38.42 -8.61
N GLU G 279 35.88 -39.58 -8.65
CA GLU G 279 35.46 -40.83 -8.00
C GLU G 279 34.01 -41.17 -8.38
N ALA G 280 33.83 -41.42 -9.67
CA ALA G 280 32.51 -41.60 -10.25
C ALA G 280 31.98 -42.99 -10.00
N THR G 281 30.64 -43.09 -9.90
CA THR G 281 30.02 -44.40 -9.92
C THR G 281 28.75 -44.50 -10.76
N GLU G 282 28.05 -43.40 -11.05
CA GLU G 282 26.69 -43.49 -11.56
C GLU G 282 26.37 -42.24 -12.37
N PRO G 283 25.79 -42.37 -13.57
CA PRO G 283 25.73 -41.25 -14.52
C PRO G 283 24.85 -40.10 -14.05
N LEU G 284 24.99 -38.96 -14.74
CA LEU G 284 24.24 -37.76 -14.41
C LEU G 284 23.75 -37.05 -15.67
N ARG G 285 22.71 -36.23 -15.50
CA ARG G 285 22.35 -35.23 -16.49
C ARG G 285 23.47 -34.22 -16.62
N VAL G 286 23.81 -33.85 -17.85
CA VAL G 286 24.99 -33.01 -18.05
C VAL G 286 24.66 -31.56 -17.82
N GLY G 287 24.63 -31.16 -16.56
CA GLY G 287 24.50 -29.77 -16.19
C GLY G 287 25.87 -29.17 -16.05
N ARG G 288 25.92 -28.01 -15.41
CA ARG G 288 27.19 -27.37 -15.17
C ARG G 288 27.71 -27.62 -13.76
N PHE G 289 26.85 -28.08 -12.85
CA PHE G 289 27.15 -28.25 -11.45
C PHE G 289 26.74 -29.62 -10.95
N GLY G 290 26.84 -30.63 -11.80
CA GLY G 290 26.76 -32.05 -11.46
C GLY G 290 25.60 -32.51 -10.60
N VAL G 291 24.44 -31.90 -10.78
CA VAL G 291 23.32 -32.07 -9.85
C VAL G 291 22.74 -33.47 -9.96
N HIS G 292 22.85 -34.24 -8.87
CA HIS G 292 22.07 -35.45 -8.71
C HIS G 292 20.76 -35.05 -8.03
N ARG G 293 19.65 -35.53 -8.59
CA ARG G 293 18.36 -34.94 -8.29
C ARG G 293 17.83 -35.34 -6.91
N GLU G 294 17.63 -36.63 -6.70
CA GLU G 294 16.86 -37.11 -5.55
C GLU G 294 17.63 -36.92 -4.23
N ASP G 295 18.83 -37.48 -4.13
CA ASP G 295 19.73 -37.19 -3.05
C ASP G 295 20.34 -35.83 -3.31
N VAL G 296 19.82 -34.80 -2.63
CA VAL G 296 19.78 -33.39 -3.01
C VAL G 296 21.10 -32.84 -3.50
N THR G 297 22.21 -33.26 -2.89
CA THR G 297 23.54 -32.67 -3.05
C THR G 297 24.02 -32.61 -4.50
N CYS G 298 24.85 -31.62 -4.80
CA CYS G 298 25.41 -31.49 -6.13
C CYS G 298 26.86 -31.95 -6.12
N TYR G 299 27.19 -32.81 -7.06
CA TYR G 299 28.57 -33.16 -7.31
C TYR G 299 29.13 -32.04 -8.18
N ARG G 300 30.45 -32.06 -8.40
CA ARG G 300 31.15 -31.06 -9.23
C ARG G 300 30.92 -29.63 -8.72
N HIS G 301 30.97 -29.45 -7.42
CA HIS G 301 30.89 -28.12 -6.82
C HIS G 301 32.13 -27.33 -7.24
N PRO G 302 32.04 -26.00 -7.37
CA PRO G 302 33.21 -25.22 -7.80
C PRO G 302 34.38 -25.19 -6.82
N SER G 303 34.24 -25.71 -5.61
CA SER G 303 35.41 -25.94 -4.77
C SER G 303 36.31 -27.01 -5.35
N THR G 304 35.71 -28.08 -5.89
CA THR G 304 36.51 -29.14 -6.50
C THR G 304 37.10 -28.73 -7.84
N GLY G 305 36.60 -27.67 -8.45
CA GLY G 305 37.10 -27.21 -9.73
C GLY G 305 36.69 -28.03 -10.93
N LYS G 306 35.71 -28.92 -10.78
CA LYS G 306 35.27 -29.77 -11.88
C LYS G 306 33.89 -29.39 -12.40
N ASP G 307 33.52 -28.13 -12.29
CA ASP G 307 32.32 -27.61 -12.94
C ASP G 307 32.67 -27.01 -14.29
N PHE G 308 31.67 -26.45 -14.98
CA PHE G 308 31.89 -26.02 -16.36
C PHE G 308 32.71 -24.74 -16.44
N PHE G 309 32.62 -23.87 -15.45
CA PHE G 309 33.27 -22.57 -15.59
C PHE G 309 34.74 -22.63 -15.25
N SER G 310 35.10 -23.40 -14.21
CA SER G 310 36.51 -23.60 -13.90
C SER G 310 37.22 -24.41 -14.96
N ILE G 311 36.51 -25.29 -15.66
CA ILE G 311 37.11 -26.02 -16.76
C ILE G 311 37.21 -25.16 -18.02
N LEU G 312 36.13 -24.45 -18.34
CA LEU G 312 36.06 -23.52 -19.47
C LEU G 312 37.12 -22.42 -19.42
N GLN G 313 37.40 -21.85 -18.25
CA GLN G 313 38.40 -20.80 -18.14
C GLN G 313 39.83 -21.29 -18.23
N GLN G 314 40.05 -22.54 -18.61
CA GLN G 314 41.37 -23.13 -18.76
C GLN G 314 41.46 -23.82 -20.13
N ALA G 315 40.81 -23.22 -21.12
CA ALA G 315 40.75 -23.79 -22.47
C ALA G 315 42.03 -23.59 -23.25
N GLU G 316 42.83 -22.58 -22.89
CA GLU G 316 44.12 -22.43 -23.54
C GLU G 316 45.09 -23.51 -23.11
N HIS G 317 44.88 -24.11 -21.94
CA HIS G 317 45.55 -25.34 -21.54
C HIS G 317 45.10 -26.56 -22.33
N TYR G 318 43.85 -26.59 -22.78
CA TYR G 318 43.40 -27.74 -23.54
C TYR G 318 43.86 -27.69 -24.98
N ILE G 319 43.94 -26.50 -25.56
CA ILE G 319 44.60 -26.41 -26.87
C ILE G 319 46.11 -26.46 -26.74
N GLU G 320 46.64 -26.23 -25.55
CA GLU G 320 48.04 -26.55 -25.26
C GLU G 320 48.29 -28.05 -25.35
N VAL G 321 47.50 -28.85 -24.63
CA VAL G 321 47.79 -30.27 -24.51
C VAL G 321 47.37 -31.03 -25.78
N LEU G 322 46.26 -30.66 -26.41
CA LEU G 322 45.82 -31.40 -27.60
C LEU G 322 46.60 -31.08 -28.87
N SER G 323 47.64 -30.24 -28.81
CA SER G 323 48.55 -30.07 -29.93
C SER G 323 49.86 -30.82 -29.74
N ALA G 324 49.97 -31.59 -28.67
CA ALA G 324 51.06 -32.51 -28.39
C ALA G 324 50.76 -33.86 -29.05
N ASN G 325 51.49 -34.90 -28.63
CA ASN G 325 51.44 -36.19 -29.31
C ASN G 325 51.00 -37.33 -28.39
N LYS G 326 50.45 -37.03 -27.21
CA LYS G 326 49.90 -38.02 -26.31
C LYS G 326 48.95 -37.36 -25.32
N THR G 327 47.80 -37.97 -25.03
CA THR G 327 46.81 -37.29 -24.20
C THR G 327 46.33 -38.18 -23.07
N PRO G 328 46.45 -37.75 -21.81
CA PRO G 328 46.09 -38.61 -20.67
C PRO G 328 44.58 -38.70 -20.48
N ALA G 329 44.08 -39.91 -20.22
CA ALA G 329 42.65 -40.15 -20.14
C ALA G 329 42.10 -40.05 -18.73
N GLN G 330 42.75 -39.29 -17.85
CA GLN G 330 42.32 -39.23 -16.46
C GLN G 330 41.91 -37.83 -15.99
N GLU G 331 42.55 -36.77 -16.48
CA GLU G 331 41.98 -35.45 -16.24
C GLU G 331 42.17 -34.52 -17.43
N THR G 332 42.45 -35.04 -18.62
CA THR G 332 42.47 -34.19 -19.80
C THR G 332 41.48 -34.66 -20.85
N ILE G 333 41.38 -35.97 -21.10
CA ILE G 333 40.31 -36.46 -21.96
C ILE G 333 38.97 -36.39 -21.24
N ASN G 334 38.98 -36.60 -19.92
CA ASN G 334 37.74 -36.56 -19.17
C ASN G 334 37.26 -35.16 -18.86
N ASP G 335 37.98 -34.12 -19.28
CA ASP G 335 37.46 -32.76 -19.22
C ASP G 335 37.08 -32.23 -20.59
N MET G 336 37.76 -32.66 -21.65
CA MET G 336 37.32 -32.32 -22.99
C MET G 336 36.00 -32.99 -23.31
N HIS G 337 35.78 -34.22 -22.83
CA HIS G 337 34.47 -34.84 -22.99
C HIS G 337 33.39 -34.07 -22.28
N PHE G 338 33.69 -33.53 -21.10
CA PHE G 338 32.68 -32.79 -20.36
C PHE G 338 32.37 -31.46 -21.02
N LEU G 339 33.40 -30.78 -21.54
CA LEU G 339 33.19 -29.49 -22.19
C LEU G 339 32.41 -29.66 -23.48
N MET G 340 32.76 -30.66 -24.29
CA MET G 340 32.03 -30.90 -25.53
C MET G 340 30.63 -31.43 -25.28
N ALA G 341 30.40 -32.14 -24.18
CA ALA G 341 29.02 -32.52 -23.87
C ALA G 341 28.24 -31.36 -23.31
N ASN G 342 28.92 -30.31 -22.86
CA ASN G 342 28.25 -29.18 -22.23
C ASN G 342 28.13 -27.98 -23.15
N LEU G 343 28.70 -28.03 -24.36
CA LEU G 343 28.38 -27.09 -25.44
C LEU G 343 27.24 -27.58 -26.30
N ILE G 344 27.09 -28.90 -26.42
CA ILE G 344 25.96 -29.49 -27.11
C ILE G 344 24.65 -29.18 -26.40
N LYS G 345 24.69 -29.06 -25.08
CA LYS G 345 23.50 -28.68 -24.32
C LYS G 345 23.08 -27.24 -24.63
N GLY G 346 24.03 -26.32 -24.72
CA GLY G 346 23.69 -24.96 -25.06
C GLY G 346 23.78 -24.02 -23.89
N GLY G 347 22.87 -23.06 -23.82
CA GLY G 347 22.80 -22.20 -22.67
C GLY G 347 23.79 -21.05 -22.73
N MET G 348 23.48 -20.00 -21.97
CA MET G 348 24.22 -18.75 -22.06
C MET G 348 25.27 -18.68 -20.95
N PHE G 349 26.52 -18.45 -21.35
CA PHE G 349 27.69 -18.52 -20.49
C PHE G 349 28.16 -17.13 -20.10
N GLN G 350 27.31 -16.38 -19.42
CA GLN G 350 27.58 -14.97 -19.23
C GLN G 350 28.15 -14.70 -17.85
N HIS G 351 28.29 -13.43 -17.51
CA HIS G 351 28.82 -13.05 -16.21
C HIS G 351 27.70 -12.87 -15.21
N LEU H 4 13.64 67.73 14.95
CA LEU H 4 14.05 67.03 13.75
C LEU H 4 13.36 67.64 12.53
N LYS H 5 12.26 68.35 12.77
CA LYS H 5 11.55 69.10 11.74
C LYS H 5 11.85 70.57 11.98
N GLU H 6 12.86 71.08 11.27
CA GLU H 6 13.36 72.43 11.50
C GLU H 6 12.51 73.44 10.75
N LEU H 7 12.99 74.69 10.68
CA LEU H 7 12.24 75.77 10.04
C LEU H 7 12.26 75.69 8.51
N ILE H 8 13.09 74.83 7.93
CA ILE H 8 13.10 74.69 6.48
C ILE H 8 11.89 73.90 5.99
N ALA H 9 11.28 73.09 6.85
CA ALA H 9 10.08 72.33 6.51
C ALA H 9 9.09 72.38 7.67
N SER H 10 8.96 73.53 8.31
CA SER H 10 8.07 73.69 9.45
C SER H 10 6.61 73.92 9.06
N ASN H 11 6.34 74.13 7.78
CA ASN H 11 4.98 74.42 7.31
C ASN H 11 4.51 73.32 6.37
N PRO H 12 3.71 72.36 6.85
CA PRO H 12 3.14 71.35 5.95
C PRO H 12 2.00 71.88 5.09
N ASP H 13 1.46 73.05 5.40
CA ASP H 13 0.47 73.78 4.62
C ASP H 13 -0.84 73.02 4.45
N ASP H 14 -1.15 72.10 5.37
CA ASP H 14 -2.45 71.44 5.40
C ASP H 14 -3.41 72.13 6.36
N LEU H 15 -3.08 72.13 7.64
CA LEU H 15 -3.81 72.81 8.73
C LEU H 15 -2.88 72.85 9.93
N THR H 16 -3.40 73.26 11.09
CA THR H 16 -2.60 73.55 12.26
C THR H 16 -2.44 72.36 13.20
N THR H 17 -2.45 71.13 12.67
CA THR H 17 -2.27 69.95 13.52
C THR H 17 -0.81 69.66 13.86
N GLU H 18 0.14 70.38 13.25
CA GLU H 18 1.55 70.10 13.48
C GLU H 18 1.98 70.52 14.88
N LEU H 19 1.51 71.69 15.34
CA LEU H 19 1.83 72.14 16.68
C LEU H 19 1.16 71.27 17.75
N LYS H 20 -0.09 70.87 17.50
CA LYS H 20 -0.79 69.99 18.43
C LYS H 20 -0.17 68.60 18.46
N ARG H 21 0.46 68.18 17.35
CA ARG H 21 1.13 66.89 17.35
C ARG H 21 2.47 66.97 18.05
N ALA H 22 3.20 68.07 17.84
CA ALA H 22 4.54 68.22 18.37
C ALA H 22 4.58 68.72 19.81
N PHE H 23 3.46 69.18 20.37
CA PHE H 23 3.45 69.53 21.78
C PHE H 23 3.37 68.29 22.66
N ARG H 24 2.50 67.33 22.29
CA ARG H 24 2.26 66.18 23.15
C ARG H 24 3.09 65.01 22.70
N PRO H 25 3.84 64.36 23.60
CA PRO H 25 4.94 63.48 23.18
C PRO H 25 4.51 62.06 22.81
N LEU H 26 4.62 61.74 21.52
CA LEU H 26 4.66 60.37 21.02
C LEU H 26 5.66 60.24 19.87
N THR H 27 6.49 61.26 19.65
CA THR H 27 7.18 61.48 18.39
C THR H 27 8.36 62.39 18.67
N PRO H 28 9.40 62.37 17.83
CA PRO H 28 10.49 63.35 17.99
C PRO H 28 10.01 64.77 17.74
N HIS H 29 10.78 65.72 18.25
CA HIS H 29 10.33 67.08 18.45
C HIS H 29 10.91 68.02 17.40
N ILE H 30 10.46 69.27 17.43
CA ILE H 30 10.92 70.30 16.50
C ILE H 30 11.88 71.24 17.22
N ALA H 31 12.82 71.79 16.45
CA ALA H 31 13.87 72.63 17.00
C ALA H 31 13.67 74.08 16.58
N ILE H 32 13.81 74.99 17.56
CA ILE H 32 13.73 76.43 17.31
C ILE H 32 15.00 77.09 17.81
N ASP H 33 15.34 78.22 17.21
CA ASP H 33 16.51 78.99 17.62
C ASP H 33 16.10 80.36 18.16
N GLY H 34 15.37 81.16 17.39
CA GLY H 34 14.91 82.46 17.84
C GLY H 34 13.48 82.72 17.46
N ASN H 35 12.86 81.78 16.73
CA ASN H 35 11.48 81.92 16.28
C ASN H 35 10.54 81.26 17.28
N GLU H 36 10.51 81.84 18.48
CA GLU H 36 9.65 81.36 19.56
C GLU H 36 8.38 82.19 19.71
N LEU H 37 8.32 83.37 19.09
CA LEU H 37 7.13 84.20 19.17
C LEU H 37 5.99 83.62 18.34
N ASP H 38 6.30 82.72 17.38
CA ASP H 38 5.25 82.03 16.64
C ASP H 38 4.51 81.03 17.51
N ALA H 39 5.18 80.53 18.56
CA ALA H 39 4.58 79.53 19.44
C ALA H 39 3.93 80.14 20.67
N LEU H 40 4.62 81.05 21.36
CA LEU H 40 4.16 81.52 22.66
C LEU H 40 3.10 82.61 22.58
N THR H 41 2.75 83.10 21.39
CA THR H 41 1.57 83.94 21.27
C THR H 41 0.31 83.11 21.06
N ILE H 42 0.46 81.83 20.73
CA ILE H 42 -0.65 80.89 20.77
C ILE H 42 -0.73 80.23 22.14
N LEU H 43 0.42 79.99 22.77
CA LEU H 43 0.52 79.19 23.99
C LEU H 43 -0.17 79.86 25.17
N VAL H 44 -0.03 81.18 25.30
CA VAL H 44 -0.71 81.88 26.38
C VAL H 44 -2.20 81.97 26.07
N ASN H 45 -2.56 82.10 24.79
CA ASN H 45 -3.96 82.09 24.37
C ASN H 45 -4.53 80.69 24.20
N LEU H 46 -3.77 79.63 24.51
CA LEU H 46 -4.38 78.31 24.59
C LEU H 46 -5.31 78.21 25.80
N THR H 47 -4.93 78.79 26.93
CA THR H 47 -5.75 78.83 28.12
C THR H 47 -6.53 80.14 28.19
N ASP H 48 -7.26 80.32 29.28
CA ASP H 48 -8.15 81.46 29.54
C ASP H 48 -9.20 81.65 28.44
N ALA H 60 -2.69 84.34 19.22
CA ALA H 60 -2.30 84.99 17.98
C ALA H 60 -2.35 86.50 18.10
N LYS H 61 -1.30 87.05 18.71
CA LYS H 61 -1.08 88.49 18.87
C LYS H 61 -2.23 89.16 19.63
N CYS H 62 -2.68 88.52 20.70
CA CYS H 62 -3.75 89.06 21.52
C CYS H 62 -3.42 89.11 23.01
N LYS H 63 -2.53 88.26 23.49
CA LYS H 63 -2.21 88.13 24.91
C LYS H 63 -1.25 89.21 25.43
N GLN H 64 -0.97 90.25 24.65
CA GLN H 64 0.14 91.15 24.94
C GLN H 64 -0.17 92.18 26.02
N LYS H 65 -1.39 92.18 26.56
CA LYS H 65 -1.69 92.89 27.80
C LYS H 65 -2.31 91.98 28.84
N LEU H 66 -2.41 90.68 28.57
CA LEU H 66 -3.05 89.73 29.47
C LEU H 66 -2.29 88.40 29.53
N ARG H 67 -0.98 88.43 29.25
CA ARG H 67 -0.14 87.31 29.63
C ARG H 67 -0.03 87.22 31.14
N ASP H 68 -0.01 88.37 31.82
CA ASP H 68 0.22 88.46 33.25
C ASP H 68 -0.97 88.00 34.10
N GLU H 69 -2.09 87.64 33.50
CA GLU H 69 -3.16 86.98 34.23
C GLU H 69 -3.13 85.48 33.95
N LYS H 70 -3.68 84.71 34.90
CA LYS H 70 -3.48 83.26 35.04
C LYS H 70 -1.98 82.96 34.99
N TRP H 71 -1.26 83.60 35.90
CA TRP H 71 0.19 83.57 35.91
C TRP H 71 0.77 83.44 37.31
N TRP H 72 -0.06 83.48 38.36
CA TRP H 72 0.40 83.43 39.74
C TRP H 72 1.07 82.10 40.11
N ALA H 73 0.28 81.02 40.15
CA ALA H 73 0.84 79.71 40.44
C ALA H 73 0.18 78.56 39.68
N SER H 74 -0.77 78.84 38.79
CA SER H 74 -1.59 77.77 38.20
C SER H 74 -0.81 76.96 37.19
N CYS H 75 -0.21 77.62 36.19
CA CYS H 75 0.59 76.91 35.20
C CYS H 75 1.93 76.48 35.78
N ILE H 76 2.37 77.09 36.88
CA ILE H 76 3.63 76.71 37.51
C ILE H 76 3.46 75.44 38.33
N ASN H 77 2.27 75.24 38.93
CA ASN H 77 2.03 74.09 39.80
C ASN H 77 1.93 72.77 39.05
N CYS H 78 1.86 72.79 37.71
CA CYS H 78 1.63 71.59 36.93
C CYS H 78 2.91 70.88 36.53
N VAL H 79 3.96 70.99 37.33
CA VAL H 79 5.13 70.12 37.21
C VAL H 79 5.08 69.17 38.40
N ASN H 80 4.46 69.63 39.49
CA ASN H 80 4.26 68.77 40.64
C ASN H 80 3.33 67.61 40.31
N TYR H 81 2.34 67.85 39.47
CA TYR H 81 1.45 66.80 38.99
C TYR H 81 1.97 66.10 37.75
N ARG H 82 2.95 66.67 37.06
CA ARG H 82 3.63 65.99 35.97
C ARG H 82 4.44 64.82 36.55
N GLN H 83 4.52 63.73 35.80
CA GLN H 83 5.11 62.51 36.35
C GLN H 83 5.77 61.70 35.24
N SER H 84 6.61 60.76 35.67
CA SER H 84 7.38 59.90 34.78
C SER H 84 6.67 58.60 34.47
N HIS H 85 5.97 58.04 35.46
CA HIS H 85 5.31 56.75 35.37
C HIS H 85 3.85 56.95 35.74
N ASN H 86 2.97 56.21 35.08
CA ASN H 86 1.55 56.51 35.13
C ASN H 86 0.80 55.47 35.95
N PRO H 87 0.34 55.80 37.17
CA PRO H 87 -0.44 54.82 37.94
C PRO H 87 -1.87 54.63 37.45
N LYS H 88 -2.33 55.45 36.51
CA LYS H 88 -3.71 55.40 36.04
C LYS H 88 -3.87 54.52 34.80
N PHE H 89 -3.07 53.47 34.66
CA PHE H 89 -3.15 52.59 33.49
C PHE H 89 -3.28 51.16 33.98
N PRO H 90 -4.41 50.47 33.71
CA PRO H 90 -5.58 51.01 33.03
C PRO H 90 -6.75 51.28 33.98
N ASP H 91 -6.46 51.78 35.18
CA ASP H 91 -7.49 52.04 36.19
C ASP H 91 -7.23 53.43 36.77
N ILE H 92 -8.15 54.36 36.51
CA ILE H 92 -7.82 55.78 36.61
C ILE H 92 -7.92 56.35 38.03
N ARG H 93 -8.64 55.69 38.93
CA ARG H 93 -8.73 56.19 40.30
C ARG H 93 -7.54 55.63 41.07
N SER H 94 -6.41 56.35 41.05
CA SER H 94 -5.20 55.81 41.64
C SER H 94 -4.52 56.73 42.65
N GLU H 95 -4.56 58.05 42.41
CA GLU H 95 -4.06 59.10 43.32
C GLU H 95 -2.56 58.94 43.58
N GLY H 96 -1.76 59.20 42.53
CA GLY H 96 -0.32 59.14 42.66
C GLY H 96 0.39 60.24 41.88
N VAL H 97 1.71 60.29 42.09
CA VAL H 97 2.66 60.95 41.20
C VAL H 97 4.00 60.25 41.37
N ILE H 98 4.63 59.88 40.25
CA ILE H 98 5.86 59.10 40.24
C ILE H 98 6.81 59.72 39.22
N ARG H 99 7.96 60.20 39.69
CA ARG H 99 8.90 60.91 38.83
C ARG H 99 10.31 60.38 39.06
N THR H 100 10.46 59.06 39.06
CA THR H 100 11.74 58.42 39.36
C THR H 100 11.95 57.27 38.39
N GLN H 101 13.10 57.28 37.71
CA GLN H 101 13.30 56.37 36.57
C GLN H 101 13.53 54.93 36.97
N ALA H 102 14.65 54.62 37.62
CA ALA H 102 15.06 53.23 37.83
C ALA H 102 16.22 53.20 38.82
N LEU H 103 16.66 51.98 39.13
CA LEU H 103 17.88 51.77 39.92
C LEU H 103 18.41 50.39 39.56
N GLY H 104 19.43 50.35 38.72
CA GLY H 104 20.05 49.12 38.26
C GLY H 104 20.18 49.10 36.76
N GLU H 105 20.96 48.12 36.29
CA GLU H 105 21.02 47.82 34.87
C GLU H 105 20.93 46.32 34.64
N LEU H 106 20.69 45.97 33.39
CA LEU H 106 20.12 44.68 32.99
C LEU H 106 21.11 43.92 32.12
N PRO H 107 20.83 42.66 31.76
CA PRO H 107 21.41 42.11 30.55
C PRO H 107 20.67 42.61 29.32
N SER H 108 21.34 42.48 28.17
CA SER H 108 20.92 43.20 26.97
C SER H 108 19.70 42.61 26.28
N PHE H 109 19.36 41.33 26.53
CA PHE H 109 18.20 40.75 25.87
C PHE H 109 16.88 41.10 26.56
N LEU H 110 16.93 41.68 27.75
CA LEU H 110 15.74 42.12 28.45
C LEU H 110 15.47 43.58 28.14
N LEU H 111 14.31 44.07 28.56
CA LEU H 111 13.92 45.45 28.30
C LEU H 111 13.35 46.07 29.56
N SER H 112 13.24 47.40 29.53
CA SER H 112 12.71 48.22 30.61
C SER H 112 12.47 49.61 30.02
N SER H 113 12.19 50.58 30.89
CA SER H 113 12.21 51.99 30.51
C SER H 113 13.55 52.64 30.78
N SER H 114 14.60 51.85 30.94
CA SER H 114 15.94 52.37 31.11
C SER H 114 16.72 52.43 29.80
N LYS H 115 16.36 51.61 28.82
CA LYS H 115 17.13 51.53 27.59
C LYS H 115 16.89 52.73 26.67
N ILE H 116 15.81 53.46 26.87
CA ILE H 116 15.37 54.51 25.95
C ILE H 116 15.34 55.84 26.72
N PRO H 117 15.56 56.98 26.07
CA PRO H 117 15.82 58.23 26.82
C PRO H 117 14.58 58.75 27.54
N PRO H 118 14.73 59.13 28.82
CA PRO H 118 13.59 59.61 29.59
C PRO H 118 13.24 61.08 29.36
N TYR H 119 12.45 61.39 28.34
CA TYR H 119 12.01 62.77 28.19
C TYR H 119 10.56 62.96 27.78
N HIS H 120 9.78 61.90 27.56
CA HIS H 120 8.42 62.01 27.05
C HIS H 120 7.37 62.13 28.15
N TRP H 121 7.72 62.64 29.31
CA TRP H 121 6.85 62.64 30.47
C TRP H 121 5.75 63.69 30.32
N SER H 122 4.62 63.47 30.98
CA SER H 122 3.48 64.35 30.79
C SER H 122 2.64 64.43 32.06
N TYR H 123 1.42 64.93 31.90
CA TYR H 123 0.53 65.34 32.98
C TYR H 123 -0.71 64.46 32.98
N SER H 124 -0.96 63.79 34.10
CA SER H 124 -2.15 62.96 34.27
C SER H 124 -2.71 63.21 35.66
N HIS H 125 -3.54 64.22 35.80
CA HIS H 125 -4.17 64.40 37.10
C HIS H 125 -5.66 64.68 37.04
N ASP H 126 -6.13 65.44 36.06
CA ASP H 126 -7.43 66.07 36.19
C ASP H 126 -8.05 66.23 34.81
N SER H 127 -9.39 66.29 34.80
CA SER H 127 -10.15 66.50 33.57
C SER H 127 -10.44 67.97 33.28
N LYS H 128 -10.48 68.81 34.31
CA LYS H 128 -10.72 70.23 34.12
C LYS H 128 -9.45 71.04 33.92
N TYR H 129 -8.30 70.50 34.35
CA TYR H 129 -7.01 71.17 34.24
C TYR H 129 -6.18 70.59 33.10
N VAL H 130 -6.83 70.11 32.03
CA VAL H 130 -6.11 69.63 30.86
C VAL H 130 -5.41 70.78 30.17
N ASN H 131 -6.03 71.95 30.14
CA ASN H 131 -5.54 73.15 29.47
C ASN H 131 -4.51 73.91 30.31
N LYS H 132 -3.94 73.30 31.35
CA LYS H 132 -2.98 73.96 32.23
C LYS H 132 -1.62 73.28 32.18
N SER H 133 -1.48 72.21 31.40
CA SER H 133 -0.22 71.47 31.28
C SER H 133 0.74 72.08 30.27
N ALA H 134 0.56 73.34 29.89
CA ALA H 134 1.42 73.99 28.92
C ALA H 134 2.61 74.66 29.61
N PHE H 135 3.58 75.09 28.78
CA PHE H 135 4.69 75.99 29.09
C PHE H 135 5.79 75.34 29.95
N LEU H 136 5.53 74.17 30.52
CA LEU H 136 6.49 73.52 31.39
C LEU H 136 6.57 72.01 31.22
N THR H 137 5.85 71.42 30.26
CA THR H 137 5.85 69.98 30.06
C THR H 137 6.34 69.54 28.69
N ASN H 138 6.64 70.47 27.80
CA ASN H 138 6.97 70.15 26.42
C ASN H 138 8.49 70.16 26.22
N GLU H 139 8.91 69.94 24.97
CA GLU H 139 10.30 69.66 24.64
C GLU H 139 10.76 70.54 23.50
N PHE H 140 12.05 70.92 23.54
CA PHE H 140 12.57 71.93 22.62
C PHE H 140 13.68 71.44 21.70
N CYS H 141 14.55 70.53 22.17
CA CYS H 141 15.60 69.83 21.41
C CYS H 141 16.50 70.78 20.61
N TRP H 142 17.28 71.57 21.37
CA TRP H 142 18.12 72.61 20.77
C TRP H 142 19.24 72.01 19.92
N ASP H 143 20.12 71.20 20.54
CA ASP H 143 21.14 70.52 19.76
C ASP H 143 21.41 69.09 20.22
N GLY H 144 20.47 68.48 20.92
CA GLY H 144 20.68 67.19 21.54
C GLY H 144 20.40 67.26 23.03
N GLU H 145 20.73 66.16 23.71
CA GLU H 145 20.39 65.85 25.12
C GLU H 145 18.97 66.29 25.47
N ILE H 146 18.02 65.73 24.71
CA ILE H 146 16.64 66.20 24.69
C ILE H 146 15.97 65.87 26.01
N SER H 147 15.46 66.91 26.69
CA SER H 147 14.77 66.75 27.96
C SER H 147 13.59 67.73 27.97
N CYS H 148 12.94 67.84 29.13
CA CYS H 148 11.82 68.75 29.30
C CYS H 148 12.35 70.15 29.61
N LEU H 149 11.44 71.07 29.93
CA LEU H 149 11.82 72.46 30.16
C LEU H 149 12.15 72.75 31.62
N GLY H 150 11.62 71.96 32.55
CA GLY H 150 11.83 72.21 33.97
C GLY H 150 13.24 71.93 34.46
N GLU H 151 14.00 71.11 33.73
CA GLU H 151 15.37 70.79 34.12
C GLU H 151 16.39 71.78 33.57
N LEU H 152 16.22 72.21 32.31
CA LEU H 152 17.19 73.09 31.66
C LEU H 152 16.97 74.57 32.00
N LEU H 153 15.99 74.89 32.85
CA LEU H 153 15.70 76.28 33.18
C LEU H 153 15.86 76.52 34.68
N LYS H 154 16.95 76.02 35.26
CA LYS H 154 17.21 76.16 36.69
C LYS H 154 18.43 77.03 36.98
N ASP H 155 18.98 77.71 35.98
CA ASP H 155 20.15 78.56 36.15
C ASP H 155 19.79 80.03 35.94
N ALA H 156 20.78 80.90 36.09
CA ALA H 156 20.60 82.34 35.93
C ALA H 156 20.86 82.77 34.49
N ASP H 157 22.02 82.45 33.96
CA ASP H 157 22.37 82.80 32.57
C ASP H 157 21.76 81.76 31.64
N HIS H 158 20.76 82.17 30.86
CA HIS H 158 20.07 81.28 29.94
C HIS H 158 19.73 82.03 28.66
N PRO H 159 19.93 81.41 27.49
CA PRO H 159 19.60 82.08 26.24
C PRO H 159 18.11 82.06 25.91
N LEU H 160 17.77 82.52 24.69
CA LEU H 160 16.41 82.56 24.13
C LEU H 160 15.42 83.30 25.03
N TRP H 161 15.89 84.38 25.65
CA TRP H 161 15.07 85.23 26.51
C TRP H 161 14.66 86.53 25.82
N ASN H 162 14.39 86.45 24.52
CA ASN H 162 13.98 87.63 23.76
C ASN H 162 12.55 88.03 24.10
N THR H 163 11.68 87.08 24.39
CA THR H 163 10.30 87.36 24.78
C THR H 163 10.16 87.66 26.26
N LEU H 164 11.27 87.77 26.98
CA LEU H 164 11.32 88.35 28.32
C LEU H 164 11.77 89.80 28.29
N LYS H 165 12.66 90.17 27.37
CA LYS H 165 13.09 91.56 27.22
C LYS H 165 12.19 92.36 26.29
N LYS H 166 11.39 91.70 25.44
CA LYS H 166 10.56 92.39 24.46
C LYS H 166 9.09 92.37 24.82
N LEU H 167 8.52 91.20 25.13
CA LEU H 167 7.11 91.09 25.45
C LEU H 167 6.92 91.62 26.87
N GLY H 168 6.69 92.92 26.97
CA GLY H 168 6.70 93.64 28.23
C GLY H 168 5.53 93.36 29.15
N CYS H 169 4.57 92.53 28.72
CA CYS H 169 3.49 92.13 29.62
C CYS H 169 4.00 91.20 30.71
N SER H 170 5.04 90.42 30.42
CA SER H 170 5.63 89.52 31.40
C SER H 170 6.63 90.31 32.24
N GLN H 171 6.22 90.68 33.45
CA GLN H 171 7.09 91.42 34.35
C GLN H 171 7.94 90.45 35.16
N LYS H 172 8.94 91.00 35.85
CA LYS H 172 9.93 90.21 36.58
C LYS H 172 9.57 90.19 38.06
N THR H 173 8.55 89.40 38.40
CA THR H 173 8.18 89.21 39.79
C THR H 173 7.87 87.77 40.17
N CYS H 174 7.75 86.84 39.21
CA CYS H 174 7.42 85.46 39.52
C CYS H 174 8.36 84.46 38.84
N LYS H 175 9.45 84.94 38.23
CA LYS H 175 10.41 84.02 37.62
C LYS H 175 11.26 83.33 38.67
N ALA H 176 11.62 84.05 39.74
CA ALA H 176 12.43 83.47 40.81
C ALA H 176 11.65 82.41 41.58
N MET H 177 10.32 82.54 41.67
CA MET H 177 9.52 81.49 42.28
C MET H 177 9.53 80.22 41.43
N ALA H 178 9.54 80.37 40.11
CA ALA H 178 9.66 79.21 39.23
C ALA H 178 11.07 78.63 39.28
N LYS H 179 12.07 79.44 39.61
CA LYS H 179 13.41 78.91 39.81
C LYS H 179 13.53 78.12 41.10
N GLN H 180 12.94 78.64 42.19
CA GLN H 180 13.11 78.03 43.51
C GLN H 180 12.08 76.94 43.81
N LEU H 181 11.02 76.82 43.03
CA LEU H 181 10.00 75.81 43.30
C LEU H 181 10.34 74.46 42.69
N ALA H 182 11.12 74.44 41.61
CA ALA H 182 11.46 73.23 40.89
C ALA H 182 12.92 72.82 41.12
N ASP H 183 13.39 72.97 42.36
CA ASP H 183 14.77 72.61 42.68
C ASP H 183 14.95 71.09 42.72
N ILE H 184 14.23 70.42 43.62
CA ILE H 184 14.34 68.97 43.79
C ILE H 184 12.94 68.38 43.66
N THR H 185 12.69 67.67 42.56
CA THR H 185 11.44 66.94 42.38
C THR H 185 11.63 65.57 41.77
N LEU H 186 12.86 65.16 41.46
CA LEU H 186 13.14 63.88 40.83
C LEU H 186 13.07 62.71 41.81
N THR H 187 12.94 62.99 43.11
CA THR H 187 12.97 61.95 44.12
C THR H 187 11.65 61.71 44.84
N THR H 188 10.64 62.54 44.59
CA THR H 188 9.39 62.41 45.33
C THR H 188 8.55 61.28 44.74
N ILE H 189 8.23 60.29 45.59
CA ILE H 189 7.29 59.23 45.26
C ILE H 189 6.30 59.15 46.42
N ASN H 190 5.02 59.24 46.10
CA ASN H 190 3.97 59.05 47.11
C ASN H 190 2.74 58.44 46.46
N VAL H 191 2.64 57.12 46.53
CA VAL H 191 1.38 56.42 46.36
C VAL H 191 0.90 55.99 47.74
N THR H 192 -0.41 56.10 47.97
CA THR H 192 -0.98 55.74 49.25
C THR H 192 -2.03 54.66 49.02
N LEU H 193 -1.86 53.54 49.70
CA LEU H 193 -2.64 52.33 49.51
C LEU H 193 -3.86 52.29 50.40
N ALA H 194 -4.29 53.43 50.93
CA ALA H 194 -5.32 53.48 51.95
C ALA H 194 -6.27 54.64 51.69
N PRO H 195 -7.35 54.42 50.92
CA PRO H 195 -7.58 53.34 49.94
C PRO H 195 -7.56 53.83 48.48
N ASN H 196 -7.21 52.97 47.53
CA ASN H 196 -7.26 53.32 46.11
C ASN H 196 -7.51 52.06 45.29
N TYR H 197 -7.20 52.11 43.99
CA TYR H 197 -7.38 50.98 43.10
C TYR H 197 -6.03 50.51 42.55
N LEU H 198 -5.05 50.34 43.42
CA LEU H 198 -3.67 50.08 43.01
C LEU H 198 -3.42 48.57 42.96
N THR H 199 -2.95 48.09 41.80
CA THR H 199 -2.57 46.69 41.66
C THR H 199 -1.34 46.37 42.50
N GLN H 200 -1.46 45.40 43.40
CA GLN H 200 -0.38 45.04 44.30
C GLN H 200 -0.19 43.54 44.33
N ILE H 201 1.06 43.08 44.35
CA ILE H 201 1.42 41.70 44.07
C ILE H 201 2.51 41.27 45.06
N SER H 202 2.60 39.97 45.32
CA SER H 202 3.64 39.44 46.21
C SER H 202 4.41 38.34 45.52
N LEU H 203 5.70 38.28 45.81
CA LEU H 203 6.59 37.27 45.25
C LEU H 203 7.69 36.98 46.25
N PRO H 204 8.19 35.74 46.30
CA PRO H 204 9.37 35.46 47.13
C PRO H 204 10.65 35.98 46.51
N ASP H 205 11.20 37.07 47.06
CA ASP H 205 12.50 37.54 46.56
C ASP H 205 13.64 36.82 47.26
N SER H 206 13.59 36.71 48.57
CA SER H 206 14.53 35.89 49.31
C SER H 206 13.96 34.49 49.45
N ASP H 207 14.58 33.67 50.31
CA ASP H 207 14.09 32.32 50.52
C ASP H 207 12.84 32.30 51.38
N THR H 208 12.77 33.18 52.38
CA THR H 208 11.64 33.24 53.30
C THR H 208 10.88 34.56 53.22
N SER H 209 11.60 35.66 53.10
CA SER H 209 11.00 36.98 53.23
C SER H 209 10.42 37.41 51.89
N TYR H 210 9.11 37.26 51.75
CA TYR H 210 8.37 37.69 50.57
C TYR H 210 8.39 39.22 50.45
N ILE H 211 8.05 39.71 49.26
CA ILE H 211 8.00 41.14 48.98
C ILE H 211 6.70 41.43 48.23
N SER H 212 5.96 42.44 48.70
CA SER H 212 4.72 42.88 48.05
C SER H 212 5.05 44.10 47.19
N LEU H 213 5.44 43.84 45.95
CA LEU H 213 5.78 44.87 44.98
C LEU H 213 4.52 45.31 44.24
N SER H 214 4.67 46.27 43.31
CA SER H 214 3.51 46.84 42.63
C SER H 214 3.87 47.36 41.24
N PRO H 215 3.42 46.69 40.17
CA PRO H 215 3.83 47.10 38.83
C PRO H 215 2.98 48.25 38.28
N VAL H 216 3.66 49.19 37.63
CA VAL H 216 3.05 50.38 37.05
C VAL H 216 3.49 50.49 35.59
N ALA H 217 3.01 51.56 34.95
CA ALA H 217 3.13 51.74 33.51
C ALA H 217 3.91 53.02 33.21
N SER H 218 4.73 52.95 32.17
CA SER H 218 5.53 54.08 31.70
C SER H 218 4.96 54.61 30.40
N LEU H 219 4.55 55.88 30.41
CA LEU H 219 4.13 56.55 29.19
C LEU H 219 5.27 56.71 28.19
N SER H 220 6.52 56.75 28.67
CA SER H 220 7.68 56.82 27.78
C SER H 220 7.84 55.52 27.02
N MET H 221 7.82 54.38 27.74
CA MET H 221 7.79 53.08 27.10
C MET H 221 6.53 52.91 26.25
N GLN H 222 5.42 53.51 26.68
CA GLN H 222 4.19 53.46 25.89
C GLN H 222 4.34 54.20 24.57
N SER H 223 5.07 55.31 24.56
CA SER H 223 5.31 56.04 23.31
C SER H 223 6.28 55.30 22.40
N HIS H 224 7.34 54.73 22.98
CA HIS H 224 8.29 53.91 22.23
C HIS H 224 7.58 52.75 21.55
N PHE H 225 6.81 51.98 22.32
CA PHE H 225 6.08 50.85 21.76
C PHE H 225 4.89 51.29 20.93
N HIS H 226 4.45 52.53 21.09
CA HIS H 226 3.34 53.07 20.31
C HIS H 226 3.75 53.36 18.87
N GLN H 227 4.72 54.25 18.70
CA GLN H 227 4.83 55.00 17.44
C GLN H 227 5.27 54.15 16.25
N ARG H 228 6.07 53.10 16.46
CA ARG H 228 6.70 52.43 15.33
C ARG H 228 5.71 51.58 14.55
N LEU H 229 4.67 51.08 15.22
CA LEU H 229 3.76 50.09 14.66
C LEU H 229 2.78 50.67 13.64
N GLN H 230 2.80 51.98 13.41
CA GLN H 230 1.91 52.60 12.43
C GLN H 230 2.21 52.14 11.02
N ASP H 231 3.48 51.80 10.75
CA ASP H 231 3.82 51.15 9.49
C ASP H 231 3.29 49.71 9.47
N GLU H 232 3.48 48.99 10.58
CA GLU H 232 3.18 47.56 10.62
C GLU H 232 1.81 47.34 11.25
N ASN H 233 0.78 47.45 10.42
CA ASN H 233 -0.59 47.18 10.84
C ASN H 233 -0.91 45.70 10.92
N ARG H 234 0.02 44.83 10.50
CA ARG H 234 -0.12 43.40 10.72
C ARG H 234 0.04 43.04 12.19
N HIS H 235 0.61 43.92 13.00
CA HIS H 235 0.79 43.74 14.43
C HIS H 235 0.04 44.79 15.23
N SER H 236 -1.13 45.18 14.73
CA SER H 236 -1.94 46.25 15.32
C SER H 236 -3.04 45.65 16.19
N ALA H 237 -3.15 46.15 17.41
CA ALA H 237 -4.17 45.68 18.38
C ALA H 237 -4.73 46.92 19.07
N ILE H 238 -5.77 47.49 18.49
CA ILE H 238 -6.37 48.72 18.98
C ILE H 238 -7.15 48.44 20.26
N THR H 239 -6.75 49.10 21.36
CA THR H 239 -7.34 48.90 22.69
C THR H 239 -7.79 50.25 23.23
N ARG H 240 -9.01 50.67 22.92
CA ARG H 240 -9.50 51.94 23.44
C ARG H 240 -9.82 51.81 24.93
N PHE H 241 -9.48 52.85 25.69
CA PHE H 241 -9.51 52.78 27.15
C PHE H 241 -10.54 53.71 27.76
N SER H 242 -10.43 53.90 29.08
CA SER H 242 -11.48 54.16 30.06
C SER H 242 -12.61 55.07 29.60
N ARG H 243 -12.26 56.32 29.30
CA ARG H 243 -12.62 57.15 28.17
C ARG H 243 -11.82 58.43 28.39
N THR H 244 -11.32 59.05 27.31
CA THR H 244 -10.22 60.00 27.43
C THR H 244 -10.66 61.31 28.08
N THR H 245 -10.85 61.28 29.39
CA THR H 245 -11.21 62.47 30.18
C THR H 245 -10.23 62.68 31.33
N ASN H 246 -9.86 61.60 32.02
CA ASN H 246 -9.17 61.71 33.30
C ASN H 246 -7.95 60.80 33.39
N MET H 247 -7.70 59.95 32.39
CA MET H 247 -6.51 59.10 32.45
C MET H 247 -5.24 59.90 32.26
N GLY H 248 -5.31 60.97 31.46
CA GLY H 248 -4.16 61.83 31.23
C GLY H 248 -4.00 62.18 29.77
N VAL H 249 -3.33 63.30 29.49
CA VAL H 249 -3.24 63.86 28.14
C VAL H 249 -2.42 62.97 27.22
N THR H 250 -1.58 62.08 27.78
CA THR H 250 -0.88 61.08 26.98
C THR H 250 -1.86 60.09 26.35
N ALA H 251 -3.03 59.90 26.95
CA ALA H 251 -4.11 59.19 26.29
C ALA H 251 -4.89 60.06 25.32
N MET H 252 -4.99 61.37 25.58
CA MET H 252 -5.62 62.28 24.64
C MET H 252 -4.83 62.44 23.34
N THR H 253 -3.53 62.18 23.36
CA THR H 253 -2.69 62.36 22.18
C THR H 253 -3.03 61.34 21.11
N CYS H 254 -3.23 60.08 21.52
CA CYS H 254 -3.58 59.00 20.61
C CYS H 254 -4.93 58.42 20.96
N GLY H 255 -5.91 59.29 21.21
CA GLY H 255 -7.25 58.90 21.62
C GLY H 255 -7.99 58.01 20.64
N GLY H 256 -8.16 56.75 21.01
CA GLY H 256 -8.84 55.79 20.17
C GLY H 256 -7.98 54.61 19.76
N ALA H 257 -6.74 54.84 19.35
CA ALA H 257 -5.92 53.77 18.76
C ALA H 257 -5.24 52.93 19.83
N PHE H 258 -4.28 53.51 20.57
CA PHE H 258 -3.58 52.88 21.69
C PHE H 258 -2.94 51.54 21.31
N ARG H 259 -2.34 51.49 20.13
CA ARG H 259 -1.95 50.22 19.51
C ARG H 259 -0.82 49.54 20.27
N MET H 260 -0.86 48.21 20.26
CA MET H 260 0.02 47.38 21.08
C MET H 260 0.49 46.20 20.25
N LEU H 261 1.32 45.36 20.86
CA LEU H 261 2.07 44.34 20.15
C LEU H 261 1.37 42.99 20.22
N LYS H 262 1.23 42.33 19.08
CA LYS H 262 0.71 40.98 19.01
C LYS H 262 1.47 40.23 17.91
N SER H 263 1.31 38.91 17.91
CA SER H 263 2.18 38.02 17.12
C SER H 263 2.02 38.21 15.62
N GLY H 264 0.82 38.52 15.15
CA GLY H 264 0.58 38.67 13.74
C GLY H 264 0.38 37.37 12.99
N ALA H 265 0.18 36.27 13.69
CA ALA H 265 -0.10 34.98 13.08
C ALA H 265 -0.79 34.10 14.12
N LYS H 266 -1.64 33.19 13.64
CA LYS H 266 -2.43 32.33 14.51
C LYS H 266 -1.57 31.14 14.98
N PHE H 267 -2.23 30.14 15.55
CA PHE H 267 -1.54 28.95 16.01
C PHE H 267 -1.26 28.04 14.81
N SER H 268 -0.45 27.00 15.02
CA SER H 268 0.01 26.16 13.92
C SER H 268 0.00 24.70 14.36
N SER H 269 0.65 23.85 13.57
CA SER H 269 0.70 22.41 13.85
C SER H 269 2.15 21.96 14.00
N PRO H 270 2.62 21.70 15.21
CA PRO H 270 3.99 21.21 15.39
C PRO H 270 4.03 19.71 15.53
N PRO H 271 5.23 19.13 15.55
CA PRO H 271 5.43 17.86 16.26
C PRO H 271 5.87 18.11 17.69
N HIS H 272 5.23 17.38 18.62
CA HIS H 272 5.62 17.51 20.03
C HIS H 272 6.97 16.88 20.30
N HIS H 273 7.29 15.78 19.61
CA HIS H 273 8.55 15.08 19.79
C HIS H 273 8.78 14.19 18.57
N ARG H 274 10.04 14.06 18.19
CA ARG H 274 10.41 13.25 17.04
C ARG H 274 11.02 11.92 17.41
N LEU H 275 11.38 11.70 18.69
CA LEU H 275 12.09 10.50 19.07
C LEU H 275 11.19 9.28 19.05
N ASN H 276 9.99 9.38 19.62
CA ASN H 276 9.06 8.25 19.63
C ASN H 276 7.59 8.66 19.64
N ASN H 384 17.86 14.55 35.94
CA ASN H 384 17.70 14.56 37.40
C ASN H 384 16.77 13.44 37.82
N GLY H 385 15.48 13.68 37.67
CA GLY H 385 14.44 12.81 38.14
C GLY H 385 13.26 13.62 38.63
N SER H 386 12.41 12.94 39.41
CA SER H 386 11.31 13.56 40.17
C SER H 386 10.34 14.32 39.28
N PHE H 387 10.11 13.82 38.07
CA PHE H 387 9.33 14.54 37.08
C PHE H 387 7.85 14.28 37.31
N LEU H 388 7.14 15.29 37.81
CA LEU H 388 5.72 15.21 38.10
C LEU H 388 4.94 15.70 36.89
N VAL H 389 4.15 14.82 36.28
CA VAL H 389 3.55 15.06 34.96
C VAL H 389 2.09 15.46 35.12
N LEU H 390 1.69 16.55 34.47
CA LEU H 390 0.35 17.12 34.60
C LEU H 390 -0.16 17.46 33.20
N PRO H 391 -1.00 16.63 32.61
CA PRO H 391 -1.51 16.93 31.27
C PRO H 391 -2.83 17.69 31.31
N ASN H 392 -3.15 18.30 30.17
CA ASN H 392 -4.50 18.74 29.80
C ASN H 392 -5.08 19.76 30.76
N ILE H 393 -4.30 20.79 31.07
CA ILE H 393 -4.81 21.93 31.82
C ILE H 393 -5.48 22.87 30.83
N ARG H 394 -6.77 23.10 31.00
CA ARG H 394 -7.49 24.04 30.14
C ARG H 394 -7.86 25.26 30.97
N VAL H 395 -7.51 26.44 30.47
CA VAL H 395 -7.68 27.70 31.17
C VAL H 395 -8.60 28.57 30.33
N CYS H 396 -9.80 28.81 30.83
CA CYS H 396 -10.76 29.66 30.15
C CYS H 396 -10.83 31.01 30.85
N GLY H 397 -10.90 32.07 30.06
CA GLY H 397 -11.00 33.41 30.60
C GLY H 397 -9.72 33.93 31.23
N ALA H 398 -8.58 33.65 30.62
CA ALA H 398 -7.30 34.04 31.18
C ALA H 398 -7.02 35.53 30.90
N THR H 399 -5.79 35.97 31.12
CA THR H 399 -5.40 37.36 30.87
C THR H 399 -4.43 37.42 29.70
N ALA H 400 -4.84 38.08 28.63
CA ALA H 400 -3.98 38.23 27.45
C ALA H 400 -3.21 39.53 27.45
N LEU H 401 -3.83 40.63 27.88
CA LEU H 401 -3.12 41.89 28.06
C LEU H 401 -2.36 41.79 29.37
N SER H 402 -1.12 41.32 29.28
CA SER H 402 -0.31 41.06 30.47
C SER H 402 0.60 42.23 30.78
N SER H 403 1.45 42.60 29.81
CA SER H 403 2.25 43.80 29.89
C SER H 403 1.38 45.00 29.56
N PRO H 404 1.88 46.21 29.77
CA PRO H 404 1.20 47.39 29.20
C PRO H 404 1.28 47.48 27.68
N VAL H 405 2.13 46.70 27.02
CA VAL H 405 2.49 46.95 25.63
C VAL H 405 2.28 45.75 24.72
N THR H 406 2.12 44.55 25.28
CA THR H 406 1.99 43.35 24.46
C THR H 406 0.64 42.67 24.68
N VAL H 407 0.14 42.03 23.63
CA VAL H 407 -1.14 41.35 23.61
C VAL H 407 -0.92 39.96 23.06
N GLY H 408 -1.18 38.93 23.88
CA GLY H 408 -0.90 37.57 23.47
C GLY H 408 -0.94 36.60 24.64
N ILE H 409 0.11 35.80 24.78
CA ILE H 409 0.19 34.75 25.79
C ILE H 409 0.37 35.47 27.14
N PRO H 410 -0.07 34.88 28.29
CA PRO H 410 0.12 35.56 29.58
C PRO H 410 1.57 35.71 30.06
N SER H 411 1.73 36.22 31.27
CA SER H 411 3.04 36.38 31.87
C SER H 411 3.65 35.02 32.18
N LEU H 412 4.95 35.03 32.47
CA LEU H 412 5.56 33.84 33.06
C LEU H 412 5.56 33.87 34.57
N THR H 413 5.41 35.06 35.16
CA THR H 413 5.19 35.14 36.61
C THR H 413 3.82 34.63 37.02
N ALA H 414 2.86 34.55 36.10
CA ALA H 414 1.60 33.88 36.39
C ALA H 414 1.79 32.38 36.53
N PHE H 415 2.56 31.77 35.62
CA PHE H 415 2.90 30.36 35.73
C PHE H 415 3.77 30.08 36.96
N PHE H 416 4.67 31.02 37.28
CA PHE H 416 5.47 30.88 38.50
C PHE H 416 4.60 30.95 39.75
N GLY H 417 3.64 31.87 39.77
CA GLY H 417 2.76 31.98 40.91
C GLY H 417 1.85 30.80 41.05
N PHE H 418 1.42 30.23 39.91
CA PHE H 418 0.64 29.00 39.91
C PHE H 418 1.42 27.85 40.54
N VAL H 419 2.68 27.68 40.12
CA VAL H 419 3.51 26.59 40.64
C VAL H 419 3.85 26.80 42.11
N HIS H 420 4.12 28.03 42.51
CA HIS H 420 4.45 28.30 43.91
C HIS H 420 3.24 28.15 44.81
N ALA H 421 2.05 28.53 44.33
CA ALA H 421 0.83 28.28 45.10
C ALA H 421 0.52 26.79 45.21
N PHE H 422 0.82 26.03 44.16
CA PHE H 422 0.66 24.58 44.22
C PHE H 422 1.56 23.94 45.26
N GLU H 423 2.84 24.33 45.31
CA GLU H 423 3.71 23.72 46.29
C GLU H 423 3.42 24.21 47.70
N ARG H 424 2.99 25.46 47.84
CA ARG H 424 2.63 25.97 49.16
C ARG H 424 1.29 25.41 49.64
N ASN H 425 0.46 24.90 48.73
CA ASN H 425 -0.63 24.01 49.15
C ASN H 425 -0.06 22.68 49.64
N ILE H 426 0.65 21.97 48.75
CA ILE H 426 0.92 20.55 48.96
C ILE H 426 2.06 20.29 49.95
N ASN H 427 2.65 21.33 50.53
CA ASN H 427 3.65 21.07 51.57
C ASN H 427 3.07 21.08 52.97
N ARG H 428 1.85 20.54 53.13
CA ARG H 428 1.32 20.31 54.46
C ARG H 428 2.10 19.22 55.19
N THR H 429 2.10 18.01 54.63
CA THR H 429 2.86 16.90 55.22
C THR H 429 4.33 16.94 54.79
N THR H 430 4.58 16.91 53.48
CA THR H 430 5.94 16.79 52.97
C THR H 430 6.48 18.19 52.70
N SER H 431 7.04 18.81 53.73
CA SER H 431 7.59 20.16 53.59
C SER H 431 9.01 20.11 53.08
N SER H 432 9.23 19.36 51.99
CA SER H 432 10.52 19.24 51.33
C SER H 432 10.33 19.23 49.82
N PHE H 433 9.19 19.73 49.34
CA PHE H 433 8.70 19.39 48.02
C PHE H 433 9.48 20.12 46.94
N ARG H 434 9.55 21.46 47.03
CA ARG H 434 10.60 22.29 46.43
C ARG H 434 10.66 22.14 44.91
N VAL H 435 9.64 22.69 44.26
CA VAL H 435 9.47 22.45 42.82
C VAL H 435 10.59 23.10 42.02
N GLU H 436 11.12 24.25 42.45
CA GLU H 436 12.46 24.80 42.19
C GLU H 436 12.75 25.16 40.73
N SER H 437 11.87 24.76 39.81
CA SER H 437 12.01 24.83 38.36
C SER H 437 10.73 24.27 37.76
N PHE H 438 10.46 24.67 36.52
CA PHE H 438 9.26 24.22 35.83
C PHE H 438 9.44 24.39 34.33
N ALA H 439 8.94 23.43 33.58
CA ALA H 439 8.89 23.51 32.13
C ALA H 439 7.43 23.60 31.68
N ILE H 440 7.18 24.43 30.66
CA ILE H 440 5.83 24.71 30.19
C ILE H 440 5.75 24.29 28.73
N CYS H 441 4.62 23.70 28.35
CA CYS H 441 4.39 23.21 26.98
C CYS H 441 3.01 23.68 26.55
N VAL H 442 2.95 24.75 25.76
CA VAL H 442 1.69 25.33 25.33
C VAL H 442 1.16 24.53 24.15
N HIS H 443 0.09 23.77 24.38
CA HIS H 443 -0.47 22.91 23.36
C HIS H 443 -1.48 23.61 22.47
N GLN H 444 -2.20 24.61 23.00
CA GLN H 444 -3.16 25.34 22.19
C GLN H 444 -3.33 26.74 22.77
N LEU H 445 -3.43 27.73 21.88
CA LEU H 445 -3.56 29.13 22.27
C LEU H 445 -4.45 29.86 21.28
N HIS H 446 -5.53 30.45 21.78
CA HIS H 446 -6.48 31.25 21.03
C HIS H 446 -6.69 32.52 21.82
N VAL H 447 -6.59 33.68 21.18
CA VAL H 447 -6.70 34.98 21.84
C VAL H 447 -7.71 35.82 21.07
N GLU H 448 -8.66 36.43 21.77
CA GLU H 448 -9.61 37.31 21.09
C GLU H 448 -10.23 38.30 22.08
N LYS H 449 -11.07 39.18 21.55
CA LYS H 449 -11.62 40.33 22.25
C LYS H 449 -12.96 39.96 22.87
N ARG H 450 -13.09 40.14 24.16
CA ARG H 450 -14.40 39.85 24.73
C ARG H 450 -14.94 40.99 25.59
N GLY H 451 -14.07 41.68 26.33
CA GLY H 451 -14.52 42.69 27.25
C GLY H 451 -14.95 42.07 28.56
N LEU H 452 -15.40 42.92 29.47
CA LEU H 452 -15.69 42.46 30.82
C LEU H 452 -16.68 43.41 31.47
N THR H 453 -17.77 42.85 31.99
CA THR H 453 -18.85 43.62 32.58
C THR H 453 -18.68 43.68 34.09
N ALA H 454 -18.52 44.88 34.62
CA ALA H 454 -18.48 45.08 36.06
C ALA H 454 -19.90 45.19 36.59
N GLU H 455 -20.06 45.54 37.87
CA GLU H 455 -21.31 45.28 38.58
C GLU H 455 -21.80 46.50 39.35
N PHE H 456 -21.88 47.65 38.68
CA PHE H 456 -22.74 48.78 39.09
C PHE H 456 -22.40 49.33 40.46
N VAL H 457 -21.10 49.40 40.79
CA VAL H 457 -20.70 49.81 42.12
C VAL H 457 -20.95 51.30 42.32
N GLU H 458 -20.91 51.75 43.57
CA GLU H 458 -21.35 53.09 43.93
C GLU H 458 -20.39 54.14 43.42
N LYS H 459 -20.94 55.20 42.81
CA LYS H 459 -20.18 56.31 42.28
C LYS H 459 -19.84 57.35 43.34
N GLY H 460 -20.44 57.23 44.53
CA GLY H 460 -20.03 58.02 45.67
C GLY H 460 -21.13 58.72 46.46
N ASP H 461 -22.14 59.30 45.82
CA ASP H 461 -23.12 60.03 46.61
C ASP H 461 -24.39 59.23 46.91
N GLY H 462 -25.18 58.88 45.90
CA GLY H 462 -26.37 58.07 46.11
C GLY H 462 -26.75 57.19 44.94
N THR H 463 -25.99 57.25 43.85
CA THR H 463 -26.43 56.72 42.57
C THR H 463 -25.68 55.44 42.25
N ILE H 464 -26.41 54.44 41.78
CA ILE H 464 -25.88 53.13 41.44
C ILE H 464 -25.85 53.01 39.92
N SER H 465 -24.64 52.90 39.38
CA SER H 465 -24.44 52.80 37.93
C SER H 465 -23.07 52.16 37.71
N ALA H 466 -22.86 51.70 36.48
CA ALA H 466 -21.66 50.95 36.15
C ALA H 466 -20.44 51.86 36.15
N PRO H 467 -19.24 51.31 36.39
CA PRO H 467 -18.03 52.13 36.31
C PRO H 467 -17.60 52.35 34.86
N ALA H 468 -16.42 52.92 34.67
CA ALA H 468 -15.91 53.26 33.34
C ALA H 468 -15.68 52.00 32.50
N THR H 469 -15.69 52.19 31.18
CA THR H 469 -15.70 51.10 30.22
C THR H 469 -14.30 50.93 29.62
N ARG H 470 -13.71 49.78 29.83
CA ARG H 470 -12.40 49.39 29.37
C ARG H 470 -12.55 48.22 28.40
N ASP H 471 -11.58 48.06 27.50
CA ASP H 471 -11.65 47.05 26.45
C ASP H 471 -10.55 46.01 26.67
N ASP H 472 -10.90 44.73 26.51
CA ASP H 472 -10.15 43.63 27.12
C ASP H 472 -9.87 42.49 26.16
N TRP H 473 -8.62 42.03 26.12
CA TRP H 473 -8.19 40.86 25.38
C TRP H 473 -8.05 39.67 26.32
N GLN H 474 -8.55 38.51 25.91
CA GLN H 474 -8.42 37.34 26.78
C GLN H 474 -8.42 36.08 25.94
N CYS H 475 -8.04 34.97 26.59
CA CYS H 475 -7.49 33.83 25.88
C CYS H 475 -7.84 32.51 26.57
N ASP H 476 -7.91 31.46 25.75
CA ASP H 476 -8.19 30.09 26.18
C ASP H 476 -6.92 29.28 25.96
N VAL H 477 -6.25 28.89 27.04
CA VAL H 477 -4.91 28.30 26.99
C VAL H 477 -5.00 26.83 27.36
N VAL H 478 -4.49 25.96 26.51
CA VAL H 478 -4.45 24.52 26.79
C VAL H 478 -3.00 24.11 26.86
N PHE H 479 -2.56 23.61 28.02
CA PHE H 479 -1.15 23.34 28.20
C PHE H 479 -0.94 22.23 29.23
N SER H 480 0.26 21.66 29.23
CA SER H 480 0.66 20.61 30.15
C SER H 480 1.99 20.96 30.79
N LEU H 481 2.13 20.62 32.07
CA LEU H 481 3.33 20.93 32.82
C LEU H 481 4.05 19.65 33.22
N ILE H 482 5.37 19.76 33.40
CA ILE H 482 6.20 18.70 33.97
C ILE H 482 7.11 19.35 34.99
N LEU H 483 6.84 19.13 36.27
CA LEU H 483 7.61 19.75 37.33
C LEU H 483 8.79 18.88 37.72
N ASN H 484 9.83 19.52 38.27
CA ASN H 484 11.06 18.85 38.69
C ASN H 484 11.25 19.09 40.18
N THR H 485 10.62 18.26 41.00
CA THR H 485 10.54 18.49 42.44
C THR H 485 11.75 17.85 43.14
N ASN H 486 11.72 17.82 44.49
CA ASN H 486 12.71 17.07 45.26
C ASN H 486 12.13 15.89 46.02
N PHE H 487 10.81 15.73 46.09
CA PHE H 487 10.24 14.60 46.79
C PHE H 487 10.22 13.39 45.88
N ALA H 488 10.49 12.21 46.45
CA ALA H 488 10.89 11.07 45.65
C ALA H 488 9.73 10.41 44.89
N GLN H 489 8.51 10.49 45.41
CA GLN H 489 7.40 9.75 44.81
C GLN H 489 6.19 10.69 44.68
N HIS H 490 5.04 10.09 44.40
CA HIS H 490 3.77 10.82 44.27
C HIS H 490 3.25 11.21 45.66
N ILE H 491 2.01 11.68 45.69
CA ILE H 491 1.41 12.12 46.94
C ILE H 491 0.18 11.26 47.20
N ASP H 492 -0.79 11.34 46.32
CA ASP H 492 -2.10 10.70 46.48
C ASP H 492 -2.81 10.88 45.14
N GLN H 493 -3.99 10.29 45.02
CA GLN H 493 -4.93 10.67 43.99
C GLN H 493 -6.26 11.09 44.57
N ASP H 494 -6.52 10.76 45.84
CA ASP H 494 -7.53 11.46 46.60
C ASP H 494 -7.11 12.91 46.84
N THR H 495 -5.84 13.12 47.15
CA THR H 495 -5.29 14.40 47.55
C THR H 495 -4.10 14.75 46.67
N LEU H 496 -4.29 14.63 45.36
CA LEU H 496 -3.51 15.43 44.42
C LEU H 496 -4.37 16.50 43.78
N VAL H 497 -5.62 16.15 43.45
CA VAL H 497 -6.50 17.06 42.76
C VAL H 497 -6.96 18.17 43.69
N THR H 498 -7.17 17.87 44.97
CA THR H 498 -7.55 18.89 45.95
C THR H 498 -6.35 19.59 46.56
N SER H 499 -5.22 19.60 45.85
CA SER H 499 -4.04 20.34 46.23
C SER H 499 -3.61 21.35 45.19
N LEU H 500 -4.33 21.45 44.08
CA LEU H 500 -4.03 22.27 42.91
C LEU H 500 -4.97 23.46 42.84
N PRO H 501 -4.47 24.66 42.56
CA PRO H 501 -5.34 25.83 42.51
C PRO H 501 -6.17 25.88 41.24
N LYS H 502 -7.22 26.68 41.29
CA LYS H 502 -8.20 26.77 40.21
C LYS H 502 -8.09 28.09 39.47
N ARG H 503 -6.89 28.70 39.46
CA ARG H 503 -6.74 30.08 39.05
C ARG H 503 -5.40 30.24 38.33
N LEU H 504 -5.40 30.95 37.20
CA LEU H 504 -4.17 31.21 36.45
C LEU H 504 -4.33 32.52 35.68
N ALA H 505 -3.77 33.59 36.23
CA ALA H 505 -3.82 34.95 35.67
C ALA H 505 -5.27 35.37 35.40
N ARG H 506 -6.06 35.33 36.47
CA ARG H 506 -7.48 35.65 36.59
C ARG H 506 -8.40 34.61 35.95
N GLY H 507 -7.84 33.63 35.25
CA GLY H 507 -8.64 32.66 34.54
C GLY H 507 -9.19 31.58 35.43
N SER H 508 -9.87 30.63 34.81
CA SER H 508 -10.31 29.41 35.47
C SER H 508 -9.58 28.25 34.83
N ALA H 509 -8.73 27.57 35.60
CA ALA H 509 -7.76 26.60 35.10
C ALA H 509 -8.05 25.24 35.71
N LYS H 510 -8.54 24.30 34.90
CA LYS H 510 -8.93 23.01 35.47
C LYS H 510 -8.52 21.84 34.59
N ILE H 511 -8.68 20.65 35.16
CA ILE H 511 -8.35 19.36 34.55
C ILE H 511 -9.63 18.53 34.48
N ALA H 512 -9.82 17.83 33.37
CA ALA H 512 -10.97 16.94 33.21
C ALA H 512 -10.88 15.74 34.14
N ILE H 513 -12.02 15.35 34.73
CA ILE H 513 -12.00 14.32 35.77
C ILE H 513 -11.93 12.91 35.24
N ASP H 514 -11.96 12.73 33.92
CA ASP H 514 -11.65 11.44 33.32
C ASP H 514 -10.23 11.40 32.78
N ASP H 515 -9.34 12.19 33.40
CA ASP H 515 -7.96 12.33 32.95
C ASP H 515 -7.02 12.41 34.16
N PHE H 516 -7.47 11.96 35.34
CA PHE H 516 -6.67 12.01 36.55
C PHE H 516 -5.64 10.89 36.62
N LYS H 517 -5.60 9.99 35.63
CA LYS H 517 -4.74 8.82 35.69
C LYS H 517 -3.33 9.10 35.24
N HIS H 518 -3.10 10.19 34.52
CA HIS H 518 -1.80 10.49 33.95
C HIS H 518 -0.94 11.36 34.85
N ILE H 519 -1.41 11.66 36.06
CA ILE H 519 -0.58 12.35 37.04
C ILE H 519 0.31 11.31 37.72
N ASN H 520 1.62 11.49 37.60
CA ASN H 520 2.58 10.56 38.19
C ASN H 520 3.92 11.26 38.37
N SER H 521 4.86 10.54 38.98
CA SER H 521 6.23 11.00 39.17
C SER H 521 7.17 10.00 38.51
N PHE H 522 7.65 10.35 37.33
CA PHE H 522 8.74 9.62 36.69
C PHE H 522 10.08 10.01 37.32
N SER H 523 11.14 9.31 36.90
CA SER H 523 12.47 9.51 37.45
C SER H 523 13.50 9.88 36.39
N THR H 524 13.07 10.19 35.16
CA THR H 524 13.95 10.72 34.13
C THR H 524 13.09 11.45 33.11
N LEU H 525 13.72 12.37 32.37
CA LEU H 525 12.97 13.28 31.50
C LEU H 525 12.45 12.57 30.26
N GLU H 526 13.27 11.74 29.62
CA GLU H 526 12.94 11.18 28.32
C GLU H 526 11.81 10.16 28.39
N THR H 527 11.49 9.65 29.57
CA THR H 527 10.32 8.79 29.72
C THR H 527 9.04 9.58 29.99
N ALA H 528 9.14 10.90 30.20
CA ALA H 528 7.96 11.71 30.47
C ALA H 528 7.28 12.19 29.20
N ILE H 529 7.95 12.13 28.06
CA ILE H 529 7.44 12.77 26.86
C ILE H 529 6.41 11.88 26.14
N GLU H 530 6.50 10.56 26.32
CA GLU H 530 5.60 9.63 25.66
C GLU H 530 4.41 9.26 26.55
N SER H 531 4.29 9.91 27.70
CA SER H 531 3.14 9.73 28.58
C SER H 531 2.21 10.93 28.56
N LEU H 532 2.39 11.85 27.62
CA LEU H 532 1.45 12.93 27.38
C LEU H 532 0.54 12.56 26.23
N PRO H 533 -0.77 12.35 26.44
CA PRO H 533 -1.66 11.95 25.34
C PRO H 533 -2.26 13.16 24.61
N ILE H 534 -1.43 14.15 24.28
CA ILE H 534 -1.89 15.42 23.73
C ILE H 534 -1.22 15.71 22.39
N GLU H 535 0.11 15.64 22.35
CA GLU H 535 0.97 15.55 21.17
C GLU H 535 0.97 16.76 20.23
N ALA H 536 1.27 17.94 20.77
CA ALA H 536 1.72 19.11 20.00
C ALA H 536 2.48 20.02 20.96
N GLY H 537 3.65 20.50 20.54
CA GLY H 537 4.66 20.91 21.49
C GLY H 537 4.80 22.37 21.89
N ARG H 538 5.81 23.05 21.35
CA ARG H 538 6.15 24.45 21.63
C ARG H 538 6.50 24.68 23.10
N TRP H 539 7.55 23.99 23.55
CA TRP H 539 8.12 24.26 24.87
C TRP H 539 8.73 25.66 24.87
N LEU H 540 8.80 26.26 26.06
CA LEU H 540 9.08 27.69 26.16
C LEU H 540 10.50 27.92 26.66
N SER H 541 11.29 28.62 25.86
CA SER H 541 12.56 29.22 26.24
C SER H 541 12.52 30.70 25.90
N LEU H 542 13.66 31.36 25.98
CA LEU H 542 13.74 32.76 25.63
C LEU H 542 14.87 32.98 24.63
N TYR H 543 14.93 34.21 24.14
CA TYR H 543 15.80 34.61 23.02
C TYR H 543 16.80 35.59 23.59
N ALA H 544 18.01 35.10 23.89
CA ALA H 544 18.99 35.86 24.67
C ALA H 544 20.00 36.54 23.73
N GLN H 545 19.48 37.47 22.93
CA GLN H 545 20.29 38.28 22.04
C GLN H 545 19.87 39.73 22.16
N SER H 546 20.73 40.63 21.68
CA SER H 546 20.62 42.06 21.98
C SER H 546 19.42 42.68 21.26
N ASN H 547 18.43 43.11 22.04
CA ASN H 547 17.15 43.60 21.52
C ASN H 547 16.76 44.88 22.26
N ASN H 548 17.72 45.80 22.39
CA ASN H 548 17.67 46.95 23.30
C ASN H 548 16.69 48.04 22.90
N ASN H 549 15.92 47.85 21.84
CA ASN H 549 14.90 48.81 21.40
C ASN H 549 13.69 47.98 20.95
N LEU H 550 12.78 48.60 20.21
CA LEU H 550 11.72 47.85 19.56
C LEU H 550 12.05 47.47 18.13
N SER H 551 12.86 48.28 17.42
CA SER H 551 13.12 48.03 16.01
C SER H 551 13.91 46.76 15.78
N ASP H 552 14.79 46.42 16.71
CA ASP H 552 15.48 45.13 16.69
C ASP H 552 14.65 44.00 17.29
N LEU H 553 13.36 44.22 17.55
CA LEU H 553 12.41 43.15 17.77
C LEU H 553 11.57 42.86 16.54
N LEU H 554 11.05 43.90 15.88
CA LEU H 554 10.33 43.71 14.63
C LEU H 554 11.24 43.32 13.48
N ALA H 555 12.54 43.60 13.57
CA ALA H 555 13.50 43.01 12.65
C ALA H 555 14.00 41.66 13.14
N ALA H 556 13.40 41.10 14.19
CA ALA H 556 13.76 39.80 14.73
C ALA H 556 12.62 38.80 14.69
N MET H 557 11.44 39.19 14.21
CA MET H 557 10.24 38.38 14.33
C MET H 557 9.86 37.65 13.05
N THR H 558 9.97 38.31 11.89
CA THR H 558 9.53 37.71 10.63
C THR H 558 10.66 36.82 10.08
N GLU H 559 10.82 35.67 10.70
CA GLU H 559 11.45 34.53 10.04
C GLU H 559 10.62 33.27 10.18
N ASP H 560 9.94 33.08 11.31
CA ASP H 560 9.12 31.91 11.56
C ASP H 560 7.74 32.37 12.02
N HIS H 561 7.73 33.52 12.71
CA HIS H 561 6.55 34.29 13.15
C HIS H 561 5.46 33.44 13.81
N GLN H 562 5.87 32.43 14.56
CA GLN H 562 5.06 31.83 15.62
C GLN H 562 5.53 32.30 16.99
N LEU H 563 6.11 33.48 17.05
CA LEU H 563 6.97 33.93 18.14
C LEU H 563 6.18 34.88 19.05
N MET H 564 6.53 34.87 20.34
CA MET H 564 5.78 35.61 21.35
C MET H 564 6.68 36.51 22.16
N ALA H 565 6.11 37.61 22.66
CA ALA H 565 6.81 38.59 23.49
C ALA H 565 6.03 38.76 24.79
N SER H 566 6.31 37.91 25.76
CA SER H 566 5.55 37.85 27.00
C SER H 566 6.18 38.74 28.06
N CYS H 567 5.72 38.59 29.31
CA CYS H 567 6.29 39.26 30.47
C CYS H 567 7.30 38.32 31.12
N VAL H 568 8.49 38.84 31.41
CA VAL H 568 9.57 37.98 31.88
C VAL H 568 9.93 38.34 33.32
N GLY H 569 9.74 39.59 33.69
CA GLY H 569 10.02 39.93 35.07
C GLY H 569 9.74 41.37 35.39
N TYR H 570 10.32 41.81 36.51
CA TYR H 570 10.10 43.12 37.09
C TYR H 570 11.45 43.77 37.38
N HIS H 571 11.73 44.87 36.69
CA HIS H 571 12.80 45.78 37.08
C HIS H 571 12.28 46.74 38.14
N LEU H 572 12.92 46.76 39.29
CA LEU H 572 12.41 47.54 40.41
C LEU H 572 12.66 49.03 40.19
N LEU H 573 12.05 49.83 41.05
CA LEU H 573 12.39 51.24 41.20
C LEU H 573 12.93 51.55 42.60
N GLU H 574 12.16 51.24 43.65
CA GLU H 574 12.54 51.64 45.00
C GLU H 574 13.49 50.61 45.61
N GLU H 575 13.70 50.73 46.92
CA GLU H 575 14.86 50.11 47.56
C GLU H 575 14.74 48.60 47.83
N PRO H 576 13.69 48.08 48.54
CA PRO H 576 12.40 48.54 49.08
C PRO H 576 12.44 49.18 50.46
N LYS H 577 11.27 49.63 50.87
CA LYS H 577 11.01 50.19 52.20
C LYS H 577 9.67 49.63 52.66
N ASP H 578 9.12 50.21 53.73
CA ASP H 578 7.88 49.70 54.31
C ASP H 578 6.98 50.85 54.76
N LYS H 579 5.68 50.58 54.72
CA LYS H 579 4.63 51.55 55.02
C LYS H 579 3.31 50.75 55.14
N PRO H 580 2.31 51.25 55.97
CA PRO H 580 1.39 50.33 56.67
C PRO H 580 0.57 49.32 55.85
N ASN H 581 -0.26 49.77 54.91
CA ASN H 581 -1.32 48.91 54.38
C ASN H 581 -0.82 48.04 53.21
N SER H 582 0.22 47.27 53.49
CA SER H 582 0.79 46.36 52.52
C SER H 582 -0.05 45.08 52.44
N LEU H 583 0.33 44.17 51.56
CA LEU H 583 -0.13 42.79 51.65
C LEU H 583 0.67 42.13 52.76
N ARG H 584 0.01 41.90 53.89
CA ARG H 584 0.45 40.96 54.93
C ARG H 584 1.74 41.42 55.63
N GLY H 585 1.87 42.73 55.81
CA GLY H 585 3.00 43.28 56.52
C GLY H 585 4.33 43.23 55.80
N TYR H 586 4.36 42.79 54.54
CA TYR H 586 5.60 42.71 53.80
C TYR H 586 6.01 44.09 53.32
N LYS H 587 7.16 44.17 52.64
CA LYS H 587 7.77 45.43 52.30
C LYS H 587 7.42 45.82 50.87
N HIS H 588 6.97 47.06 50.69
CA HIS H 588 6.38 47.52 49.44
C HIS H 588 7.42 48.23 48.59
N ALA H 589 7.88 47.57 47.54
CA ALA H 589 8.64 48.18 46.47
C ALA H 589 7.72 48.56 45.32
N ILE H 590 8.25 49.33 44.38
CA ILE H 590 7.57 49.71 43.16
C ILE H 590 8.44 49.29 42.00
N ALA H 591 7.84 48.70 40.96
CA ALA H 591 8.59 48.09 39.89
C ALA H 591 7.91 48.35 38.54
N GLU H 592 8.51 47.80 37.49
CA GLU H 592 7.99 47.84 36.13
C GLU H 592 8.31 46.53 35.45
N CYS H 593 7.71 46.32 34.28
CA CYS H 593 7.76 45.03 33.62
C CYS H 593 8.95 44.92 32.67
N ILE H 594 9.21 43.68 32.25
CA ILE H 594 10.29 43.33 31.32
C ILE H 594 9.67 42.56 30.17
N ILE H 595 10.06 42.91 28.93
CA ILE H 595 9.26 42.63 27.74
C ILE H 595 10.07 41.69 26.83
N GLY H 596 10.79 40.75 27.44
CA GLY H 596 11.61 39.82 26.69
C GLY H 596 10.82 38.90 25.76
N LEU H 597 11.57 38.19 24.93
CA LEU H 597 11.02 37.42 23.82
C LEU H 597 10.93 35.95 24.20
N ILE H 598 9.92 35.27 23.67
CA ILE H 598 9.61 33.87 23.97
C ILE H 598 9.60 33.09 22.67
N ASN H 599 10.41 32.04 22.59
CA ASN H 599 10.53 31.22 21.41
C ASN H 599 10.08 29.80 21.75
N SER H 600 10.13 28.91 20.76
CA SER H 600 9.58 27.57 20.86
C SER H 600 10.61 26.52 20.45
N ILE H 601 10.38 25.29 20.91
CA ILE H 601 11.32 24.18 20.72
C ILE H 601 10.53 22.96 20.28
N THR H 602 10.98 22.33 19.18
CA THR H 602 10.38 21.08 18.73
C THR H 602 10.69 19.93 19.69
N PHE H 603 11.94 19.87 20.18
CA PHE H 603 12.45 18.86 21.12
C PHE H 603 12.37 17.44 20.56
N THR H 607 16.93 19.60 23.55
CA THR H 607 17.04 18.24 24.07
C THR H 607 17.82 18.30 25.38
N ASP H 608 18.70 19.28 25.49
CA ASP H 608 19.34 19.54 26.77
C ASP H 608 18.35 20.18 27.73
N PRO H 609 18.15 19.62 28.92
CA PRO H 609 17.08 20.13 29.79
C PRO H 609 17.42 21.41 30.54
N ASN H 610 18.42 22.17 30.11
CA ASN H 610 18.70 23.44 30.77
C ASN H 610 18.44 24.65 29.88
N THR H 611 18.10 24.45 28.61
CA THR H 611 17.48 25.51 27.82
C THR H 611 15.98 25.62 28.09
N ILE H 612 15.45 24.72 28.91
CA ILE H 612 14.07 24.68 29.35
C ILE H 612 14.24 24.83 30.87
N PHE H 613 13.18 24.60 31.65
CA PHE H 613 13.20 24.57 33.11
C PHE H 613 13.54 25.92 33.71
N TRP H 614 12.62 26.87 33.49
CA TRP H 614 12.65 28.20 34.07
C TRP H 614 12.77 28.17 35.59
N SER H 615 13.37 29.21 36.16
CA SER H 615 13.44 29.36 37.60
C SER H 615 13.62 30.83 37.94
N LEU H 616 13.11 31.23 39.10
CA LEU H 616 13.13 32.64 39.49
C LEU H 616 14.41 32.96 40.23
N LYS H 617 15.10 34.02 39.78
CA LYS H 617 16.33 34.48 40.41
C LYS H 617 16.20 35.95 40.75
N ASN H 618 16.89 36.37 41.82
CA ASN H 618 16.89 37.75 42.27
C ASN H 618 18.32 38.29 42.19
N TYR H 619 18.46 39.44 41.54
CA TYR H 619 19.78 40.06 41.33
C TYR H 619 19.90 41.42 42.04
N GLN H 620 19.05 41.66 43.04
CA GLN H 620 18.96 42.84 43.91
C GLN H 620 18.46 44.10 43.19
N ASN H 621 18.23 44.04 41.88
CA ASN H 621 17.61 45.13 41.14
C ASN H 621 16.48 44.69 40.22
N TYR H 622 16.36 43.39 39.91
CA TYR H 622 15.24 42.91 39.14
C TYR H 622 14.90 41.49 39.56
N LEU H 623 13.77 41.00 39.03
CA LEU H 623 13.32 39.62 39.18
C LEU H 623 13.00 39.10 37.80
N VAL H 624 13.63 37.98 37.41
CA VAL H 624 13.45 37.37 36.10
C VAL H 624 13.37 35.85 36.28
N VAL H 625 12.34 35.24 35.71
CA VAL H 625 12.32 33.78 35.54
C VAL H 625 13.34 33.40 34.47
N GLN H 626 14.39 32.71 34.90
CA GLN H 626 15.49 32.28 34.04
C GLN H 626 15.52 30.76 33.94
N PRO H 627 15.90 30.21 32.79
CA PRO H 627 16.12 28.76 32.73
C PRO H 627 17.40 28.33 33.43
N ARG H 628 17.37 28.39 34.76
CA ARG H 628 18.47 28.05 35.67
C ARG H 628 19.78 28.78 35.35
N LYS I 2 -35.28 -47.45 23.83
CA LYS I 2 -35.26 -47.72 25.25
C LYS I 2 -33.98 -48.41 25.69
N TRP I 3 -32.86 -48.07 25.04
CA TRP I 3 -31.54 -48.47 25.49
C TRP I 3 -30.51 -47.39 25.18
N TYR I 4 -29.24 -47.66 25.50
CA TYR I 4 -28.34 -46.60 25.92
C TYR I 4 -26.96 -46.78 25.32
N TYR I 5 -26.18 -45.68 25.36
CA TYR I 5 -24.85 -45.64 24.79
C TYR I 5 -23.84 -45.21 25.84
N LYS I 6 -22.57 -45.54 25.57
CA LYS I 6 -21.43 -45.20 26.41
C LYS I 6 -20.25 -44.91 25.50
N THR I 7 -19.30 -44.13 26.00
CA THR I 7 -18.21 -43.64 25.18
C THR I 7 -16.89 -44.25 25.63
N ILE I 8 -16.36 -45.17 24.83
CA ILE I 8 -14.97 -45.59 24.98
C ILE I 8 -14.16 -44.43 24.40
N THR I 9 -13.56 -43.64 25.28
CA THR I 9 -12.80 -42.47 24.92
C THR I 9 -11.36 -42.87 24.69
N PHE I 10 -10.73 -42.27 23.68
CA PHE I 10 -9.33 -42.47 23.35
C PHE I 10 -8.55 -41.24 23.84
N LEU I 11 -7.89 -41.36 24.99
CA LEU I 11 -7.05 -40.27 25.53
C LEU I 11 -5.65 -40.75 25.95
N PRO I 12 -4.74 -41.01 24.99
CA PRO I 12 -3.31 -40.94 25.34
C PRO I 12 -2.70 -39.60 24.94
N GLU I 13 -3.46 -38.80 24.19
CA GLU I 13 -3.06 -37.55 23.55
C GLU I 13 -1.87 -37.68 22.62
N LEU I 14 -1.56 -38.90 22.16
CA LEU I 14 -0.55 -39.16 21.13
C LEU I 14 -1.02 -40.44 20.46
N CYS I 15 -1.79 -40.29 19.39
CA CYS I 15 -2.44 -41.41 18.73
C CYS I 15 -3.01 -40.93 17.41
N ASN I 16 -3.07 -41.85 16.44
CA ASN I 16 -3.89 -41.67 15.27
C ASN I 16 -5.21 -42.39 15.51
N ASN I 17 -6.29 -41.78 15.03
CA ASN I 17 -7.63 -42.10 15.51
C ASN I 17 -8.30 -43.20 14.69
N GLU I 18 -8.15 -43.15 13.37
CA GLU I 18 -8.75 -44.15 12.49
C GLU I 18 -8.14 -45.51 12.72
N SER I 19 -6.84 -45.56 12.98
CA SER I 19 -6.11 -46.82 13.10
C SER I 19 -6.30 -47.49 14.46
N LEU I 20 -6.82 -46.77 15.46
CA LEU I 20 -7.32 -47.40 16.68
C LEU I 20 -8.79 -47.77 16.56
N ALA I 21 -9.61 -46.90 15.93
CA ALA I 21 -11.03 -47.20 15.76
C ALA I 21 -11.24 -48.43 14.87
N ALA I 22 -10.39 -48.62 13.87
CA ALA I 22 -10.53 -49.75 12.96
C ALA I 22 -10.20 -51.06 13.66
N LYS I 23 -9.23 -51.06 14.56
CA LYS I 23 -8.97 -52.33 15.22
C LYS I 23 -9.89 -52.56 16.41
N CYS I 24 -10.50 -51.49 16.95
CA CYS I 24 -11.68 -51.66 17.81
C CYS I 24 -12.81 -52.37 17.07
N LEU I 25 -13.06 -52.00 15.81
CA LEU I 25 -14.08 -52.71 15.05
C LEU I 25 -13.61 -54.11 14.65
N ARG I 26 -12.30 -54.30 14.52
CA ARG I 26 -11.73 -55.63 14.27
C ARG I 26 -12.03 -56.58 15.43
N VAL I 27 -11.84 -56.11 16.66
CA VAL I 27 -12.15 -56.96 17.81
C VAL I 27 -13.65 -56.96 18.11
N LEU I 28 -14.41 -56.02 17.54
CA LEU I 28 -15.87 -56.18 17.51
C LEU I 28 -16.27 -57.36 16.63
N HIS I 29 -15.63 -57.50 15.46
CA HIS I 29 -15.81 -58.68 14.63
C HIS I 29 -15.18 -59.92 15.27
N GLY I 30 -14.25 -59.74 16.20
CA GLY I 30 -13.77 -60.87 16.98
C GLY I 30 -14.84 -61.44 17.89
N PHE I 31 -15.67 -60.57 18.46
CA PHE I 31 -16.95 -60.95 19.04
C PHE I 31 -17.90 -61.37 17.92
N ASN I 32 -18.97 -62.08 18.32
CA ASN I 32 -20.09 -62.45 17.44
C ASN I 32 -19.64 -63.49 16.40
N TYR I 33 -18.73 -64.37 16.83
CA TYR I 33 -18.57 -65.68 16.23
C TYR I 33 -19.17 -66.79 17.11
N GLN I 34 -19.57 -66.44 18.35
CA GLN I 34 -20.17 -67.39 19.28
C GLN I 34 -21.40 -68.05 18.69
N TYR I 35 -22.38 -67.22 18.30
CA TYR I 35 -23.28 -67.48 17.18
C TYR I 35 -23.73 -66.09 16.76
N GLU I 36 -24.51 -66.01 15.69
CA GLU I 36 -24.87 -64.76 15.04
C GLU I 36 -25.86 -63.94 15.89
N THR I 37 -25.33 -63.42 17.01
CA THR I 37 -26.05 -62.44 17.82
C THR I 37 -25.68 -61.05 17.32
N ARG I 38 -26.47 -60.61 16.35
CA ARG I 38 -26.11 -59.52 15.45
C ARG I 38 -26.67 -58.17 15.92
N ASN I 39 -26.36 -57.81 17.16
CA ASN I 39 -27.12 -56.74 17.83
C ASN I 39 -26.27 -55.57 18.27
N ILE I 40 -25.24 -55.18 17.52
CA ILE I 40 -24.29 -54.16 17.96
C ILE I 40 -24.19 -53.08 16.89
N GLY I 41 -24.18 -51.82 17.32
CA GLY I 41 -23.89 -50.69 16.42
C GLY I 41 -22.67 -49.94 16.93
N VAL I 42 -21.90 -49.39 16.00
CA VAL I 42 -20.56 -48.90 16.33
C VAL I 42 -20.57 -47.42 16.67
N SER I 43 -21.24 -46.62 15.83
CA SER I 43 -21.74 -45.28 16.18
C SER I 43 -20.65 -44.30 16.59
N PHE I 44 -19.81 -43.95 15.61
CA PHE I 44 -18.73 -42.96 15.70
C PHE I 44 -19.31 -41.57 15.94
N PRO I 45 -19.26 -41.03 17.16
CA PRO I 45 -20.14 -39.88 17.47
C PRO I 45 -19.61 -38.55 16.98
N LEU I 46 -18.38 -38.50 16.47
CA LEU I 46 -17.85 -37.32 15.82
C LEU I 46 -17.49 -37.65 14.38
N TRP I 47 -17.72 -36.69 13.48
CA TRP I 47 -17.47 -36.90 12.07
C TRP I 47 -17.22 -35.52 11.47
N CYS I 48 -15.95 -35.15 11.34
CA CYS I 48 -15.60 -33.88 10.70
C CYS I 48 -15.40 -34.11 9.21
N ASP I 49 -14.83 -33.11 8.53
CA ASP I 49 -14.38 -33.28 7.16
C ASP I 49 -12.99 -33.89 7.10
N ALA I 50 -12.42 -34.20 8.26
CA ALA I 50 -11.30 -35.12 8.40
C ALA I 50 -11.57 -35.90 9.68
N THR I 51 -10.53 -36.57 10.22
CA THR I 51 -10.39 -37.06 11.60
C THR I 51 -11.62 -37.74 12.22
N VAL I 52 -11.87 -39.00 11.83
CA VAL I 52 -12.77 -39.92 12.54
C VAL I 52 -12.53 -39.78 14.03
N GLY I 53 -13.60 -39.56 14.80
CA GLY I 53 -13.54 -38.97 16.13
C GLY I 53 -12.66 -39.58 17.20
N LYS I 54 -12.47 -38.82 18.27
CA LYS I 54 -11.70 -39.24 19.44
C LYS I 54 -12.44 -40.25 20.30
N LYS I 55 -13.67 -40.61 19.94
CA LYS I 55 -14.53 -41.48 20.69
C LYS I 55 -14.82 -42.75 19.88
N ILE I 56 -15.39 -43.74 20.55
CA ILE I 56 -16.17 -44.76 19.88
C ILE I 56 -17.29 -45.15 20.83
N SER I 57 -18.47 -45.43 20.28
CA SER I 57 -19.61 -45.59 21.19
C SER I 57 -20.42 -46.82 20.75
N PHE I 58 -20.01 -47.99 21.24
CA PHE I 58 -20.75 -49.21 20.96
C PHE I 58 -22.07 -49.21 21.70
N VAL I 59 -23.06 -49.86 21.12
CA VAL I 59 -24.37 -50.00 21.74
C VAL I 59 -24.61 -51.49 21.96
N SER I 60 -25.41 -51.79 22.98
CA SER I 60 -25.89 -53.14 23.22
C SER I 60 -27.40 -53.10 23.34
N LYS I 61 -28.03 -54.15 23.83
CA LYS I 61 -29.48 -54.18 23.94
C LYS I 61 -29.99 -54.10 25.38
N ASN I 62 -29.57 -54.98 26.28
CA ASN I 62 -30.21 -55.07 27.59
C ASN I 62 -29.22 -55.32 28.73
N LYS I 63 -28.14 -54.54 28.77
CA LYS I 63 -27.28 -54.24 29.92
C LYS I 63 -26.31 -55.37 30.31
N ILE I 64 -26.45 -56.58 29.77
CA ILE I 64 -25.63 -57.70 30.24
C ILE I 64 -24.85 -58.27 29.05
N GLU I 65 -25.45 -58.17 27.86
CA GLU I 65 -24.75 -58.53 26.62
C GLU I 65 -23.64 -57.55 26.32
N LEU I 66 -23.79 -56.31 26.80
CA LEU I 66 -22.75 -55.29 26.78
C LEU I 66 -21.45 -55.79 27.39
N ASP I 67 -21.52 -56.31 28.61
CA ASP I 67 -20.32 -56.72 29.31
C ASP I 67 -19.92 -58.15 28.98
N LEU I 68 -20.65 -58.82 28.10
CA LEU I 68 -20.08 -59.92 27.33
C LEU I 68 -19.29 -59.37 26.15
N LEU I 69 -19.72 -58.24 25.59
CA LEU I 69 -18.98 -57.58 24.53
C LEU I 69 -17.80 -56.78 25.08
N LEU I 70 -17.94 -56.15 26.24
CA LEU I 70 -16.83 -55.29 26.66
C LEU I 70 -15.71 -56.06 27.35
N LYS I 71 -15.92 -57.33 27.69
CA LYS I 71 -14.83 -58.20 28.10
C LYS I 71 -14.35 -59.04 26.92
N GLN I 72 -13.96 -58.36 25.84
CA GLN I 72 -13.61 -59.04 24.60
C GLN I 72 -12.13 -59.37 24.49
N HIS I 73 -11.54 -59.95 25.55
CA HIS I 73 -10.14 -60.42 25.65
C HIS I 73 -9.11 -59.38 25.19
N TYR I 74 -9.47 -58.11 25.21
CA TYR I 74 -8.68 -57.11 24.50
C TYR I 74 -8.28 -55.95 25.39
N PHE I 75 -9.15 -55.52 26.29
CA PHE I 75 -8.85 -54.44 27.22
C PHE I 75 -8.35 -54.95 28.56
N VAL I 76 -8.49 -56.26 28.81
CA VAL I 76 -8.11 -56.84 30.10
C VAL I 76 -6.60 -56.82 30.27
N GLN I 77 -5.84 -57.09 29.21
CA GLN I 77 -4.40 -56.90 29.25
C GLN I 77 -3.98 -55.53 28.72
N MET I 78 -4.93 -54.66 28.41
CA MET I 78 -4.62 -53.34 27.90
C MET I 78 -4.80 -52.24 28.94
N GLU I 79 -5.81 -52.34 29.81
CA GLU I 79 -6.21 -51.24 30.68
C GLU I 79 -5.56 -51.29 32.06
N GLN I 80 -4.31 -51.76 32.16
CA GLN I 80 -3.58 -51.59 33.42
C GLN I 80 -3.28 -50.12 33.69
N LEU I 81 -3.07 -49.33 32.64
CA LEU I 81 -2.75 -47.92 32.76
C LEU I 81 -3.86 -47.08 32.11
N GLN I 82 -3.64 -45.76 32.10
CA GLN I 82 -4.65 -44.80 31.64
C GLN I 82 -4.37 -44.44 30.19
N TYR I 83 -4.97 -45.20 29.27
CA TYR I 83 -4.93 -44.89 27.85
C TYR I 83 -6.32 -44.71 27.26
N PHE I 84 -7.23 -45.65 27.49
CA PHE I 84 -8.61 -45.52 27.03
C PHE I 84 -9.51 -45.30 28.24
N HIS I 85 -10.81 -45.16 27.97
CA HIS I 85 -11.78 -45.03 29.06
C HIS I 85 -13.12 -45.61 28.60
N ILE I 86 -13.45 -46.80 29.10
CA ILE I 86 -14.77 -47.37 28.85
C ILE I 86 -15.76 -46.74 29.82
N SER I 87 -16.75 -46.05 29.27
CA SER I 87 -17.72 -45.32 30.09
C SER I 87 -18.69 -46.31 30.74
N ASN I 88 -19.17 -45.95 31.93
CA ASN I 88 -19.83 -46.90 32.81
C ASN I 88 -21.36 -46.76 32.73
N THR I 89 -21.91 -47.28 31.61
CA THR I 89 -23.26 -47.86 31.49
C THR I 89 -24.37 -46.91 31.93
N VAL I 90 -24.47 -45.79 31.21
CA VAL I 90 -25.37 -44.70 31.58
C VAL I 90 -26.59 -44.74 30.66
N LEU I 91 -27.78 -44.76 31.26
CA LEU I 91 -29.03 -44.67 30.51
C LEU I 91 -29.09 -43.38 29.70
N VAL I 92 -29.63 -43.47 28.50
CA VAL I 92 -29.37 -42.49 27.44
C VAL I 92 -30.08 -41.17 27.75
N PRO I 93 -29.40 -40.04 27.58
CA PRO I 93 -30.11 -38.75 27.47
C PRO I 93 -30.74 -38.64 26.09
N GLU I 94 -32.04 -38.33 26.06
CA GLU I 94 -32.81 -38.36 24.83
C GLU I 94 -32.70 -37.08 24.01
N ASP I 95 -31.65 -36.29 24.21
CA ASP I 95 -31.36 -35.13 23.38
C ASP I 95 -30.11 -35.42 22.56
N CYS I 96 -30.31 -36.08 21.43
CA CYS I 96 -29.25 -36.39 20.47
C CYS I 96 -29.88 -36.36 19.08
N THR I 97 -29.18 -36.91 18.10
CA THR I 97 -29.66 -36.95 16.73
C THR I 97 -29.47 -38.37 16.19
N TYR I 98 -30.45 -38.85 15.45
CA TYR I 98 -30.47 -40.22 14.93
C TYR I 98 -29.83 -40.22 13.55
N VAL I 99 -28.57 -40.63 13.50
CA VAL I 99 -27.78 -40.60 12.29
C VAL I 99 -27.48 -42.03 11.85
N SER I 100 -26.87 -42.17 10.68
CA SER I 100 -26.65 -43.47 10.06
C SER I 100 -25.17 -43.72 9.83
N PHE I 101 -24.82 -45.00 9.68
CA PHE I 101 -23.48 -45.43 9.32
C PHE I 101 -23.58 -46.61 8.36
N ARG I 102 -23.25 -46.37 7.09
CA ARG I 102 -23.37 -47.36 6.04
C ARG I 102 -22.03 -47.51 5.32
N ARG I 103 -21.67 -48.76 4.99
CA ARG I 103 -20.57 -49.03 4.09
C ARG I 103 -21.10 -49.06 2.67
N CYS I 104 -20.59 -48.16 1.82
CA CYS I 104 -21.32 -47.77 0.63
C CYS I 104 -20.87 -48.46 -0.65
N GLN I 105 -19.67 -49.06 -0.67
CA GLN I 105 -19.16 -49.90 -1.75
C GLN I 105 -19.12 -49.21 -3.11
N SER I 106 -19.03 -47.88 -3.13
CA SER I 106 -18.80 -47.11 -4.33
C SER I 106 -17.54 -46.27 -4.26
N ILE I 107 -17.00 -46.05 -3.05
CA ILE I 107 -15.61 -45.62 -2.94
C ILE I 107 -14.70 -46.75 -3.38
N ASP I 108 -15.08 -48.00 -3.07
CA ASP I 108 -14.24 -49.14 -3.34
C ASP I 108 -14.25 -49.55 -4.81
N LYS I 109 -15.31 -49.23 -5.53
CA LYS I 109 -15.47 -49.67 -6.92
C LYS I 109 -15.35 -48.52 -7.92
N LEU I 110 -14.64 -47.46 -7.53
CA LEU I 110 -14.28 -46.36 -8.43
C LEU I 110 -12.92 -46.60 -9.06
N THR I 111 -12.09 -47.39 -8.41
CA THR I 111 -10.72 -47.61 -8.84
C THR I 111 -10.67 -48.40 -10.16
N ALA I 112 -9.52 -48.32 -10.83
CA ALA I 112 -9.36 -48.97 -12.13
C ALA I 112 -9.34 -50.48 -12.00
N ALA I 113 -8.86 -50.98 -10.86
CA ALA I 113 -9.03 -52.39 -10.51
C ALA I 113 -10.50 -52.77 -10.42
N GLY I 114 -11.35 -51.83 -9.99
CA GLY I 114 -12.76 -52.11 -9.83
C GLY I 114 -13.47 -52.39 -11.14
N LEU I 115 -13.36 -51.46 -12.11
CA LEU I 115 -13.97 -51.75 -13.40
C LEU I 115 -13.20 -52.79 -14.20
N ALA I 116 -11.94 -53.07 -13.85
CA ALA I 116 -11.28 -54.26 -14.39
C ALA I 116 -11.99 -55.53 -13.97
N ARG I 117 -12.27 -55.66 -12.67
CA ARG I 117 -13.04 -56.79 -12.14
C ARG I 117 -14.45 -56.82 -12.73
N LYS I 118 -15.04 -55.64 -12.94
CA LYS I 118 -16.41 -55.57 -13.42
C LYS I 118 -16.52 -55.99 -14.89
N ILE I 119 -15.60 -55.52 -15.74
CA ILE I 119 -15.65 -55.93 -17.15
C ILE I 119 -15.25 -57.39 -17.31
N ARG I 120 -14.33 -57.90 -16.47
CA ARG I 120 -14.02 -59.33 -16.59
C ARG I 120 -15.11 -60.20 -16.00
N ARG I 121 -15.97 -59.66 -15.13
CA ARG I 121 -17.19 -60.37 -14.74
C ARG I 121 -18.25 -60.29 -15.83
N LEU I 122 -18.29 -59.18 -16.58
CA LEU I 122 -19.37 -58.93 -17.53
C LEU I 122 -19.36 -59.90 -18.72
N GLU I 123 -18.20 -60.46 -19.08
CA GLU I 123 -18.17 -61.66 -19.90
C GLU I 123 -17.52 -62.85 -19.19
N LYS I 124 -17.51 -62.84 -17.86
CA LYS I 124 -17.56 -64.12 -17.15
C LYS I 124 -18.94 -64.72 -17.29
N ARG I 125 -19.97 -63.88 -17.37
CA ARG I 125 -21.33 -64.36 -17.42
C ARG I 125 -21.98 -63.85 -18.69
N ALA I 126 -21.31 -64.05 -19.81
CA ALA I 126 -21.91 -64.00 -21.14
C ALA I 126 -22.52 -65.33 -21.54
N LEU I 127 -22.75 -66.22 -20.56
CA LEU I 127 -23.33 -67.55 -20.75
C LEU I 127 -24.82 -67.53 -21.06
N SER I 128 -25.44 -66.36 -21.13
CA SER I 128 -26.68 -66.18 -21.87
C SER I 128 -26.31 -65.82 -23.30
N ARG I 129 -25.98 -66.87 -24.07
CA ARG I 129 -25.09 -66.78 -25.24
C ARG I 129 -25.63 -65.86 -26.32
N GLY I 130 -24.93 -64.75 -26.52
CA GLY I 130 -25.24 -63.83 -27.59
C GLY I 130 -24.00 -63.50 -28.39
N GLU I 131 -23.95 -62.30 -28.97
CA GLU I 131 -22.78 -61.87 -29.71
C GLU I 131 -21.84 -61.13 -28.76
N GLN I 132 -20.61 -61.63 -28.66
CA GLN I 132 -19.64 -61.07 -27.73
C GLN I 132 -19.17 -59.70 -28.21
N PHE I 133 -19.11 -58.75 -27.29
CA PHE I 133 -18.55 -57.45 -27.62
C PHE I 133 -17.03 -57.49 -27.61
N ASP I 134 -16.45 -56.55 -28.36
CA ASP I 134 -15.10 -56.14 -28.07
C ASP I 134 -15.10 -55.24 -26.84
N PRO I 135 -14.13 -55.39 -25.93
CA PRO I 135 -14.13 -54.58 -24.72
C PRO I 135 -13.44 -53.23 -24.91
N SER I 136 -13.28 -52.81 -26.16
CA SER I 136 -12.57 -51.59 -26.52
C SER I 136 -13.40 -50.32 -26.34
N SER I 137 -14.59 -50.41 -25.76
CA SER I 137 -15.47 -49.25 -25.68
C SER I 137 -15.95 -48.94 -24.26
N PHE I 138 -15.57 -49.74 -23.27
CA PHE I 138 -15.96 -49.47 -21.89
C PHE I 138 -14.98 -48.53 -21.20
N ALA I 139 -14.73 -47.38 -21.82
CA ALA I 139 -13.76 -46.42 -21.29
C ALA I 139 -14.32 -45.80 -20.02
N GLN I 140 -13.43 -45.55 -19.06
CA GLN I 140 -13.86 -45.19 -17.71
C GLN I 140 -14.35 -43.76 -17.65
N LYS I 141 -14.89 -43.40 -16.49
CA LYS I 141 -15.48 -42.10 -16.25
C LYS I 141 -14.36 -41.08 -16.20
N GLU I 142 -14.12 -40.40 -17.32
CA GLU I 142 -12.97 -39.55 -17.53
C GLU I 142 -12.98 -38.27 -16.72
N HIS I 143 -14.03 -38.00 -15.94
CA HIS I 143 -14.02 -36.91 -14.97
C HIS I 143 -15.09 -37.22 -13.93
N THR I 144 -14.70 -37.20 -12.65
CA THR I 144 -15.58 -37.70 -11.59
C THR I 144 -15.40 -36.87 -10.33
N ALA I 145 -16.52 -36.44 -9.73
CA ALA I 145 -16.54 -35.64 -8.50
C ALA I 145 -17.00 -36.50 -7.34
N ILE I 146 -16.06 -37.06 -6.61
CA ILE I 146 -16.39 -37.98 -5.51
C ILE I 146 -16.50 -37.20 -4.21
N ALA I 147 -17.45 -37.60 -3.37
CA ALA I 147 -17.81 -36.89 -2.15
C ALA I 147 -16.90 -37.29 -1.00
N HIS I 148 -17.28 -36.92 0.21
CA HIS I 148 -16.48 -37.17 1.39
C HIS I 148 -16.68 -38.60 1.89
N TYR I 149 -15.61 -39.15 2.47
CA TYR I 149 -15.56 -40.54 2.90
C TYR I 149 -14.41 -40.68 3.88
N HIS I 150 -14.43 -41.76 4.65
CA HIS I 150 -13.35 -42.13 5.55
C HIS I 150 -13.14 -43.64 5.44
N SER I 151 -11.87 -44.07 5.55
CA SER I 151 -11.49 -45.44 5.24
C SER I 151 -10.88 -46.11 6.47
N LEU I 152 -11.25 -47.37 6.70
CA LEU I 152 -10.78 -48.15 7.85
C LEU I 152 -10.10 -49.41 7.34
N GLY I 153 -8.83 -49.57 7.71
CA GLY I 153 -7.96 -50.60 7.17
C GLY I 153 -7.97 -51.97 7.83
N GLU I 154 -8.94 -52.83 7.52
CA GLU I 154 -8.98 -54.16 8.10
C GLU I 154 -8.56 -55.21 7.08
N SER I 155 -8.72 -56.49 7.43
CA SER I 155 -8.33 -57.58 6.55
C SER I 155 -9.35 -58.72 6.69
N SER I 156 -9.20 -59.73 5.83
CA SER I 156 -10.16 -60.82 5.72
C SER I 156 -10.10 -61.73 6.94
N LYS I 157 -11.18 -62.49 7.14
CA LYS I 157 -11.39 -63.17 8.43
C LYS I 157 -10.62 -64.48 8.55
N GLN I 158 -10.31 -65.17 7.45
CA GLN I 158 -9.39 -66.30 7.49
C GLN I 158 -8.31 -66.26 6.42
N THR I 159 -8.54 -65.57 5.31
CA THR I 159 -7.60 -65.47 4.21
C THR I 159 -6.80 -64.18 4.32
N ASN I 160 -5.74 -64.10 3.52
CA ASN I 160 -4.90 -62.92 3.51
C ASN I 160 -5.31 -61.98 2.38
N ARG I 161 -6.55 -61.50 2.49
CA ARG I 161 -7.14 -60.58 1.54
C ARG I 161 -7.34 -59.25 2.24
N ASN I 162 -6.84 -58.18 1.64
CA ASN I 162 -6.67 -56.91 2.33
C ASN I 162 -7.54 -55.86 1.64
N PHE I 163 -8.78 -55.70 2.12
CA PHE I 163 -9.62 -54.60 1.72
C PHE I 163 -9.58 -53.49 2.76
N ARG I 164 -10.41 -52.48 2.56
CA ARG I 164 -10.69 -51.46 3.55
C ARG I 164 -12.21 -51.32 3.64
N LEU I 165 -12.69 -50.49 4.54
CA LEU I 165 -14.14 -50.32 4.68
C LEU I 165 -14.46 -48.87 5.00
N ASN I 166 -15.59 -48.41 4.45
CA ASN I 166 -15.90 -46.99 4.33
C ASN I 166 -17.15 -46.65 5.15
N ILE I 167 -17.23 -45.40 5.58
CA ILE I 167 -18.24 -44.93 6.53
C ILE I 167 -18.74 -43.56 6.10
N ARG I 168 -20.07 -43.40 6.07
CA ARG I 168 -20.72 -42.11 5.85
C ARG I 168 -21.72 -41.86 6.98
N MET I 169 -22.29 -40.65 6.98
CA MET I 169 -23.02 -40.12 8.13
C MET I 169 -24.36 -39.51 7.66
N LEU I 170 -25.18 -40.32 7.02
CA LEU I 170 -26.56 -39.94 6.72
C LEU I 170 -27.35 -39.68 8.01
N SER I 171 -28.46 -38.96 7.88
CA SER I 171 -29.44 -38.80 8.95
C SER I 171 -30.83 -39.18 8.45
N GLU I 172 -31.49 -40.10 9.17
CA GLU I 172 -32.71 -40.72 8.66
C GLU I 172 -33.57 -41.46 9.68
N GLN I 173 -34.84 -41.01 9.88
CA GLN I 173 -36.02 -41.80 10.28
C GLN I 173 -35.80 -42.68 11.51
N PRO I 174 -35.90 -42.13 12.73
CA PRO I 174 -35.53 -42.86 13.97
C PRO I 174 -36.20 -44.21 14.23
N ARG I 175 -37.52 -44.28 14.30
CA ARG I 175 -38.21 -45.50 14.73
C ARG I 175 -38.23 -46.55 13.62
N GLU I 176 -37.51 -47.66 13.84
CA GLU I 176 -37.63 -48.84 12.97
C GLU I 176 -37.13 -50.08 13.72
N GLY I 177 -38.06 -50.97 14.11
CA GLY I 177 -37.77 -52.34 14.58
C GLY I 177 -36.93 -52.47 15.84
N ASN I 178 -36.47 -53.71 16.07
CA ASN I 178 -35.64 -54.04 17.23
C ASN I 178 -34.20 -54.39 16.83
N SER I 179 -33.77 -53.85 15.69
CA SER I 179 -32.38 -53.49 15.39
C SER I 179 -31.40 -54.67 15.44
N ILE I 180 -31.60 -55.62 14.52
CA ILE I 180 -30.52 -56.54 14.15
C ILE I 180 -29.74 -55.92 12.98
N PHE I 181 -28.58 -56.51 12.68
CA PHE I 181 -27.77 -56.15 11.53
C PHE I 181 -27.15 -57.45 10.97
N SER I 182 -26.22 -57.33 10.01
CA SER I 182 -25.19 -58.29 9.62
C SER I 182 -24.06 -58.30 10.65
N SER I 183 -22.87 -58.78 10.28
CA SER I 183 -21.92 -59.22 11.30
C SER I 183 -21.19 -58.09 12.04
N TYR I 184 -20.32 -57.35 11.36
CA TYR I 184 -19.45 -56.42 12.08
C TYR I 184 -19.92 -54.95 11.98
N GLY I 185 -21.10 -54.69 12.54
CA GLY I 185 -21.36 -53.48 13.28
C GLY I 185 -21.97 -52.28 12.56
N LEU I 186 -21.91 -52.22 11.24
CA LEU I 186 -22.41 -51.07 10.47
C LEU I 186 -23.93 -51.10 10.34
N SER I 187 -24.52 -50.35 9.41
CA SER I 187 -25.96 -50.47 9.18
C SER I 187 -26.33 -50.69 7.72
N ASN I 188 -25.45 -51.31 6.93
CA ASN I 188 -25.79 -51.72 5.56
C ASN I 188 -26.34 -53.15 5.52
N SER I 189 -27.36 -53.40 6.35
CA SER I 189 -28.04 -54.68 6.29
C SER I 189 -29.03 -54.76 5.13
N GLU I 190 -29.76 -53.65 4.87
CA GLU I 190 -30.75 -53.41 3.82
C GLU I 190 -32.03 -54.24 3.98
N ASN I 191 -32.13 -55.09 5.00
CA ASN I 191 -33.42 -55.61 5.41
C ASN I 191 -34.00 -54.79 6.55
N SER I 192 -33.12 -54.21 7.37
CA SER I 192 -33.52 -53.25 8.41
C SER I 192 -32.35 -52.29 8.56
N PHE I 193 -32.41 -51.17 7.84
CA PHE I 193 -31.35 -50.17 7.85
C PHE I 193 -31.66 -49.14 8.94
N GLN I 194 -31.13 -49.40 10.13
CA GLN I 194 -31.28 -48.83 11.45
C GLN I 194 -30.41 -47.60 11.62
N PRO I 195 -30.96 -46.48 12.10
CA PRO I 195 -30.11 -45.40 12.61
C PRO I 195 -29.77 -45.66 14.06
N VAL I 196 -28.51 -45.44 14.40
CA VAL I 196 -28.00 -45.67 15.74
C VAL I 196 -27.41 -44.34 16.17
N PRO I 197 -27.84 -43.74 17.29
CA PRO I 197 -27.74 -42.27 17.45
C PRO I 197 -26.36 -41.70 17.72
N LEU I 198 -26.35 -40.40 17.98
CA LEU I 198 -25.18 -39.66 18.42
C LEU I 198 -24.65 -40.22 19.74
N MET J 1 16.72 -65.76 -9.22
CA MET J 1 18.09 -66.18 -9.50
C MET J 1 18.61 -67.14 -8.44
N PHE J 2 18.71 -68.42 -8.80
CA PHE J 2 19.33 -69.41 -7.94
C PHE J 2 20.76 -69.67 -8.38
N LEU J 3 21.66 -69.80 -7.42
CA LEU J 3 23.08 -69.96 -7.69
C LEU J 3 23.59 -71.20 -6.97
N GLN J 4 24.89 -71.47 -7.13
CA GLN J 4 25.53 -72.66 -6.60
C GLN J 4 26.68 -72.21 -5.71
N ARG J 5 26.73 -72.71 -4.49
CA ARG J 5 27.67 -72.14 -3.54
C ARG J 5 29.07 -72.70 -3.75
N PRO J 6 30.10 -71.87 -3.59
CA PRO J 6 31.48 -72.37 -3.57
C PRO J 6 31.93 -72.67 -2.15
N LYS J 7 33.06 -73.36 -2.06
CA LYS J 7 33.59 -73.78 -0.76
C LYS J 7 34.16 -72.57 -0.01
N PRO J 8 33.72 -72.33 1.23
CA PRO J 8 34.17 -71.14 1.96
C PRO J 8 35.58 -71.33 2.51
N TYR J 9 36.41 -70.32 2.28
CA TYR J 9 37.80 -70.32 2.73
C TYR J 9 38.02 -69.18 3.73
N SER J 10 39.07 -69.30 4.53
CA SER J 10 39.46 -68.25 5.46
C SER J 10 40.61 -67.41 4.92
N ASP J 11 41.08 -67.70 3.71
CA ASP J 11 42.17 -66.97 3.05
C ASP J 11 41.72 -66.50 1.68
N GLU J 12 40.55 -65.86 1.64
CA GLU J 12 39.82 -65.61 0.41
C GLU J 12 39.55 -64.13 0.22
N SER J 13 39.68 -63.66 -1.02
CA SER J 13 39.28 -62.31 -1.40
C SER J 13 37.78 -62.32 -1.73
N LEU J 14 37.30 -61.25 -2.34
CA LEU J 14 35.93 -61.19 -2.83
C LEU J 14 35.84 -61.27 -4.35
N GLU J 15 36.86 -60.74 -5.04
CA GLU J 15 36.91 -60.84 -6.49
C GLU J 15 37.02 -62.29 -6.94
N SER J 16 37.90 -63.05 -6.29
CA SER J 16 38.00 -64.48 -6.58
C SER J 16 36.75 -65.23 -6.17
N PHE J 17 36.04 -64.75 -5.15
CA PHE J 17 34.77 -65.36 -4.77
C PHE J 17 33.73 -65.21 -5.88
N PHE J 18 33.63 -64.01 -6.48
CA PHE J 18 32.72 -63.83 -7.60
C PHE J 18 33.18 -64.58 -8.85
N ILE J 19 34.50 -64.74 -9.04
CA ILE J 19 35.00 -65.55 -10.15
C ILE J 19 34.62 -67.03 -9.96
N ARG J 20 34.69 -67.52 -8.71
CA ARG J 20 34.22 -68.86 -8.38
C ARG J 20 32.73 -69.05 -8.69
N VAL J 21 31.90 -68.09 -8.27
CA VAL J 21 30.46 -68.21 -8.51
C VAL J 21 30.13 -68.08 -9.99
N ALA J 22 30.87 -67.25 -10.73
CA ALA J 22 30.64 -67.10 -12.16
C ALA J 22 31.08 -68.33 -12.93
N ASN J 23 32.14 -68.99 -12.48
CA ASN J 23 32.70 -70.10 -13.23
C ASN J 23 32.26 -71.47 -12.73
N LYS J 24 31.36 -71.55 -11.76
CA LYS J 24 30.63 -72.82 -11.63
C LYS J 24 29.18 -72.74 -12.11
N ASN J 25 28.62 -71.54 -12.21
CA ASN J 25 27.28 -71.43 -12.80
C ASN J 25 27.33 -71.65 -14.30
N GLY J 26 28.32 -71.09 -14.97
CA GLY J 26 28.43 -71.24 -16.40
C GLY J 26 28.60 -69.94 -17.16
N TYR J 27 28.97 -68.87 -16.44
CA TYR J 27 29.30 -67.61 -17.09
C TYR J 27 30.73 -67.65 -17.60
N GLY J 28 30.91 -67.18 -18.84
CA GLY J 28 32.24 -67.13 -19.43
C GLY J 28 33.14 -66.08 -18.83
N ASP J 29 32.57 -65.06 -18.20
CA ASP J 29 33.34 -64.03 -17.50
C ASP J 29 32.57 -63.69 -16.23
N VAL J 30 32.95 -62.56 -15.60
CA VAL J 30 32.22 -62.05 -14.45
C VAL J 30 31.50 -60.73 -14.78
N HIS J 31 31.76 -60.16 -15.96
CA HIS J 31 31.02 -58.97 -16.39
C HIS J 31 29.55 -59.28 -16.64
N ARG J 32 29.28 -60.39 -17.34
CA ARG J 32 27.89 -60.81 -17.54
C ARG J 32 27.24 -61.26 -16.23
N PHE J 33 28.02 -61.85 -15.33
CA PHE J 33 27.51 -62.18 -14.00
C PHE J 33 27.11 -60.93 -13.23
N LEU J 34 27.88 -59.85 -13.38
CA LEU J 34 27.59 -58.64 -12.65
C LEU J 34 26.40 -57.89 -13.26
N GLU J 35 26.27 -57.95 -14.60
CA GLU J 35 25.06 -57.47 -15.28
C GLU J 35 23.82 -58.23 -14.81
N ALA J 36 23.93 -59.56 -14.71
CA ALA J 36 22.79 -60.39 -14.33
C ALA J 36 22.37 -60.15 -12.89
N THR J 37 23.34 -60.00 -11.99
CA THR J 37 22.98 -59.74 -10.60
C THR J 37 22.49 -58.31 -10.39
N LYS J 38 22.88 -57.36 -11.25
CA LYS J 38 22.28 -56.03 -11.17
C LYS J 38 20.85 -56.02 -11.71
N ARG J 39 20.57 -56.82 -12.75
CA ARG J 39 19.21 -57.01 -13.22
C ARG J 39 18.33 -57.67 -12.17
N PHE J 40 18.87 -58.66 -11.46
CA PHE J 40 18.14 -59.28 -10.36
C PHE J 40 17.98 -58.31 -9.19
N LEU J 41 18.90 -57.37 -9.03
CA LEU J 41 18.79 -56.43 -7.92
C LEU J 41 17.75 -55.34 -8.20
N GLN J 42 17.61 -54.91 -9.45
CA GLN J 42 16.47 -54.07 -9.80
C GLN J 42 15.19 -54.86 -9.97
N ASP J 43 15.29 -56.19 -10.01
CA ASP J 43 14.10 -57.03 -10.04
C ASP J 43 13.40 -57.11 -8.68
N ILE J 44 14.08 -56.72 -7.59
CA ILE J 44 13.55 -56.90 -6.25
C ILE J 44 13.39 -55.57 -5.51
N ASP J 45 13.31 -54.46 -6.25
CA ASP J 45 12.95 -53.14 -5.72
C ASP J 45 13.91 -52.64 -4.64
N HIS J 46 15.20 -52.74 -4.92
CA HIS J 46 16.22 -52.23 -4.02
C HIS J 46 16.45 -50.75 -4.28
N ASN J 47 16.53 -49.97 -3.21
CA ASN J 47 16.58 -48.51 -3.31
C ASN J 47 17.97 -47.97 -3.60
N GLY J 48 18.93 -48.81 -3.98
CA GLY J 48 20.27 -48.34 -4.28
C GLY J 48 20.93 -49.07 -5.43
N TYR J 49 20.16 -49.60 -6.37
CA TYR J 49 20.75 -50.43 -7.40
C TYR J 49 21.47 -49.65 -8.48
N GLN J 50 21.39 -48.31 -8.47
CA GLN J 50 21.97 -47.54 -9.57
C GLN J 50 23.49 -47.54 -9.50
N THR J 51 24.05 -47.57 -8.29
CA THR J 51 25.49 -47.38 -8.08
C THR J 51 26.28 -48.70 -8.13
N PHE J 52 25.60 -49.84 -8.21
CA PHE J 52 26.28 -51.14 -8.26
C PHE J 52 26.99 -51.29 -9.61
N PRO J 53 28.31 -51.39 -9.65
CA PRO J 53 29.04 -51.16 -10.90
C PRO J 53 28.95 -52.35 -11.86
N THR J 54 29.58 -52.17 -13.02
CA THR J 54 29.73 -53.21 -14.02
C THR J 54 31.16 -53.74 -14.12
N ASP J 55 32.14 -53.02 -13.56
CA ASP J 55 33.52 -53.46 -13.55
C ASP J 55 33.87 -54.12 -12.22
N ILE J 56 34.85 -55.01 -12.26
CA ILE J 56 35.17 -55.85 -11.11
C ILE J 56 36.30 -55.27 -10.25
N THR J 57 37.04 -54.29 -10.77
CA THR J 57 38.20 -53.78 -10.04
C THR J 57 37.82 -52.90 -8.85
N ARG J 58 36.55 -52.47 -8.76
CA ARG J 58 36.07 -51.68 -7.64
C ARG J 58 34.70 -52.19 -7.18
N ILE J 59 34.62 -53.50 -7.00
CA ILE J 59 33.44 -54.13 -6.41
C ILE J 59 33.39 -53.88 -4.90
N ASN J 60 34.49 -53.46 -4.30
CA ASN J 60 34.63 -53.46 -2.86
C ASN J 60 33.86 -52.28 -2.25
N PRO J 61 33.37 -52.44 -1.01
CA PRO J 61 32.62 -51.35 -0.37
C PRO J 61 33.44 -50.17 0.11
N TYR J 62 34.77 -50.17 -0.03
CA TYR J 62 35.53 -48.96 0.27
C TYR J 62 35.83 -48.13 -0.96
N SER J 63 35.66 -48.70 -2.16
CA SER J 63 35.90 -47.96 -3.38
C SER J 63 34.86 -46.87 -3.58
N ALA J 64 33.59 -47.19 -3.29
CA ALA J 64 32.52 -46.21 -3.38
C ALA J 64 32.64 -45.16 -2.29
N LYS J 65 32.05 -43.99 -2.54
CA LYS J 65 32.09 -42.89 -1.58
C LYS J 65 30.73 -42.46 -1.06
N ASN J 66 29.64 -42.88 -1.69
CA ASN J 66 28.34 -42.30 -1.42
C ASN J 66 27.26 -43.32 -1.10
N SER J 67 27.42 -44.58 -1.48
CA SER J 67 26.37 -45.58 -1.28
C SER J 67 26.96 -46.88 -0.77
N SER J 68 27.84 -46.79 0.23
CA SER J 68 28.36 -47.99 0.88
C SER J 68 27.26 -48.71 1.67
N SER J 69 26.25 -47.96 2.13
CA SER J 69 25.12 -48.57 2.79
C SER J 69 24.31 -49.42 1.83
N ALA J 70 24.05 -48.89 0.63
CA ALA J 70 23.37 -49.67 -0.40
C ALA J 70 24.26 -50.81 -0.90
N ARG J 71 25.58 -50.62 -0.84
CA ARG J 71 26.52 -51.68 -1.19
C ARG J 71 26.39 -52.88 -0.26
N THR J 72 26.44 -52.64 1.03
CA THR J 72 26.30 -53.76 1.96
C THR J 72 24.88 -54.27 2.07
N ALA J 73 23.86 -53.46 1.74
CA ALA J 73 22.52 -54.01 1.63
C ALA J 73 22.42 -54.92 0.42
N SER J 74 23.11 -54.59 -0.68
CA SER J 74 23.17 -55.48 -1.83
C SER J 74 23.88 -56.77 -1.50
N PHE J 75 24.91 -56.70 -0.66
CA PHE J 75 25.60 -57.92 -0.24
C PHE J 75 24.74 -58.75 0.71
N LEU J 76 23.96 -58.12 1.59
CA LEU J 76 22.96 -58.85 2.39
C LEU J 76 21.92 -59.52 1.50
N LYS J 77 21.49 -58.86 0.43
CA LYS J 77 20.50 -59.43 -0.45
C LYS J 77 21.04 -60.61 -1.25
N LEU J 78 22.26 -60.48 -1.77
CA LEU J 78 22.90 -61.61 -2.44
C LEU J 78 23.24 -62.74 -1.46
N ALA J 79 23.45 -62.42 -0.18
CA ALA J 79 23.73 -63.48 0.78
C ALA J 79 22.47 -64.25 1.15
N GLN J 80 21.37 -63.53 1.36
CA GLN J 80 20.17 -64.14 1.92
C GLN J 80 19.16 -64.58 0.85
N LEU J 81 19.32 -64.15 -0.40
CA LEU J 81 18.25 -64.33 -1.38
C LEU J 81 18.59 -65.17 -2.60
N THR J 82 19.85 -65.24 -3.05
CA THR J 82 20.11 -65.78 -4.38
C THR J 82 20.94 -67.05 -4.42
N PHE J 83 21.33 -67.61 -3.27
CA PHE J 83 22.04 -68.88 -3.26
C PHE J 83 21.13 -70.00 -2.76
N ASN J 84 21.41 -71.22 -3.23
CA ASN J 84 20.68 -72.40 -2.76
C ASN J 84 20.95 -72.66 -1.29
N GLU J 85 22.19 -72.48 -0.85
CA GLU J 85 22.56 -72.45 0.56
C GLU J 85 23.57 -71.31 0.71
N PRO J 86 23.36 -70.39 1.65
CA PRO J 86 24.18 -69.17 1.70
C PRO J 86 25.62 -69.46 2.13
N PRO J 87 26.60 -69.11 1.28
CA PRO J 87 28.00 -69.32 1.65
C PRO J 87 28.54 -68.21 2.54
N GLU J 88 29.84 -68.24 2.82
CA GLU J 88 30.49 -67.19 3.61
C GLU J 88 30.76 -66.00 2.70
N LEU J 89 29.73 -65.16 2.55
CA LEU J 89 29.81 -63.97 1.71
C LEU J 89 29.93 -62.69 2.52
N LEU J 90 29.20 -62.58 3.63
CA LEU J 90 29.20 -61.36 4.43
C LEU J 90 30.47 -61.21 5.23
N GLY J 91 31.09 -62.31 5.65
CA GLY J 91 32.33 -62.26 6.40
C GLY J 91 33.53 -61.82 5.59
N LEU J 92 33.48 -62.02 4.27
CA LEU J 92 34.56 -61.62 3.38
C LEU J 92 34.42 -60.18 2.89
N ALA J 93 33.66 -59.36 3.62
CA ALA J 93 33.51 -57.96 3.26
C ALA J 93 34.80 -57.19 3.48
N ILE J 94 34.98 -56.14 2.71
CA ILE J 94 36.22 -55.39 2.70
C ILE J 94 35.90 -53.89 2.76
N ASN J 95 35.84 -53.36 3.98
CA ASN J 95 35.09 -52.15 4.32
C ASN J 95 36.01 -51.02 4.76
N ARG J 96 35.38 -49.96 5.26
CA ARG J 96 36.03 -48.91 6.05
C ARG J 96 35.36 -48.87 7.42
N THR J 97 35.84 -47.99 8.30
CA THR J 97 35.54 -48.14 9.72
C THR J 97 35.15 -46.80 10.33
N ASN J 98 35.12 -46.81 11.67
CA ASN J 98 35.20 -45.61 12.49
C ASN J 98 36.64 -45.36 12.96
N MET J 99 37.47 -46.40 12.98
CA MET J 99 38.72 -46.37 13.72
C MET J 99 39.83 -45.77 12.90
N LYS J 100 40.88 -45.31 13.59
CA LYS J 100 42.00 -44.64 12.94
C LYS J 100 43.27 -44.82 13.76
N TYR J 101 44.40 -44.98 13.06
CA TYR J 101 45.71 -45.12 13.69
C TYR J 101 46.30 -43.76 14.04
N SER J 102 47.59 -43.75 14.42
CA SER J 102 48.33 -42.54 14.72
C SER J 102 49.54 -42.46 13.79
N PRO J 103 49.90 -41.25 13.31
CA PRO J 103 49.27 -39.96 13.60
C PRO J 103 48.00 -39.62 12.78
N SER J 104 47.97 -39.94 11.48
CA SER J 104 46.88 -39.44 10.63
C SER J 104 46.44 -40.45 9.58
N THR J 105 46.51 -41.74 9.88
CA THR J 105 46.17 -42.78 8.91
C THR J 105 44.98 -43.57 9.42
N SER J 106 43.90 -43.61 8.64
CA SER J 106 42.66 -44.23 9.06
C SER J 106 42.65 -45.72 8.71
N ALA J 107 41.71 -46.45 9.33
CA ALA J 107 41.75 -47.89 9.40
C ALA J 107 40.54 -48.52 8.72
N VAL J 108 40.70 -49.80 8.36
CA VAL J 108 39.74 -50.58 7.57
C VAL J 108 39.61 -51.99 8.16
N VAL J 109 38.38 -52.50 8.16
CA VAL J 109 38.07 -53.83 8.70
C VAL J 109 37.77 -54.80 7.56
N ARG J 110 38.48 -55.93 7.58
CA ARG J 110 38.30 -57.04 6.65
C ARG J 110 38.00 -58.24 7.54
N GLY J 111 36.71 -58.56 7.69
CA GLY J 111 36.33 -59.58 8.65
C GLY J 111 36.52 -59.06 10.06
N ALA J 112 37.59 -59.53 10.72
CA ALA J 112 38.04 -58.95 11.98
C ALA J 112 39.35 -58.19 11.86
N GLU J 113 40.05 -58.28 10.73
CA GLU J 113 41.36 -57.65 10.59
C GLU J 113 41.21 -56.13 10.44
N VAL J 114 42.16 -55.40 11.01
CA VAL J 114 42.17 -53.94 10.95
C VAL J 114 43.49 -53.49 10.35
N PHE J 115 43.44 -53.03 9.10
CA PHE J 115 44.59 -52.56 8.35
C PHE J 115 44.50 -51.03 8.29
N PRO J 116 45.59 -50.32 7.96
CA PRO J 116 45.44 -48.89 7.64
C PRO J 116 44.92 -48.63 6.24
N ARG J 117 44.90 -47.38 5.78
CA ARG J 117 44.30 -47.12 4.47
C ARG J 117 45.34 -46.71 3.44
N SER J 118 46.43 -46.07 3.86
CA SER J 118 47.34 -45.42 2.91
C SER J 118 48.19 -46.43 2.14
N LEU J 119 48.77 -47.41 2.84
CA LEU J 119 49.56 -48.45 2.19
C LEU J 119 48.72 -49.60 1.64
N LEU J 120 47.40 -49.46 1.61
CA LEU J 120 46.54 -50.38 0.88
C LEU J 120 46.78 -50.22 -0.62
N ARG J 121 47.07 -51.33 -1.30
CA ARG J 121 47.46 -51.26 -2.71
C ARG J 121 46.27 -50.91 -3.60
N THR J 122 46.48 -49.92 -4.47
CA THR J 122 45.48 -49.53 -5.47
C THR J 122 45.98 -49.79 -6.89
N HIS J 123 46.92 -50.71 -7.05
CA HIS J 123 47.52 -51.03 -8.34
C HIS J 123 47.37 -52.53 -8.62
N SER J 124 48.06 -53.00 -9.66
CA SER J 124 47.96 -54.38 -10.06
C SER J 124 48.69 -55.30 -9.08
N ILE J 125 48.21 -56.53 -8.97
CA ILE J 125 48.51 -57.43 -7.86
C ILE J 125 49.08 -58.74 -8.40
N PRO J 126 50.20 -59.23 -7.87
CA PRO J 126 50.74 -60.52 -8.32
C PRO J 126 50.12 -61.71 -7.59
N CYS J 127 50.45 -62.90 -8.09
CA CYS J 127 49.94 -64.15 -7.52
C CYS J 127 50.90 -65.27 -7.88
N CYS J 128 50.61 -66.48 -7.35
CA CYS J 128 51.43 -67.66 -7.58
C CYS J 128 50.66 -68.71 -8.37
N PRO J 129 51.31 -69.37 -9.34
CA PRO J 129 50.60 -70.38 -10.15
C PRO J 129 50.22 -71.63 -9.39
N LEU J 130 50.90 -71.98 -8.30
CA LEU J 130 50.61 -73.24 -7.63
C LEU J 130 49.33 -73.15 -6.80
N CYS J 131 49.13 -72.03 -6.11
CA CYS J 131 47.88 -71.79 -5.40
C CYS J 131 46.75 -71.36 -6.31
N LEU J 132 47.00 -71.22 -7.61
CA LEU J 132 45.98 -70.87 -8.58
C LEU J 132 45.58 -72.05 -9.45
N ARG J 133 46.44 -73.07 -9.56
CA ARG J 133 46.07 -74.31 -10.23
C ARG J 133 45.70 -75.41 -9.26
N GLU J 134 46.50 -75.63 -8.21
CA GLU J 134 46.19 -76.69 -7.25
C GLU J 134 45.01 -76.30 -6.37
N ASN J 135 45.05 -75.08 -5.81
CA ASN J 135 43.94 -74.60 -5.01
C ASN J 135 42.85 -73.99 -5.90
N GLY J 136 43.20 -72.97 -6.68
CA GLY J 136 42.28 -72.32 -7.59
C GLY J 136 41.87 -70.93 -7.16
N TYR J 137 41.90 -70.65 -5.86
CA TYR J 137 41.44 -69.35 -5.40
C TYR J 137 42.54 -68.29 -5.56
N ALA J 138 42.26 -67.10 -5.07
CA ALA J 138 43.22 -66.01 -5.03
C ALA J 138 43.04 -65.29 -3.71
N SER J 139 44.06 -65.33 -2.86
CA SER J 139 43.94 -64.83 -1.49
C SER J 139 43.84 -63.31 -1.47
N TYR J 140 43.33 -62.81 -0.35
CA TYR J 140 43.31 -61.38 -0.10
C TYR J 140 44.66 -60.86 0.35
N LEU J 141 45.58 -61.75 0.73
CA LEU J 141 46.87 -61.36 1.27
C LEU J 141 47.82 -60.85 0.19
N TRP J 142 47.50 -61.06 -1.08
CA TRP J 142 48.40 -60.70 -2.17
C TRP J 142 48.54 -59.20 -2.37
N HIS J 143 47.59 -58.39 -1.89
CA HIS J 143 47.68 -56.95 -2.00
C HIS J 143 47.89 -56.28 -0.65
N PHE J 144 48.65 -56.92 0.24
CA PHE J 144 49.18 -56.29 1.43
C PHE J 144 50.69 -56.21 1.28
N GLN J 145 51.25 -55.02 1.52
CA GLN J 145 52.66 -54.78 1.26
C GLN J 145 53.54 -55.50 2.26
N GLY J 146 54.59 -56.15 1.76
CA GLY J 146 55.44 -56.99 2.57
C GLY J 146 55.20 -58.47 2.42
N TYR J 147 54.37 -58.88 1.46
CA TYR J 147 54.06 -60.28 1.23
C TYR J 147 54.29 -60.60 -0.24
N GLU J 148 55.00 -61.70 -0.50
CA GLU J 148 55.45 -62.05 -1.84
C GLU J 148 54.93 -63.41 -2.32
N TYR J 149 55.13 -64.49 -1.58
CA TYR J 149 54.70 -65.80 -2.06
C TYR J 149 54.17 -66.64 -0.90
N CYS J 150 53.76 -67.86 -1.25
CA CYS J 150 52.80 -68.66 -0.48
C CYS J 150 53.40 -69.36 0.73
N HIS J 151 52.64 -70.32 1.25
CA HIS J 151 52.89 -70.86 2.58
C HIS J 151 53.88 -72.01 2.55
N SER J 152 53.77 -72.88 1.55
CA SER J 152 54.52 -74.14 1.56
C SER J 152 55.55 -74.25 0.44
N HIS J 153 55.13 -74.11 -0.82
CA HIS J 153 56.02 -74.47 -1.93
C HIS J 153 57.11 -73.43 -2.15
N ASN J 154 56.79 -72.15 -1.90
CA ASN J 154 57.76 -71.07 -1.73
C ASN J 154 58.62 -70.82 -2.98
N VAL J 155 57.96 -70.47 -4.07
CA VAL J 155 58.68 -70.18 -5.32
C VAL J 155 58.70 -68.67 -5.55
N PRO J 156 59.70 -68.13 -6.25
CA PRO J 156 59.64 -66.73 -6.65
C PRO J 156 58.68 -66.54 -7.81
N LEU J 157 57.91 -65.44 -7.75
CA LEU J 157 56.83 -65.23 -8.70
C LEU J 157 57.37 -64.73 -10.03
N ILE J 158 56.45 -64.56 -10.97
CA ILE J 158 56.60 -63.63 -12.08
C ILE J 158 55.65 -62.48 -11.76
N THR J 159 56.19 -61.43 -11.12
CA THR J 159 55.36 -60.33 -10.63
C THR J 159 55.00 -59.37 -11.76
N THR J 160 56.00 -58.70 -12.32
CA THR J 160 55.79 -57.94 -13.55
C THR J 160 55.67 -58.93 -14.70
N CYS J 161 54.96 -58.52 -15.75
CA CYS J 161 54.83 -59.41 -16.89
C CYS J 161 56.14 -59.45 -17.68
N SER J 162 56.30 -60.48 -18.51
CA SER J 162 57.61 -60.79 -19.10
C SER J 162 57.84 -60.12 -20.44
N CYS J 163 57.21 -58.98 -20.70
CA CYS J 163 57.59 -58.14 -21.83
C CYS J 163 57.79 -56.70 -21.40
N GLY J 164 57.05 -56.27 -20.38
CA GLY J 164 57.12 -54.90 -19.93
C GLY J 164 55.79 -54.37 -19.44
N LYS J 165 54.72 -55.10 -19.69
CA LYS J 165 53.41 -54.79 -19.14
C LYS J 165 53.30 -55.40 -17.74
N GLU J 166 52.09 -55.47 -17.19
CA GLU J 166 51.88 -55.99 -15.85
C GLU J 166 50.74 -57.00 -15.86
N PHE J 167 51.04 -58.22 -15.44
CA PHE J 167 50.02 -59.25 -15.28
C PHE J 167 49.19 -59.00 -14.03
N ASP J 168 47.89 -59.25 -14.14
CA ASP J 168 46.96 -59.10 -13.03
C ASP J 168 46.02 -60.30 -13.00
N TYR J 169 45.65 -60.73 -11.79
CA TYR J 169 44.79 -61.89 -11.66
C TYR J 169 43.31 -61.55 -11.81
N ARG J 170 42.95 -60.28 -11.91
CA ARG J 170 41.57 -59.86 -12.06
C ARG J 170 41.28 -59.19 -13.40
N VAL J 171 42.25 -59.12 -14.29
CA VAL J 171 42.05 -58.59 -15.64
C VAL J 171 41.87 -59.71 -16.65
N SER J 172 42.84 -60.63 -16.72
CA SER J 172 42.70 -61.82 -17.55
C SER J 172 41.92 -62.93 -16.86
N GLY J 173 41.65 -62.80 -15.56
CA GLY J 173 41.00 -63.85 -14.81
C GLY J 173 41.99 -64.70 -14.04
N LEU J 174 41.49 -65.80 -13.50
CA LEU J 174 42.29 -66.73 -12.72
C LEU J 174 42.81 -67.89 -13.54
N LYS J 175 42.98 -67.72 -14.85
CA LYS J 175 43.51 -68.77 -15.70
C LYS J 175 45.02 -68.67 -15.91
N GLY J 176 45.66 -67.63 -15.39
CA GLY J 176 47.11 -67.49 -15.39
C GLY J 176 47.78 -67.36 -16.75
N ILE J 177 47.01 -67.14 -17.81
CA ILE J 177 47.53 -67.08 -19.17
C ILE J 177 47.56 -65.63 -19.62
N CYS J 178 48.73 -65.17 -20.07
CA CYS J 178 48.89 -63.82 -20.57
C CYS J 178 48.38 -63.71 -22.01
N CYS J 179 48.50 -62.50 -22.57
CA CYS J 179 48.01 -62.21 -23.91
C CYS J 179 49.15 -61.95 -24.89
N LYS J 180 50.31 -62.56 -24.67
CA LYS J 180 51.42 -62.50 -25.61
C LYS J 180 52.12 -63.82 -25.86
N CYS J 181 52.03 -64.80 -24.95
CA CYS J 181 52.80 -66.03 -25.08
C CYS J 181 51.96 -67.29 -24.92
N LYS J 182 50.71 -67.17 -24.47
CA LYS J 182 49.70 -68.26 -24.31
C LYS J 182 50.22 -69.48 -23.54
N GLU J 183 51.18 -69.29 -22.65
CA GLU J 183 51.45 -70.36 -21.70
C GLU J 183 51.05 -69.93 -20.30
N PRO J 184 50.65 -70.85 -19.44
CA PRO J 184 50.49 -70.52 -18.03
C PRO J 184 51.81 -70.13 -17.38
N ILE J 185 51.72 -69.20 -16.43
CA ILE J 185 52.89 -68.64 -15.77
C ILE J 185 53.59 -69.69 -14.92
N GLU J 195 65.71 -66.59 3.39
CA GLU J 195 64.81 -67.37 4.22
C GLU J 195 63.93 -66.49 5.10
N ALA J 196 64.23 -65.19 5.23
CA ALA J 196 63.31 -64.28 5.87
C ALA J 196 62.08 -64.03 5.02
N ALA J 197 62.17 -64.28 3.71
CA ALA J 197 60.97 -64.31 2.88
C ALA J 197 60.05 -65.45 3.30
N CYS J 198 60.61 -66.65 3.52
CA CYS J 198 59.83 -67.75 4.08
C CYS J 198 59.40 -67.44 5.52
N THR J 199 60.15 -66.61 6.24
CA THR J 199 59.76 -66.23 7.59
C THR J 199 58.54 -65.32 7.58
N VAL J 200 58.45 -64.38 6.62
CA VAL J 200 57.22 -63.58 6.55
C VAL J 200 56.07 -64.42 5.96
N SER J 201 56.36 -65.43 5.14
CA SER J 201 55.30 -66.28 4.64
C SER J 201 54.81 -67.29 5.67
N ASN J 202 55.61 -67.59 6.70
CA ASN J 202 55.24 -68.48 7.79
C ASN J 202 54.60 -67.72 8.96
N TRP J 203 55.14 -66.55 9.27
CA TRP J 203 54.52 -65.40 9.92
C TRP J 203 53.07 -65.21 9.47
N LEU J 204 52.82 -65.26 8.16
CA LEU J 204 51.46 -65.27 7.62
C LEU J 204 50.94 -66.68 7.37
N ALA J 205 51.43 -67.68 8.11
CA ALA J 205 50.89 -69.03 8.02
C ALA J 205 50.61 -69.66 9.38
N GLY J 206 50.92 -68.98 10.48
CA GLY J 206 50.86 -69.60 11.79
C GLY J 206 52.03 -70.51 12.10
N HIS J 207 53.05 -70.56 11.24
CA HIS J 207 54.27 -71.32 11.47
C HIS J 207 55.35 -70.41 12.05
N GLU J 208 55.06 -69.91 13.25
CA GLU J 208 55.81 -68.80 13.84
C GLU J 208 57.19 -69.25 14.32
N SER J 209 58.17 -69.28 13.42
CA SER J 209 59.55 -69.66 13.75
C SER J 209 60.43 -68.43 13.56
N LYS J 210 60.48 -67.60 14.60
CA LYS J 210 61.20 -66.34 14.70
C LYS J 210 61.13 -65.90 16.15
N PRO J 211 62.15 -65.25 16.71
CA PRO J 211 62.05 -64.71 18.08
C PRO J 211 61.10 -63.52 18.23
N LEU J 212 60.36 -63.09 17.20
CA LEU J 212 59.23 -62.21 17.42
C LEU J 212 57.99 -63.07 17.64
N PRO J 213 57.40 -63.06 18.85
CA PRO J 213 56.44 -64.11 19.23
C PRO J 213 55.07 -63.96 18.59
N ASN J 214 54.12 -64.79 19.08
CA ASN J 214 52.74 -64.75 18.61
C ASN J 214 52.10 -63.40 18.88
N LEU J 215 51.15 -63.04 18.03
CA LEU J 215 50.67 -61.67 17.95
C LEU J 215 49.25 -61.64 17.39
N PRO J 216 48.40 -60.71 17.87
CA PRO J 216 47.13 -60.41 17.18
C PRO J 216 47.37 -59.58 15.93
N LYS J 217 46.31 -59.15 15.25
CA LYS J 217 46.45 -58.54 13.94
C LYS J 217 46.58 -57.02 13.96
N SER J 218 45.80 -56.32 14.77
CA SER J 218 45.70 -54.86 14.68
C SER J 218 47.01 -54.18 15.04
N TYR J 219 47.69 -54.71 16.06
CA TYR J 219 48.89 -54.09 16.61
C TYR J 219 50.14 -54.47 15.83
N ARG J 220 50.19 -55.72 15.35
CA ARG J 220 51.00 -56.14 14.22
C ARG J 220 50.99 -55.15 13.06
N TRP J 221 49.80 -54.84 12.52
CA TRP J 221 49.78 -54.00 11.33
C TRP J 221 50.03 -52.54 11.68
N GLY J 222 49.66 -52.13 12.90
CA GLY J 222 50.03 -50.80 13.36
C GLY J 222 51.53 -50.60 13.44
N LEU J 223 52.26 -51.59 13.97
CA LEU J 223 53.70 -51.46 14.10
C LEU J 223 54.40 -51.55 12.75
N VAL J 224 53.96 -52.46 11.88
CA VAL J 224 54.60 -52.60 10.56
C VAL J 224 54.37 -51.34 9.73
N HIS J 225 53.14 -50.84 9.71
CA HIS J 225 52.84 -49.61 8.98
C HIS J 225 53.47 -48.39 9.64
N TRP J 226 53.65 -48.41 10.97
CA TRP J 226 54.29 -47.28 11.65
C TRP J 226 55.77 -47.19 11.29
N TRP J 227 56.45 -48.33 11.24
CA TRP J 227 57.86 -48.33 10.83
C TRP J 227 58.00 -47.93 9.36
N MET J 228 57.16 -48.51 8.49
CA MET J 228 57.25 -48.20 7.07
C MET J 228 56.78 -46.79 6.72
N GLY J 229 56.03 -46.14 7.61
CA GLY J 229 55.60 -44.78 7.36
C GLY J 229 56.49 -43.72 7.98
N ILE J 230 57.11 -44.02 9.12
CA ILE J 230 57.99 -43.04 9.75
C ILE J 230 59.40 -43.11 9.20
N LYS J 231 59.96 -44.32 9.09
CA LYS J 231 61.39 -44.41 8.83
C LYS J 231 61.74 -44.24 7.35
N ASP J 232 60.81 -44.59 6.46
CA ASP J 232 60.92 -44.41 5.00
C ASP J 232 62.16 -45.13 4.44
N SER J 233 62.13 -46.45 4.58
CA SER J 233 63.22 -47.32 4.12
C SER J 233 62.77 -48.10 2.89
N GLU J 234 63.70 -48.87 2.34
CA GLU J 234 63.45 -49.68 1.16
C GLU J 234 62.92 -51.05 1.55
N PHE J 235 62.86 -51.97 0.59
CA PHE J 235 62.20 -53.26 0.76
C PHE J 235 63.25 -54.37 0.77
N ASP J 236 63.33 -55.09 1.89
CA ASP J 236 64.24 -56.22 2.04
C ASP J 236 63.74 -57.08 3.20
N HIS J 237 63.91 -58.40 3.07
CA HIS J 237 63.35 -59.31 4.06
C HIS J 237 64.31 -59.52 5.23
N PHE J 238 65.61 -59.56 4.94
CA PHE J 238 66.61 -59.53 5.99
C PHE J 238 66.58 -58.23 6.78
N SER J 239 66.06 -57.15 6.19
CA SER J 239 65.87 -55.90 6.91
C SER J 239 64.85 -56.05 8.05
N PHE J 240 63.65 -56.58 7.75
CA PHE J 240 62.69 -56.76 8.83
C PHE J 240 62.83 -58.09 9.55
N VAL J 241 63.86 -58.90 9.26
CA VAL J 241 64.27 -59.86 10.29
C VAL J 241 65.33 -59.22 11.17
N GLN J 242 66.02 -58.19 10.68
CA GLN J 242 66.99 -57.47 11.51
C GLN J 242 66.29 -56.58 12.53
N PHE J 243 65.15 -55.98 12.17
CA PHE J 243 64.48 -55.09 13.12
C PHE J 243 63.82 -55.83 14.28
N PHE J 244 63.47 -57.10 14.10
CA PHE J 244 62.61 -57.79 15.07
C PHE J 244 63.16 -59.13 15.55
N SER J 245 64.46 -59.37 15.46
CA SER J 245 65.09 -60.56 16.04
C SER J 245 66.23 -60.20 16.99
N ASN J 246 66.33 -58.95 17.39
CA ASN J 246 67.36 -58.48 18.32
C ASN J 246 66.73 -57.62 19.41
N TRP J 247 65.64 -58.11 19.96
CA TRP J 247 64.94 -57.45 21.06
C TRP J 247 65.61 -57.78 22.39
N PRO J 248 65.77 -56.81 23.29
CA PRO J 248 65.50 -55.37 23.12
C PRO J 248 66.75 -54.54 22.85
N ARG J 249 67.60 -54.97 21.92
CA ARG J 249 68.87 -54.28 21.71
C ARG J 249 68.75 -53.14 20.72
N SER J 250 68.11 -53.39 19.57
CA SER J 250 68.16 -52.44 18.45
C SER J 250 67.32 -51.20 18.73
N PHE J 251 66.10 -51.38 19.24
CA PHE J 251 65.24 -50.22 19.46
C PHE J 251 65.72 -49.40 20.65
N HIS J 252 66.26 -50.06 21.68
CA HIS J 252 66.88 -49.32 22.79
C HIS J 252 68.10 -48.55 22.33
N SER J 253 68.90 -49.15 21.44
CA SER J 253 70.08 -48.46 20.92
C SER J 253 69.69 -47.25 20.08
N ILE J 254 68.65 -47.37 19.25
CA ILE J 254 68.30 -46.22 18.42
C ILE J 254 67.56 -45.15 19.22
N ILE J 255 66.84 -45.50 20.29
CA ILE J 255 66.24 -44.42 21.08
C ILE J 255 67.29 -43.75 21.97
N GLU J 256 68.35 -44.48 22.37
CA GLU J 256 69.45 -43.81 23.05
C GLU J 256 70.20 -42.88 22.11
N ASP J 257 70.37 -43.30 20.84
CA ASP J 257 70.99 -42.43 19.85
C ASP J 257 70.14 -41.19 19.57
N GLU J 258 68.81 -41.36 19.52
CA GLU J 258 67.94 -40.21 19.28
C GLU J 258 67.88 -39.28 20.49
N VAL J 259 67.92 -39.83 21.71
CA VAL J 259 67.88 -38.93 22.87
C VAL J 259 69.23 -38.22 23.06
N GLU J 260 70.33 -38.84 22.64
CA GLU J 260 71.61 -38.12 22.63
C GLU J 260 71.63 -37.05 21.55
N PHE J 261 71.01 -37.33 20.40
CA PHE J 261 70.95 -36.34 19.32
C PHE J 261 70.05 -35.16 19.68
N ASN J 262 68.99 -35.40 20.44
CA ASN J 262 68.08 -34.32 20.83
C ASN J 262 68.47 -33.65 22.14
N LEU J 263 69.39 -34.22 22.92
CA LEU J 263 69.95 -33.53 24.07
C LEU J 263 71.28 -32.86 23.76
N GLU J 264 71.93 -33.20 22.65
CA GLU J 264 73.10 -32.46 22.19
C GLU J 264 72.71 -31.23 21.39
N HIS J 265 71.81 -31.40 20.42
CA HIS J 265 71.27 -30.28 19.67
C HIS J 265 70.04 -29.74 20.40
N ALA J 266 70.15 -28.51 20.90
CA ALA J 266 69.08 -27.89 21.69
C ALA J 266 68.88 -26.47 21.20
N VAL J 267 67.75 -26.22 20.54
CA VAL J 267 67.40 -24.87 20.11
C VAL J 267 66.67 -24.11 21.20
N VAL J 268 65.68 -24.75 21.83
CA VAL J 268 64.92 -24.14 22.91
C VAL J 268 65.74 -24.14 24.19
N SER J 269 65.29 -23.39 25.19
CA SER J 269 66.00 -23.28 26.45
C SER J 269 65.73 -24.49 27.34
N THR J 270 66.35 -24.49 28.51
CA THR J 270 66.20 -25.61 29.45
C THR J 270 64.82 -25.58 30.10
N SER J 271 64.33 -24.39 30.46
CA SER J 271 63.01 -24.29 31.08
C SER J 271 61.88 -24.43 30.06
N GLU J 272 62.18 -24.35 28.78
CA GLU J 272 61.18 -24.46 27.71
C GLU J 272 61.45 -25.62 26.78
N LEU J 273 61.83 -26.78 27.33
CA LEU J 273 62.07 -27.98 26.54
C LEU J 273 60.76 -28.55 26.03
N ARG J 274 60.59 -28.53 24.71
CA ARG J 274 59.37 -29.04 24.09
C ARG J 274 59.48 -30.55 23.86
N LEU J 275 58.37 -31.25 24.10
CA LEU J 275 58.37 -32.71 24.00
C LEU J 275 58.48 -33.20 22.56
N LYS J 276 57.86 -32.49 21.61
CA LYS J 276 57.88 -32.97 20.23
C LYS J 276 59.26 -32.79 19.59
N ASP J 277 59.99 -31.73 19.95
CA ASP J 277 61.35 -31.54 19.43
C ASP J 277 62.33 -32.55 19.99
N LEU J 278 61.97 -33.25 21.07
CA LEU J 278 62.78 -34.32 21.64
C LEU J 278 62.39 -35.69 21.09
N LEU J 279 61.10 -36.01 21.05
CA LEU J 279 60.66 -37.37 20.69
C LEU J 279 59.50 -37.33 19.68
N GLY J 280 59.64 -36.55 18.61
CA GLY J 280 58.61 -36.53 17.59
C GLY J 280 58.53 -37.81 16.77
N ARG J 281 59.68 -38.43 16.52
CA ARG J 281 59.73 -39.66 15.74
C ARG J 281 59.61 -40.91 16.61
N LEU J 282 59.39 -40.75 17.91
CA LEU J 282 59.36 -41.88 18.83
C LEU J 282 58.13 -41.93 19.71
N PHE J 283 57.59 -40.78 20.11
CA PHE J 283 56.56 -40.73 21.15
C PHE J 283 55.14 -40.69 20.59
N PHE J 284 54.97 -40.22 19.35
CA PHE J 284 53.63 -40.02 18.81
C PHE J 284 52.96 -41.34 18.45
N GLY J 285 53.57 -42.10 17.54
CA GLY J 285 52.90 -43.25 16.97
C GLY J 285 53.00 -44.53 17.78
N SER J 286 52.45 -44.52 18.99
CA SER J 286 52.32 -45.75 19.76
C SER J 286 50.97 -45.94 20.43
N ILE J 287 50.22 -44.88 20.76
CA ILE J 287 49.13 -45.03 21.71
C ILE J 287 47.83 -45.47 21.01
N ARG J 288 47.40 -44.77 19.97
CA ARG J 288 46.17 -45.13 19.26
C ARG J 288 46.58 -45.93 18.03
N LEU J 289 46.99 -47.18 18.24
CA LEU J 289 47.33 -48.07 17.14
C LEU J 289 46.61 -49.42 17.21
N PRO J 290 45.26 -49.45 17.21
CA PRO J 290 44.18 -48.44 17.21
C PRO J 290 43.56 -48.19 18.58
N GLU J 291 43.78 -49.11 19.51
CA GLU J 291 42.84 -49.33 20.60
C GLU J 291 43.68 -49.52 21.87
N ARG J 292 43.04 -50.00 22.93
CA ARG J 292 43.56 -49.94 24.28
C ARG J 292 44.04 -51.28 24.80
N ASN J 293 44.69 -52.06 23.94
CA ASN J 293 45.24 -53.36 24.34
C ASN J 293 46.74 -53.22 24.61
N LEU J 294 47.21 -53.95 25.63
CA LEU J 294 48.61 -53.91 26.03
C LEU J 294 49.22 -55.29 26.17
N GLN J 295 48.60 -56.34 25.62
CA GLN J 295 49.14 -57.68 25.74
C GLN J 295 50.36 -57.86 24.84
N HIS J 296 50.17 -57.71 23.53
CA HIS J 296 51.27 -57.79 22.57
C HIS J 296 51.55 -56.46 21.89
N ASN J 297 50.97 -55.36 22.39
CA ASN J 297 51.33 -54.02 21.93
C ASN J 297 52.55 -53.56 22.73
N ILE J 298 53.70 -54.13 22.35
CA ILE J 298 54.91 -54.01 23.15
C ILE J 298 55.56 -52.64 23.07
N ILE J 299 55.19 -51.81 22.10
CA ILE J 299 55.81 -50.51 21.97
C ILE J 299 55.34 -49.58 23.10
N LEU J 300 54.08 -49.71 23.52
CA LEU J 300 53.59 -48.93 24.65
C LEU J 300 54.18 -49.44 25.95
N GLY J 301 54.38 -50.75 26.07
CA GLY J 301 55.03 -51.30 27.26
C GLY J 301 56.46 -50.82 27.41
N GLU J 302 57.22 -50.84 26.30
CA GLU J 302 58.62 -50.41 26.35
C GLU J 302 58.72 -48.90 26.58
N LEU J 303 57.87 -48.11 25.90
CA LEU J 303 57.94 -46.65 26.04
C LEU J 303 57.46 -46.20 27.43
N LEU J 304 56.38 -46.81 27.94
CA LEU J 304 55.90 -46.45 29.26
C LEU J 304 56.83 -46.95 30.36
N CYS J 305 57.55 -48.06 30.14
CA CYS J 305 58.54 -48.48 31.13
C CYS J 305 59.76 -47.56 31.11
N TYR J 306 60.20 -47.13 29.91
CA TYR J 306 61.32 -46.22 29.80
C TYR J 306 60.98 -44.83 30.34
N LEU J 307 59.69 -44.45 30.31
CA LEU J 307 59.28 -43.23 30.98
C LEU J 307 59.07 -43.43 32.48
N GLU J 308 58.69 -44.65 32.89
CA GLU J 308 58.34 -44.90 34.29
C GLU J 308 59.58 -45.03 35.17
N ASN J 309 60.63 -45.67 34.68
CA ASN J 309 61.82 -45.81 35.51
C ASN J 309 62.65 -44.54 35.62
N ARG J 310 62.34 -43.50 34.84
CA ARG J 310 63.15 -42.29 34.76
C ARG J 310 62.27 -41.04 34.80
N LEU J 311 61.36 -40.96 35.78
CA LEU J 311 60.59 -39.73 35.97
C LEU J 311 61.48 -38.57 36.41
N TRP J 312 62.08 -38.68 37.60
CA TRP J 312 62.86 -37.60 38.18
C TRP J 312 64.36 -37.86 38.12
N GLN J 313 64.81 -38.72 37.20
CA GLN J 313 66.24 -38.89 37.00
C GLN J 313 66.82 -37.67 36.30
N ASP J 314 68.10 -37.40 36.58
CA ASP J 314 68.84 -36.22 36.13
C ASP J 314 68.12 -34.93 36.54
N LYS J 315 68.06 -34.73 37.87
CA LYS J 315 67.40 -33.65 38.61
C LYS J 315 66.02 -33.27 38.08
N GLY J 316 65.23 -34.27 37.71
CA GLY J 316 63.88 -34.03 37.22
C GLY J 316 63.82 -33.41 35.85
N LEU J 317 64.25 -34.16 34.83
CA LEU J 317 64.27 -33.69 33.46
C LEU J 317 63.08 -34.17 32.64
N ILE J 318 62.68 -35.43 32.80
CA ILE J 318 61.58 -35.97 32.02
C ILE J 318 60.23 -35.53 32.58
N ALA J 319 60.12 -35.45 33.91
CA ALA J 319 58.84 -35.09 34.53
C ALA J 319 58.51 -33.62 34.36
N ASN J 320 59.51 -32.77 34.15
CA ASN J 320 59.31 -31.33 33.99
C ASN J 320 59.64 -30.97 32.54
N LEU J 321 58.61 -30.97 31.69
CA LEU J 321 58.75 -30.61 30.29
C LEU J 321 57.68 -29.59 29.91
N LYS J 322 58.06 -28.64 29.07
CA LYS J 322 57.17 -27.56 28.65
C LYS J 322 56.21 -28.08 27.57
N MET J 323 54.91 -27.96 27.84
CA MET J 323 53.87 -28.47 26.95
C MET J 323 52.92 -27.34 26.56
N ASN J 324 52.53 -27.30 25.29
CA ASN J 324 51.58 -26.33 24.79
C ASN J 324 50.13 -26.79 24.88
N ALA J 325 49.87 -27.86 25.66
CA ALA J 325 48.55 -28.44 25.90
C ALA J 325 47.86 -28.88 24.60
N LEU J 326 48.64 -29.34 23.62
CA LEU J 326 48.12 -29.81 22.34
C LEU J 326 48.03 -31.33 22.30
N GLU J 327 49.17 -32.01 22.48
CA GLU J 327 49.24 -33.47 22.31
C GLU J 327 48.42 -34.23 23.35
N ALA J 328 48.03 -33.56 24.44
CA ALA J 328 47.09 -34.13 25.40
C ALA J 328 45.79 -34.54 24.73
N THR J 329 45.24 -33.68 23.87
CA THR J 329 44.00 -34.08 23.20
C THR J 329 44.25 -35.09 22.08
N VAL J 330 45.52 -35.35 21.76
CA VAL J 330 45.84 -36.48 20.89
C VAL J 330 45.85 -37.78 21.69
N MET J 331 46.16 -37.73 22.98
CA MET J 331 46.47 -38.94 23.73
C MET J 331 45.60 -39.19 24.96
N LEU J 332 44.69 -38.28 25.32
CA LEU J 332 43.86 -38.51 26.50
C LEU J 332 42.51 -39.12 26.13
N ASN J 333 42.25 -39.34 24.83
CA ASN J 333 41.00 -39.87 24.28
C ASN J 333 39.80 -39.00 24.68
N CYS J 334 39.83 -37.76 24.23
CA CYS J 334 38.83 -36.76 24.60
C CYS J 334 38.82 -35.68 23.53
N SER J 335 38.05 -34.62 23.78
CA SER J 335 37.95 -33.46 22.89
C SER J 335 38.37 -32.20 23.67
N LEU J 336 38.44 -31.08 22.93
CA LEU J 336 38.90 -29.83 23.54
C LEU J 336 37.86 -29.24 24.48
N ASP J 337 36.57 -29.42 24.19
CA ASP J 337 35.52 -28.98 25.10
C ASP J 337 35.53 -29.79 26.40
N GLN J 338 35.86 -31.07 26.31
CA GLN J 338 36.01 -31.87 27.52
C GLN J 338 37.24 -31.44 28.32
N ILE J 339 38.30 -31.01 27.62
CA ILE J 339 39.48 -30.43 28.29
C ILE J 339 39.09 -29.15 29.02
N ALA J 340 38.27 -28.30 28.40
CA ALA J 340 37.83 -27.07 29.06
C ALA J 340 36.93 -27.35 30.25
N SER J 341 36.05 -28.36 30.12
CA SER J 341 35.15 -28.71 31.22
C SER J 341 35.90 -29.38 32.38
N MET J 342 37.02 -30.04 32.10
CA MET J 342 37.83 -30.62 33.17
C MET J 342 38.78 -29.60 33.79
N VAL J 343 39.20 -28.59 33.04
CA VAL J 343 40.04 -27.55 33.64
C VAL J 343 39.20 -26.60 34.50
N GLU J 344 37.97 -26.28 34.08
CA GLU J 344 37.13 -25.36 34.84
C GLU J 344 36.63 -25.95 36.16
N GLN J 345 36.76 -27.25 36.38
CA GLN J 345 36.49 -27.87 37.67
C GLN J 345 37.77 -28.24 38.41
N ARG J 346 38.93 -27.81 37.89
CA ARG J 346 40.29 -27.93 38.45
C ARG J 346 40.62 -29.32 38.98
N ILE J 347 40.54 -30.32 38.08
CA ILE J 347 41.02 -31.64 38.44
C ILE J 347 42.54 -31.73 38.33
N LEU J 348 43.18 -30.80 37.61
CA LEU J 348 44.63 -30.71 37.55
C LEU J 348 45.00 -29.25 37.39
N LYS J 349 46.21 -28.91 37.84
CA LYS J 349 46.61 -27.50 38.00
C LYS J 349 47.07 -26.92 36.67
N PRO J 350 46.47 -25.80 36.22
CA PRO J 350 46.94 -25.12 34.99
C PRO J 350 48.07 -24.14 35.23
N ASN J 351 49.27 -24.68 35.42
CA ASN J 351 50.46 -23.84 35.62
C ASN J 351 51.24 -23.66 34.32
N ASP J 361 42.91 -21.67 26.62
CA ASP J 361 43.35 -21.63 25.23
C ASP J 361 43.93 -22.99 24.85
N VAL J 362 43.89 -23.29 23.55
CA VAL J 362 44.33 -24.59 23.03
C VAL J 362 45.82 -24.59 22.75
N THR J 363 46.30 -23.61 21.99
CA THR J 363 47.70 -23.57 21.55
C THR J 363 48.61 -22.87 22.54
N ASP J 364 48.09 -22.39 23.66
CA ASP J 364 48.90 -21.73 24.68
C ASP J 364 49.42 -22.77 25.66
N TYR J 365 50.60 -22.49 26.24
CA TYR J 365 51.21 -23.41 27.19
C TYR J 365 50.50 -23.28 28.54
N LEU J 366 49.98 -24.42 29.03
CA LEU J 366 49.26 -24.44 30.29
C LEU J 366 49.67 -25.56 31.24
N PHE J 367 50.29 -26.64 30.76
CA PHE J 367 50.53 -27.81 31.58
C PHE J 367 51.95 -28.30 31.36
N HIS J 368 52.25 -29.44 31.97
CA HIS J 368 53.52 -30.15 31.80
C HIS J 368 53.22 -31.61 31.48
N PHE J 369 54.29 -32.38 31.28
CA PHE J 369 54.12 -33.79 30.95
C PHE J 369 53.77 -34.63 32.17
N GLY J 370 54.29 -34.26 33.35
CA GLY J 370 54.04 -35.04 34.54
C GLY J 370 52.60 -34.97 35.03
N ASP J 371 51.95 -33.81 34.86
CA ASP J 371 50.56 -33.67 35.28
C ASP J 371 49.63 -34.49 34.38
N ILE J 372 49.87 -34.48 33.07
CA ILE J 372 49.09 -35.29 32.15
C ILE J 372 49.35 -36.78 32.37
N PHE J 373 50.60 -37.12 32.71
CA PHE J 373 50.96 -38.50 33.00
C PHE J 373 50.26 -39.02 34.26
N CYS J 374 50.26 -38.21 35.33
CA CYS J 374 49.55 -38.60 36.55
C CYS J 374 48.04 -38.60 36.36
N LEU J 375 47.52 -37.72 35.51
CA LEU J 375 46.07 -37.71 35.24
C LEU J 375 45.66 -38.95 34.46
N TRP J 376 46.52 -39.41 33.53
CA TRP J 376 46.27 -40.68 32.85
C TRP J 376 46.37 -41.87 33.82
N LEU J 377 47.34 -41.83 34.73
CA LEU J 377 47.46 -42.91 35.71
C LEU J 377 46.30 -42.93 36.70
N ALA J 378 45.66 -41.77 36.91
CA ALA J 378 44.61 -41.67 37.91
C ALA J 378 43.21 -41.90 37.34
N GLU J 379 42.80 -41.10 36.38
CA GLU J 379 41.38 -41.02 36.03
C GLU J 379 41.02 -41.66 34.70
N PHE J 380 41.83 -41.48 33.66
CA PHE J 380 41.44 -41.81 32.29
C PHE J 380 41.94 -43.18 31.86
N GLN J 381 41.98 -44.15 32.78
CA GLN J 381 42.30 -45.52 32.44
C GLN J 381 41.07 -46.24 31.91
N SER J 382 41.25 -46.98 30.83
CA SER J 382 40.18 -47.77 30.23
C SER J 382 40.20 -49.18 30.84
N ASP J 383 39.52 -50.13 30.18
CA ASP J 383 39.36 -51.48 30.73
C ASP J 383 40.69 -52.24 30.79
N GLU J 384 41.63 -51.95 29.88
CA GLU J 384 42.87 -52.71 29.84
C GLU J 384 44.08 -51.78 29.85
N PHE J 385 43.93 -50.59 29.29
CA PHE J 385 45.04 -49.65 29.12
C PHE J 385 45.28 -48.94 30.44
N ASN J 386 46.21 -49.49 31.23
CA ASN J 386 46.46 -48.99 32.58
C ASN J 386 47.94 -49.17 32.90
N ARG J 387 48.27 -49.13 34.18
CA ARG J 387 49.65 -49.09 34.64
C ARG J 387 50.20 -50.44 35.11
N SER J 388 49.35 -51.44 35.34
CA SER J 388 49.74 -52.66 36.03
C SER J 388 49.79 -53.87 35.12
N PHE J 389 49.85 -53.67 33.80
CA PHE J 389 49.93 -54.78 32.85
C PHE J 389 51.27 -54.82 32.11
N TYR J 390 52.24 -54.00 32.51
CA TYR J 390 53.55 -54.03 31.89
C TYR J 390 54.68 -53.90 32.92
N VAL J 391 54.39 -54.17 34.19
CA VAL J 391 55.38 -53.95 35.25
C VAL J 391 56.46 -55.03 35.21
N SER J 392 56.06 -56.28 35.00
CA SER J 392 56.98 -57.42 35.01
C SER J 392 57.56 -57.71 33.63
N ARG J 393 57.65 -56.71 32.76
CA ARG J 393 58.20 -56.86 31.42
C ARG J 393 59.51 -56.11 31.26
N TRP J 394 60.32 -56.09 32.33
CA TRP J 394 61.58 -55.38 32.31
C TRP J 394 62.67 -56.16 33.05
N MET K 1 60.17 -44.23 57.30
CA MET K 1 59.35 -45.35 57.76
C MET K 1 59.68 -46.62 56.98
N PHE K 2 60.09 -47.66 57.71
CA PHE K 2 60.43 -48.95 57.12
C PHE K 2 59.39 -49.97 57.58
N LEU K 3 58.75 -50.63 56.62
CA LEU K 3 57.71 -51.61 56.90
C LEU K 3 58.05 -52.95 56.26
N GLN K 4 57.61 -54.03 56.90
CA GLN K 4 57.80 -55.38 56.40
C GLN K 4 56.53 -55.82 55.69
N ARG K 5 56.67 -56.36 54.47
CA ARG K 5 55.47 -56.72 53.75
C ARG K 5 55.00 -58.12 54.14
N PRO K 6 53.68 -58.36 54.13
CA PRO K 6 53.18 -59.70 54.44
C PRO K 6 53.23 -60.62 53.23
N LYS K 7 52.68 -61.83 53.37
CA LYS K 7 52.61 -62.76 52.25
C LYS K 7 51.56 -62.28 51.26
N PRO K 8 51.89 -62.19 49.97
CA PRO K 8 50.90 -61.70 48.99
C PRO K 8 49.85 -62.75 48.65
N TYR K 9 48.67 -62.26 48.31
CA TYR K 9 47.55 -63.10 47.91
C TYR K 9 46.80 -62.44 46.77
N SER K 10 46.51 -63.21 45.72
CA SER K 10 45.74 -62.69 44.59
C SER K 10 44.26 -62.59 44.89
N ASP K 11 43.78 -63.26 45.94
CA ASP K 11 42.38 -63.24 46.35
C ASP K 11 42.17 -62.44 47.62
N GLU K 12 42.95 -61.38 47.82
CA GLU K 12 42.86 -60.53 49.00
C GLU K 12 42.27 -59.18 48.62
N SER K 13 41.41 -58.64 49.49
CA SER K 13 40.80 -57.34 49.26
C SER K 13 41.80 -56.22 49.58
N LEU K 14 41.35 -54.98 49.39
CA LEU K 14 42.24 -53.83 49.57
C LEU K 14 42.40 -53.47 51.05
N GLU K 15 41.30 -53.45 51.81
CA GLU K 15 41.37 -53.07 53.22
C GLU K 15 42.04 -54.16 54.06
N SER K 16 41.94 -55.42 53.63
CA SER K 16 42.57 -56.51 54.36
C SER K 16 44.09 -56.42 54.31
N PHE K 17 44.64 -55.85 53.23
CA PHE K 17 46.08 -55.63 53.17
C PHE K 17 46.53 -54.60 54.20
N PHE K 18 45.78 -53.51 54.37
CA PHE K 18 46.10 -52.51 55.38
C PHE K 18 45.93 -53.07 56.79
N ILE K 19 44.91 -53.89 57.00
CA ILE K 19 44.70 -54.50 58.32
C ILE K 19 45.82 -55.48 58.65
N ARG K 20 46.24 -56.31 57.68
CA ARG K 20 47.29 -57.29 57.93
C ARG K 20 48.68 -56.67 57.95
N VAL K 21 48.87 -55.46 57.39
CA VAL K 21 50.16 -54.80 57.53
C VAL K 21 50.19 -53.94 58.80
N ALA K 22 49.03 -53.55 59.34
CA ALA K 22 49.00 -52.89 60.64
C ALA K 22 49.05 -53.87 61.79
N ASN K 23 48.60 -55.11 61.59
CA ASN K 23 48.64 -56.11 62.65
C ASN K 23 50.06 -56.64 62.84
N LYS K 24 50.83 -56.74 61.75
CA LYS K 24 52.18 -57.29 61.79
C LYS K 24 53.23 -56.23 62.08
N ASN K 25 52.83 -55.02 62.48
CA ASN K 25 53.78 -53.95 62.78
C ASN K 25 53.53 -53.31 64.14
N GLY K 26 52.74 -53.93 65.00
CA GLY K 26 52.52 -53.41 66.34
C GLY K 26 51.62 -52.20 66.41
N TYR K 27 50.35 -52.36 66.04
CA TYR K 27 49.36 -51.29 66.12
C TYR K 27 48.10 -51.81 66.77
N GLY K 28 47.45 -50.96 67.56
CA GLY K 28 46.19 -51.35 68.20
C GLY K 28 45.05 -51.41 67.20
N ASP K 29 44.96 -50.40 66.33
CA ASP K 29 43.95 -50.35 65.28
C ASP K 29 44.59 -49.85 63.99
N VAL K 30 43.75 -49.71 62.95
CA VAL K 30 44.25 -49.29 61.65
C VAL K 30 44.36 -47.77 61.57
N HIS K 31 43.61 -47.03 62.40
CA HIS K 31 43.55 -45.57 62.32
C HIS K 31 44.87 -44.92 62.76
N ARG K 32 45.58 -45.54 63.70
CA ARG K 32 46.89 -45.03 64.08
C ARG K 32 47.91 -45.23 62.96
N PHE K 33 47.80 -46.35 62.24
CA PHE K 33 48.63 -46.58 61.07
C PHE K 33 48.30 -45.60 59.94
N LEU K 34 47.01 -45.23 59.81
CA LEU K 34 46.64 -44.23 58.81
C LEU K 34 47.15 -42.85 59.19
N GLU K 35 47.15 -42.52 60.49
CA GLU K 35 47.71 -41.25 60.95
C GLU K 35 49.22 -41.20 60.75
N ALA K 36 49.91 -42.32 61.00
CA ALA K 36 51.35 -42.39 60.74
C ALA K 36 51.65 -42.32 59.25
N THR K 37 50.79 -42.89 58.41
CA THR K 37 50.96 -42.79 56.97
C THR K 37 50.73 -41.37 56.48
N LYS K 38 49.77 -40.67 57.08
CA LYS K 38 49.53 -39.26 56.75
C LYS K 38 50.72 -38.40 57.17
N ARG K 39 51.32 -38.70 58.33
CA ARG K 39 52.50 -37.97 58.77
C ARG K 39 53.70 -38.26 57.87
N PHE K 40 53.83 -39.51 57.39
CA PHE K 40 54.93 -39.86 56.50
C PHE K 40 54.76 -39.22 55.13
N LEU K 41 53.51 -39.09 54.65
CA LEU K 41 53.28 -38.38 53.39
C LEU K 41 53.46 -36.89 53.56
N GLN K 42 53.22 -36.36 54.77
CA GLN K 42 53.51 -34.96 55.03
C GLN K 42 55.02 -34.70 55.09
N ASP K 43 55.79 -35.68 55.57
CA ASP K 43 57.23 -35.47 55.71
C ASP K 43 57.94 -35.54 54.36
N ILE K 44 57.50 -36.42 53.46
CA ILE K 44 58.16 -36.58 52.17
C ILE K 44 57.71 -35.54 51.15
N ASP K 45 56.74 -34.69 51.50
CA ASP K 45 56.25 -33.57 50.67
C ASP K 45 55.67 -34.02 49.33
N HIS K 46 55.16 -35.25 49.28
CA HIS K 46 54.42 -35.69 48.11
C HIS K 46 52.97 -35.21 48.21
N ASN K 47 52.34 -35.00 47.05
CA ASN K 47 51.10 -34.23 46.88
C ASN K 47 49.92 -34.77 47.69
N GLY K 48 49.96 -36.02 48.15
CA GLY K 48 48.84 -36.55 48.91
C GLY K 48 48.92 -36.31 50.41
N TYR K 49 49.18 -35.08 50.83
CA TYR K 49 49.19 -34.77 52.26
C TYR K 49 48.07 -33.82 52.68
N GLN K 50 47.23 -33.37 51.75
CA GLN K 50 46.07 -32.57 52.13
C GLN K 50 44.84 -33.44 52.38
N THR K 51 44.55 -34.38 51.47
CA THR K 51 43.29 -35.11 51.46
C THR K 51 43.46 -36.59 51.74
N PHE K 52 44.47 -36.96 52.51
CA PHE K 52 44.63 -38.37 52.89
C PHE K 52 43.67 -38.69 54.02
N PRO K 53 42.81 -39.70 53.87
CA PRO K 53 41.82 -39.99 54.91
C PRO K 53 42.42 -40.72 56.09
N THR K 54 41.90 -40.43 57.28
CA THR K 54 42.29 -41.09 58.51
C THR K 54 41.25 -42.11 58.97
N ASP K 55 40.37 -42.54 58.07
CA ASP K 55 39.31 -43.49 58.39
C ASP K 55 39.40 -44.67 57.43
N ILE K 56 38.88 -45.82 57.86
CA ILE K 56 39.07 -47.06 57.12
C ILE K 56 38.16 -47.17 55.89
N THR K 57 36.95 -46.61 55.93
CA THR K 57 36.02 -46.79 54.83
C THR K 57 36.27 -45.84 53.67
N ARG K 58 37.20 -44.88 53.82
CA ARG K 58 37.51 -43.92 52.77
C ARG K 58 38.88 -44.18 52.13
N ILE K 59 39.47 -45.35 52.39
CA ILE K 59 40.76 -45.69 51.80
C ILE K 59 40.62 -46.10 50.34
N ASN K 60 39.41 -46.40 49.88
CA ASN K 60 39.18 -46.72 48.48
C ASN K 60 39.29 -45.46 47.61
N PRO K 61 39.73 -45.61 46.37
CA PRO K 61 39.85 -44.43 45.49
C PRO K 61 38.52 -43.84 45.06
N TYR K 62 37.44 -44.62 45.03
CA TYR K 62 36.15 -44.08 44.64
C TYR K 62 35.44 -43.35 45.76
N SER K 63 35.96 -43.42 47.00
CA SER K 63 35.34 -42.69 48.10
C SER K 63 35.63 -41.19 48.03
N ALA K 64 36.76 -40.81 47.44
CA ALA K 64 37.11 -39.41 47.30
C ALA K 64 36.30 -38.79 46.16
N LYS K 65 35.69 -37.64 46.42
CA LYS K 65 34.84 -37.00 45.42
C LYS K 65 35.65 -36.20 44.41
N ASN K 66 36.81 -35.68 44.79
CA ASN K 66 37.63 -34.88 43.89
C ASN K 66 39.12 -35.11 44.02
N SER K 67 39.57 -36.05 44.85
CA SER K 67 40.99 -36.24 45.14
C SER K 67 41.40 -37.69 44.93
N SER K 68 40.96 -38.27 43.81
CA SER K 68 41.41 -39.61 43.46
C SER K 68 42.81 -39.59 42.87
N SER K 69 43.24 -38.46 42.32
CA SER K 69 44.57 -38.36 41.71
C SER K 69 45.66 -38.42 42.77
N ALA K 70 45.49 -37.67 43.87
CA ALA K 70 46.43 -37.74 44.98
C ALA K 70 46.37 -39.10 45.67
N ARG K 71 45.22 -39.76 45.64
CA ARG K 71 45.09 -41.10 46.22
C ARG K 71 45.91 -42.11 45.42
N THR K 72 45.77 -42.11 44.09
CA THR K 72 46.55 -43.02 43.26
C THR K 72 48.04 -42.67 43.26
N ALA K 73 48.38 -41.38 43.37
CA ALA K 73 49.79 -40.99 43.45
C ALA K 73 50.41 -41.42 44.77
N SER K 74 49.66 -41.31 45.87
CA SER K 74 50.14 -41.81 47.15
C SER K 74 50.25 -43.33 47.16
N PHE K 75 49.37 -44.02 46.44
CA PHE K 75 49.51 -45.46 46.28
C PHE K 75 50.77 -45.82 45.50
N LEU K 76 51.07 -45.06 44.44
CA LEU K 76 52.29 -45.27 43.67
C LEU K 76 53.54 -45.01 44.49
N LYS K 77 53.50 -44.01 45.37
CA LYS K 77 54.68 -43.74 46.20
C LYS K 77 54.83 -44.76 47.34
N LEU K 78 53.72 -45.19 47.94
CA LEU K 78 53.80 -46.19 49.00
C LEU K 78 54.10 -47.59 48.46
N ALA K 79 53.87 -47.83 47.16
CA ALA K 79 54.25 -49.10 46.57
C ALA K 79 55.74 -49.20 46.27
N GLN K 80 56.51 -48.11 46.43
CA GLN K 80 57.92 -48.12 46.09
C GLN K 80 58.83 -47.54 47.16
N LEU K 81 58.32 -46.79 48.14
CA LEU K 81 59.17 -46.17 49.16
C LEU K 81 59.27 -46.99 50.43
N THR K 82 58.13 -47.28 51.06
CA THR K 82 58.12 -47.90 52.38
C THR K 82 58.30 -49.41 52.36
N PHE K 83 58.52 -50.02 51.20
CA PHE K 83 58.78 -51.44 51.10
C PHE K 83 60.14 -51.68 50.43
N ASN K 84 60.80 -52.74 50.86
CA ASN K 84 62.07 -53.12 50.24
C ASN K 84 61.84 -53.73 48.86
N GLU K 85 60.79 -54.52 48.70
CA GLU K 85 60.38 -55.06 47.42
C GLU K 85 58.97 -54.57 47.11
N PRO K 86 58.72 -54.06 45.90
CA PRO K 86 57.39 -53.53 45.57
C PRO K 86 56.36 -54.64 45.44
N PRO K 87 55.28 -54.60 46.23
CA PRO K 87 54.25 -55.62 46.13
C PRO K 87 53.27 -55.30 44.99
N GLU K 88 52.22 -56.11 44.89
CA GLU K 88 51.15 -55.89 43.93
C GLU K 88 50.02 -55.18 44.67
N LEU K 89 50.11 -53.85 44.73
CA LEU K 89 49.10 -53.02 45.36
C LEU K 89 48.25 -52.26 44.35
N LEU K 90 48.76 -52.06 43.13
CA LEU K 90 48.04 -51.27 42.14
C LEU K 90 46.85 -52.04 41.58
N GLY K 91 46.95 -53.36 41.48
CA GLY K 91 45.82 -54.18 41.07
C GLY K 91 44.76 -54.36 42.14
N LEU K 92 45.08 -54.04 43.40
CA LEU K 92 44.13 -54.15 44.48
C LEU K 92 43.27 -52.90 44.64
N ALA K 93 43.67 -51.78 44.04
CA ALA K 93 42.90 -50.55 44.14
C ALA K 93 41.67 -50.62 43.26
N ILE K 94 40.70 -49.77 43.58
CA ILE K 94 39.41 -49.74 42.88
C ILE K 94 39.28 -48.36 42.26
N ASN K 95 39.67 -48.23 41.00
CA ASN K 95 39.70 -46.96 40.31
C ASN K 95 38.48 -46.79 39.41
N ARG K 96 37.99 -45.57 39.34
CA ARG K 96 36.77 -45.26 38.60
C ARG K 96 37.02 -45.27 37.10
N THR K 97 35.93 -45.17 36.34
CA THR K 97 35.99 -45.12 34.88
C THR K 97 34.76 -44.39 34.36
N ASN K 98 34.80 -44.06 33.07
CA ASN K 98 33.68 -43.41 32.40
C ASN K 98 32.72 -44.40 31.75
N MET K 99 32.86 -45.70 32.03
CA MET K 99 32.04 -46.72 31.41
C MET K 99 30.69 -46.82 32.11
N LYS K 100 29.62 -46.83 31.33
CA LYS K 100 28.26 -46.80 31.86
C LYS K 100 27.52 -48.09 31.54
N TYR K 101 26.46 -48.34 32.30
CA TYR K 101 25.52 -49.43 32.09
C TYR K 101 24.26 -48.90 31.43
N SER K 102 23.25 -49.76 31.38
CA SER K 102 21.92 -49.37 30.92
C SER K 102 21.00 -49.16 32.11
N PRO K 103 20.21 -48.08 32.15
CA PRO K 103 20.25 -46.96 31.20
C PRO K 103 21.27 -45.88 31.55
N SER K 104 21.46 -45.60 32.85
CA SER K 104 22.35 -44.52 33.27
C SER K 104 23.16 -44.91 34.51
N THR K 105 23.46 -46.19 34.68
CA THR K 105 24.22 -46.66 35.83
C THR K 105 25.70 -46.65 35.49
N SER K 106 26.51 -46.09 36.38
CA SER K 106 27.95 -46.08 36.17
C SER K 106 28.56 -47.41 36.62
N ALA K 107 29.88 -47.53 36.47
CA ALA K 107 30.60 -48.74 36.85
C ALA K 107 31.95 -48.34 37.42
N VAL K 108 32.73 -49.34 37.84
CA VAL K 108 34.05 -49.11 38.40
C VAL K 108 34.91 -50.31 38.02
N VAL K 109 36.23 -50.12 38.02
CA VAL K 109 37.18 -51.14 37.57
C VAL K 109 38.13 -51.46 38.72
N ARG K 110 38.18 -52.73 39.10
CA ARG K 110 39.18 -53.22 40.07
C ARG K 110 40.02 -54.28 39.38
N GLY K 111 41.32 -54.00 39.25
CA GLY K 111 42.23 -54.90 38.57
C GLY K 111 41.91 -55.01 37.09
N ALA K 112 41.33 -56.15 36.70
CA ALA K 112 40.84 -56.35 35.35
C ALA K 112 39.38 -56.81 35.36
N GLU K 113 38.63 -56.47 36.41
CA GLU K 113 37.24 -56.87 36.52
C GLU K 113 36.37 -55.63 36.77
N VAL K 114 35.25 -55.55 36.06
CA VAL K 114 34.34 -54.42 36.14
C VAL K 114 33.23 -54.74 37.13
N PHE K 115 33.03 -53.85 38.11
CA PHE K 115 32.06 -53.96 39.18
C PHE K 115 30.99 -52.87 39.05
N PRO K 116 29.75 -53.15 39.44
CA PRO K 116 28.67 -52.18 39.26
C PRO K 116 28.71 -51.07 40.31
N ARG K 117 27.81 -50.10 40.13
CA ARG K 117 27.64 -49.00 41.07
C ARG K 117 26.32 -49.07 41.83
N SER K 118 25.24 -49.52 41.19
CA SER K 118 23.97 -49.66 41.86
C SER K 118 23.96 -50.78 42.90
N LEU K 119 24.89 -51.72 42.79
CA LEU K 119 25.03 -52.80 43.76
C LEU K 119 26.11 -52.53 44.79
N LEU K 120 26.66 -51.31 44.83
CA LEU K 120 27.63 -50.94 45.85
C LEU K 120 26.94 -50.84 47.20
N ARG K 121 27.43 -51.62 48.17
CA ARG K 121 26.86 -51.64 49.52
C ARG K 121 27.25 -50.36 50.23
N THR K 122 26.27 -49.46 50.44
CA THR K 122 26.48 -48.23 51.17
C THR K 122 26.28 -48.39 52.67
N HIS K 123 26.25 -49.63 53.16
CA HIS K 123 26.09 -49.93 54.58
C HIS K 123 27.23 -50.82 55.05
N SER K 124 27.12 -51.36 56.26
CA SER K 124 28.15 -52.25 56.77
C SER K 124 28.12 -53.59 56.04
N ILE K 125 29.30 -54.08 55.69
CA ILE K 125 29.46 -55.32 54.93
C ILE K 125 29.86 -56.43 55.89
N PRO K 126 29.14 -57.56 55.90
CA PRO K 126 29.52 -58.66 56.79
C PRO K 126 30.71 -59.46 56.27
N CYS K 127 31.04 -60.56 56.96
CA CYS K 127 32.16 -61.37 56.55
C CYS K 127 31.86 -62.83 56.84
N CYS K 128 32.79 -63.69 56.44
CA CYS K 128 32.72 -65.11 56.74
C CYS K 128 33.73 -65.43 57.85
N PRO K 129 33.27 -65.73 59.07
CA PRO K 129 34.23 -66.07 60.14
C PRO K 129 34.99 -67.37 59.93
N LEU K 130 34.49 -68.27 59.07
CA LEU K 130 35.19 -69.53 58.84
C LEU K 130 36.47 -69.32 58.03
N CYS K 131 36.42 -68.45 57.03
CA CYS K 131 37.57 -68.26 56.15
C CYS K 131 38.71 -67.52 56.86
N LEU K 132 38.37 -66.51 57.66
CA LEU K 132 39.38 -65.86 58.51
C LEU K 132 39.73 -66.70 59.73
N ARG K 133 38.89 -67.67 60.09
CA ARG K 133 39.23 -68.56 61.20
C ARG K 133 40.24 -69.61 60.77
N GLU K 134 40.13 -70.09 59.53
CA GLU K 134 41.02 -71.12 59.00
C GLU K 134 42.21 -70.52 58.27
N ASN K 135 41.97 -69.70 57.24
CA ASN K 135 43.06 -69.11 56.47
C ASN K 135 43.60 -67.85 57.14
N GLY K 136 42.73 -66.88 57.41
CA GLY K 136 43.10 -65.66 58.09
C GLY K 136 42.99 -64.40 57.25
N TYR K 137 42.76 -64.51 55.95
CA TYR K 137 42.65 -63.35 55.07
C TYR K 137 41.25 -63.26 54.48
N ALA K 138 40.78 -62.03 54.32
CA ALA K 138 39.45 -61.76 53.80
C ALA K 138 39.42 -61.96 52.28
N SER K 139 38.20 -61.98 51.73
CA SER K 139 38.01 -62.11 50.30
C SER K 139 37.73 -60.75 49.68
N TYR K 140 37.84 -60.69 48.35
CA TYR K 140 37.73 -59.42 47.63
C TYR K 140 36.36 -59.21 46.99
N LEU K 141 35.55 -60.26 46.88
CA LEU K 141 34.23 -60.16 46.26
C LEU K 141 33.13 -59.77 47.24
N TRP K 142 33.49 -59.38 48.46
CA TRP K 142 32.49 -59.09 49.49
C TRP K 142 31.86 -57.71 49.36
N HIS K 143 32.47 -56.81 48.59
CA HIS K 143 32.09 -55.41 48.59
C HIS K 143 30.82 -55.12 47.79
N PHE K 144 30.21 -56.11 47.14
CA PHE K 144 29.07 -55.87 46.27
C PHE K 144 28.02 -56.95 46.49
N GLN K 145 26.80 -56.63 46.08
CA GLN K 145 25.71 -57.60 46.11
C GLN K 145 25.85 -58.58 44.93
N GLY K 146 25.08 -59.65 44.99
CA GLY K 146 25.17 -60.71 43.99
C GLY K 146 26.10 -61.84 44.40
N TYR K 147 27.26 -61.48 44.97
CA TYR K 147 28.15 -62.47 45.56
C TYR K 147 27.55 -62.88 46.91
N GLU K 148 26.64 -63.85 46.86
CA GLU K 148 25.93 -64.27 48.07
C GLU K 148 26.78 -65.21 48.90
N TYR K 149 27.12 -66.37 48.35
CA TYR K 149 27.79 -67.40 49.13
C TYR K 149 29.27 -67.45 48.78
N CYS K 150 30.11 -67.64 49.79
CA CYS K 150 31.52 -67.90 49.56
C CYS K 150 31.70 -69.28 48.96
N HIS K 151 32.40 -69.36 47.81
CA HIS K 151 32.74 -70.65 47.26
C HIS K 151 34.04 -71.20 47.85
N SER K 152 34.64 -70.46 48.80
CA SER K 152 35.88 -70.91 49.45
C SER K 152 35.69 -72.21 50.21
N HIS K 153 34.49 -72.46 50.76
CA HIS K 153 34.18 -73.73 51.37
C HIS K 153 32.75 -74.17 51.06
N ASN K 154 32.07 -73.50 50.12
CA ASN K 154 30.60 -73.49 49.99
C ASN K 154 29.93 -73.21 51.33
N VAL K 155 30.25 -72.02 51.85
CA VAL K 155 29.65 -71.49 53.07
C VAL K 155 29.02 -70.14 52.71
N PRO K 156 28.04 -69.70 53.47
CA PRO K 156 27.50 -68.34 53.24
C PRO K 156 28.18 -67.29 54.10
N LEU K 157 28.16 -66.06 53.57
CA LEU K 157 28.43 -64.89 54.40
C LEU K 157 27.28 -64.69 55.37
N ILE K 158 27.58 -64.68 56.66
CA ILE K 158 26.56 -64.51 57.68
C ILE K 158 26.47 -63.02 58.01
N THR K 159 25.25 -62.48 58.01
CA THR K 159 25.07 -61.03 58.10
C THR K 159 25.16 -60.52 59.53
N THR K 160 24.23 -60.94 60.38
CA THR K 160 24.06 -60.37 61.72
C THR K 160 24.25 -61.45 62.78
N CYS K 161 23.96 -61.09 64.02
CA CYS K 161 24.07 -61.96 65.17
C CYS K 161 22.72 -62.57 65.51
N SER K 162 22.67 -63.31 66.61
CA SER K 162 21.40 -63.76 67.17
C SER K 162 20.74 -62.70 68.06
N CYS K 163 21.49 -61.68 68.46
CA CYS K 163 20.95 -60.58 69.25
C CYS K 163 20.75 -59.30 68.44
N GLY K 164 21.61 -59.04 67.46
CA GLY K 164 21.44 -57.87 66.61
C GLY K 164 22.71 -57.16 66.19
N LYS K 165 23.83 -57.44 66.86
CA LYS K 165 25.08 -56.75 66.56
C LYS K 165 25.80 -57.52 65.45
N GLU K 166 25.67 -57.02 64.23
CA GLU K 166 26.40 -57.58 63.10
C GLU K 166 27.89 -57.28 63.24
N PHE K 167 28.71 -58.21 62.75
CA PHE K 167 30.15 -58.01 62.74
C PHE K 167 30.59 -57.31 61.46
N ASP K 168 31.49 -56.35 61.60
CA ASP K 168 32.13 -55.70 60.46
C ASP K 168 33.61 -56.02 60.51
N TYR K 169 34.18 -56.43 59.38
CA TYR K 169 35.55 -56.91 59.32
C TYR K 169 36.55 -55.81 58.99
N ARG K 170 36.14 -54.55 58.98
CA ARG K 170 37.04 -53.47 58.61
C ARG K 170 37.56 -52.68 59.80
N VAL K 171 36.92 -52.78 60.97
CA VAL K 171 37.30 -52.01 62.15
C VAL K 171 37.86 -52.92 63.24
N SER K 172 37.12 -53.95 63.64
CA SER K 172 37.52 -54.81 64.75
C SER K 172 38.66 -55.75 64.39
N GLY K 173 38.81 -56.12 63.12
CA GLY K 173 39.85 -57.01 62.69
C GLY K 173 39.29 -58.23 61.97
N LEU K 174 40.17 -59.22 61.78
CA LEU K 174 39.84 -60.46 61.07
C LEU K 174 39.92 -61.67 61.99
N LYS K 175 39.46 -61.53 63.24
CA LYS K 175 39.34 -62.67 64.14
C LYS K 175 37.92 -63.17 64.29
N GLY K 176 36.94 -62.43 63.77
CA GLY K 176 35.56 -62.87 63.76
C GLY K 176 34.79 -62.66 65.04
N ILE K 177 35.45 -62.24 66.12
CA ILE K 177 34.81 -62.03 67.41
C ILE K 177 34.39 -60.57 67.48
N CYS K 178 33.13 -60.34 67.86
CA CYS K 178 32.58 -59.00 67.89
C CYS K 178 33.12 -58.22 69.09
N CYS K 179 32.72 -56.94 69.17
CA CYS K 179 33.13 -56.06 70.26
C CYS K 179 32.07 -55.95 71.34
N LYS K 180 30.80 -55.89 70.96
CA LYS K 180 29.73 -55.72 71.94
C LYS K 180 29.35 -57.06 72.57
N CYS K 181 28.92 -58.02 71.75
CA CYS K 181 28.52 -59.32 72.30
C CYS K 181 29.73 -60.19 72.59
N LYS K 182 30.78 -60.06 71.78
CA LYS K 182 32.07 -60.76 71.92
C LYS K 182 31.87 -62.28 71.87
N GLU K 183 31.41 -62.76 70.71
CA GLU K 183 31.29 -64.18 70.42
C GLU K 183 31.33 -64.35 68.91
N PRO K 184 31.91 -65.44 68.42
CA PRO K 184 31.98 -65.65 66.96
C PRO K 184 30.62 -66.03 66.39
N ILE K 185 30.26 -65.42 65.27
CA ILE K 185 28.96 -65.67 64.67
C ILE K 185 29.00 -66.97 63.87
N GLU K 195 21.56 -75.21 45.64
CA GLU K 195 22.35 -75.69 44.50
C GLU K 195 22.56 -74.56 43.50
N ALA K 196 21.52 -73.74 43.31
CA ALA K 196 21.62 -72.58 42.43
C ALA K 196 22.56 -71.53 43.00
N ALA K 197 22.61 -71.40 44.32
CA ALA K 197 23.47 -70.39 44.94
C ALA K 197 24.93 -70.80 44.88
N CYS K 198 25.24 -72.07 45.11
CA CYS K 198 26.62 -72.51 44.97
C CYS K 198 27.02 -72.60 43.50
N THR K 199 26.04 -72.80 42.61
CA THR K 199 26.32 -72.72 41.18
C THR K 199 26.65 -71.30 40.74
N VAL K 200 26.01 -70.28 41.35
CA VAL K 200 26.45 -68.91 41.16
C VAL K 200 27.79 -68.65 41.85
N SER K 201 28.07 -69.33 42.94
CA SER K 201 29.33 -69.14 43.65
C SER K 201 30.53 -69.66 42.86
N ASN K 202 30.39 -70.77 42.13
CA ASN K 202 31.46 -71.12 41.19
C ASN K 202 31.21 -70.59 39.78
N TRP K 203 30.24 -69.68 39.62
CA TRP K 203 30.07 -68.87 38.42
C TRP K 203 30.82 -67.55 38.54
N LEU K 204 31.19 -67.17 39.75
CA LEU K 204 31.99 -65.98 39.96
C LEU K 204 33.45 -66.27 40.26
N ALA K 205 33.87 -67.54 40.26
CA ALA K 205 35.24 -67.90 40.54
C ALA K 205 35.99 -68.40 39.32
N GLY K 206 35.29 -68.97 38.33
CA GLY K 206 35.94 -69.44 37.13
C GLY K 206 36.13 -70.94 37.09
N HIS K 207 35.21 -71.67 37.73
CA HIS K 207 35.26 -73.14 37.77
C HIS K 207 34.65 -73.68 36.48
N GLU K 208 35.54 -74.02 35.54
CA GLU K 208 35.13 -74.41 34.19
C GLU K 208 34.86 -75.91 34.10
N SER K 209 34.09 -76.44 35.06
CA SER K 209 33.48 -77.77 34.96
C SER K 209 32.09 -77.65 35.59
N LYS K 210 31.13 -77.24 34.76
CA LYS K 210 29.75 -76.99 35.15
C LYS K 210 28.92 -76.80 33.88
N PRO K 211 27.66 -77.25 33.86
CA PRO K 211 26.90 -77.25 32.61
C PRO K 211 26.29 -75.91 32.23
N LEU K 212 26.44 -74.88 33.04
CA LEU K 212 25.92 -73.57 32.66
C LEU K 212 26.92 -72.92 31.73
N PRO K 213 26.50 -72.44 30.55
CA PRO K 213 27.47 -72.05 29.50
C PRO K 213 28.28 -70.82 29.86
N ASN K 214 29.61 -70.99 29.87
CA ASN K 214 30.54 -70.06 30.49
C ASN K 214 30.73 -68.78 29.68
N LEU K 215 31.36 -67.81 30.33
CA LEU K 215 31.76 -66.52 29.79
C LEU K 215 33.03 -66.10 30.52
N PRO K 216 33.77 -65.14 29.98
CA PRO K 216 34.82 -64.51 30.79
C PRO K 216 34.21 -63.67 31.89
N LYS K 217 34.86 -63.65 33.05
CA LYS K 217 34.28 -63.04 34.24
C LYS K 217 34.68 -61.57 34.40
N SER K 218 35.02 -60.88 33.32
CA SER K 218 35.09 -59.43 33.35
C SER K 218 33.72 -58.78 33.16
N TYR K 219 32.68 -59.56 32.88
CA TYR K 219 31.36 -59.05 32.56
C TYR K 219 30.23 -59.82 33.22
N ARG K 220 30.53 -60.72 34.17
CA ARG K 220 29.48 -61.39 34.93
C ARG K 220 28.72 -60.40 35.81
N TRP K 221 29.39 -59.34 36.25
CA TRP K 221 28.70 -58.29 37.01
C TRP K 221 27.76 -57.49 36.13
N GLY K 222 28.13 -57.28 34.87
CA GLY K 222 27.18 -56.69 33.92
C GLY K 222 26.01 -57.62 33.63
N LEU K 223 26.26 -58.94 33.64
CA LEU K 223 25.16 -59.89 33.53
C LEU K 223 24.24 -59.84 34.76
N VAL K 224 24.82 -59.65 35.94
CA VAL K 224 24.03 -59.47 37.17
C VAL K 224 23.19 -58.20 37.09
N HIS K 225 23.78 -57.11 36.57
CA HIS K 225 23.06 -55.86 36.41
C HIS K 225 21.93 -55.99 35.39
N TRP K 226 22.16 -56.76 34.32
CA TRP K 226 21.12 -57.03 33.34
C TRP K 226 19.97 -57.84 33.95
N TRP K 227 20.30 -58.86 34.74
CA TRP K 227 19.27 -59.69 35.35
C TRP K 227 18.48 -58.93 36.42
N MET K 228 19.12 -57.97 37.09
CA MET K 228 18.38 -57.14 38.05
C MET K 228 17.62 -56.00 37.37
N GLY K 229 18.05 -55.60 36.17
CA GLY K 229 17.33 -54.55 35.46
C GLY K 229 16.12 -55.03 34.70
N ILE K 230 16.17 -56.25 34.16
CA ILE K 230 15.02 -56.77 33.40
C ILE K 230 13.90 -57.19 34.34
N LYS K 231 14.22 -58.00 35.34
CA LYS K 231 13.18 -58.54 36.24
C LYS K 231 12.68 -57.52 37.25
N ASP K 232 13.41 -56.41 37.44
CA ASP K 232 13.08 -55.32 38.36
C ASP K 232 12.92 -55.84 39.80
N SER K 233 13.91 -56.61 40.24
CA SER K 233 13.93 -57.20 41.57
C SER K 233 15.38 -57.48 41.94
N GLU K 234 15.58 -58.27 43.00
CA GLU K 234 16.91 -58.66 43.40
C GLU K 234 17.45 -59.75 42.46
N PHE K 235 18.74 -60.02 42.59
CA PHE K 235 19.42 -60.99 41.74
C PHE K 235 19.03 -62.40 42.19
N ASP K 236 18.02 -62.96 41.55
CA ASP K 236 17.57 -64.32 41.85
C ASP K 236 18.61 -65.32 41.32
N HIS K 237 18.56 -66.53 41.85
CA HIS K 237 19.47 -67.60 41.44
C HIS K 237 18.77 -68.76 40.74
N PHE K 238 17.62 -69.21 41.26
CA PHE K 238 16.93 -70.35 40.66
C PHE K 238 16.38 -70.01 39.29
N SER K 239 15.71 -68.87 39.16
CA SER K 239 15.25 -68.42 37.85
C SER K 239 16.39 -67.97 36.96
N PHE K 240 17.53 -67.57 37.54
CA PHE K 240 18.72 -67.26 36.75
C PHE K 240 19.27 -68.52 36.09
N VAL K 241 19.36 -69.61 36.83
CA VAL K 241 19.88 -70.85 36.27
C VAL K 241 18.85 -71.46 35.31
N GLN K 242 17.56 -71.37 35.64
CA GLN K 242 16.51 -71.88 34.76
C GLN K 242 16.39 -71.07 33.48
N PHE K 243 16.75 -69.78 33.51
CA PHE K 243 16.71 -68.96 32.31
C PHE K 243 17.84 -69.34 31.35
N PHE K 244 19.02 -69.63 31.88
CA PHE K 244 20.16 -70.09 31.09
C PHE K 244 20.26 -71.61 31.03
N SER K 245 19.22 -72.34 31.45
CA SER K 245 19.30 -73.79 31.49
C SER K 245 19.30 -74.39 30.10
N ASN K 246 18.41 -73.91 29.24
CA ASN K 246 18.22 -74.50 27.92
C ASN K 246 18.49 -73.45 26.86
N TRP K 247 19.62 -72.76 26.95
CA TRP K 247 20.06 -71.86 25.90
C TRP K 247 20.21 -72.61 24.58
N PRO K 248 19.75 -72.04 23.46
CA PRO K 248 18.97 -70.80 23.29
C PRO K 248 17.48 -71.04 23.04
N ARG K 249 16.83 -71.90 23.82
CA ARG K 249 15.42 -72.22 23.59
C ARG K 249 14.46 -71.24 24.26
N SER K 250 14.72 -70.91 25.53
CA SER K 250 13.74 -70.24 26.37
C SER K 250 14.08 -68.77 26.66
N PHE K 251 14.68 -68.06 25.72
CA PHE K 251 14.65 -66.61 25.75
C PHE K 251 14.29 -66.02 24.39
N HIS K 252 14.55 -66.76 23.31
CA HIS K 252 14.17 -66.31 21.98
C HIS K 252 12.66 -66.28 21.84
N SER K 253 11.97 -67.19 22.53
CA SER K 253 10.52 -67.13 22.65
C SER K 253 10.09 -65.85 23.35
N ILE K 254 10.85 -65.40 24.35
CA ILE K 254 10.50 -64.19 25.08
C ILE K 254 10.70 -62.95 24.19
N ILE K 255 11.80 -62.91 23.44
CA ILE K 255 12.05 -61.73 22.60
C ILE K 255 11.09 -61.68 21.41
N GLU K 256 10.68 -62.84 20.88
CA GLU K 256 9.69 -62.83 19.80
C GLU K 256 8.29 -62.52 20.33
N ASP K 257 7.94 -63.06 21.50
CA ASP K 257 6.65 -62.74 22.09
C ASP K 257 6.58 -61.28 22.51
N GLU K 258 7.73 -60.67 22.81
CA GLU K 258 7.76 -59.23 23.05
C GLU K 258 7.50 -58.45 21.76
N VAL K 259 8.20 -58.78 20.67
CA VAL K 259 8.01 -58.03 19.41
C VAL K 259 6.67 -58.33 18.74
N GLU K 260 5.95 -59.36 19.18
CA GLU K 260 4.57 -59.56 18.75
C GLU K 260 3.54 -59.00 19.73
N PHE K 261 3.89 -58.97 21.02
CA PHE K 261 3.01 -58.40 22.03
C PHE K 261 2.89 -56.89 21.90
N ASN K 262 3.98 -56.20 21.60
CA ASN K 262 3.85 -54.76 21.43
C ASN K 262 3.45 -54.36 20.02
N LEU K 263 3.12 -55.32 19.16
CA LEU K 263 2.46 -55.05 17.91
C LEU K 263 0.99 -55.46 17.87
N GLU K 264 0.51 -56.25 18.83
CA GLU K 264 -0.93 -56.51 18.83
C GLU K 264 -1.72 -55.30 19.35
N HIS K 265 -1.09 -54.44 20.17
CA HIS K 265 -1.79 -53.30 20.76
C HIS K 265 -1.02 -52.00 20.49
N ALA K 266 -0.55 -51.83 19.25
CA ALA K 266 0.25 -50.67 18.90
C ALA K 266 -0.58 -49.39 18.93
N VAL K 267 0.03 -48.31 19.41
CA VAL K 267 -0.71 -47.08 19.73
C VAL K 267 -1.17 -46.39 18.45
N VAL K 268 -0.21 -45.99 17.60
CA VAL K 268 -0.59 -45.20 16.44
C VAL K 268 -1.15 -46.12 15.36
N SER K 269 -0.32 -47.00 14.81
CA SER K 269 -0.70 -47.83 13.67
C SER K 269 0.30 -48.96 13.55
N THR K 270 0.30 -49.65 12.41
CA THR K 270 1.34 -50.62 12.07
C THR K 270 2.54 -49.98 11.39
N SER K 271 2.43 -48.72 10.99
CA SER K 271 3.57 -47.97 10.47
C SER K 271 3.59 -46.62 11.17
N GLU K 272 4.58 -45.79 10.80
CA GLU K 272 4.90 -44.50 11.42
C GLU K 272 5.21 -44.67 12.91
N LEU K 273 5.66 -45.86 13.31
CA LEU K 273 5.84 -46.20 14.71
C LEU K 273 7.33 -46.27 14.98
N ARG K 274 7.78 -45.49 15.95
CA ARG K 274 9.16 -45.52 16.40
C ARG K 274 9.47 -46.85 17.07
N LEU K 275 10.77 -47.16 17.16
CA LEU K 275 11.21 -48.53 17.38
C LEU K 275 10.88 -49.05 18.77
N LYS K 276 10.89 -48.21 19.79
CA LYS K 276 10.36 -48.65 21.08
C LYS K 276 8.83 -48.70 20.98
N ASP K 277 8.28 -49.75 21.63
CA ASP K 277 7.01 -50.48 21.41
C ASP K 277 7.08 -51.40 20.18
N LEU K 278 8.27 -51.67 19.68
CA LEU K 278 8.60 -52.90 18.98
C LEU K 278 9.77 -53.62 19.62
N LEU K 279 10.82 -52.89 20.02
CA LEU K 279 11.81 -53.38 20.96
C LEU K 279 12.24 -52.20 21.83
N GLY K 280 11.54 -52.02 22.95
CA GLY K 280 11.86 -50.91 23.84
C GLY K 280 12.64 -51.26 25.09
N ARG K 281 12.21 -52.28 25.81
CA ARG K 281 12.78 -52.58 27.12
C ARG K 281 13.86 -53.66 27.07
N LEU K 282 13.66 -54.69 26.26
CA LEU K 282 14.67 -55.73 26.08
C LEU K 282 15.74 -55.35 25.07
N PHE K 283 15.67 -54.14 24.51
CA PHE K 283 16.64 -53.65 23.54
C PHE K 283 17.50 -52.53 24.11
N PHE K 284 16.88 -51.56 24.80
CA PHE K 284 17.63 -50.46 25.39
C PHE K 284 18.35 -50.85 26.67
N GLY K 285 17.99 -51.97 27.28
CA GLY K 285 18.57 -52.36 28.56
C GLY K 285 19.48 -53.56 28.48
N SER K 286 19.99 -53.87 27.28
CA SER K 286 20.86 -55.02 27.12
C SER K 286 22.08 -54.73 26.25
N ILE K 287 22.22 -53.53 25.70
CA ILE K 287 23.26 -53.28 24.72
C ILE K 287 24.61 -53.00 25.39
N ARG K 288 24.69 -51.98 26.23
CA ARG K 288 25.94 -51.64 26.92
C ARG K 288 25.98 -52.37 28.25
N LEU K 289 26.89 -53.34 28.38
CA LEU K 289 27.05 -54.11 29.62
C LEU K 289 28.52 -54.40 29.93
N PRO K 290 29.36 -53.36 30.15
CA PRO K 290 29.44 -51.93 29.80
C PRO K 290 30.16 -51.75 28.48
N GLU K 291 30.96 -52.75 28.12
CA GLU K 291 31.72 -52.78 26.88
C GLU K 291 31.09 -53.82 25.96
N ARG K 292 31.11 -53.55 24.66
CA ARG K 292 30.29 -54.29 23.71
C ARG K 292 31.09 -55.29 22.89
N ASN K 293 32.02 -56.01 23.49
CA ASN K 293 32.72 -57.07 22.76
C ASN K 293 31.76 -58.24 22.55
N LEU K 294 31.42 -58.51 21.30
CA LEU K 294 30.42 -59.51 20.91
C LEU K 294 30.84 -60.95 21.21
N GLN K 295 32.04 -61.18 21.73
CA GLN K 295 32.41 -62.52 22.18
C GLN K 295 31.79 -62.82 23.55
N HIS K 296 31.50 -61.80 24.36
CA HIS K 296 30.97 -62.07 25.69
C HIS K 296 29.48 -61.77 25.82
N ASN K 297 28.97 -60.67 25.25
CA ASN K 297 27.57 -60.32 25.46
C ASN K 297 26.73 -60.95 24.35
N ILE K 298 26.48 -62.25 24.51
CA ILE K 298 25.57 -62.99 23.64
C ILE K 298 24.12 -62.57 23.77
N ILE K 299 23.78 -61.84 24.84
CA ILE K 299 22.44 -61.30 25.01
C ILE K 299 22.14 -60.26 23.94
N LEU K 300 23.08 -59.32 23.74
CA LEU K 300 23.03 -58.42 22.59
C LEU K 300 23.01 -59.19 21.28
N GLY K 301 23.89 -60.18 21.18
CA GLY K 301 24.19 -60.77 19.89
C GLY K 301 23.09 -61.64 19.32
N GLU K 302 22.35 -62.35 20.18
CA GLU K 302 21.31 -63.21 19.64
C GLU K 302 20.09 -62.40 19.20
N LEU K 303 19.72 -61.36 19.94
CA LEU K 303 18.65 -60.49 19.46
C LEU K 303 19.08 -59.72 18.23
N LEU K 304 20.37 -59.39 18.10
CA LEU K 304 20.80 -58.67 16.91
C LEU K 304 20.96 -59.60 15.72
N CYS K 305 21.22 -60.88 15.95
CA CYS K 305 21.14 -61.85 14.86
C CYS K 305 19.69 -62.07 14.43
N TYR K 306 18.77 -62.03 15.38
CA TYR K 306 17.34 -62.06 15.08
C TYR K 306 16.91 -60.82 14.29
N LEU K 307 17.43 -59.65 14.65
CA LEU K 307 17.25 -58.43 13.88
C LEU K 307 18.31 -58.25 12.80
N GLU K 308 18.98 -59.33 12.40
CA GLU K 308 19.66 -59.41 11.12
C GLU K 308 18.94 -60.30 10.13
N ASN K 309 18.35 -61.42 10.57
CA ASN K 309 17.81 -62.41 9.65
C ASN K 309 16.32 -62.27 9.36
N ARG K 310 15.64 -61.25 9.90
CA ARG K 310 14.23 -61.01 9.61
C ARG K 310 13.97 -59.55 9.30
N LEU K 311 14.75 -58.98 8.40
CA LEU K 311 14.61 -57.58 8.02
C LEU K 311 13.54 -57.39 6.96
N TRP K 312 13.44 -58.34 6.07
CA TRP K 312 12.73 -58.22 4.82
C TRP K 312 11.64 -59.28 4.75
N GLN K 313 11.15 -59.65 5.92
CA GLN K 313 9.98 -60.49 6.09
C GLN K 313 8.77 -59.62 6.39
N ASP K 314 7.60 -60.15 6.01
CA ASP K 314 6.28 -59.52 6.23
C ASP K 314 6.20 -58.15 5.55
N LYS K 315 6.68 -58.10 4.30
CA LYS K 315 6.73 -56.88 3.47
C LYS K 315 7.54 -55.77 4.13
N GLY K 316 8.67 -56.14 4.75
CA GLY K 316 9.58 -55.18 5.34
C GLY K 316 9.05 -54.50 6.57
N LEU K 317 8.64 -55.29 7.57
CA LEU K 317 8.13 -54.71 8.81
C LEU K 317 9.25 -54.12 9.66
N ILE K 318 10.34 -54.87 9.83
CA ILE K 318 11.40 -54.50 10.75
C ILE K 318 12.36 -53.48 10.13
N ALA K 319 12.18 -53.14 8.86
CA ALA K 319 13.15 -52.30 8.15
C ALA K 319 12.95 -50.80 8.39
N ASN K 320 11.73 -50.30 8.25
CA ASN K 320 11.47 -48.87 8.11
C ASN K 320 11.02 -48.21 9.42
N LEU K 321 11.59 -48.64 10.53
CA LEU K 321 11.19 -48.11 11.83
C LEU K 321 11.64 -46.66 11.98
N LYS K 322 10.69 -45.74 11.93
CA LYS K 322 10.98 -44.31 11.85
C LYS K 322 11.54 -43.80 13.17
N MET K 323 12.79 -43.35 13.16
CA MET K 323 13.54 -43.05 14.38
C MET K 323 14.40 -41.80 14.24
N ASN K 324 14.93 -41.33 15.38
CA ASN K 324 15.59 -40.04 15.50
C ASN K 324 17.09 -40.17 15.22
N ALA K 325 17.85 -39.14 15.60
CA ALA K 325 19.30 -39.13 15.42
C ALA K 325 20.08 -39.41 16.70
N LEU K 326 19.48 -39.21 17.87
CA LEU K 326 20.13 -39.58 19.14
C LEU K 326 20.34 -41.08 19.27
N GLU K 327 19.51 -41.89 18.61
CA GLU K 327 19.61 -43.35 18.70
C GLU K 327 20.96 -43.86 18.23
N ALA K 328 21.61 -43.17 17.28
CA ALA K 328 22.93 -43.52 16.83
C ALA K 328 23.96 -43.44 17.94
N THR K 329 23.84 -42.45 18.83
CA THR K 329 24.73 -42.39 19.98
C THR K 329 24.45 -43.50 20.99
N VAL K 330 23.34 -44.21 20.84
CA VAL K 330 23.10 -45.44 21.58
C VAL K 330 23.31 -46.66 20.68
N MET K 331 23.24 -46.50 19.35
CA MET K 331 23.33 -47.66 18.46
C MET K 331 24.61 -47.69 17.66
N LEU K 332 24.92 -46.58 16.98
CA LEU K 332 25.90 -46.55 15.92
C LEU K 332 27.27 -46.07 16.43
N ASN K 333 27.41 -45.95 17.75
CA ASN K 333 28.66 -45.57 18.43
C ASN K 333 29.13 -44.18 17.98
N CYS K 334 28.21 -43.22 18.02
CA CYS K 334 28.40 -41.94 17.37
C CYS K 334 28.26 -40.78 18.35
N SER K 335 28.49 -39.59 17.84
CA SER K 335 28.09 -38.32 18.43
C SER K 335 27.19 -37.59 17.44
N LEU K 336 26.59 -36.49 17.89
CA LEU K 336 25.58 -35.81 17.10
C LEU K 336 26.19 -35.04 15.92
N ASP K 337 27.37 -34.43 16.13
CA ASP K 337 28.05 -33.76 15.03
C ASP K 337 28.58 -34.75 14.00
N GLN K 338 28.89 -35.97 14.44
CA GLN K 338 29.27 -37.03 13.50
C GLN K 338 28.11 -37.38 12.59
N ILE K 339 26.89 -37.43 13.15
CA ILE K 339 25.70 -37.69 12.36
C ILE K 339 25.37 -36.48 11.48
N ALA K 340 25.68 -35.26 11.93
CA ALA K 340 25.48 -34.09 11.06
C ALA K 340 26.42 -34.15 9.85
N SER K 341 27.66 -34.57 10.06
CA SER K 341 28.58 -34.80 8.93
C SER K 341 28.15 -35.99 8.09
N MET K 342 27.36 -36.92 8.65
CA MET K 342 26.75 -37.97 7.84
C MET K 342 25.58 -37.47 7.02
N VAL K 343 24.85 -36.46 7.50
CA VAL K 343 23.63 -36.00 6.85
C VAL K 343 23.93 -35.01 5.73
N GLU K 344 24.68 -33.95 6.03
CA GLU K 344 24.92 -32.92 5.02
C GLU K 344 25.89 -33.35 3.92
N GLN K 345 26.62 -34.45 4.08
CA GLN K 345 27.46 -34.97 3.01
C GLN K 345 26.82 -36.19 2.34
N ARG K 346 25.65 -36.61 2.84
CA ARG K 346 24.68 -37.51 2.18
C ARG K 346 25.17 -38.96 2.09
N ILE K 347 25.98 -39.39 3.06
CA ILE K 347 26.15 -40.83 3.22
C ILE K 347 24.93 -41.40 3.92
N LEU K 348 24.28 -40.57 4.73
CA LEU K 348 23.15 -40.96 5.56
C LEU K 348 22.03 -39.97 5.27
N LYS K 349 21.04 -40.42 4.50
CA LYS K 349 20.10 -39.55 3.81
C LYS K 349 18.81 -39.41 4.61
N PRO K 350 18.39 -38.19 4.96
CA PRO K 350 17.19 -38.04 5.79
C PRO K 350 15.88 -38.26 5.04
N ASN K 351 14.77 -37.99 5.73
CA ASN K 351 13.45 -38.20 5.16
C ASN K 351 12.47 -37.17 5.75
N ASP K 361 16.32 -30.94 12.72
CA ASP K 361 16.24 -31.07 14.16
C ASP K 361 16.88 -32.38 14.62
N VAL K 362 17.58 -32.31 15.75
CA VAL K 362 18.43 -33.42 16.19
C VAL K 362 17.58 -34.56 16.75
N THR K 363 16.65 -34.23 17.64
CA THR K 363 15.81 -35.25 18.26
C THR K 363 14.56 -35.58 17.45
N ASP K 364 14.44 -35.06 16.24
CA ASP K 364 13.28 -35.34 15.40
C ASP K 364 13.49 -36.64 14.63
N TYR K 365 12.38 -37.36 14.43
CA TYR K 365 12.36 -38.62 13.70
C TYR K 365 12.60 -38.35 12.23
N LEU K 366 13.76 -38.78 11.71
CA LEU K 366 14.09 -38.56 10.32
C LEU K 366 14.76 -39.74 9.63
N PHE K 367 14.91 -40.90 10.28
CA PHE K 367 15.68 -42.00 9.71
C PHE K 367 14.95 -43.31 9.95
N HIS K 368 15.55 -44.40 9.49
CA HIS K 368 14.96 -45.73 9.53
C HIS K 368 16.00 -46.71 10.06
N PHE K 369 15.53 -47.82 10.64
CA PHE K 369 16.45 -48.72 11.34
C PHE K 369 17.30 -49.53 10.37
N GLY K 370 16.71 -50.01 9.28
CA GLY K 370 17.46 -50.84 8.35
C GLY K 370 18.61 -50.10 7.71
N ASP K 371 18.43 -48.82 7.39
CA ASP K 371 19.51 -48.02 6.85
C ASP K 371 20.58 -47.72 7.89
N ILE K 372 20.19 -47.37 9.13
CA ILE K 372 21.21 -47.03 10.12
C ILE K 372 21.97 -48.25 10.62
N PHE K 373 21.44 -49.47 10.46
CA PHE K 373 22.23 -50.60 10.92
C PHE K 373 22.86 -51.38 9.77
N CYS K 374 22.44 -51.16 8.52
CA CYS K 374 23.28 -51.62 7.42
C CYS K 374 24.42 -50.65 7.17
N LEU K 375 24.21 -49.36 7.41
CA LEU K 375 25.28 -48.37 7.41
C LEU K 375 26.30 -48.63 8.53
N TRP K 376 25.86 -49.31 9.60
CA TRP K 376 26.79 -49.87 10.58
C TRP K 376 27.75 -50.87 9.95
N LEU K 377 27.26 -51.73 9.05
CA LEU K 377 28.13 -52.67 8.35
C LEU K 377 28.92 -52.03 7.22
N ALA K 378 28.95 -50.72 7.11
CA ALA K 378 29.76 -50.05 6.11
C ALA K 378 30.76 -49.07 6.68
N GLU K 379 30.38 -48.25 7.67
CA GLU K 379 31.29 -47.20 8.11
C GLU K 379 31.42 -46.99 9.62
N PHE K 380 30.96 -47.92 10.47
CA PHE K 380 31.09 -47.74 11.91
C PHE K 380 31.46 -49.03 12.63
N GLN K 381 31.82 -50.06 11.88
CA GLN K 381 32.16 -51.36 12.44
C GLN K 381 33.58 -51.32 12.96
N SER K 382 33.76 -51.65 14.24
CA SER K 382 35.05 -51.66 14.89
C SER K 382 35.58 -53.10 14.99
N ASP K 383 36.70 -53.24 15.70
CA ASP K 383 37.25 -54.55 16.03
C ASP K 383 36.61 -55.15 17.28
N GLU K 384 35.60 -54.50 17.84
CA GLU K 384 34.87 -54.91 19.02
C GLU K 384 33.44 -55.33 18.72
N PHE K 385 32.81 -54.70 17.72
CA PHE K 385 31.38 -54.68 17.49
C PHE K 385 31.27 -55.18 16.06
N ASN K 386 31.28 -56.50 15.87
CA ASN K 386 31.74 -57.09 14.61
C ASN K 386 30.91 -58.32 14.26
N ARG K 387 30.50 -58.37 13.00
CA ARG K 387 29.57 -59.37 12.49
C ARG K 387 30.15 -60.79 12.43
N SER K 388 31.48 -60.94 12.52
CA SER K 388 32.13 -62.20 12.13
C SER K 388 32.01 -63.28 13.18
N PHE K 389 31.51 -62.95 14.37
CA PHE K 389 31.32 -63.91 15.43
C PHE K 389 30.06 -64.75 15.26
N TYR K 390 29.15 -64.34 14.38
CA TYR K 390 27.78 -64.83 14.38
C TYR K 390 27.45 -65.53 13.07
N VAL K 391 28.41 -66.26 12.51
CA VAL K 391 28.16 -67.05 11.30
C VAL K 391 28.19 -68.54 11.58
N SER K 392 28.49 -68.96 12.81
CA SER K 392 28.43 -70.36 13.19
C SER K 392 27.42 -70.62 14.30
N ARG K 393 26.81 -69.59 14.87
CA ARG K 393 25.83 -69.77 15.91
C ARG K 393 24.45 -70.12 15.37
N TRP K 394 24.02 -69.45 14.30
CA TRP K 394 22.73 -69.73 13.70
C TRP K 394 22.88 -70.43 12.35
#